data_7E7B
#
_entry.id   7E7B
#
_cell.length_a   1.00
_cell.length_b   1.00
_cell.length_c   1.00
_cell.angle_alpha   90.00
_cell.angle_beta   90.00
_cell.angle_gamma   90.00
#
_symmetry.space_group_name_H-M   'P 1'
#
loop_
_entity.id
_entity.type
_entity.pdbx_description
1 polymer 'Spike glycoprotein,Collagen alpha-1(I) chain'
2 branched 2-acetamido-2-deoxy-beta-D-glucopyranose-(1-4)-2-acetamido-2-deoxy-beta-D-glucopyranose
3 non-polymer 2-acetamido-2-deoxy-beta-D-glucopyranose
4 non-polymer 'Elaidic acid'
5 non-polymer '2-hydroxyethyl 2-deoxy-3,5-bis-O-(2-hydroxyethyl)-6-O-(2-{[(9E)-octadec-9-enoyl]oxy}ethyl)-alpha-L-xylo-hexofuranoside'
6 water water
#
_entity_poly.entity_id   1
_entity_poly.type   'polypeptide(L)'
_entity_poly.pdbx_seq_one_letter_code
;MFVFLVLLPLVSSQCVNLTTRTQLPPAYTNSFTRGVYYPDKVFRSSVLHSTQDLFLPFFSNVTWFHAIHVSGTNGTKRFD
NPVLPFNDGVYFASTEKSNIIRGWIFGTTLDSKTQSLLIVNNATNVVIKVCEFQFCNDPFLGVYYHKNNKSWMESEFRVY
SSANNCTFEYVSQPFLMDLEGKQGNFKNLREFVFKNIDGYFKIYSKHTPINLVRDLPQGFSALEPLVDLPIGINITRFQT
LLALHRSYLTPGDSSSGWTAGAAAYYVGYLQPRTFLLKYNENGTITDAVDCALDPLSETKCTLKSFTVEKGIYQTSNFRV
QPTESIVRFPNITNLCPFGEVFNATRFASVYAWNRKRISNCVADYSVLYNSASFSTFKCYGVSPTKLNDLCFTNVYADSF
VIRGDEVRQIAPGQTGKIADYNYKLPDDFTGCVIAWNSNNLDSKVGGNYNYLYRLFRKSNLKPFERDISTEIYQAGSTPC
NGVEGFNCYFPLQSYGFQPTNGVGYQPYRVVVLSFELLHAPATVCGPKKSTNLVKNKCVNFNFNGLTGTGVLTESNKKFL
PFQQFGRDIADTTDAVRDPQTLEILDITPCSFGGVSVITPGTNTSNQVAVLYQDVNCTEVPVAIHADQLTPTWRVYSTGS
NVFQTRAGCLIGAEHVNNSYECDIPIGAGICASYQTQTNSPRRAASVASQSIIAYTMSLGAENSVAYSNNSIAIPTNFTI
SVTTEILPVSMTKTSVDCTMYICGDSTECSNLLLQYGSFCTQLNRALTGIAVEQDKNTQEVFAQVKQIYKTPPIKDFGGF
NFSQILPDPSKPSKRSFIEDLLFNKVTLADAGFIKQYGDCLGDIAARDLICAQKFNGLTVLPPLLTDEMIAQYTSALLAG
TITSGWTFGAGAALQIPFAMQMAYRFNGIGVTQNVLYENQKLIANQFNSAIGKIQDSLSSTASALGKLQDVVNQNAQALN
TLVKQLSSNFGAISSVLNDILSRLDKVEAEVQIDRLITGRLQSLQTYVTQQLIRAAEIRASANLAATKMSECVLGQSKRV
DFCGKGYHLMSFPQSAPHGVVFLHVTYVPAQEKNFTTAPAICHDGKAHFPREGVFVSNGTHWFVTQRNFYEPQIITTDNT
FVSGNCDVVIGIVNNTVYDPLQPELDSFKEELDKYFKNHTSPDVDLGDISGINASVVNIQKEIDRLNEVAKNLNESLIDL
QELGKYEQYIKRSNGLPGPIGPPGPRGRTGDAGPVGPPGPPGPPGPPGPPSAGFDFSFLPQPPQEKAHDGGRYYRANDAN
VVRDRDLEVDTTLKSLSQQIENIRSPEGSRKNPARTCRDLKMCHSDWKSGEYWIDPNQGCNLDAIKVFCNMETGETCVYP
TQPSVAQKNWYISKNPKDKRHVWFGESMTDGFQFEYGGQGSDPADVAIQLTFLRLMSTEASQNITYHCKNSVAYMDQQTG
NLKKALLLKGSNEIEIRAEGNSRFTYSVTVDGCTSHTGAWGKTVIEYKTTKSSRLPIIDVAPLDVGAPDQEFGFDVGPVC
;
_entity_poly.pdbx_strand_id   A,B,C
#
loop_
_chem_comp.id
_chem_comp.type
_chem_comp.name
_chem_comp.formula
ELA non-polymer 'Elaidic acid' 'C18 H34 O2'
NAG D-saccharide, beta linking 2-acetamido-2-deoxy-beta-D-glucopyranose 'C8 H15 N O6'
VCG non-polymer '2-hydroxyethyl 2-deoxy-3,5-bis-O-(2-hydroxyethyl)-6-O-(2-{[(9E)-octadec-9-enoyl]oxy}ethyl)-alpha-L-xylo-hexofuranoside' 'C32 H60 O10'
#
# COMPACT_ATOMS: atom_id res chain seq x y z
N GLN A 14 -66.89 23.45 15.68
CA GLN A 14 -66.41 23.09 16.99
C GLN A 14 -66.27 21.58 17.16
N CYS A 15 -65.43 21.00 16.31
CA CYS A 15 -64.89 19.67 16.54
C CYS A 15 -65.96 18.59 16.48
N VAL A 16 -66.63 18.49 15.33
CA VAL A 16 -67.69 17.50 15.15
C VAL A 16 -67.10 16.17 14.72
N ASN A 17 -67.83 15.11 14.99
CA ASN A 17 -67.40 13.82 14.49
C ASN A 17 -68.19 13.68 13.21
N LEU A 18 -67.80 12.77 12.35
CA LEU A 18 -68.45 12.52 11.07
C LEU A 18 -69.09 11.15 11.06
N THR A 19 -70.29 11.06 10.49
CA THR A 19 -70.97 9.78 10.28
C THR A 19 -71.32 9.61 8.82
N THR A 20 -72.02 8.51 8.53
CA THR A 20 -72.43 8.09 7.19
C THR A 20 -71.24 7.78 6.29
N ARG A 21 -70.14 7.31 6.87
CA ARG A 21 -69.02 6.80 6.10
C ARG A 21 -69.17 5.28 5.97
N THR A 22 -69.02 4.78 4.75
CA THR A 22 -69.07 3.34 4.54
C THR A 22 -67.74 2.70 4.88
N GLN A 23 -67.78 1.40 5.14
CA GLN A 23 -66.59 0.64 5.52
C GLN A 23 -66.07 -0.13 4.31
N LEU A 24 -64.80 0.08 3.99
CA LEU A 24 -64.15 -0.58 2.88
C LEU A 24 -62.79 -1.09 3.33
N PRO A 25 -62.30 -2.16 2.72
CA PRO A 25 -60.97 -2.65 3.07
C PRO A 25 -59.89 -1.71 2.56
N PRO A 26 -58.70 -1.75 3.15
CA PRO A 26 -57.63 -0.87 2.66
C PRO A 26 -57.12 -1.32 1.30
N ALA A 27 -56.70 -0.35 0.50
CA ALA A 27 -56.18 -0.60 -0.82
C ALA A 27 -54.67 -0.46 -0.82
N TYR A 28 -54.04 -1.03 -1.84
CA TYR A 28 -52.60 -1.00 -1.97
C TYR A 28 -52.24 -0.77 -3.44
N THR A 29 -51.04 -0.23 -3.64
CA THR A 29 -50.60 0.17 -4.97
C THR A 29 -49.09 0.13 -4.99
N ASN A 30 -48.52 -0.05 -6.17
CA ASN A 30 -47.09 -0.13 -6.34
C ASN A 30 -46.50 1.26 -6.55
N SER A 31 -45.22 1.40 -6.21
CA SER A 31 -44.48 2.65 -6.35
C SER A 31 -43.43 2.46 -7.45
N PHE A 32 -43.81 2.74 -8.69
CA PHE A 32 -42.94 2.47 -9.83
C PHE A 32 -41.83 3.51 -9.87
N THR A 33 -40.85 3.33 -9.00
CA THR A 33 -39.68 4.22 -8.91
C THR A 33 -40.10 5.67 -8.74
N ARG A 34 -40.74 5.97 -7.61
CA ARG A 34 -41.13 7.34 -7.34
C ARG A 34 -40.46 7.75 -6.05
N GLY A 35 -40.52 9.02 -5.71
CA GLY A 35 -39.96 9.49 -4.45
C GLY A 35 -38.49 9.86 -4.35
N VAL A 36 -37.77 9.88 -5.45
CA VAL A 36 -36.39 10.31 -5.42
C VAL A 36 -36.34 11.81 -5.21
N TYR A 37 -35.46 12.28 -4.35
CA TYR A 37 -35.33 13.70 -4.08
C TYR A 37 -33.88 14.08 -4.21
N TYR A 38 -33.59 15.35 -4.42
CA TYR A 38 -32.21 15.78 -4.53
C TYR A 38 -31.58 15.64 -3.18
N PRO A 39 -30.51 14.85 -3.09
CA PRO A 39 -29.90 14.59 -1.78
C PRO A 39 -29.30 15.83 -1.14
N ASP A 40 -28.57 16.63 -1.91
CA ASP A 40 -27.96 17.83 -1.38
C ASP A 40 -28.38 19.05 -2.16
N LYS A 41 -27.63 20.13 -2.02
CA LYS A 41 -27.87 21.34 -2.79
C LYS A 41 -26.71 21.66 -3.71
N VAL A 42 -25.86 20.71 -3.97
CA VAL A 42 -24.72 20.88 -4.87
C VAL A 42 -25.17 20.55 -6.27
N PHE A 43 -24.77 21.37 -7.23
CA PHE A 43 -25.14 21.18 -8.61
C PHE A 43 -24.21 20.16 -9.27
N ARG A 44 -24.79 19.23 -10.03
CA ARG A 44 -24.04 18.24 -10.76
C ARG A 44 -24.64 18.06 -12.14
N SER A 45 -23.81 17.67 -13.09
CA SER A 45 -24.26 17.49 -14.46
C SER A 45 -23.50 16.31 -15.07
N SER A 46 -24.21 15.51 -15.86
CA SER A 46 -23.61 14.45 -16.64
C SER A 46 -22.75 13.53 -15.77
N VAL A 47 -23.32 13.10 -14.66
CA VAL A 47 -22.59 12.26 -13.72
C VAL A 47 -23.56 11.29 -13.07
N LEU A 48 -23.06 10.13 -12.72
CA LEU A 48 -23.82 9.14 -11.96
C LEU A 48 -23.32 9.20 -10.52
N HIS A 49 -24.18 9.66 -9.62
CA HIS A 49 -23.80 9.90 -8.24
C HIS A 49 -24.43 8.86 -7.34
N SER A 50 -23.60 8.20 -6.54
CA SER A 50 -24.09 7.23 -5.58
C SER A 50 -24.32 7.89 -4.24
N THR A 51 -25.43 7.56 -3.60
CA THR A 51 -25.89 8.28 -2.43
C THR A 51 -26.54 7.29 -1.49
N GLN A 52 -26.33 7.44 -0.19
CA GLN A 52 -27.08 6.63 0.75
C GLN A 52 -27.87 7.61 1.60
N ASP A 53 -29.18 7.40 1.69
CA ASP A 53 -30.06 8.31 2.45
C ASP A 53 -31.37 7.60 2.66
N LEU A 54 -32.27 8.17 3.44
CA LEU A 54 -33.58 7.58 3.60
C LEU A 54 -34.31 7.80 2.31
N PHE A 55 -34.82 6.74 1.71
CA PHE A 55 -35.44 6.83 0.41
C PHE A 55 -36.64 5.92 0.35
N LEU A 56 -37.51 6.13 -0.62
CA LEU A 56 -38.67 5.27 -0.78
C LEU A 56 -38.24 4.13 -1.70
N PRO A 57 -38.22 2.86 -1.20
CA PRO A 57 -37.66 1.82 -2.06
C PRO A 57 -38.47 1.66 -3.34
N PHE A 58 -37.81 1.13 -4.35
CA PHE A 58 -38.46 0.99 -5.65
C PHE A 58 -39.48 -0.13 -5.61
N PHE A 59 -40.60 0.08 -6.31
CA PHE A 59 -41.68 -0.90 -6.37
C PHE A 59 -42.17 -1.26 -4.98
N SER A 60 -42.25 -0.25 -4.12
CA SER A 60 -42.70 -0.43 -2.75
C SER A 60 -44.20 -0.58 -2.69
N ASN A 61 -44.69 -1.03 -1.54
CA ASN A 61 -46.12 -1.23 -1.35
C ASN A 61 -46.70 -0.03 -0.62
N VAL A 62 -47.26 0.91 -1.34
CA VAL A 62 -47.83 2.12 -0.77
C VAL A 62 -49.32 1.90 -0.58
N THR A 63 -49.85 2.48 0.48
CA THR A 63 -51.25 2.29 0.83
C THR A 63 -52.08 3.40 0.20
N TRP A 64 -53.28 3.05 -0.24
CA TRP A 64 -54.11 3.92 -1.05
C TRP A 64 -55.31 4.39 -0.24
N PHE A 65 -55.50 5.70 -0.17
CA PHE A 65 -56.66 6.31 0.46
C PHE A 65 -57.32 7.23 -0.55
N HIS A 66 -58.62 7.48 -0.37
CA HIS A 66 -59.30 8.43 -1.22
C HIS A 66 -60.57 8.92 -0.52
N ALA A 67 -61.26 9.82 -1.20
CA ALA A 67 -62.53 10.37 -0.75
C ALA A 67 -63.42 10.49 -1.99
N ILE A 68 -64.63 9.91 -1.93
CA ILE A 68 -65.42 9.71 -3.13
C ILE A 68 -66.90 9.55 -2.78
N HIS A 69 -67.74 9.79 -3.79
CA HIS A 69 -69.13 9.31 -3.85
C HIS A 69 -69.99 9.83 -2.70
N VAL A 70 -70.22 11.14 -2.75
CA VAL A 70 -71.33 11.83 -2.08
C VAL A 70 -72.05 11.03 -1.00
N THR A 76 -71.93 9.76 3.03
CA THR A 76 -70.96 9.82 1.95
C THR A 76 -70.02 8.61 2.02
N LYS A 77 -69.72 8.03 0.87
CA LYS A 77 -69.10 6.70 0.87
C LYS A 77 -67.75 6.68 1.57
N ARG A 78 -66.78 7.40 1.04
CA ARG A 78 -65.41 7.32 1.54
C ARG A 78 -64.90 8.69 1.93
N PHE A 79 -64.33 8.78 3.13
CA PHE A 79 -63.62 9.98 3.60
C PHE A 79 -62.51 9.48 4.53
N ASP A 80 -61.33 9.30 3.97
CA ASP A 80 -60.23 8.60 4.63
C ASP A 80 -59.25 9.59 5.22
N ASN A 81 -59.18 9.63 6.55
CA ASN A 81 -58.18 10.44 7.25
C ASN A 81 -57.76 9.74 8.54
N PRO A 82 -57.23 8.52 8.44
CA PRO A 82 -56.81 7.81 9.64
C PRO A 82 -55.48 8.36 10.16
N VAL A 83 -55.16 7.96 11.38
CA VAL A 83 -53.88 8.29 11.99
C VAL A 83 -52.89 7.21 11.59
N LEU A 84 -51.96 7.55 10.73
CA LEU A 84 -50.96 6.65 10.21
C LEU A 84 -49.68 6.77 11.00
N PRO A 85 -48.83 5.75 10.99
CA PRO A 85 -47.50 5.88 11.59
C PRO A 85 -46.61 6.79 10.76
N PHE A 86 -45.54 7.25 11.40
CA PHE A 86 -44.50 8.07 10.77
C PHE A 86 -43.22 7.41 11.21
N ASN A 87 -42.75 6.41 10.48
CA ASN A 87 -41.70 5.56 11.04
C ASN A 87 -40.34 6.24 11.00
N ASP A 88 -39.79 6.45 9.81
CA ASP A 88 -38.58 7.24 9.63
C ASP A 88 -38.74 8.33 8.59
N GLY A 89 -39.92 8.52 8.06
CA GLY A 89 -40.12 9.42 6.96
C GLY A 89 -41.26 8.89 6.13
N VAL A 90 -41.96 9.82 5.51
CA VAL A 90 -43.16 9.49 4.75
C VAL A 90 -42.99 10.01 3.34
N TYR A 91 -43.27 9.16 2.37
CA TYR A 91 -43.56 9.62 1.02
C TYR A 91 -45.07 9.83 0.93
N PHE A 92 -45.46 11.01 0.48
CA PHE A 92 -46.88 11.35 0.38
C PHE A 92 -47.15 11.89 -1.02
N ALA A 93 -48.01 11.21 -1.75
CA ALA A 93 -48.47 11.67 -3.05
C ALA A 93 -49.98 11.86 -2.99
N SER A 94 -50.47 12.78 -3.80
CA SER A 94 -51.91 13.03 -3.85
C SER A 94 -52.27 13.48 -5.25
N THR A 95 -53.15 12.74 -5.90
CA THR A 95 -53.72 13.13 -7.17
C THR A 95 -55.09 13.73 -6.91
N GLU A 96 -55.28 14.98 -7.27
CA GLU A 96 -56.55 15.64 -7.01
C GLU A 96 -56.79 16.71 -8.06
N LYS A 97 -58.04 17.13 -8.16
CA LYS A 97 -58.44 18.14 -9.12
C LYS A 97 -59.09 19.37 -8.51
N SER A 98 -59.56 19.28 -7.26
CA SER A 98 -60.28 20.38 -6.64
C SER A 98 -59.73 20.76 -5.27
N ASN A 99 -58.43 20.52 -5.03
CA ASN A 99 -57.74 20.96 -3.82
C ASN A 99 -58.41 20.43 -2.56
N ILE A 100 -58.45 19.12 -2.44
CA ILE A 100 -59.07 18.49 -1.27
C ILE A 100 -58.06 18.25 -0.17
N ILE A 101 -56.87 17.76 -0.52
CA ILE A 101 -55.81 17.63 0.48
C ILE A 101 -55.36 19.03 0.89
N ARG A 102 -55.39 19.30 2.19
CA ARG A 102 -55.09 20.63 2.69
C ARG A 102 -53.88 20.69 3.60
N GLY A 103 -53.32 19.57 3.97
CA GLY A 103 -52.16 19.57 4.84
C GLY A 103 -52.22 18.36 5.75
N TRP A 104 -51.35 18.37 6.75
CA TRP A 104 -51.19 17.23 7.62
C TRP A 104 -51.03 17.70 9.05
N ILE A 105 -51.10 16.73 9.95
CA ILE A 105 -50.85 16.93 11.37
C ILE A 105 -49.80 15.91 11.76
N PHE A 106 -48.73 16.37 12.40
CA PHE A 106 -47.66 15.50 12.82
C PHE A 106 -47.51 15.60 14.33
N GLY A 107 -47.28 14.47 14.98
CA GLY A 107 -47.13 14.50 16.41
C GLY A 107 -46.80 13.13 16.95
N THR A 108 -47.01 12.97 18.24
CA THR A 108 -46.80 11.69 18.88
C THR A 108 -48.01 11.16 19.62
N THR A 109 -48.75 12.03 20.31
CA THR A 109 -50.01 11.65 20.92
C THR A 109 -51.18 12.46 20.37
N LEU A 110 -50.91 13.54 19.64
CA LEU A 110 -51.91 14.34 18.95
C LEU A 110 -52.94 14.93 19.89
N ASP A 111 -52.63 14.97 21.19
CA ASP A 111 -53.44 15.70 22.15
C ASP A 111 -52.57 16.76 22.81
N SER A 112 -53.16 17.50 23.75
CA SER A 112 -52.49 18.66 24.31
C SER A 112 -51.42 18.31 25.33
N LYS A 113 -51.14 17.03 25.55
CA LYS A 113 -50.06 16.67 26.47
C LYS A 113 -48.70 16.93 25.85
N THR A 114 -48.55 16.70 24.55
CA THR A 114 -47.30 16.91 23.86
C THR A 114 -47.48 17.93 22.74
N GLN A 115 -46.38 18.24 22.09
CA GLN A 115 -46.37 19.20 21.00
C GLN A 115 -46.57 18.51 19.66
N SER A 116 -47.18 19.24 18.74
CA SER A 116 -47.49 18.68 17.43
C SER A 116 -47.24 19.73 16.37
N LEU A 117 -47.11 19.30 15.12
CA LEU A 117 -46.90 20.21 14.01
C LEU A 117 -48.13 20.24 13.13
N LEU A 118 -48.62 21.42 12.78
CA LEU A 118 -49.73 21.52 11.86
C LEU A 118 -49.28 22.21 10.61
N ILE A 119 -49.49 21.60 9.46
CA ILE A 119 -49.19 22.28 8.21
C ILE A 119 -50.53 22.32 7.50
N VAL A 120 -51.04 23.50 7.18
CA VAL A 120 -52.35 23.58 6.57
C VAL A 120 -52.49 24.69 5.55
N ASN A 121 -53.29 24.47 4.51
CA ASN A 121 -53.58 25.54 3.57
C ASN A 121 -55.06 25.75 3.83
N ASN A 122 -55.44 26.94 4.24
CA ASN A 122 -56.84 27.23 4.54
C ASN A 122 -57.51 28.00 3.45
N ALA A 123 -56.88 28.08 2.27
CA ALA A 123 -57.39 28.82 1.10
C ALA A 123 -57.02 30.29 1.13
N THR A 124 -56.39 30.74 2.20
CA THR A 124 -55.92 32.12 2.24
C THR A 124 -54.44 32.10 2.49
N ASN A 125 -53.99 31.28 3.44
CA ASN A 125 -52.59 31.22 3.80
C ASN A 125 -52.15 29.81 4.06
N VAL A 126 -50.85 29.55 3.96
CA VAL A 126 -50.36 28.24 4.34
C VAL A 126 -49.84 28.44 5.75
N VAL A 127 -50.41 27.75 6.73
CA VAL A 127 -50.03 27.95 8.12
C VAL A 127 -49.26 26.79 8.71
N ILE A 128 -48.09 27.07 9.25
CA ILE A 128 -47.23 26.06 9.84
C ILE A 128 -47.05 26.43 11.31
N LYS A 129 -47.59 25.61 12.20
CA LYS A 129 -47.58 25.89 13.62
C LYS A 129 -47.02 24.71 14.39
N VAL A 130 -46.30 24.98 15.45
CA VAL A 130 -45.87 23.95 16.41
C VAL A 130 -46.36 24.42 17.76
N CYS A 131 -47.52 23.94 18.16
CA CYS A 131 -48.13 24.37 19.41
C CYS A 131 -48.43 23.12 20.22
N GLU A 132 -49.19 23.25 21.30
CA GLU A 132 -49.76 22.09 21.98
C GLU A 132 -51.24 22.05 21.64
N PHE A 133 -51.58 21.32 20.58
CA PHE A 133 -52.94 21.28 20.07
C PHE A 133 -53.71 20.16 20.74
N GLN A 134 -55.00 20.40 20.97
CA GLN A 134 -55.93 19.34 21.36
C GLN A 134 -56.74 19.01 20.11
N PHE A 135 -56.24 18.07 19.32
CA PHE A 135 -56.80 17.80 18.02
C PHE A 135 -58.13 17.05 18.12
N CYS A 136 -58.95 17.22 17.10
CA CYS A 136 -60.20 16.49 17.01
C CYS A 136 -59.97 15.04 16.61
N ASN A 137 -60.99 14.21 16.88
CA ASN A 137 -60.95 12.83 16.41
C ASN A 137 -61.09 12.78 14.90
N ASP A 138 -61.89 13.67 14.33
CA ASP A 138 -62.07 13.80 12.89
C ASP A 138 -61.76 15.24 12.49
N PRO A 139 -60.50 15.59 12.31
CA PRO A 139 -60.16 16.94 11.86
C PRO A 139 -60.41 17.08 10.37
N PHE A 140 -60.96 18.23 9.98
CA PHE A 140 -61.19 18.51 8.57
C PHE A 140 -61.41 20.00 8.40
N LEU A 141 -61.54 20.40 7.14
CA LEU A 141 -61.91 21.74 6.76
C LEU A 141 -63.18 21.67 5.93
N GLY A 142 -63.85 22.80 5.80
CA GLY A 142 -65.15 22.83 5.16
C GLY A 142 -65.21 23.79 3.99
N VAL A 143 -65.85 23.34 2.92
CA VAL A 143 -66.12 24.17 1.75
C VAL A 143 -67.62 24.16 1.51
N TYR A 144 -68.23 25.33 1.41
CA TYR A 144 -69.66 25.41 1.13
C TYR A 144 -69.93 25.90 -0.28
N TYR A 145 -70.85 25.24 -0.97
CA TYR A 145 -71.21 25.68 -2.31
C TYR A 145 -72.48 26.47 -2.20
N HIS A 146 -72.47 27.69 -2.69
CA HIS A 146 -73.63 28.52 -2.56
C HIS A 146 -74.32 28.68 -3.88
N LYS A 147 -75.59 28.29 -3.94
CA LYS A 147 -76.36 28.47 -5.16
C LYS A 147 -76.69 29.93 -5.35
N ASN A 148 -76.87 30.36 -6.59
CA ASN A 148 -77.22 31.75 -6.93
C ASN A 148 -75.98 32.61 -7.00
N ASN A 149 -74.86 32.07 -6.56
CA ASN A 149 -73.61 32.78 -6.73
C ASN A 149 -72.87 31.80 -7.55
N LYS A 150 -73.25 30.52 -7.42
CA LYS A 150 -72.51 29.44 -8.06
C LYS A 150 -71.10 29.53 -7.54
N SER A 151 -70.95 29.90 -6.27
CA SER A 151 -69.63 30.09 -5.68
C SER A 151 -69.27 29.15 -4.56
N TRP A 152 -67.99 28.88 -4.41
CA TRP A 152 -67.51 28.02 -3.34
C TRP A 152 -66.64 28.85 -2.41
N MET A 153 -66.93 28.79 -1.12
CA MET A 153 -66.21 29.60 -0.15
C MET A 153 -65.81 28.75 1.05
N GLU A 154 -64.67 29.09 1.63
CA GLU A 154 -64.17 28.37 2.80
C GLU A 154 -65.11 28.61 3.97
N SER A 155 -65.49 27.53 4.64
CA SER A 155 -66.57 27.61 5.61
C SER A 155 -66.22 27.07 6.98
N GLU A 156 -65.27 26.15 7.10
CA GLU A 156 -65.02 25.50 8.37
C GLU A 156 -63.52 25.26 8.57
N PHE A 157 -63.12 25.26 9.83
CA PHE A 157 -61.76 24.92 10.23
C PHE A 157 -61.77 24.04 11.47
N ARG A 158 -62.55 22.96 11.44
CA ARG A 158 -62.61 22.07 12.59
C ARG A 158 -61.37 21.19 12.63
N VAL A 159 -60.29 21.70 13.18
CA VAL A 159 -59.03 20.96 13.30
C VAL A 159 -58.70 20.66 14.75
N TYR A 160 -58.55 21.68 15.58
CA TYR A 160 -58.13 21.52 16.96
C TYR A 160 -59.06 22.31 17.87
N SER A 161 -59.12 21.90 19.13
CA SER A 161 -59.96 22.61 20.08
C SER A 161 -59.22 23.78 20.73
N SER A 162 -57.90 23.66 20.88
CA SER A 162 -57.13 24.68 21.57
C SER A 162 -55.65 24.47 21.29
N ALA A 163 -54.88 25.54 21.50
CA ALA A 163 -53.44 25.51 21.31
C ALA A 163 -52.82 26.56 22.23
N ASN A 164 -51.94 26.14 23.14
CA ASN A 164 -51.46 27.03 24.18
C ASN A 164 -49.99 27.41 24.01
N ASN A 165 -49.12 26.43 24.17
CA ASN A 165 -47.67 26.69 24.16
C ASN A 165 -47.21 26.47 22.78
N CYS A 166 -46.94 27.55 22.08
CA CYS A 166 -46.67 27.42 20.66
C CYS A 166 -45.31 28.01 20.35
N THR A 167 -44.31 27.14 20.16
CA THR A 167 -42.92 27.55 20.04
C THR A 167 -42.52 27.94 18.63
N PHE A 168 -43.30 27.57 17.63
CA PHE A 168 -42.99 27.89 16.24
C PHE A 168 -44.27 28.27 15.53
N GLU A 169 -44.17 29.23 14.62
CA GLU A 169 -45.32 29.65 13.84
C GLU A 169 -44.84 30.32 12.57
N TYR A 170 -45.50 30.00 11.46
CA TYR A 170 -45.25 30.64 10.19
C TYR A 170 -46.56 30.75 9.42
N VAL A 171 -46.86 31.94 8.92
CA VAL A 171 -48.02 32.17 8.07
C VAL A 171 -47.53 32.78 6.77
N SER A 172 -47.97 32.24 5.65
CA SER A 172 -47.47 32.67 4.35
C SER A 172 -48.15 33.96 3.92
N GLN A 173 -47.75 34.45 2.76
CA GLN A 173 -48.39 35.61 2.17
C GLN A 173 -49.77 35.24 1.63
N PRO A 174 -50.72 36.16 1.69
CA PRO A 174 -52.11 35.81 1.35
C PRO A 174 -52.26 35.41 -0.10
N PHE A 175 -53.29 34.60 -0.34
CA PHE A 175 -53.66 34.19 -1.70
C PHE A 175 -55.11 33.75 -1.67
N LEU A 176 -55.66 33.56 -2.86
CA LEU A 176 -56.95 32.93 -3.04
C LEU A 176 -56.80 31.78 -4.01
N MET A 177 -57.05 30.56 -3.53
CA MET A 177 -57.03 29.39 -4.37
C MET A 177 -58.45 28.91 -4.56
N ASP A 178 -58.72 28.35 -5.74
CA ASP A 178 -60.10 28.08 -6.12
C ASP A 178 -60.62 26.85 -5.41
N LEU A 179 -61.82 26.97 -4.85
CA LEU A 179 -62.44 25.90 -4.09
C LEU A 179 -63.45 25.10 -4.91
N GLU A 180 -63.60 25.42 -6.19
CA GLU A 180 -64.56 24.70 -7.03
C GLU A 180 -64.28 23.21 -7.09
N GLY A 181 -65.33 22.41 -6.97
CA GLY A 181 -65.23 21.00 -7.30
C GLY A 181 -65.17 20.82 -8.81
N LYS A 182 -64.05 20.35 -9.31
CA LYS A 182 -63.88 20.06 -10.72
C LYS A 182 -64.54 18.72 -11.05
N GLN A 183 -64.88 18.55 -12.33
CA GLN A 183 -65.43 17.30 -12.83
C GLN A 183 -64.58 16.85 -13.99
N GLY A 184 -63.99 15.67 -13.86
CA GLY A 184 -63.16 15.11 -14.90
C GLY A 184 -62.06 14.26 -14.30
N ASN A 185 -60.97 14.12 -15.04
CA ASN A 185 -59.84 13.34 -14.57
C ASN A 185 -59.05 14.12 -13.52
N PHE A 186 -58.19 13.41 -12.79
CA PHE A 186 -57.27 14.05 -11.88
C PHE A 186 -56.20 14.78 -12.68
N LYS A 187 -56.00 16.06 -12.38
CA LYS A 187 -55.10 16.89 -13.16
C LYS A 187 -53.76 17.17 -12.50
N ASN A 188 -53.69 17.13 -11.17
CA ASN A 188 -52.51 17.58 -10.46
C ASN A 188 -51.99 16.48 -9.55
N LEU A 189 -50.71 16.18 -9.66
CA LEU A 189 -50.03 15.23 -8.79
C LEU A 189 -49.03 16.00 -7.94
N ARG A 190 -49.14 15.86 -6.62
CA ARG A 190 -48.30 16.59 -5.68
C ARG A 190 -47.61 15.59 -4.76
N GLU A 191 -46.30 15.52 -4.85
CA GLU A 191 -45.51 14.56 -4.10
C GLU A 191 -44.76 15.26 -2.99
N PHE A 192 -44.64 14.61 -1.83
CA PHE A 192 -43.99 15.23 -0.68
C PHE A 192 -43.23 14.20 0.12
N VAL A 193 -41.98 14.50 0.45
CA VAL A 193 -41.21 13.60 1.30
C VAL A 193 -41.02 14.32 2.63
N PHE A 194 -41.40 13.70 3.73
CA PHE A 194 -41.28 14.31 5.04
C PHE A 194 -40.26 13.54 5.86
N LYS A 195 -39.28 14.22 6.42
CA LYS A 195 -38.26 13.58 7.25
C LYS A 195 -38.11 14.36 8.55
N ASN A 196 -37.76 13.69 9.65
CA ASN A 196 -37.53 14.36 10.93
C ASN A 196 -36.20 13.94 11.48
N ILE A 197 -35.15 14.75 11.32
CA ILE A 197 -33.80 14.37 11.70
C ILE A 197 -33.11 15.55 12.37
N ASP A 198 -32.51 15.30 13.53
CA ASP A 198 -31.70 16.30 14.24
C ASP A 198 -32.50 17.56 14.54
N GLY A 199 -33.76 17.37 14.90
CA GLY A 199 -34.62 18.48 15.21
C GLY A 199 -35.15 19.25 14.02
N TYR A 200 -34.81 18.86 12.81
CA TYR A 200 -35.30 19.52 11.62
C TYR A 200 -36.38 18.67 10.96
N PHE A 201 -37.41 19.34 10.48
CA PHE A 201 -38.46 18.70 9.69
C PHE A 201 -38.22 19.07 8.24
N LYS A 202 -37.72 18.12 7.47
CA LYS A 202 -37.34 18.38 6.08
C LYS A 202 -38.50 18.02 5.16
N ILE A 203 -38.82 18.91 4.23
CA ILE A 203 -39.88 18.65 3.26
C ILE A 203 -39.32 18.81 1.86
N TYR A 204 -39.60 17.86 0.97
CA TYR A 204 -39.17 17.97 -0.43
C TYR A 204 -40.42 17.81 -1.25
N SER A 205 -40.65 18.64 -2.25
CA SER A 205 -41.87 18.57 -3.02
C SER A 205 -41.71 18.65 -4.53
N LYS A 206 -42.74 18.25 -5.27
CA LYS A 206 -42.70 18.31 -6.73
C LYS A 206 -44.12 18.27 -7.25
N HIS A 207 -44.55 19.32 -7.90
CA HIS A 207 -45.86 19.37 -8.54
C HIS A 207 -45.72 18.94 -9.99
N THR A 208 -46.57 18.01 -10.41
CA THR A 208 -46.50 17.46 -11.76
C THR A 208 -47.89 17.43 -12.36
N PRO A 209 -48.08 17.98 -13.57
CA PRO A 209 -49.39 17.88 -14.21
C PRO A 209 -49.63 16.48 -14.73
N ILE A 210 -50.83 15.96 -14.48
CA ILE A 210 -51.22 14.64 -14.92
C ILE A 210 -52.56 14.72 -15.62
N ASN A 211 -52.98 13.60 -16.20
CA ASN A 211 -54.32 13.46 -16.77
C ASN A 211 -54.66 11.98 -16.65
N LEU A 212 -55.40 11.63 -15.62
CA LEU A 212 -55.45 10.24 -15.20
C LEU A 212 -56.74 10.01 -14.42
N VAL A 213 -57.12 8.74 -14.33
CA VAL A 213 -58.39 8.36 -13.74
C VAL A 213 -58.23 7.80 -12.33
N ARG A 214 -57.37 6.79 -12.16
CA ARG A 214 -57.46 5.95 -10.97
C ARG A 214 -56.23 5.99 -10.07
N ASP A 215 -55.03 5.68 -10.58
CA ASP A 215 -53.95 5.21 -9.72
C ASP A 215 -52.76 6.17 -9.76
N LEU A 216 -51.64 5.75 -9.15
CA LEU A 216 -50.40 6.52 -9.23
C LEU A 216 -49.85 6.54 -10.63
N PRO A 217 -49.57 7.71 -11.21
CA PRO A 217 -48.89 7.75 -12.50
C PRO A 217 -47.51 7.15 -12.41
N GLN A 218 -47.29 6.08 -13.15
CA GLN A 218 -45.97 5.46 -13.23
C GLN A 218 -45.04 6.40 -13.97
N GLY A 219 -43.97 6.84 -13.30
CA GLY A 219 -43.04 7.74 -13.93
C GLY A 219 -41.83 7.96 -13.05
N PHE A 220 -41.11 9.04 -13.36
CA PHE A 220 -39.96 9.44 -12.55
C PHE A 220 -39.92 10.95 -12.44
N SER A 221 -39.79 11.44 -11.21
CA SER A 221 -39.66 12.87 -10.97
C SER A 221 -38.91 13.08 -9.66
N ALA A 222 -37.84 13.85 -9.68
CA ALA A 222 -37.07 14.11 -8.47
C ALA A 222 -37.59 15.29 -7.70
N LEU A 223 -37.84 15.08 -6.41
CA LEU A 223 -38.39 16.12 -5.56
C LEU A 223 -37.37 17.15 -5.19
N GLU A 224 -37.81 18.39 -5.03
CA GLU A 224 -36.89 19.47 -4.76
C GLU A 224 -36.99 20.00 -3.31
N PRO A 225 -35.84 20.38 -2.67
CA PRO A 225 -35.95 20.83 -1.28
C PRO A 225 -36.91 21.99 -1.13
N LEU A 226 -37.87 21.85 -0.22
CA LEU A 226 -38.84 22.89 0.02
C LEU A 226 -38.51 23.73 1.24
N VAL A 227 -38.32 23.11 2.40
CA VAL A 227 -38.06 23.85 3.63
C VAL A 227 -37.50 22.89 4.67
N ASP A 228 -36.70 23.43 5.59
CA ASP A 228 -36.25 22.72 6.78
C ASP A 228 -36.80 23.45 7.99
N LEU A 229 -37.65 22.80 8.70
CA LEU A 229 -38.25 23.53 9.81
C LEU A 229 -37.57 23.13 11.11
N PRO A 230 -37.12 24.07 11.90
CA PRO A 230 -36.50 23.73 13.19
C PRO A 230 -37.53 23.58 14.31
N ILE A 231 -38.34 22.53 14.20
CA ILE A 231 -39.44 22.36 15.15
C ILE A 231 -38.99 21.68 16.42
N GLY A 232 -38.06 20.74 16.32
CA GLY A 232 -37.48 20.12 17.49
C GLY A 232 -38.40 19.28 18.34
N ILE A 233 -39.34 18.56 17.71
CA ILE A 233 -40.30 17.75 18.43
C ILE A 233 -40.14 16.29 18.03
N ASN A 234 -40.83 15.42 18.77
CA ASN A 234 -40.82 14.00 18.50
C ASN A 234 -42.05 13.69 17.70
N ILE A 235 -41.89 13.07 16.55
CA ILE A 235 -42.97 12.77 15.64
C ILE A 235 -42.99 11.27 15.39
N THR A 236 -44.12 10.64 15.71
CA THR A 236 -44.31 9.21 15.44
C THR A 236 -45.54 8.90 14.63
N ARG A 237 -46.57 9.74 14.65
CA ARG A 237 -47.80 9.51 13.91
C ARG A 237 -48.15 10.76 13.15
N PHE A 238 -49.00 10.60 12.14
CA PHE A 238 -49.47 11.76 11.40
C PHE A 238 -50.85 11.46 10.83
N GLN A 239 -51.50 12.52 10.34
CA GLN A 239 -52.87 12.43 9.89
C GLN A 239 -53.11 13.53 8.87
N THR A 240 -53.85 13.20 7.82
CA THR A 240 -54.07 14.11 6.71
C THR A 240 -55.29 14.97 6.94
N LEU A 241 -55.21 16.23 6.51
CA LEU A 241 -56.30 17.18 6.64
C LEU A 241 -57.01 17.33 5.29
N LEU A 242 -58.25 16.88 5.23
CA LEU A 242 -59.06 16.96 4.03
C LEU A 242 -60.09 18.07 4.17
N ALA A 243 -60.65 18.46 3.03
CA ALA A 243 -61.75 19.40 2.98
C ALA A 243 -62.97 18.70 2.41
N LEU A 244 -64.11 18.85 3.07
CA LEU A 244 -65.36 18.29 2.58
C LEU A 244 -66.25 19.39 2.04
N HIS A 245 -67.14 19.01 1.12
CA HIS A 245 -68.09 19.93 0.52
C HIS A 245 -69.44 19.82 1.22
N ARG A 246 -70.11 20.96 1.38
CA ARG A 246 -71.43 21.02 1.98
C ARG A 246 -72.27 21.99 1.18
N SER A 247 -73.49 21.57 0.84
CA SER A 247 -74.36 22.39 0.02
C SER A 247 -75.79 21.96 0.22
N TYR A 248 -76.67 22.43 -0.65
CA TYR A 248 -78.08 22.07 -0.55
C TYR A 248 -78.26 20.56 -0.70
N LEU A 249 -77.48 19.95 -1.59
CA LEU A 249 -77.60 18.51 -1.81
C LEU A 249 -77.25 17.67 -0.58
N THR A 250 -76.71 18.28 0.47
CA THR A 250 -76.37 17.56 1.69
C THR A 250 -77.23 18.11 2.83
N PRO A 251 -78.46 17.63 2.97
CA PRO A 251 -79.42 18.27 3.89
C PRO A 251 -79.36 17.81 5.34
N GLY A 252 -78.42 16.96 5.71
CA GLY A 252 -78.35 16.48 7.08
C GLY A 252 -77.81 17.53 8.03
N ASP A 253 -77.30 17.05 9.15
CA ASP A 253 -76.72 17.91 10.17
C ASP A 253 -75.21 18.04 9.94
N SER A 254 -74.49 18.57 10.93
CA SER A 254 -73.04 18.66 10.82
C SER A 254 -72.41 17.28 10.75
N SER A 255 -72.81 16.36 11.62
CA SER A 255 -72.18 15.05 11.66
C SER A 255 -72.53 14.22 10.43
N SER A 256 -73.77 14.29 9.98
CA SER A 256 -74.24 13.57 8.81
C SER A 256 -74.80 14.56 7.80
N GLY A 257 -74.33 14.47 6.57
CA GLY A 257 -74.74 15.35 5.50
C GLY A 257 -73.61 16.26 5.08
N TRP A 258 -72.90 15.82 4.05
CA TRP A 258 -71.69 16.41 3.49
C TRP A 258 -71.29 15.49 2.35
N THR A 259 -70.57 16.04 1.38
CA THR A 259 -70.09 15.24 0.27
C THR A 259 -68.58 15.38 0.15
N ALA A 260 -67.92 14.27 -0.16
CA ALA A 260 -66.47 14.23 -0.12
C ALA A 260 -65.86 15.03 -1.26
N GLY A 261 -66.31 14.80 -2.48
CA GLY A 261 -65.64 15.35 -3.63
C GLY A 261 -64.96 14.25 -4.40
N ALA A 262 -63.69 14.43 -4.74
CA ALA A 262 -62.92 13.36 -5.37
C ALA A 262 -61.44 13.69 -5.22
N ALA A 263 -60.71 12.83 -4.51
CA ALA A 263 -59.28 12.97 -4.33
C ALA A 263 -58.75 11.67 -3.77
N ALA A 264 -57.47 11.43 -3.99
CA ALA A 264 -56.82 10.23 -3.48
C ALA A 264 -55.41 10.55 -3.09
N TYR A 265 -54.91 9.90 -2.04
CA TYR A 265 -53.53 10.09 -1.63
C TYR A 265 -52.92 8.76 -1.25
N TYR A 266 -51.60 8.70 -1.37
CA TYR A 266 -50.83 7.48 -1.18
C TYR A 266 -49.71 7.75 -0.20
N VAL A 267 -49.38 6.75 0.61
CA VAL A 267 -48.42 6.90 1.69
C VAL A 267 -47.43 5.76 1.64
N GLY A 268 -46.15 6.09 1.44
CA GLY A 268 -45.09 5.12 1.53
C GLY A 268 -44.09 5.50 2.59
N TYR A 269 -43.27 4.58 3.04
CA TYR A 269 -42.32 4.83 4.12
C TYR A 269 -40.89 4.73 3.62
N LEU A 270 -40.05 5.62 4.12
CA LEU A 270 -38.66 5.67 3.71
C LEU A 270 -37.82 4.70 4.53
N GLN A 271 -36.73 4.26 3.94
CA GLN A 271 -35.76 3.39 4.58
C GLN A 271 -34.37 3.83 4.17
N PRO A 272 -33.35 3.51 4.96
CA PRO A 272 -31.99 3.85 4.55
C PRO A 272 -31.52 2.97 3.40
N ARG A 273 -31.46 3.55 2.20
CA ARG A 273 -31.10 2.82 1.01
C ARG A 273 -29.92 3.50 0.34
N THR A 274 -29.25 2.78 -0.54
CA THR A 274 -28.23 3.34 -1.41
C THR A 274 -28.83 3.45 -2.80
N PHE A 275 -28.81 4.65 -3.36
CA PHE A 275 -29.32 4.89 -4.69
C PHE A 275 -28.20 5.38 -5.59
N LEU A 276 -28.30 5.04 -6.87
CA LEU A 276 -27.40 5.56 -7.88
C LEU A 276 -28.21 6.55 -8.71
N LEU A 277 -28.00 7.84 -8.47
CA LEU A 277 -28.74 8.87 -9.16
C LEU A 277 -28.03 9.25 -10.44
N LYS A 278 -28.80 9.53 -11.48
CA LYS A 278 -28.27 9.93 -12.78
C LYS A 278 -28.59 11.39 -12.99
N TYR A 279 -27.55 12.21 -13.02
CA TYR A 279 -27.72 13.63 -13.26
C TYR A 279 -27.62 13.93 -14.75
N ASN A 280 -28.55 14.73 -15.24
CA ASN A 280 -28.65 15.08 -16.64
C ASN A 280 -27.44 15.91 -17.05
N GLU A 281 -27.41 16.32 -18.32
CA GLU A 281 -26.43 17.31 -18.74
C GLU A 281 -26.77 18.69 -18.21
N ASN A 282 -28.02 18.86 -17.77
CA ASN A 282 -28.40 20.09 -17.09
C ASN A 282 -28.23 19.59 -15.66
N GLY A 283 -28.87 20.19 -14.67
CA GLY A 283 -28.64 19.68 -13.33
C GLY A 283 -29.64 18.67 -12.83
N THR A 284 -30.56 18.22 -13.66
CA THR A 284 -31.65 17.37 -13.20
C THR A 284 -31.45 15.88 -13.05
N ILE A 285 -31.92 15.32 -11.95
CA ILE A 285 -31.86 13.87 -11.80
C ILE A 285 -32.92 13.34 -12.76
N THR A 286 -32.56 12.37 -13.59
CA THR A 286 -33.49 11.89 -14.59
C THR A 286 -33.79 10.42 -14.42
N ASP A 287 -32.98 9.73 -13.65
CA ASP A 287 -33.17 8.30 -13.42
C ASP A 287 -32.35 7.90 -12.21
N ALA A 288 -32.72 6.76 -11.63
CA ALA A 288 -32.04 6.27 -10.44
C ALA A 288 -32.12 4.75 -10.41
N VAL A 289 -31.24 4.15 -9.62
CA VAL A 289 -31.21 2.71 -9.41
C VAL A 289 -31.27 2.46 -7.92
N ASP A 290 -32.12 1.52 -7.51
CA ASP A 290 -32.24 1.12 -6.12
C ASP A 290 -31.30 -0.06 -5.90
N CYS A 291 -30.10 0.21 -5.40
CA CYS A 291 -29.03 -0.79 -5.38
C CYS A 291 -29.37 -2.03 -4.56
N ALA A 292 -30.46 -2.03 -3.81
CA ALA A 292 -30.82 -3.18 -3.00
C ALA A 292 -32.12 -3.82 -3.43
N LEU A 293 -32.67 -3.40 -4.56
CA LEU A 293 -33.94 -3.97 -5.03
C LEU A 293 -33.77 -5.44 -5.37
N ASP A 294 -32.74 -5.78 -6.12
CA ASP A 294 -32.54 -7.13 -6.63
C ASP A 294 -31.09 -7.26 -7.08
N PRO A 295 -30.63 -8.49 -7.34
CA PRO A 295 -29.21 -8.66 -7.70
C PRO A 295 -28.80 -7.96 -8.99
N LEU A 296 -29.73 -7.70 -9.92
CA LEU A 296 -29.38 -6.95 -11.11
C LEU A 296 -29.04 -5.51 -10.76
N SER A 297 -29.78 -4.92 -9.83
CA SER A 297 -29.50 -3.54 -9.44
C SER A 297 -28.19 -3.42 -8.70
N GLU A 298 -27.82 -4.44 -7.90
CA GLU A 298 -26.51 -4.42 -7.28
C GLU A 298 -25.40 -4.37 -8.32
N THR A 299 -25.59 -5.08 -9.43
CA THR A 299 -24.63 -5.00 -10.53
C THR A 299 -24.63 -3.62 -11.16
N LYS A 300 -25.81 -3.07 -11.44
CA LYS A 300 -25.88 -1.75 -12.04
C LYS A 300 -25.15 -0.73 -11.19
N CYS A 301 -25.27 -0.85 -9.88
CA CYS A 301 -24.58 0.09 -8.99
C CYS A 301 -23.10 -0.20 -8.90
N THR A 302 -22.71 -1.48 -8.90
CA THR A 302 -21.28 -1.80 -8.84
C THR A 302 -20.57 -1.40 -10.11
N LEU A 303 -21.17 -1.66 -11.27
CA LEU A 303 -20.59 -1.18 -12.51
C LEU A 303 -20.74 0.32 -12.67
N LYS A 304 -21.55 0.97 -11.84
CA LYS A 304 -21.81 2.40 -11.93
C LYS A 304 -22.33 2.76 -13.31
N SER A 305 -23.30 2.00 -13.78
CA SER A 305 -23.94 2.29 -15.05
C SER A 305 -25.35 1.75 -15.03
N PHE A 306 -26.17 2.27 -15.93
CA PHE A 306 -27.55 1.82 -16.04
C PHE A 306 -27.71 0.70 -17.05
N THR A 307 -26.63 0.27 -17.68
CA THR A 307 -26.63 -0.83 -18.63
C THR A 307 -25.65 -1.88 -18.15
N VAL A 308 -26.01 -3.15 -18.37
CA VAL A 308 -25.16 -4.28 -18.03
C VAL A 308 -25.01 -5.15 -19.27
N GLU A 309 -23.77 -5.51 -19.59
CA GLU A 309 -23.52 -6.37 -20.72
C GLU A 309 -23.82 -7.83 -20.37
N LYS A 310 -23.91 -8.65 -21.40
CA LYS A 310 -24.13 -10.08 -21.20
C LYS A 310 -22.97 -10.66 -20.41
N GLY A 311 -23.28 -11.44 -19.40
CA GLY A 311 -22.25 -12.08 -18.61
C GLY A 311 -22.78 -12.49 -17.26
N ILE A 312 -21.86 -12.96 -16.43
CA ILE A 312 -22.15 -13.35 -15.06
C ILE A 312 -21.32 -12.47 -14.13
N TYR A 313 -21.92 -12.02 -13.05
CA TYR A 313 -21.30 -11.04 -12.17
C TYR A 313 -21.43 -11.47 -10.73
N GLN A 314 -20.34 -11.32 -9.99
CA GLN A 314 -20.39 -11.55 -8.56
C GLN A 314 -21.06 -10.37 -7.87
N THR A 315 -21.90 -10.69 -6.89
CA THR A 315 -22.53 -9.66 -6.07
C THR A 315 -22.19 -9.93 -4.61
N SER A 316 -22.75 -9.14 -3.70
CA SER A 316 -22.45 -9.34 -2.29
C SER A 316 -22.92 -10.72 -1.84
N ASN A 317 -22.27 -11.25 -0.83
CA ASN A 317 -22.67 -12.54 -0.29
C ASN A 317 -24.10 -12.49 0.22
N PHE A 318 -24.68 -13.66 0.45
CA PHE A 318 -26.04 -13.72 0.93
C PHE A 318 -26.11 -13.21 2.37
N ARG A 319 -26.90 -12.16 2.58
CA ARG A 319 -27.01 -11.53 3.88
C ARG A 319 -28.33 -11.90 4.53
N VAL A 320 -28.31 -12.07 5.84
CA VAL A 320 -29.50 -12.29 6.64
C VAL A 320 -29.61 -11.17 7.66
N GLN A 321 -30.79 -10.60 7.78
CA GLN A 321 -30.95 -9.53 8.75
C GLN A 321 -31.42 -10.09 10.08
N PRO A 322 -30.96 -9.54 11.20
CA PRO A 322 -31.42 -10.02 12.50
C PRO A 322 -32.89 -9.71 12.72
N THR A 323 -33.60 -10.68 13.28
CA THR A 323 -35.04 -10.54 13.45
C THR A 323 -35.41 -9.96 14.81
N GLU A 324 -34.51 -10.03 15.79
CA GLU A 324 -34.81 -9.59 17.14
C GLU A 324 -33.59 -8.92 17.73
N SER A 325 -33.74 -8.44 18.95
CA SER A 325 -32.63 -7.97 19.78
C SER A 325 -32.65 -8.73 21.09
N ILE A 326 -31.46 -9.09 21.56
CA ILE A 326 -31.29 -9.87 22.76
C ILE A 326 -30.41 -9.09 23.72
N VAL A 327 -30.79 -9.05 24.99
CA VAL A 327 -29.96 -8.45 26.03
C VAL A 327 -29.88 -9.43 27.18
N ARG A 328 -28.68 -9.93 27.45
CA ARG A 328 -28.49 -10.84 28.56
C ARG A 328 -27.49 -10.21 29.49
N PHE A 329 -27.97 -9.64 30.58
CA PHE A 329 -27.09 -9.05 31.57
C PHE A 329 -27.29 -9.97 32.77
N PRO A 330 -26.39 -9.95 33.75
CA PRO A 330 -26.65 -10.78 34.94
C PRO A 330 -27.88 -10.32 35.71
N ASN A 331 -28.43 -11.20 36.54
CA ASN A 331 -29.64 -10.85 37.27
C ASN A 331 -29.41 -10.11 38.59
N ILE A 332 -28.49 -9.15 38.59
CA ILE A 332 -28.22 -8.38 39.81
C ILE A 332 -29.34 -7.38 40.08
N THR A 333 -29.64 -7.15 41.35
CA THR A 333 -30.76 -6.27 41.70
C THR A 333 -30.36 -5.05 42.53
N ASN A 334 -29.38 -5.21 43.43
CA ASN A 334 -28.96 -4.12 44.29
C ASN A 334 -28.46 -2.95 43.47
N LEU A 335 -28.78 -1.74 43.93
CA LEU A 335 -28.18 -0.55 43.37
C LEU A 335 -26.77 -0.38 43.92
N CYS A 336 -25.89 0.18 43.10
CA CYS A 336 -24.51 0.36 43.51
C CYS A 336 -24.43 1.34 44.68
N PRO A 337 -23.42 1.24 45.52
CA PRO A 337 -23.34 2.13 46.67
C PRO A 337 -22.96 3.55 46.30
N PHE A 338 -23.81 4.21 45.51
CA PHE A 338 -23.56 5.61 45.17
C PHE A 338 -23.62 6.48 46.41
N GLY A 339 -24.41 6.09 47.41
CA GLY A 339 -24.48 6.87 48.62
C GLY A 339 -23.20 6.78 49.45
N GLU A 340 -22.68 5.57 49.62
CA GLU A 340 -21.50 5.42 50.46
C GLU A 340 -20.25 5.95 49.79
N VAL A 341 -20.22 6.01 48.47
CA VAL A 341 -19.03 6.46 47.78
C VAL A 341 -19.06 7.97 47.58
N PHE A 342 -20.16 8.48 47.02
CA PHE A 342 -20.23 9.89 46.69
C PHE A 342 -20.76 10.74 47.82
N ASN A 343 -21.59 10.18 48.72
CA ASN A 343 -22.22 10.96 49.82
C ASN A 343 -21.68 10.43 51.13
N ALA A 344 -20.48 10.80 51.48
CA ALA A 344 -19.78 10.24 52.62
C ALA A 344 -19.45 11.36 53.60
N THR A 345 -19.43 11.00 54.88
CA THR A 345 -19.11 11.99 55.90
C THR A 345 -17.65 12.38 55.83
N ARG A 346 -16.77 11.41 55.61
CA ARG A 346 -15.34 11.62 55.68
C ARG A 346 -14.66 11.06 54.44
N PHE A 347 -13.92 11.90 53.75
CA PHE A 347 -13.05 11.46 52.67
C PHE A 347 -11.62 11.32 53.18
N ALA A 348 -10.80 10.64 52.40
CA ALA A 348 -9.44 10.37 52.81
C ALA A 348 -8.51 11.49 52.38
N SER A 349 -7.31 11.48 52.94
CA SER A 349 -6.24 12.34 52.46
C SER A 349 -5.67 11.78 51.18
N VAL A 350 -5.20 12.66 50.31
CA VAL A 350 -4.71 12.20 49.01
C VAL A 350 -3.51 11.29 49.17
N TYR A 351 -2.68 11.53 50.19
CA TYR A 351 -1.49 10.72 50.35
C TYR A 351 -1.82 9.30 50.77
N ALA A 352 -2.87 9.11 51.57
CA ALA A 352 -3.34 7.78 51.93
C ALA A 352 -4.76 7.67 51.42
N TRP A 353 -4.89 7.39 50.14
CA TRP A 353 -6.17 7.45 49.47
C TRP A 353 -6.88 6.11 49.59
N ASN A 354 -8.19 6.16 49.58
CA ASN A 354 -9.01 4.99 49.87
C ASN A 354 -9.39 4.29 48.58
N ARG A 355 -9.28 2.96 48.57
CA ARG A 355 -9.73 2.14 47.46
C ARG A 355 -10.87 1.26 47.95
N LYS A 356 -11.97 1.24 47.21
CA LYS A 356 -13.15 0.47 47.60
C LYS A 356 -13.58 -0.41 46.44
N ARG A 357 -13.84 -1.68 46.74
CA ARG A 357 -14.29 -2.63 45.73
C ARG A 357 -15.79 -2.52 45.53
N ILE A 358 -16.21 -2.51 44.28
CA ILE A 358 -17.61 -2.42 43.89
C ILE A 358 -17.98 -3.71 43.18
N SER A 359 -19.02 -4.39 43.65
CA SER A 359 -19.40 -5.67 43.07
C SER A 359 -20.87 -5.94 43.31
N ASN A 360 -21.46 -6.73 42.41
CA ASN A 360 -22.86 -7.14 42.52
C ASN A 360 -23.86 -6.02 42.60
N CYS A 361 -23.86 -5.15 41.60
CA CYS A 361 -24.77 -4.01 41.63
C CYS A 361 -25.15 -3.42 40.28
N VAL A 362 -26.20 -2.61 40.27
CA VAL A 362 -26.62 -1.96 39.03
C VAL A 362 -26.15 -0.53 39.05
N ALA A 363 -25.36 -0.13 38.06
CA ALA A 363 -24.80 1.22 38.02
C ALA A 363 -25.73 2.26 37.43
N ASP A 364 -26.93 2.40 37.98
CA ASP A 364 -27.84 3.44 37.52
C ASP A 364 -27.38 4.75 38.13
N TYR A 365 -26.50 5.46 37.46
CA TYR A 365 -25.97 6.70 38.01
C TYR A 365 -26.95 7.86 37.88
N SER A 366 -28.11 7.66 37.28
CA SER A 366 -29.09 8.75 37.27
C SER A 366 -29.69 9.00 38.64
N VAL A 367 -29.41 8.14 39.62
CA VAL A 367 -29.81 8.44 41.00
C VAL A 367 -28.98 9.56 41.58
N LEU A 368 -27.85 9.89 40.96
CA LEU A 368 -27.06 11.03 41.39
C LEU A 368 -27.55 12.34 40.81
N TYR A 369 -28.45 12.29 39.84
CA TYR A 369 -28.87 13.52 39.17
C TYR A 369 -29.61 14.45 40.12
N ASN A 370 -30.27 13.91 41.12
CA ASN A 370 -31.07 14.73 42.01
C ASN A 370 -30.23 15.46 43.05
N SER A 371 -29.16 14.86 43.51
CA SER A 371 -28.40 15.36 44.64
C SER A 371 -27.02 15.88 44.29
N ALA A 372 -26.32 15.25 43.37
CA ALA A 372 -24.91 15.53 43.13
C ALA A 372 -24.74 16.49 41.96
N SER A 373 -23.59 17.16 41.94
CA SER A 373 -23.24 18.09 40.88
C SER A 373 -21.73 18.09 40.76
N PHE A 374 -21.21 17.74 39.59
CA PHE A 374 -19.79 17.48 39.42
C PHE A 374 -19.16 18.51 38.50
N SER A 375 -18.10 19.16 38.96
CA SER A 375 -17.37 20.09 38.12
C SER A 375 -16.55 19.36 37.06
N THR A 376 -16.10 18.16 37.37
CA THR A 376 -15.25 17.38 36.47
C THR A 376 -15.88 16.02 36.31
N PHE A 377 -15.97 15.54 35.08
CA PHE A 377 -16.34 14.16 34.83
C PHE A 377 -15.75 13.77 33.48
N LYS A 378 -14.63 13.07 33.52
CA LYS A 378 -13.91 12.69 32.32
C LYS A 378 -13.72 11.19 32.32
N CYS A 379 -14.07 10.54 31.21
CA CYS A 379 -13.96 9.10 31.10
C CYS A 379 -12.88 8.74 30.10
N TYR A 380 -12.19 7.63 30.37
CA TYR A 380 -11.04 7.20 29.59
C TYR A 380 -11.28 5.79 29.08
N GLY A 381 -11.05 5.58 27.79
CA GLY A 381 -11.26 4.28 27.22
C GLY A 381 -12.70 3.89 27.03
N VAL A 382 -13.64 4.79 27.30
CA VAL A 382 -15.05 4.51 27.16
C VAL A 382 -15.76 5.83 26.92
N SER A 383 -16.87 5.78 26.21
CA SER A 383 -17.62 7.01 25.99
C SER A 383 -18.69 7.18 27.05
N PRO A 384 -18.93 8.41 27.49
CA PRO A 384 -19.94 8.64 28.53
C PRO A 384 -21.32 8.17 28.16
N THR A 385 -21.72 8.29 26.90
CA THR A 385 -23.04 7.87 26.48
C THR A 385 -23.17 6.37 26.34
N LYS A 386 -22.11 5.61 26.59
CA LYS A 386 -22.13 4.17 26.45
C LYS A 386 -22.20 3.45 27.79
N LEU A 387 -22.10 4.18 28.90
CA LEU A 387 -22.02 3.56 30.21
C LEU A 387 -23.29 2.82 30.60
N ASN A 388 -24.42 3.15 29.98
CA ASN A 388 -25.68 2.52 30.33
C ASN A 388 -25.84 1.15 29.69
N ASP A 389 -25.07 0.88 28.63
CA ASP A 389 -25.18 -0.39 27.95
C ASP A 389 -23.96 -1.27 28.16
N LEU A 390 -23.27 -1.10 29.28
CA LEU A 390 -22.03 -1.85 29.50
C LEU A 390 -21.91 -2.46 30.88
N CYS A 391 -21.28 -3.63 30.97
CA CYS A 391 -21.02 -4.22 32.28
C CYS A 391 -19.57 -3.97 32.62
N PHE A 392 -19.28 -3.73 33.89
CA PHE A 392 -17.93 -3.37 34.28
C PHE A 392 -17.17 -4.47 35.04
N THR A 393 -15.99 -4.83 34.57
CA THR A 393 -15.14 -5.93 35.17
C THR A 393 -14.42 -6.00 36.59
N ASN A 394 -13.90 -4.89 37.10
CA ASN A 394 -13.18 -4.90 38.38
C ASN A 394 -13.26 -3.50 38.85
N VAL A 395 -14.44 -3.11 39.32
CA VAL A 395 -14.64 -1.75 39.67
C VAL A 395 -14.06 -1.41 41.00
N TYR A 396 -13.29 -0.34 41.03
CA TYR A 396 -12.72 0.10 42.26
C TYR A 396 -12.96 1.58 42.29
N ALA A 397 -13.31 2.11 43.44
CA ALA A 397 -13.49 3.53 43.58
C ALA A 397 -12.42 4.13 44.46
N ASP A 398 -11.61 5.02 43.92
CA ASP A 398 -10.57 5.68 44.69
C ASP A 398 -11.07 7.05 45.04
N SER A 399 -10.94 7.46 46.29
CA SER A 399 -11.50 8.74 46.71
C SER A 399 -10.51 9.44 47.63
N PHE A 400 -10.51 10.77 47.55
CA PHE A 400 -9.64 11.61 48.35
C PHE A 400 -10.10 13.05 48.15
N VAL A 401 -9.49 13.96 48.91
CA VAL A 401 -9.77 15.38 48.82
C VAL A 401 -8.47 16.10 48.53
N ILE A 402 -8.48 16.96 47.53
CA ILE A 402 -7.33 17.77 47.16
C ILE A 402 -7.78 19.22 47.02
N ARG A 403 -6.81 20.07 46.76
CA ARG A 403 -7.08 21.47 46.43
C ARG A 403 -7.77 21.56 45.07
N GLY A 404 -8.48 22.67 44.86
CA GLY A 404 -9.14 22.86 43.59
C GLY A 404 -8.19 22.99 42.42
N ASP A 405 -7.03 23.60 42.65
CA ASP A 405 -6.04 23.79 41.59
C ASP A 405 -5.36 22.51 41.16
N GLU A 406 -5.64 21.38 41.82
CA GLU A 406 -4.95 20.14 41.54
C GLU A 406 -5.84 19.10 40.87
N VAL A 407 -7.10 19.39 40.63
CA VAL A 407 -7.96 18.43 39.98
C VAL A 407 -7.46 18.13 38.58
N ARG A 408 -6.83 19.10 37.93
CA ARG A 408 -6.23 18.86 36.63
C ARG A 408 -5.14 17.80 36.67
N GLN A 409 -4.54 17.57 37.83
CA GLN A 409 -3.43 16.65 37.95
C GLN A 409 -3.87 15.19 38.00
N ILE A 410 -5.15 14.92 38.19
CA ILE A 410 -5.65 13.55 38.18
C ILE A 410 -6.10 13.27 36.75
N ALA A 411 -5.17 12.80 35.97
CA ALA A 411 -5.31 12.51 34.56
C ALA A 411 -4.06 11.73 34.18
N PRO A 412 -4.11 10.88 33.18
CA PRO A 412 -2.90 10.18 32.76
C PRO A 412 -1.86 11.16 32.25
N GLY A 413 -0.61 10.92 32.63
CA GLY A 413 0.49 11.68 32.11
C GLY A 413 0.63 13.09 32.65
N GLN A 414 0.12 13.35 33.85
CA GLN A 414 0.29 14.65 34.46
C GLN A 414 1.52 14.67 35.36
N THR A 415 2.04 15.86 35.59
CA THR A 415 3.09 16.08 36.56
C THR A 415 2.62 17.07 37.61
N GLY A 416 3.28 17.07 38.74
CA GLY A 416 2.92 17.98 39.80
C GLY A 416 3.00 17.32 41.16
N LYS A 417 2.71 18.09 42.19
CA LYS A 417 2.88 17.59 43.55
C LYS A 417 1.95 16.42 43.83
N ILE A 418 0.77 16.40 43.24
CA ILE A 418 -0.14 15.28 43.46
C ILE A 418 0.26 14.10 42.60
N ALA A 419 0.40 14.33 41.29
CA ALA A 419 0.70 13.24 40.38
C ALA A 419 2.07 12.63 40.62
N ASP A 420 2.98 13.35 41.27
CA ASP A 420 4.31 12.82 41.50
C ASP A 420 4.45 12.11 42.84
N TYR A 421 3.86 12.67 43.90
CA TYR A 421 4.13 12.20 45.24
C TYR A 421 2.92 11.61 45.94
N ASN A 422 1.71 11.78 45.42
CA ASN A 422 0.53 11.40 46.17
C ASN A 422 -0.32 10.36 45.46
N TYR A 423 -0.61 10.54 44.18
CA TYR A 423 -1.57 9.66 43.51
C TYR A 423 -1.33 9.75 42.01
N LYS A 424 -0.90 8.66 41.41
CA LYS A 424 -0.61 8.63 39.98
C LYS A 424 -1.53 7.64 39.28
N LEU A 425 -2.06 8.06 38.14
CA LEU A 425 -2.85 7.21 37.25
C LEU A 425 -1.95 6.59 36.19
N PRO A 426 -2.19 5.33 35.82
CA PRO A 426 -1.42 4.75 34.73
C PRO A 426 -1.75 5.42 33.41
N ASP A 427 -0.84 5.24 32.45
CA ASP A 427 -1.02 5.84 31.14
C ASP A 427 -2.14 5.17 30.37
N ASP A 428 -2.28 3.86 30.52
CA ASP A 428 -3.35 3.11 29.87
C ASP A 428 -4.54 2.94 30.82
N PHE A 429 -5.04 4.07 31.31
CA PHE A 429 -6.08 4.06 32.31
C PHE A 429 -7.45 3.95 31.65
N THR A 430 -8.26 3.03 32.14
CA THR A 430 -9.64 2.87 31.69
C THR A 430 -10.55 3.13 32.88
N GLY A 431 -11.39 4.13 32.76
CA GLY A 431 -12.26 4.50 33.85
C GLY A 431 -12.64 5.94 33.73
N CYS A 432 -13.14 6.49 34.83
CA CYS A 432 -13.65 7.84 34.84
C CYS A 432 -13.11 8.57 36.07
N VAL A 433 -12.90 9.87 35.94
CA VAL A 433 -12.45 10.72 37.01
C VAL A 433 -13.56 11.72 37.31
N ILE A 434 -13.99 11.77 38.56
CA ILE A 434 -15.10 12.62 38.97
C ILE A 434 -14.62 13.51 40.10
N ALA A 435 -14.93 14.80 40.03
CA ALA A 435 -14.53 15.74 41.06
C ALA A 435 -15.65 16.75 41.26
N TRP A 436 -15.71 17.30 42.48
CA TRP A 436 -16.71 18.31 42.82
C TRP A 436 -16.26 19.12 44.03
N ASN A 437 -16.54 20.41 44.04
CA ASN A 437 -16.16 21.27 45.15
C ASN A 437 -16.86 20.89 46.44
N SER A 438 -16.12 20.85 47.52
CA SER A 438 -16.69 20.50 48.79
C SER A 438 -16.42 21.55 49.85
N ASN A 439 -16.42 22.82 49.48
CA ASN A 439 -16.10 23.87 50.42
C ASN A 439 -17.05 23.91 51.60
N ASN A 440 -18.34 23.73 51.37
CA ASN A 440 -19.28 23.71 52.48
C ASN A 440 -19.02 22.57 53.45
N LEU A 441 -18.81 21.36 52.96
CA LEU A 441 -18.47 20.23 53.83
C LEU A 441 -17.09 20.16 54.44
N ASP A 442 -16.05 20.45 53.67
CA ASP A 442 -14.67 20.26 54.13
C ASP A 442 -13.86 21.47 54.56
N SER A 443 -14.47 22.63 54.61
CA SER A 443 -13.74 23.77 55.07
C SER A 443 -14.36 24.35 56.32
N LYS A 444 -13.56 24.49 57.37
CA LYS A 444 -14.06 25.08 58.60
C LYS A 444 -13.44 26.42 58.96
N VAL A 445 -14.19 27.27 59.67
CA VAL A 445 -13.66 28.57 60.09
C VAL A 445 -12.45 28.35 60.99
N GLY A 446 -11.41 29.13 60.77
CA GLY A 446 -10.16 28.89 61.44
C GLY A 446 -9.29 27.85 60.77
N GLY A 447 -9.62 27.46 59.55
CA GLY A 447 -8.85 26.48 58.81
C GLY A 447 -9.17 25.06 59.21
N ASN A 448 -9.26 24.18 58.23
CA ASN A 448 -9.41 22.75 58.47
C ASN A 448 -8.11 22.07 58.07
N TYR A 449 -7.45 21.45 59.05
CA TYR A 449 -6.11 20.92 58.85
C TYR A 449 -6.07 19.40 58.98
N ASN A 450 -7.13 18.72 58.58
CA ASN A 450 -7.16 17.27 58.63
C ASN A 450 -6.64 16.63 57.37
N TYR A 451 -6.72 17.31 56.24
CA TYR A 451 -6.35 16.73 54.96
C TYR A 451 -4.88 17.03 54.67
N LEU A 452 -4.09 15.97 54.52
CA LEU A 452 -2.65 16.09 54.29
C LEU A 452 -2.30 15.67 52.88
N TYR A 453 -1.07 16.00 52.49
CA TYR A 453 -0.52 15.59 51.22
C TYR A 453 0.99 15.50 51.38
N ARG A 454 1.59 14.58 50.64
CA ARG A 454 3.04 14.44 50.67
C ARG A 454 3.67 15.57 49.88
N LEU A 455 4.66 16.22 50.46
CA LEU A 455 5.33 17.31 49.79
C LEU A 455 6.68 16.92 49.21
N PHE A 456 7.42 16.05 49.89
CA PHE A 456 8.74 15.64 49.46
C PHE A 456 8.77 14.13 49.30
N ARG A 457 9.45 13.66 48.27
CA ARG A 457 9.64 12.23 48.12
C ARG A 457 10.84 12.00 47.22
N LYS A 458 11.60 10.95 47.52
CA LYS A 458 12.87 10.74 46.81
C LYS A 458 12.66 10.40 45.35
N SER A 459 11.51 9.84 45.00
CA SER A 459 11.21 9.52 43.62
C SER A 459 9.72 9.50 43.42
N ASN A 460 9.30 9.61 42.16
CA ASN A 460 7.89 9.62 41.83
C ASN A 460 7.23 8.28 42.12
N LEU A 461 5.94 8.34 42.38
CA LEU A 461 5.17 7.12 42.62
C LEU A 461 4.93 6.37 41.32
N LYS A 462 4.71 5.08 41.44
CA LYS A 462 4.19 4.29 40.34
C LYS A 462 2.68 4.43 40.29
N PRO A 463 2.06 4.08 39.17
CA PRO A 463 0.61 4.16 39.08
C PRO A 463 -0.09 3.34 40.17
N PHE A 464 -1.09 3.97 40.78
CA PHE A 464 -1.94 3.34 41.80
C PHE A 464 -1.14 2.83 42.99
N GLU A 465 0.02 3.41 43.23
CA GLU A 465 0.84 3.08 44.39
C GLU A 465 0.53 4.06 45.50
N ARG A 466 0.50 3.56 46.73
CA ARG A 466 0.19 4.37 47.89
C ARG A 466 1.38 4.40 48.83
N ASP A 467 1.74 5.58 49.30
CA ASP A 467 2.88 5.78 50.20
C ASP A 467 2.37 6.48 51.45
N ILE A 468 2.30 5.75 52.56
CA ILE A 468 1.87 6.31 53.83
C ILE A 468 3.05 6.47 54.80
N SER A 469 4.27 6.37 54.29
CA SER A 469 5.45 6.58 55.12
C SER A 469 5.49 8.00 55.65
N THR A 470 6.11 8.16 56.82
CA THR A 470 6.18 9.46 57.47
C THR A 470 7.56 9.69 58.07
N GLU A 471 8.60 9.35 57.33
CA GLU A 471 9.96 9.50 57.83
C GLU A 471 10.61 10.76 57.27
N ILE A 472 11.55 11.31 58.03
CA ILE A 472 12.09 12.63 57.73
C ILE A 472 12.77 12.61 56.37
N TYR A 473 12.41 13.57 55.54
CA TYR A 473 12.98 13.66 54.21
C TYR A 473 14.27 14.47 54.26
N GLN A 474 15.37 13.82 53.85
CA GLN A 474 16.67 14.46 53.88
C GLN A 474 16.89 15.19 52.56
N ALA A 475 16.81 16.52 52.60
CA ALA A 475 16.92 17.32 51.40
C ALA A 475 18.35 17.70 51.06
N GLY A 476 19.28 17.48 51.97
CA GLY A 476 20.68 17.76 51.71
C GLY A 476 21.50 16.49 51.75
N SER A 477 22.82 16.64 51.87
CA SER A 477 23.67 15.45 52.00
C SER A 477 23.88 15.07 53.46
N THR A 478 23.79 16.04 54.37
CA THR A 478 23.90 15.71 55.78
C THR A 478 22.70 14.86 56.21
N PRO A 479 22.91 13.85 57.05
CA PRO A 479 21.81 12.94 57.38
C PRO A 479 20.89 13.52 58.44
N CYS A 480 19.64 13.06 58.39
CA CYS A 480 18.64 13.33 59.40
C CYS A 480 18.48 12.07 60.21
N ASN A 481 18.77 12.14 61.51
CA ASN A 481 18.61 10.98 62.37
C ASN A 481 17.22 10.99 63.01
N GLY A 482 16.22 11.12 62.14
CA GLY A 482 14.84 11.05 62.57
C GLY A 482 14.29 12.31 63.23
N VAL A 483 14.96 13.44 63.06
CA VAL A 483 14.51 14.69 63.66
C VAL A 483 14.47 15.76 62.58
N GLU A 484 13.44 16.60 62.62
CA GLU A 484 13.34 17.70 61.68
C GLU A 484 14.34 18.78 62.05
N GLY A 485 15.05 19.29 61.05
CA GLY A 485 16.00 20.35 61.27
C GLY A 485 16.32 21.10 60.00
N PHE A 486 17.56 21.51 59.85
CA PHE A 486 17.97 22.20 58.63
C PHE A 486 18.06 21.21 57.48
N ASN A 487 17.28 21.46 56.44
CA ASN A 487 17.19 20.57 55.28
C ASN A 487 16.78 19.16 55.68
N CYS A 488 15.93 19.07 56.70
CA CYS A 488 15.34 17.82 57.14
C CYS A 488 13.88 18.10 57.41
N TYR A 489 13.00 17.68 56.50
CA TYR A 489 11.61 18.08 56.54
C TYR A 489 10.71 16.89 56.82
N PHE A 490 9.71 17.10 57.66
CA PHE A 490 8.62 16.16 57.74
C PHE A 490 7.92 16.13 56.38
N PRO A 491 7.64 14.96 55.81
CA PRO A 491 7.25 14.91 54.40
C PRO A 491 5.80 15.30 54.13
N LEU A 492 4.92 15.30 55.12
CA LEU A 492 3.51 15.61 54.91
C LEU A 492 3.19 17.01 55.41
N GLN A 493 2.46 17.76 54.60
CA GLN A 493 1.90 19.03 55.03
C GLN A 493 0.40 19.00 54.91
N SER A 494 -0.26 19.84 55.69
CA SER A 494 -1.70 19.89 55.74
C SER A 494 -2.22 21.00 54.85
N TYR A 495 -3.22 20.69 54.04
CA TYR A 495 -3.96 21.74 53.36
C TYR A 495 -4.60 22.66 54.40
N GLY A 496 -4.61 23.95 54.11
CA GLY A 496 -5.36 24.85 54.97
C GLY A 496 -6.66 25.26 54.31
N PHE A 497 -7.75 24.62 54.69
CA PHE A 497 -9.03 24.87 54.04
C PHE A 497 -9.94 25.92 54.67
N GLN A 498 -9.54 27.17 54.74
CA GLN A 498 -10.45 28.18 55.28
C GLN A 498 -11.62 28.33 54.33
N PRO A 499 -12.81 28.62 54.85
CA PRO A 499 -13.99 28.71 54.00
C PRO A 499 -13.87 29.81 52.95
N THR A 500 -13.29 30.93 53.31
CA THR A 500 -13.15 32.03 52.37
C THR A 500 -11.94 31.90 51.47
N ASN A 501 -11.30 30.73 51.41
CA ASN A 501 -10.23 30.55 50.44
C ASN A 501 -10.77 30.73 49.04
N GLY A 502 -9.92 31.24 48.16
CA GLY A 502 -10.30 31.38 46.76
C GLY A 502 -10.57 30.00 46.16
N VAL A 503 -11.38 29.99 45.10
CA VAL A 503 -11.89 28.73 44.55
C VAL A 503 -10.75 27.77 44.21
N GLY A 504 -9.56 28.29 43.94
CA GLY A 504 -8.43 27.42 43.68
C GLY A 504 -7.87 26.78 44.92
N TYR A 505 -8.20 27.27 46.10
CA TYR A 505 -7.68 26.72 47.34
C TYR A 505 -8.81 26.18 48.15
N GLN A 506 -9.85 25.72 47.49
CA GLN A 506 -11.02 25.22 48.17
C GLN A 506 -11.05 23.71 48.02
N PRO A 507 -11.53 22.99 49.03
CA PRO A 507 -11.48 21.53 48.98
C PRO A 507 -12.29 20.90 47.86
N TYR A 508 -11.76 19.89 47.21
CA TYR A 508 -12.48 19.21 46.14
C TYR A 508 -12.48 17.72 46.36
N ARG A 509 -13.63 17.07 46.33
CA ARG A 509 -13.73 15.64 46.50
C ARG A 509 -13.61 14.98 45.14
N VAL A 510 -12.68 14.04 45.03
CA VAL A 510 -12.38 13.37 43.78
C VAL A 510 -12.69 11.89 43.93
N VAL A 511 -13.25 11.29 42.90
CA VAL A 511 -13.50 9.86 42.85
C VAL A 511 -12.99 9.34 41.52
N VAL A 512 -12.12 8.35 41.57
CA VAL A 512 -11.58 7.73 40.37
C VAL A 512 -12.13 6.31 40.29
N LEU A 513 -12.83 6.00 39.22
CA LEU A 513 -13.37 4.67 39.00
C LEU A 513 -12.51 3.94 38.00
N SER A 514 -12.06 2.75 38.37
CA SER A 514 -11.24 1.91 37.51
C SER A 514 -12.01 0.65 37.16
N PHE A 515 -11.88 0.21 35.91
CA PHE A 515 -12.49 -1.04 35.49
C PHE A 515 -11.88 -1.47 34.18
N GLU A 516 -12.23 -2.69 33.77
CA GLU A 516 -12.00 -3.17 32.42
C GLU A 516 -13.34 -3.53 31.80
N LEU A 517 -13.33 -3.65 30.49
CA LEU A 517 -14.54 -3.85 29.71
C LEU A 517 -14.36 -5.04 28.78
N LEU A 518 -15.35 -5.94 28.80
CA LEU A 518 -15.56 -6.92 27.74
C LEU A 518 -14.42 -7.91 27.61
N HIS A 519 -13.84 -8.33 28.72
CA HIS A 519 -12.83 -9.36 28.67
C HIS A 519 -12.98 -10.44 29.74
N ALA A 520 -13.79 -10.22 30.77
CA ALA A 520 -13.84 -11.14 31.89
C ALA A 520 -15.24 -11.08 32.46
N PRO A 521 -15.59 -12.02 33.34
CA PRO A 521 -16.89 -11.94 34.01
C PRO A 521 -17.05 -10.62 34.73
N ALA A 522 -18.28 -10.09 34.71
CA ALA A 522 -18.54 -8.78 35.31
C ALA A 522 -19.78 -8.83 36.19
N THR A 523 -19.73 -8.19 37.35
CA THR A 523 -20.87 -8.19 38.26
C THR A 523 -21.57 -6.86 38.28
N VAL A 524 -20.81 -5.78 38.23
CA VAL A 524 -21.40 -4.44 38.18
C VAL A 524 -21.84 -4.20 36.76
N CYS A 525 -23.11 -3.86 36.56
CA CYS A 525 -23.61 -3.67 35.21
C CYS A 525 -24.47 -2.45 35.06
N GLY A 526 -24.49 -1.88 33.85
CA GLY A 526 -25.32 -0.72 33.60
C GLY A 526 -26.78 -1.09 33.54
N PRO A 527 -27.66 -0.11 33.73
CA PRO A 527 -29.11 -0.36 33.71
C PRO A 527 -29.64 -0.74 32.33
N LYS A 528 -29.73 -2.04 32.05
CA LYS A 528 -30.27 -2.50 30.78
C LYS A 528 -31.26 -3.59 31.09
N LYS A 529 -32.48 -3.47 30.57
CA LYS A 529 -33.50 -4.45 30.92
C LYS A 529 -33.22 -5.73 30.13
N SER A 530 -33.15 -6.86 30.84
CA SER A 530 -32.69 -8.11 30.21
C SER A 530 -33.85 -8.87 29.58
N THR A 531 -33.60 -9.44 28.41
CA THR A 531 -34.61 -10.15 27.64
C THR A 531 -34.41 -11.65 27.74
N ASN A 532 -35.27 -12.38 27.07
CA ASN A 532 -35.15 -13.83 26.97
C ASN A 532 -34.07 -14.21 25.96
N LEU A 533 -33.51 -15.40 26.15
CA LEU A 533 -32.48 -15.90 25.26
C LEU A 533 -33.13 -16.52 24.02
N VAL A 534 -32.59 -16.18 22.85
CA VAL A 534 -33.11 -16.69 21.58
C VAL A 534 -31.97 -17.42 20.88
N LYS A 535 -32.16 -18.69 20.59
CA LYS A 535 -31.17 -19.50 19.90
C LYS A 535 -31.61 -19.81 18.48
N ASN A 536 -30.64 -20.21 17.67
CA ASN A 536 -30.88 -20.72 16.31
C ASN A 536 -31.52 -19.69 15.40
N LYS A 537 -31.30 -18.40 15.66
CA LYS A 537 -31.91 -17.35 14.87
C LYS A 537 -30.97 -16.16 14.82
N CYS A 538 -30.98 -15.46 13.69
CA CYS A 538 -30.15 -14.28 13.55
C CYS A 538 -30.73 -13.16 14.41
N VAL A 539 -29.97 -12.73 15.42
CA VAL A 539 -30.41 -11.72 16.36
C VAL A 539 -29.29 -10.71 16.57
N ASN A 540 -29.67 -9.54 17.08
CA ASN A 540 -28.72 -8.61 17.68
C ASN A 540 -28.63 -8.95 19.16
N PHE A 541 -27.42 -9.16 19.65
CA PHE A 541 -27.27 -9.53 21.04
C PHE A 541 -26.48 -8.48 21.80
N ASN A 542 -26.53 -8.60 23.12
CA ASN A 542 -25.77 -7.77 24.03
C ASN A 542 -25.50 -8.65 25.24
N PHE A 543 -24.31 -9.22 25.30
CA PHE A 543 -23.91 -10.10 26.39
C PHE A 543 -22.92 -9.34 27.27
N ASN A 544 -23.37 -8.93 28.45
CA ASN A 544 -22.52 -8.23 29.40
C ASN A 544 -21.89 -6.99 28.80
N GLY A 545 -22.59 -6.34 27.89
CA GLY A 545 -22.09 -5.15 27.25
C GLY A 545 -21.52 -5.36 25.86
N LEU A 546 -21.16 -6.59 25.53
CA LEU A 546 -20.59 -6.89 24.22
C LEU A 546 -21.71 -7.05 23.21
N THR A 547 -21.82 -6.12 22.28
CA THR A 547 -22.84 -6.18 21.26
C THR A 547 -22.33 -6.92 20.04
N GLY A 548 -23.23 -7.13 19.08
CA GLY A 548 -22.89 -7.88 17.89
C GLY A 548 -24.15 -8.43 17.25
N THR A 549 -23.92 -9.28 16.25
CA THR A 549 -24.99 -9.88 15.46
C THR A 549 -24.58 -11.30 15.10
N GLY A 550 -25.51 -12.24 15.23
CA GLY A 550 -25.20 -13.59 14.82
C GLY A 550 -26.26 -14.56 15.27
N VAL A 551 -25.98 -15.84 15.02
CA VAL A 551 -26.85 -16.94 15.42
C VAL A 551 -26.23 -17.61 16.63
N LEU A 552 -27.04 -17.81 17.67
CA LEU A 552 -26.58 -18.42 18.91
C LEU A 552 -26.99 -19.88 18.96
N THR A 553 -26.03 -20.76 19.19
CA THR A 553 -26.29 -22.18 19.33
C THR A 553 -25.51 -22.72 20.52
N GLU A 554 -26.00 -23.83 21.07
CA GLU A 554 -25.35 -24.44 22.22
C GLU A 554 -24.01 -25.05 21.82
N SER A 555 -23.07 -25.06 22.76
CA SER A 555 -21.66 -25.28 22.46
C SER A 555 -21.13 -26.53 23.15
N ASN A 556 -20.06 -27.07 22.58
CA ASN A 556 -19.26 -28.10 23.21
C ASN A 556 -18.19 -27.54 24.13
N LYS A 557 -17.94 -26.24 24.07
CA LYS A 557 -16.82 -25.68 24.81
C LYS A 557 -17.12 -25.64 26.30
N LYS A 558 -16.07 -25.81 27.09
CA LYS A 558 -16.15 -25.75 28.55
C LYS A 558 -15.25 -24.63 29.03
N PHE A 559 -15.85 -23.53 29.45
CA PHE A 559 -15.09 -22.40 29.94
C PHE A 559 -14.65 -22.64 31.37
N LEU A 560 -13.41 -22.30 31.67
CA LEU A 560 -12.96 -22.28 33.04
C LEU A 560 -13.73 -21.19 33.80
N PRO A 561 -13.88 -21.34 35.12
CA PRO A 561 -14.76 -20.43 35.86
C PRO A 561 -14.38 -18.97 35.75
N PHE A 562 -13.15 -18.64 35.36
CA PHE A 562 -12.72 -17.26 35.24
C PHE A 562 -12.87 -16.72 33.83
N GLN A 563 -13.51 -17.46 32.93
CA GLN A 563 -13.64 -17.07 31.53
C GLN A 563 -15.10 -16.76 31.20
N GLN A 564 -15.30 -15.76 30.36
CA GLN A 564 -16.62 -15.35 29.92
C GLN A 564 -16.78 -15.35 28.42
N PHE A 565 -15.74 -15.01 27.67
CA PHE A 565 -15.79 -14.98 26.22
C PHE A 565 -14.76 -15.93 25.64
N GLY A 566 -14.98 -16.32 24.39
CA GLY A 566 -13.99 -17.06 23.65
C GLY A 566 -13.80 -16.42 22.28
N ARG A 567 -12.56 -16.41 21.83
CA ARG A 567 -12.22 -15.76 20.58
C ARG A 567 -11.56 -16.74 19.64
N ASP A 568 -11.67 -16.45 18.35
CA ASP A 568 -11.05 -17.24 17.30
C ASP A 568 -9.72 -16.61 16.90
N ILE A 569 -9.15 -17.08 15.79
CA ILE A 569 -7.85 -16.57 15.35
C ILE A 569 -7.92 -15.10 15.01
N ALA A 570 -9.04 -14.66 14.43
CA ALA A 570 -9.21 -13.26 14.08
C ALA A 570 -9.62 -12.40 15.26
N ASP A 571 -9.66 -12.95 16.47
CA ASP A 571 -10.03 -12.27 17.71
C ASP A 571 -11.49 -11.89 17.76
N THR A 572 -12.33 -12.35 16.85
CA THR A 572 -13.75 -12.11 16.98
C THR A 572 -14.34 -13.06 18.01
N THR A 573 -15.29 -12.57 18.78
CA THR A 573 -15.92 -13.39 19.79
C THR A 573 -16.81 -14.42 19.14
N ASP A 574 -16.50 -15.69 19.34
CA ASP A 574 -17.28 -16.76 18.76
C ASP A 574 -17.92 -17.67 19.78
N ALA A 575 -17.63 -17.49 21.07
CA ALA A 575 -18.30 -18.20 22.12
C ALA A 575 -18.53 -17.26 23.28
N VAL A 576 -19.62 -17.46 24.00
CA VAL A 576 -19.97 -16.62 25.14
C VAL A 576 -20.69 -17.49 26.16
N ARG A 577 -20.50 -17.16 27.43
CA ARG A 577 -21.22 -17.80 28.51
C ARG A 577 -22.41 -16.95 28.88
N ASP A 578 -23.60 -17.52 28.90
CA ASP A 578 -24.79 -16.73 29.19
C ASP A 578 -24.71 -16.30 30.64
N PRO A 579 -24.83 -15.01 30.91
CA PRO A 579 -24.67 -14.62 32.30
C PRO A 579 -25.73 -15.17 33.26
N GLN A 580 -27.00 -15.15 32.88
CA GLN A 580 -28.06 -15.68 33.72
C GLN A 580 -28.05 -17.20 33.93
N THR A 581 -27.87 -17.97 32.87
CA THR A 581 -27.76 -19.42 32.99
C THR A 581 -26.38 -19.63 32.51
N LEU A 582 -25.54 -20.30 33.26
CA LEU A 582 -24.15 -20.38 32.86
C LEU A 582 -23.89 -21.41 31.80
N GLU A 583 -24.37 -21.15 30.59
CA GLU A 583 -24.21 -22.09 29.50
C GLU A 583 -23.44 -21.50 28.35
N ILE A 584 -22.46 -22.23 27.86
CA ILE A 584 -21.68 -21.74 26.75
C ILE A 584 -22.51 -21.76 25.48
N LEU A 585 -22.45 -20.69 24.71
CA LEU A 585 -23.19 -20.58 23.48
C LEU A 585 -22.20 -20.21 22.41
N ASP A 586 -22.43 -20.65 21.18
CA ASP A 586 -21.53 -20.36 20.09
C ASP A 586 -22.16 -19.30 19.21
N ILE A 587 -21.37 -18.31 18.82
CA ILE A 587 -21.89 -17.22 18.01
C ILE A 587 -21.43 -17.36 16.59
N THR A 588 -22.38 -17.38 15.65
CA THR A 588 -22.04 -17.57 14.26
C THR A 588 -22.59 -16.42 13.36
N PRO A 589 -21.81 -15.90 12.39
CA PRO A 589 -22.34 -14.80 11.57
C PRO A 589 -23.59 -15.23 10.80
N CYS A 590 -24.38 -14.24 10.40
CA CYS A 590 -25.62 -14.54 9.70
C CYS A 590 -25.39 -14.60 8.20
N SER A 591 -24.56 -13.72 7.66
CA SER A 591 -24.32 -13.65 6.23
C SER A 591 -23.29 -14.70 5.81
N PHE A 592 -23.56 -15.36 4.69
CA PHE A 592 -22.74 -16.47 4.25
C PHE A 592 -23.18 -16.88 2.85
N GLY A 593 -22.21 -17.25 2.03
CA GLY A 593 -22.50 -17.81 0.73
C GLY A 593 -22.40 -16.83 -0.42
N GLY A 594 -21.73 -17.24 -1.50
CA GLY A 594 -21.55 -16.36 -2.63
C GLY A 594 -22.75 -16.38 -3.55
N VAL A 595 -22.96 -15.26 -4.24
CA VAL A 595 -24.10 -15.08 -5.14
C VAL A 595 -23.61 -14.45 -6.42
N SER A 596 -24.01 -15.02 -7.56
CA SER A 596 -23.73 -14.46 -8.86
C SER A 596 -25.04 -14.29 -9.62
N VAL A 597 -25.13 -13.22 -10.40
CA VAL A 597 -26.31 -12.94 -11.22
C VAL A 597 -25.91 -13.10 -12.68
N ILE A 598 -26.68 -13.90 -13.41
CA ILE A 598 -26.44 -14.16 -14.82
C ILE A 598 -27.40 -13.33 -15.63
N THR A 599 -26.87 -12.52 -16.53
CA THR A 599 -27.74 -11.67 -17.31
C THR A 599 -27.35 -11.73 -18.78
N PRO A 600 -28.32 -11.74 -19.68
CA PRO A 600 -28.05 -11.24 -21.02
C PRO A 600 -27.95 -9.75 -20.91
N GLY A 601 -27.55 -9.04 -21.97
CA GLY A 601 -27.50 -7.60 -21.87
C GLY A 601 -28.83 -7.03 -21.40
N THR A 602 -28.76 -6.03 -20.53
CA THR A 602 -29.96 -5.27 -20.23
C THR A 602 -30.52 -4.62 -21.48
N ASN A 603 -29.71 -4.52 -22.52
CA ASN A 603 -30.20 -3.99 -23.78
C ASN A 603 -31.10 -5.02 -24.44
N THR A 604 -30.92 -6.29 -24.08
CA THR A 604 -31.70 -7.36 -24.68
C THR A 604 -32.89 -7.76 -23.82
N SER A 605 -32.69 -7.83 -22.51
CA SER A 605 -33.75 -8.28 -21.62
C SER A 605 -33.45 -7.81 -20.21
N ASN A 606 -34.46 -7.90 -19.36
CA ASN A 606 -34.31 -7.60 -17.94
C ASN A 606 -34.49 -8.85 -17.09
N GLN A 607 -34.53 -10.02 -17.71
CA GLN A 607 -34.52 -11.26 -16.95
C GLN A 607 -33.12 -11.53 -16.44
N VAL A 608 -33.05 -12.20 -15.29
CA VAL A 608 -31.78 -12.61 -14.70
C VAL A 608 -31.97 -14.00 -14.12
N ALA A 609 -30.88 -14.74 -14.06
CA ALA A 609 -30.80 -15.96 -13.29
C ALA A 609 -29.75 -15.75 -12.22
N VAL A 610 -30.00 -16.27 -11.03
CA VAL A 610 -29.13 -16.06 -9.88
C VAL A 610 -28.53 -17.39 -9.49
N LEU A 611 -27.22 -17.42 -9.34
CA LEU A 611 -26.50 -18.62 -8.94
C LEU A 611 -26.11 -18.48 -7.48
N TYR A 612 -26.57 -19.41 -6.65
CA TYR A 612 -26.23 -19.44 -5.24
C TYR A 612 -25.23 -20.56 -5.03
N GLN A 613 -23.95 -20.25 -5.20
CA GLN A 613 -22.94 -21.18 -4.74
C GLN A 613 -23.08 -21.31 -3.23
N ASP A 614 -22.82 -22.51 -2.73
CA ASP A 614 -22.95 -22.88 -1.32
C ASP A 614 -24.40 -23.08 -0.90
N VAL A 615 -25.32 -23.28 -1.84
CA VAL A 615 -26.68 -23.69 -1.54
C VAL A 615 -26.97 -24.95 -2.33
N ASN A 616 -27.57 -25.95 -1.66
CA ASN A 616 -27.98 -27.18 -2.33
C ASN A 616 -29.48 -27.25 -2.28
N CYS A 617 -30.14 -26.85 -3.35
CA CYS A 617 -31.59 -26.87 -3.44
C CYS A 617 -32.12 -28.30 -3.52
N TRP A 633 -34.78 -22.45 1.80
CA TRP A 633 -33.46 -22.21 1.24
C TRP A 633 -32.98 -20.80 1.55
N ARG A 634 -31.66 -20.60 1.53
CA ARG A 634 -31.09 -19.28 1.73
C ARG A 634 -30.95 -18.60 0.37
N VAL A 635 -32.09 -18.20 -0.17
CA VAL A 635 -32.16 -17.59 -1.49
C VAL A 635 -32.97 -16.31 -1.38
N TYR A 636 -32.73 -15.39 -2.34
CA TYR A 636 -33.47 -14.14 -2.35
C TYR A 636 -34.91 -14.36 -2.77
N SER A 637 -35.13 -15.27 -3.71
CA SER A 637 -36.46 -15.67 -4.13
C SER A 637 -36.34 -16.97 -4.90
N THR A 638 -37.38 -17.79 -4.82
CA THR A 638 -37.45 -19.02 -5.57
C THR A 638 -38.76 -19.09 -6.33
N GLY A 639 -38.76 -19.85 -7.41
CA GLY A 639 -39.97 -20.07 -8.17
C GLY A 639 -39.91 -21.36 -8.96
N SER A 640 -40.34 -21.31 -10.21
CA SER A 640 -40.03 -22.37 -11.13
C SER A 640 -38.56 -22.27 -11.54
N ASN A 641 -38.09 -23.29 -12.26
CA ASN A 641 -36.73 -23.30 -12.79
C ASN A 641 -35.70 -23.19 -11.68
N VAL A 642 -35.68 -24.19 -10.81
CA VAL A 642 -34.62 -24.36 -9.83
C VAL A 642 -33.76 -25.52 -10.28
N PHE A 643 -32.49 -25.25 -10.56
CA PHE A 643 -31.58 -26.24 -11.11
C PHE A 643 -30.35 -26.29 -10.23
N GLN A 644 -29.98 -27.49 -9.80
CA GLN A 644 -28.83 -27.68 -8.92
C GLN A 644 -27.63 -28.11 -9.76
N THR A 645 -26.68 -27.21 -9.90
CA THR A 645 -25.40 -27.51 -10.54
C THR A 645 -24.36 -27.75 -9.48
N ARG A 646 -23.19 -28.20 -9.92
CA ARG A 646 -22.09 -28.41 -8.98
C ARG A 646 -21.47 -27.11 -8.52
N ALA A 647 -21.78 -26.00 -9.19
CA ALA A 647 -21.31 -24.69 -8.77
C ALA A 647 -22.29 -24.00 -7.83
N GLY A 648 -23.42 -24.61 -7.56
CA GLY A 648 -24.43 -24.01 -6.71
C GLY A 648 -25.80 -24.17 -7.32
N CYS A 649 -26.79 -23.60 -6.64
CA CYS A 649 -28.17 -23.67 -7.08
C CYS A 649 -28.45 -22.52 -8.04
N LEU A 650 -28.90 -22.84 -9.24
CA LEU A 650 -29.21 -21.85 -10.25
C LEU A 650 -30.72 -21.67 -10.30
N ILE A 651 -31.18 -20.44 -10.07
CA ILE A 651 -32.60 -20.13 -10.02
C ILE A 651 -32.91 -19.09 -11.07
N GLY A 652 -33.88 -19.38 -11.93
CA GLY A 652 -34.27 -18.47 -12.98
C GLY A 652 -33.89 -18.90 -14.37
N ALA A 653 -33.23 -20.03 -14.52
CA ALA A 653 -32.83 -20.54 -15.83
C ALA A 653 -33.45 -21.91 -16.05
N GLU A 654 -33.94 -22.15 -17.25
CA GLU A 654 -34.51 -23.44 -17.61
C GLU A 654 -33.38 -24.37 -18.05
N HIS A 655 -33.37 -25.58 -17.50
CA HIS A 655 -32.32 -26.54 -17.81
C HIS A 655 -32.74 -27.40 -18.99
N VAL A 656 -31.91 -27.41 -20.03
CA VAL A 656 -32.20 -28.19 -21.23
C VAL A 656 -31.26 -29.39 -21.26
N ASN A 657 -31.51 -30.30 -22.19
CA ASN A 657 -30.71 -31.51 -22.31
C ASN A 657 -29.74 -31.46 -23.46
N ASN A 658 -29.90 -30.51 -24.38
CA ASN A 658 -28.93 -30.37 -25.44
C ASN A 658 -27.59 -29.91 -24.87
N SER A 659 -26.59 -29.85 -25.74
CA SER A 659 -25.30 -29.32 -25.38
C SER A 659 -24.88 -28.35 -26.47
N TYR A 660 -24.42 -27.18 -26.06
CA TYR A 660 -23.95 -26.17 -27.00
C TYR A 660 -22.58 -25.68 -26.54
N GLU A 661 -21.95 -24.91 -27.41
CA GLU A 661 -20.76 -24.17 -27.02
C GLU A 661 -21.11 -23.17 -25.93
N CYS A 662 -20.11 -22.82 -25.14
CA CYS A 662 -20.38 -21.96 -23.99
C CYS A 662 -20.74 -20.56 -24.46
N ASP A 663 -21.75 -19.99 -23.82
CA ASP A 663 -22.15 -18.61 -24.03
C ASP A 663 -21.85 -17.76 -22.81
N ILE A 664 -22.40 -18.12 -21.67
CA ILE A 664 -22.06 -17.49 -20.40
C ILE A 664 -21.55 -18.58 -19.47
N PRO A 665 -20.27 -18.60 -19.15
CA PRO A 665 -19.73 -19.66 -18.29
C PRO A 665 -20.27 -19.54 -16.87
N ILE A 666 -20.91 -20.61 -16.41
CA ILE A 666 -21.40 -20.64 -15.03
C ILE A 666 -20.41 -21.33 -14.12
N GLY A 667 -19.85 -22.44 -14.54
CA GLY A 667 -18.84 -23.13 -13.77
C GLY A 667 -19.17 -24.61 -13.67
N ALA A 668 -18.14 -25.40 -13.41
CA ALA A 668 -18.28 -26.84 -13.23
C ALA A 668 -18.95 -27.49 -14.45
N GLY A 669 -18.69 -26.93 -15.62
CA GLY A 669 -19.17 -27.51 -16.85
C GLY A 669 -20.49 -27.01 -17.35
N ILE A 670 -21.12 -26.05 -16.66
CA ILE A 670 -22.43 -25.54 -17.03
C ILE A 670 -22.26 -24.16 -17.64
N CYS A 671 -23.00 -23.90 -18.72
CA CYS A 671 -23.05 -22.59 -19.35
C CYS A 671 -24.50 -22.17 -19.46
N ALA A 672 -24.73 -20.88 -19.65
CA ALA A 672 -26.06 -20.35 -19.81
C ALA A 672 -26.13 -19.52 -21.08
N SER A 673 -27.32 -19.40 -21.64
CA SER A 673 -27.50 -18.54 -22.78
C SER A 673 -28.95 -18.11 -22.85
N TYR A 674 -29.21 -17.11 -23.67
CA TYR A 674 -30.53 -16.55 -23.86
C TYR A 674 -31.04 -16.99 -25.22
N GLN A 675 -31.79 -18.08 -25.25
CA GLN A 675 -32.25 -18.68 -26.49
C GLN A 675 -33.77 -18.78 -26.47
N THR A 676 -34.34 -18.92 -27.67
CA THR A 676 -35.77 -19.13 -27.82
C THR A 676 -36.12 -20.62 -27.72
N SER A 689 -41.43 -17.45 -27.41
CA SER A 689 -40.94 -16.56 -26.36
C SER A 689 -39.50 -16.89 -25.98
N GLN A 690 -38.86 -15.95 -25.29
CA GLN A 690 -37.45 -16.04 -24.96
C GLN A 690 -37.30 -16.36 -23.47
N SER A 691 -36.14 -16.91 -23.11
CA SER A 691 -35.86 -17.31 -21.75
C SER A 691 -34.37 -17.63 -21.63
N ILE A 692 -33.91 -17.73 -20.39
CA ILE A 692 -32.53 -18.08 -20.10
C ILE A 692 -32.43 -19.58 -19.90
N ILE A 693 -31.54 -20.22 -20.65
CA ILE A 693 -31.38 -21.67 -20.59
C ILE A 693 -30.01 -21.99 -20.02
N ALA A 694 -29.93 -23.12 -19.34
CA ALA A 694 -28.70 -23.62 -18.77
C ALA A 694 -28.48 -25.05 -19.25
N TYR A 695 -27.24 -25.34 -19.62
CA TYR A 695 -26.92 -26.61 -20.25
C TYR A 695 -25.49 -26.97 -19.91
N THR A 696 -25.15 -28.23 -20.15
CA THR A 696 -23.77 -28.68 -20.09
C THR A 696 -23.07 -28.30 -21.38
N MET A 697 -21.89 -27.69 -21.27
CA MET A 697 -21.21 -27.20 -22.44
C MET A 697 -20.65 -28.35 -23.27
N SER A 698 -20.69 -28.19 -24.58
CA SER A 698 -20.21 -29.21 -25.51
C SER A 698 -18.74 -29.01 -25.79
N LEU A 699 -17.96 -30.09 -25.72
CA LEU A 699 -16.53 -30.00 -25.99
C LEU A 699 -16.19 -30.04 -27.47
N GLY A 700 -17.15 -30.39 -28.31
CA GLY A 700 -16.88 -30.51 -29.73
C GLY A 700 -17.57 -31.75 -30.28
N ALA A 701 -17.42 -31.92 -31.59
CA ALA A 701 -18.05 -33.03 -32.27
C ALA A 701 -17.32 -34.33 -31.97
N GLU A 702 -18.06 -35.37 -31.61
CA GLU A 702 -17.44 -36.67 -31.42
C GLU A 702 -17.02 -37.23 -32.76
N ASN A 703 -15.82 -37.79 -32.80
CA ASN A 703 -15.23 -38.25 -34.04
C ASN A 703 -14.53 -39.57 -33.78
N SER A 704 -14.13 -40.23 -34.85
CA SER A 704 -13.46 -41.51 -34.74
C SER A 704 -12.57 -41.70 -35.95
N VAL A 705 -11.40 -42.29 -35.72
CA VAL A 705 -10.44 -42.54 -36.78
C VAL A 705 -10.54 -44.01 -37.15
N ALA A 706 -10.77 -44.28 -38.43
CA ALA A 706 -10.86 -45.65 -38.91
C ALA A 706 -9.46 -46.26 -38.99
N TYR A 707 -8.96 -46.62 -37.81
CA TYR A 707 -7.62 -47.16 -37.70
C TYR A 707 -7.61 -48.66 -37.89
N SER A 708 -6.66 -49.14 -38.69
CA SER A 708 -6.34 -50.55 -38.77
C SER A 708 -4.86 -50.68 -39.07
N ASN A 709 -4.35 -51.89 -38.91
CA ASN A 709 -2.93 -52.12 -39.09
C ASN A 709 -2.39 -52.10 -40.51
N ASN A 710 -3.24 -51.84 -41.50
CA ASN A 710 -2.72 -51.71 -42.85
C ASN A 710 -3.46 -50.67 -43.67
N SER A 711 -4.23 -49.79 -43.06
CA SER A 711 -4.95 -48.75 -43.78
C SER A 711 -4.23 -47.42 -43.63
N ILE A 712 -4.15 -46.67 -44.72
CA ILE A 712 -3.60 -45.32 -44.67
C ILE A 712 -4.54 -44.38 -45.43
N ALA A 713 -4.42 -43.10 -45.12
CA ALA A 713 -5.19 -42.05 -45.77
C ALA A 713 -4.21 -41.01 -46.30
N ILE A 714 -4.25 -40.76 -47.60
CA ILE A 714 -3.33 -39.83 -48.25
C ILE A 714 -4.16 -38.68 -48.83
N PRO A 715 -3.80 -37.44 -48.54
CA PRO A 715 -4.54 -36.33 -49.15
C PRO A 715 -4.28 -36.25 -50.64
N THR A 716 -5.34 -36.05 -51.41
CA THR A 716 -5.23 -35.92 -52.85
C THR A 716 -5.37 -34.48 -53.32
N ASN A 717 -5.65 -33.56 -52.42
CA ASN A 717 -5.76 -32.16 -52.79
C ASN A 717 -5.37 -31.36 -51.56
N PHE A 718 -5.60 -30.06 -51.58
CA PHE A 718 -5.19 -29.23 -50.46
C PHE A 718 -5.94 -27.91 -50.52
N THR A 719 -5.74 -27.12 -49.48
CA THR A 719 -6.24 -25.75 -49.44
C THR A 719 -5.08 -24.85 -49.05
N ILE A 720 -5.12 -23.62 -49.51
CA ILE A 720 -4.21 -22.58 -49.04
C ILE A 720 -5.01 -21.72 -48.09
N SER A 721 -4.76 -21.89 -46.80
CA SER A 721 -5.46 -21.14 -45.78
C SER A 721 -4.66 -19.90 -45.42
N VAL A 722 -5.36 -18.83 -45.07
CA VAL A 722 -4.76 -17.61 -44.57
C VAL A 722 -5.50 -17.22 -43.31
N THR A 723 -4.84 -17.30 -42.17
CA THR A 723 -5.45 -16.98 -40.90
C THR A 723 -4.78 -15.74 -40.30
N THR A 724 -5.51 -15.09 -39.40
CA THR A 724 -5.05 -13.87 -38.76
C THR A 724 -4.60 -14.17 -37.35
N GLU A 725 -3.54 -13.50 -36.91
CA GLU A 725 -3.09 -13.56 -35.53
C GLU A 725 -2.78 -12.16 -35.04
N ILE A 726 -3.47 -11.73 -33.98
CA ILE A 726 -3.34 -10.38 -33.44
C ILE A 726 -2.54 -10.47 -32.15
N LEU A 727 -1.54 -9.61 -32.01
CA LEU A 727 -0.69 -9.59 -30.83
C LEU A 727 -0.49 -8.15 -30.39
N PRO A 728 -0.74 -7.84 -29.11
CA PRO A 728 -0.37 -6.52 -28.60
C PRO A 728 1.13 -6.36 -28.52
N VAL A 729 1.62 -5.20 -28.88
CA VAL A 729 3.05 -4.92 -28.88
C VAL A 729 3.42 -3.88 -27.85
N SER A 730 2.61 -2.86 -27.67
CA SER A 730 2.91 -1.80 -26.73
C SER A 730 1.63 -1.33 -26.07
N MET A 731 1.79 -0.60 -24.98
CA MET A 731 0.67 0.02 -24.30
C MET A 731 0.93 1.51 -24.20
N THR A 732 -0.04 2.23 -23.67
CA THR A 732 0.07 3.67 -23.53
C THR A 732 1.16 4.11 -22.57
N LYS A 733 1.98 5.08 -22.98
CA LYS A 733 3.02 5.61 -22.12
C LYS A 733 2.43 6.73 -21.30
N THR A 734 2.62 6.71 -20.00
CA THR A 734 2.00 7.69 -19.12
C THR A 734 2.96 8.29 -18.12
N SER A 735 2.73 9.54 -17.74
CA SER A 735 3.55 10.18 -16.74
C SER A 735 2.62 10.80 -15.75
N VAL A 736 3.06 10.88 -14.50
CA VAL A 736 2.23 11.49 -13.47
C VAL A 736 2.91 12.61 -12.74
N ASP A 737 2.27 13.76 -12.64
CA ASP A 737 2.78 14.84 -11.82
C ASP A 737 2.17 14.66 -10.45
N CYS A 738 2.98 14.13 -9.52
CA CYS A 738 2.51 13.88 -8.16
C CYS A 738 1.90 15.10 -7.51
N THR A 739 2.62 16.21 -7.52
CA THR A 739 2.15 17.37 -6.80
C THR A 739 0.82 17.86 -7.34
N MET A 740 0.60 17.73 -8.64
CA MET A 740 -0.66 18.17 -9.22
C MET A 740 -1.79 17.21 -8.89
N TYR A 741 -1.48 15.92 -8.80
CA TYR A 741 -2.52 14.95 -8.48
C TYR A 741 -2.91 15.02 -7.01
N ILE A 742 -1.92 14.98 -6.13
CA ILE A 742 -2.19 14.92 -4.70
C ILE A 742 -2.64 16.28 -4.17
N CYS A 743 -1.98 17.34 -4.61
CA CYS A 743 -2.13 18.64 -3.99
C CYS A 743 -2.83 19.66 -4.86
N GLY A 744 -2.82 19.49 -6.18
CA GLY A 744 -3.41 20.51 -7.02
C GLY A 744 -2.60 21.78 -6.94
N ASP A 745 -3.30 22.91 -6.81
CA ASP A 745 -2.67 24.22 -6.72
C ASP A 745 -2.42 24.65 -5.28
N SER A 746 -2.57 23.77 -4.32
CA SER A 746 -2.42 24.13 -2.91
C SER A 746 -0.94 24.22 -2.56
N THR A 747 -0.54 25.34 -1.97
CA THR A 747 0.85 25.49 -1.53
C THR A 747 1.08 24.79 -0.21
N GLU A 748 0.11 24.84 0.69
CA GLU A 748 0.23 24.16 1.96
C GLU A 748 0.35 22.65 1.77
N CYS A 749 -0.46 22.09 0.88
CA CYS A 749 -0.34 20.67 0.60
C CYS A 749 1.01 20.32 0.02
N SER A 750 1.58 21.19 -0.82
CA SER A 750 2.89 20.92 -1.39
C SER A 750 3.96 20.92 -0.30
N ASN A 751 3.93 21.92 0.58
CA ASN A 751 4.88 21.96 1.66
C ASN A 751 4.74 20.75 2.56
N LEU A 752 3.53 20.25 2.76
CA LEU A 752 3.35 19.04 3.54
C LEU A 752 3.81 17.81 2.77
N LEU A 753 3.72 17.84 1.45
CA LEU A 753 4.10 16.70 0.63
C LEU A 753 5.60 16.57 0.48
N LEU A 754 6.35 17.65 0.74
CA LEU A 754 7.80 17.55 0.67
C LEU A 754 8.38 16.44 1.54
N GLN A 755 7.59 15.88 2.46
CA GLN A 755 8.05 14.74 3.25
C GLN A 755 8.08 13.45 2.44
N TYR A 756 7.23 13.36 1.42
CA TYR A 756 7.04 12.14 0.64
C TYR A 756 7.69 12.21 -0.73
N GLY A 757 8.82 12.92 -0.85
CA GLY A 757 9.40 13.16 -2.16
C GLY A 757 10.04 11.93 -2.78
N SER A 758 10.65 11.08 -1.94
CA SER A 758 11.24 9.85 -2.45
C SER A 758 10.20 8.96 -3.10
N PHE A 759 8.98 8.96 -2.56
CA PHE A 759 7.94 8.08 -3.07
C PHE A 759 7.48 8.53 -4.45
N CYS A 760 7.41 9.82 -4.68
CA CYS A 760 7.04 10.32 -6.00
C CYS A 760 8.14 10.14 -7.02
N THR A 761 9.39 10.36 -6.62
CA THR A 761 10.49 10.03 -7.51
C THR A 761 10.46 8.56 -7.89
N GLN A 762 10.11 7.70 -6.93
CA GLN A 762 10.04 6.27 -7.19
C GLN A 762 8.92 5.94 -8.17
N LEU A 763 7.73 6.50 -7.96
CA LEU A 763 6.63 6.29 -8.89
C LEU A 763 7.00 6.70 -10.29
N ASN A 764 7.59 7.87 -10.45
CA ASN A 764 7.91 8.34 -11.78
C ASN A 764 9.06 7.56 -12.40
N ARG A 765 9.97 7.04 -11.58
CA ARG A 765 11.00 6.15 -12.08
C ARG A 765 10.39 4.90 -12.70
N ALA A 766 9.44 4.29 -12.00
CA ALA A 766 8.78 3.11 -12.53
C ALA A 766 8.01 3.42 -13.82
N LEU A 767 7.28 4.53 -13.85
CA LEU A 767 6.54 4.88 -15.05
C LEU A 767 7.47 5.16 -16.23
N THR A 768 8.61 5.81 -15.98
CA THR A 768 9.56 6.07 -17.04
C THR A 768 10.15 4.79 -17.59
N GLY A 769 10.43 3.83 -16.71
CA GLY A 769 10.86 2.52 -17.19
C GLY A 769 9.84 1.90 -18.10
N ILE A 770 8.56 1.95 -17.71
CA ILE A 770 7.51 1.38 -18.55
C ILE A 770 7.47 2.06 -19.91
N ALA A 771 7.66 3.38 -19.94
CA ALA A 771 7.55 4.11 -21.21
C ALA A 771 8.69 3.75 -22.16
N VAL A 772 9.92 3.77 -21.67
CA VAL A 772 11.02 3.40 -22.56
C VAL A 772 10.89 1.94 -22.97
N GLU A 773 10.28 1.11 -22.14
CA GLU A 773 10.09 -0.28 -22.53
C GLU A 773 9.05 -0.40 -23.63
N GLN A 774 8.02 0.44 -23.63
CA GLN A 774 7.06 0.42 -24.73
C GLN A 774 7.76 0.74 -26.05
N ASP A 775 8.62 1.74 -26.03
CA ASP A 775 9.34 2.07 -27.26
C ASP A 775 10.27 0.94 -27.68
N LYS A 776 10.90 0.27 -26.71
CA LYS A 776 11.78 -0.85 -27.04
C LYS A 776 11.00 -2.03 -27.58
N ASN A 777 9.77 -2.24 -27.09
CA ASN A 777 8.92 -3.29 -27.63
C ASN A 777 8.65 -3.06 -29.10
N THR A 778 8.22 -1.85 -29.44
CA THR A 778 7.94 -1.56 -30.85
C THR A 778 9.19 -1.70 -31.70
N GLN A 779 10.34 -1.27 -31.18
CA GLN A 779 11.59 -1.45 -31.91
C GLN A 779 11.86 -2.93 -32.17
N GLU A 780 11.83 -3.75 -31.13
CA GLU A 780 12.21 -5.14 -31.29
C GLU A 780 11.24 -5.89 -32.17
N VAL A 781 10.01 -5.42 -32.30
CA VAL A 781 9.11 -6.14 -33.20
C VAL A 781 9.27 -5.67 -34.64
N PHE A 782 9.39 -4.36 -34.87
CA PHE A 782 9.27 -3.88 -36.24
C PHE A 782 10.60 -3.52 -36.90
N ALA A 783 11.63 -3.15 -36.16
CA ALA A 783 12.86 -2.65 -36.74
C ALA A 783 13.92 -3.73 -36.86
N GLN A 784 13.51 -4.97 -37.11
CA GLN A 784 14.47 -6.06 -37.26
C GLN A 784 15.33 -5.87 -38.50
N VAL A 785 14.72 -5.44 -39.60
CA VAL A 785 15.45 -5.13 -40.82
C VAL A 785 15.78 -3.65 -40.82
N LYS A 786 17.03 -3.34 -41.16
CA LYS A 786 17.48 -1.96 -41.21
C LYS A 786 17.73 -1.47 -42.62
N GLN A 787 17.30 -2.25 -43.61
CA GLN A 787 17.23 -1.80 -44.98
C GLN A 787 15.76 -1.62 -45.33
N ILE A 788 15.41 -0.46 -45.85
CA ILE A 788 14.03 -0.16 -46.22
C ILE A 788 13.88 -0.56 -47.68
N TYR A 789 13.50 -1.82 -47.90
CA TYR A 789 13.34 -2.32 -49.26
C TYR A 789 12.12 -1.69 -49.90
N LYS A 790 12.30 -1.15 -51.10
CA LYS A 790 11.21 -0.57 -51.84
C LYS A 790 10.42 -1.66 -52.55
N THR A 791 9.15 -1.40 -52.75
CA THR A 791 8.31 -2.35 -53.43
C THR A 791 8.63 -2.34 -54.92
N PRO A 792 8.75 -3.51 -55.54
CA PRO A 792 9.06 -3.56 -56.98
C PRO A 792 8.00 -2.85 -57.79
N PRO A 793 8.38 -2.22 -58.90
CA PRO A 793 7.44 -1.32 -59.59
C PRO A 793 6.22 -2.03 -60.14
N ILE A 794 6.40 -3.00 -61.03
CA ILE A 794 5.30 -3.74 -61.62
C ILE A 794 5.30 -5.14 -61.02
N LYS A 795 4.14 -5.56 -60.52
CA LYS A 795 4.02 -6.77 -59.73
C LYS A 795 3.75 -7.96 -60.66
N ASP A 796 4.77 -8.79 -60.87
CA ASP A 796 4.64 -10.05 -61.62
C ASP A 796 5.06 -11.19 -60.70
N PHE A 797 4.13 -11.63 -59.85
CA PHE A 797 4.43 -12.63 -58.84
C PHE A 797 3.75 -13.96 -59.12
N GLY A 798 3.75 -14.41 -60.37
CA GLY A 798 3.21 -15.71 -60.70
C GLY A 798 1.72 -15.85 -60.49
N GLY A 799 0.99 -14.74 -60.48
CA GLY A 799 -0.44 -14.78 -60.26
C GLY A 799 -0.85 -14.52 -58.84
N PHE A 800 0.09 -14.44 -57.91
CA PHE A 800 -0.21 -14.06 -56.54
C PHE A 800 -0.41 -12.56 -56.48
N ASN A 801 -1.50 -12.15 -55.87
CA ASN A 801 -1.82 -10.74 -55.78
C ASN A 801 -1.62 -10.21 -54.38
N PHE A 802 -0.76 -9.23 -54.24
CA PHE A 802 -0.46 -8.62 -52.97
C PHE A 802 -0.98 -7.20 -52.85
N SER A 803 -1.97 -6.82 -53.65
CA SER A 803 -2.43 -5.43 -53.66
C SER A 803 -3.05 -5.04 -52.33
N GLN A 804 -3.72 -5.98 -51.66
CA GLN A 804 -4.43 -5.63 -50.45
C GLN A 804 -3.48 -5.37 -49.29
N ILE A 805 -2.26 -5.91 -49.38
CA ILE A 805 -1.33 -5.80 -48.26
C ILE A 805 -0.10 -4.97 -48.59
N LEU A 806 0.04 -4.54 -49.76
CA LEU A 806 1.19 -3.69 -50.00
C LEU A 806 0.82 -2.24 -49.86
N PRO A 807 1.76 -1.36 -49.52
CA PRO A 807 1.42 0.04 -49.24
C PRO A 807 0.69 0.70 -50.40
N ASP A 808 -0.20 1.61 -50.04
CA ASP A 808 -1.08 2.27 -50.99
C ASP A 808 -0.70 3.74 -51.08
N PRO A 809 -0.20 4.22 -52.22
CA PRO A 809 0.20 5.64 -52.30
C PRO A 809 -0.97 6.59 -52.48
N SER A 810 -2.13 6.11 -52.93
CA SER A 810 -3.29 7.00 -53.07
C SER A 810 -3.65 7.63 -51.74
N LYS A 811 -3.40 6.93 -50.65
CA LYS A 811 -3.81 7.38 -49.35
C LYS A 811 -2.74 8.28 -48.72
N PRO A 812 -3.15 9.21 -47.84
CA PRO A 812 -2.15 10.06 -47.18
C PRO A 812 -1.09 9.26 -46.45
N SER A 813 -1.51 8.30 -45.64
CA SER A 813 -0.57 7.34 -45.05
C SER A 813 -0.21 6.29 -46.09
N LYS A 814 1.04 5.85 -46.06
CA LYS A 814 1.48 4.78 -46.95
C LYS A 814 1.10 3.44 -46.33
N ARG A 815 -0.17 3.32 -46.00
CA ARG A 815 -0.73 2.14 -45.38
C ARG A 815 -1.46 1.30 -46.41
N SER A 816 -1.42 -0.01 -46.23
CA SER A 816 -2.12 -0.90 -47.13
C SER A 816 -3.61 -0.86 -46.86
N PHE A 817 -4.36 -1.54 -47.72
CA PHE A 817 -5.81 -1.60 -47.56
C PHE A 817 -6.19 -2.28 -46.25
N ILE A 818 -5.60 -3.44 -45.96
CA ILE A 818 -5.95 -4.19 -44.77
C ILE A 818 -5.49 -3.46 -43.52
N GLU A 819 -4.38 -2.75 -43.61
CA GLU A 819 -3.93 -1.94 -42.48
C GLU A 819 -4.93 -0.83 -42.17
N ASP A 820 -5.58 -0.27 -43.18
CA ASP A 820 -6.61 0.72 -42.91
C ASP A 820 -7.84 0.10 -42.28
N LEU A 821 -8.26 -1.06 -42.79
CA LEU A 821 -9.33 -1.78 -42.11
C LEU A 821 -9.00 -2.03 -40.65
N LEU A 822 -7.72 -2.32 -40.36
CA LEU A 822 -7.31 -2.59 -38.99
C LEU A 822 -7.31 -1.33 -38.15
N PHE A 823 -6.91 -0.20 -38.73
CA PHE A 823 -6.86 1.04 -37.96
C PHE A 823 -8.23 1.65 -37.76
N ASN A 824 -9.21 1.29 -38.56
CA ASN A 824 -10.56 1.77 -38.32
C ASN A 824 -11.29 0.97 -37.26
N LYS A 825 -10.79 -0.23 -36.92
CA LYS A 825 -11.45 -1.06 -35.92
C LYS A 825 -11.11 -0.60 -34.52
N VAL A 826 -9.82 -0.43 -34.23
CA VAL A 826 -9.40 -0.06 -32.88
C VAL A 826 -9.56 1.44 -32.70
N THR A 827 -10.35 1.83 -31.72
CA THR A 827 -10.59 3.24 -31.43
C THR A 827 -9.75 3.62 -30.21
N LEU A 828 -9.12 4.79 -30.28
CA LEU A 828 -8.22 5.23 -29.22
C LEU A 828 -8.88 6.31 -28.36
N ALA A 829 -8.30 6.51 -27.17
CA ALA A 829 -8.85 7.50 -26.24
C ALA A 829 -8.74 8.91 -26.79
N ASP A 830 -7.58 9.25 -27.36
CA ASP A 830 -7.38 10.57 -27.95
C ASP A 830 -6.28 10.49 -28.99
N ALA A 831 -6.52 11.11 -30.14
CA ALA A 831 -5.54 11.18 -31.21
C ALA A 831 -4.96 12.57 -31.30
N GLY A 832 -3.63 12.65 -31.31
CA GLY A 832 -2.94 13.91 -31.52
C GLY A 832 -1.89 14.22 -30.48
N PHE A 833 -2.15 13.90 -29.22
CA PHE A 833 -1.28 14.13 -28.09
C PHE A 833 -1.01 15.61 -27.82
N ILE A 834 -1.72 16.51 -28.47
CA ILE A 834 -1.64 17.95 -28.17
C ILE A 834 -3.05 18.45 -27.96
N LYS A 835 -3.48 18.51 -26.70
CA LYS A 835 -4.71 19.17 -26.30
C LYS A 835 -4.35 20.43 -25.55
N GLN A 836 -4.71 21.57 -26.11
CA GLN A 836 -4.25 22.85 -25.58
C GLN A 836 -5.11 23.31 -24.42
N TYR A 837 -4.55 24.22 -23.64
CA TYR A 837 -5.26 24.76 -22.49
C TYR A 837 -6.53 25.49 -22.91
N GLY A 838 -6.47 26.24 -24.01
CA GLY A 838 -7.65 26.93 -24.48
C GLY A 838 -8.75 26.01 -24.95
N ASP A 839 -8.43 24.73 -25.19
CA ASP A 839 -9.45 23.77 -25.55
C ASP A 839 -10.16 23.20 -24.32
N CYS A 840 -9.41 23.01 -23.24
CA CYS A 840 -9.98 22.53 -21.99
C CYS A 840 -10.57 23.65 -21.15
N LEU A 841 -10.57 24.89 -21.64
CA LEU A 841 -11.02 26.02 -20.84
C LEU A 841 -12.53 26.08 -20.79
N GLY A 842 -13.08 26.03 -19.59
CA GLY A 842 -14.52 26.03 -19.39
C GLY A 842 -15.02 24.72 -18.82
N ASP A 843 -16.32 24.48 -19.01
CA ASP A 843 -16.94 23.24 -18.55
C ASP A 843 -16.54 22.04 -19.41
N ILE A 844 -15.89 22.27 -20.53
CA ILE A 844 -15.31 21.18 -21.30
C ILE A 844 -14.32 20.40 -20.45
N ALA A 845 -13.74 21.05 -19.44
CA ALA A 845 -12.83 20.37 -18.53
C ALA A 845 -13.54 19.25 -17.79
N ALA A 846 -14.71 19.54 -17.22
CA ALA A 846 -15.46 18.50 -16.53
C ALA A 846 -16.04 17.50 -17.51
N ARG A 847 -16.47 17.97 -18.68
CA ARG A 847 -17.11 17.05 -19.62
C ARG A 847 -16.11 16.08 -20.22
N ASP A 848 -15.00 16.57 -20.76
CA ASP A 848 -14.04 15.69 -21.41
C ASP A 848 -13.25 14.91 -20.37
N LEU A 849 -12.96 13.65 -20.68
CA LEU A 849 -12.20 12.82 -19.76
C LEU A 849 -10.72 13.16 -19.79
N ILE A 850 -10.20 13.44 -20.99
CA ILE A 850 -8.78 13.75 -21.11
C ILE A 850 -8.46 15.06 -20.42
N CYS A 851 -9.36 16.04 -20.51
CA CYS A 851 -9.13 17.29 -19.79
C CYS A 851 -9.10 17.05 -18.29
N ALA A 852 -10.01 16.22 -17.78
CA ALA A 852 -10.02 15.93 -16.35
C ALA A 852 -8.75 15.21 -15.94
N GLN A 853 -8.21 14.36 -16.80
CA GLN A 853 -6.93 13.71 -16.49
C GLN A 853 -5.78 14.71 -16.49
N LYS A 854 -5.75 15.61 -17.46
CA LYS A 854 -4.63 16.53 -17.57
C LYS A 854 -4.65 17.57 -16.46
N PHE A 855 -5.84 17.95 -16.00
CA PHE A 855 -5.92 18.93 -14.94
C PHE A 855 -5.50 18.34 -13.60
N ASN A 856 -5.33 17.03 -13.53
CA ASN A 856 -4.93 16.36 -12.30
C ASN A 856 -3.60 15.66 -12.43
N GLY A 857 -2.75 16.13 -13.32
CA GLY A 857 -1.42 15.59 -13.45
C GLY A 857 -1.17 14.35 -14.26
N LEU A 858 -2.16 13.87 -15.00
CA LEU A 858 -1.99 12.63 -15.71
C LEU A 858 -1.78 12.89 -17.18
N THR A 859 -0.68 12.42 -17.73
CA THR A 859 -0.36 12.70 -19.12
C THR A 859 -0.08 11.48 -19.93
N VAL A 860 -0.43 11.51 -21.20
CA VAL A 860 -0.12 10.41 -22.09
C VAL A 860 0.99 10.92 -22.98
N LEU A 861 2.12 10.21 -23.01
CA LEU A 861 3.26 10.64 -23.78
C LEU A 861 3.27 9.97 -25.13
N PRO A 862 3.53 10.73 -26.19
CA PRO A 862 3.43 10.07 -27.50
C PRO A 862 4.46 8.94 -27.74
N PRO A 863 4.13 7.90 -28.56
CA PRO A 863 5.17 6.92 -28.89
C PRO A 863 6.24 7.50 -29.80
N LEU A 864 7.42 6.89 -29.76
CA LEU A 864 8.55 7.42 -30.52
C LEU A 864 8.39 7.19 -32.01
N LEU A 865 7.92 6.01 -32.40
CA LEU A 865 7.66 5.71 -33.80
C LEU A 865 6.23 6.09 -34.14
N THR A 866 6.07 6.89 -35.18
CA THR A 866 4.74 7.22 -35.64
C THR A 866 4.12 6.00 -36.31
N ASP A 867 2.84 6.12 -36.67
CA ASP A 867 2.20 5.01 -37.37
C ASP A 867 2.71 4.90 -38.80
N GLU A 868 3.10 6.02 -39.41
CA GLU A 868 3.70 5.98 -40.74
C GLU A 868 5.03 5.23 -40.72
N MET A 869 5.82 5.42 -39.67
CA MET A 869 7.10 4.73 -39.61
C MET A 869 6.91 3.24 -39.43
N ILE A 870 5.95 2.83 -38.59
CA ILE A 870 5.66 1.42 -38.43
C ILE A 870 5.14 0.83 -39.73
N ALA A 871 4.38 1.63 -40.49
CA ALA A 871 3.92 1.17 -41.79
C ALA A 871 5.07 1.03 -42.77
N GLN A 872 6.05 1.92 -42.72
CA GLN A 872 7.22 1.76 -43.58
C GLN A 872 8.00 0.50 -43.21
N TYR A 873 8.12 0.22 -41.92
CA TYR A 873 8.78 -1.01 -41.50
C TYR A 873 8.05 -2.24 -42.02
N THR A 874 6.72 -2.26 -41.91
CA THR A 874 6.00 -3.43 -42.39
C THR A 874 6.05 -3.54 -43.91
N SER A 875 6.07 -2.43 -44.62
CA SER A 875 6.20 -2.53 -46.07
C SER A 875 7.59 -2.98 -46.46
N ALA A 876 8.61 -2.63 -45.69
CA ALA A 876 9.94 -3.15 -45.97
C ALA A 876 10.00 -4.65 -45.72
N LEU A 877 9.36 -5.12 -44.65
CA LEU A 877 9.31 -6.55 -44.40
C LEU A 877 8.57 -7.29 -45.51
N LEU A 878 7.49 -6.70 -46.00
CA LEU A 878 6.74 -7.33 -47.10
C LEU A 878 7.56 -7.34 -48.38
N ALA A 879 8.23 -6.25 -48.70
CA ALA A 879 9.01 -6.21 -49.93
C ALA A 879 10.22 -7.11 -49.85
N GLY A 880 10.75 -7.33 -48.65
CA GLY A 880 11.85 -8.26 -48.52
C GLY A 880 11.41 -9.71 -48.60
N THR A 881 10.24 -10.02 -48.03
CA THR A 881 9.76 -11.39 -48.08
C THR A 881 9.12 -11.76 -49.40
N ILE A 882 8.72 -10.78 -50.20
CA ILE A 882 8.08 -11.07 -51.47
C ILE A 882 9.11 -11.30 -52.56
N THR A 883 10.18 -10.52 -52.54
CA THR A 883 11.16 -10.54 -53.63
C THR A 883 12.39 -11.35 -53.32
N SER A 884 12.69 -11.63 -52.06
CA SER A 884 13.91 -12.31 -51.71
C SER A 884 13.70 -13.56 -50.86
N GLY A 885 12.47 -13.91 -50.56
CA GLY A 885 12.24 -15.09 -49.75
C GLY A 885 12.66 -14.82 -48.32
N TRP A 886 13.35 -15.78 -47.72
CA TRP A 886 13.89 -15.60 -46.38
C TRP A 886 15.32 -15.10 -46.37
N THR A 887 15.89 -14.84 -47.54
CA THR A 887 17.31 -14.54 -47.59
C THR A 887 17.61 -13.19 -46.96
N PHE A 888 16.67 -12.26 -46.99
CA PHE A 888 16.96 -10.93 -46.46
C PHE A 888 17.07 -10.93 -44.95
N GLY A 889 16.53 -11.94 -44.28
CA GLY A 889 16.65 -12.00 -42.84
C GLY A 889 17.98 -12.56 -42.37
N ALA A 890 18.70 -13.25 -43.26
CA ALA A 890 19.96 -13.87 -42.89
C ALA A 890 21.17 -13.12 -43.40
N GLY A 891 20.98 -12.14 -44.27
CA GLY A 891 22.09 -11.40 -44.84
C GLY A 891 21.61 -10.38 -45.85
N ALA A 892 22.25 -10.32 -47.01
CA ALA A 892 21.76 -9.48 -48.08
C ALA A 892 20.58 -10.15 -48.77
N ALA A 893 19.60 -9.36 -49.16
CA ALA A 893 18.45 -9.88 -49.87
C ALA A 893 18.87 -10.35 -51.26
N LEU A 894 18.63 -11.62 -51.55
CA LEU A 894 18.92 -12.20 -52.86
C LEU A 894 17.61 -12.44 -53.58
N GLN A 895 17.40 -11.77 -54.70
CA GLN A 895 16.14 -11.89 -55.40
C GLN A 895 15.93 -13.32 -55.91
N ILE A 896 14.67 -13.69 -56.06
CA ILE A 896 14.28 -15.01 -56.54
C ILE A 896 12.84 -14.90 -57.02
N PRO A 897 12.49 -15.48 -58.17
CA PRO A 897 11.10 -15.40 -58.62
C PRO A 897 10.15 -16.01 -57.62
N PHE A 898 8.99 -15.37 -57.44
CA PHE A 898 8.12 -15.73 -56.33
C PHE A 898 7.63 -17.17 -56.42
N ALA A 899 7.33 -17.65 -57.62
CA ALA A 899 6.91 -19.04 -57.74
C ALA A 899 8.03 -20.00 -57.38
N MET A 900 9.27 -19.64 -57.68
CA MET A 900 10.39 -20.47 -57.25
C MET A 900 10.52 -20.46 -55.72
N GLN A 901 10.22 -19.33 -55.10
CA GLN A 901 10.24 -19.28 -53.64
C GLN A 901 9.13 -20.13 -53.06
N MET A 902 7.96 -20.13 -53.70
CA MET A 902 6.89 -21.00 -53.24
C MET A 902 7.25 -22.46 -53.42
N ALA A 903 8.01 -22.79 -54.46
CA ALA A 903 8.46 -24.16 -54.62
C ALA A 903 9.42 -24.56 -53.51
N TYR A 904 10.37 -23.68 -53.19
CA TYR A 904 11.19 -23.88 -51.99
C TYR A 904 10.34 -24.20 -50.78
N ARG A 905 9.33 -23.37 -50.53
CA ARG A 905 8.54 -23.54 -49.31
C ARG A 905 7.69 -24.80 -49.35
N PHE A 906 7.24 -25.21 -50.53
CA PHE A 906 6.55 -26.49 -50.65
C PHE A 906 7.50 -27.63 -50.32
N ASN A 907 8.76 -27.52 -50.74
CA ASN A 907 9.76 -28.46 -50.27
C ASN A 907 9.88 -28.44 -48.75
N GLY A 908 9.76 -27.25 -48.16
CA GLY A 908 9.93 -27.12 -46.74
C GLY A 908 8.93 -27.88 -45.90
N ILE A 909 7.81 -28.30 -46.48
CA ILE A 909 6.78 -29.03 -45.75
C ILE A 909 6.61 -30.45 -46.27
N GLY A 910 7.53 -30.92 -47.09
CA GLY A 910 7.46 -32.28 -47.58
C GLY A 910 6.56 -32.51 -48.78
N VAL A 911 6.45 -31.52 -49.67
CA VAL A 911 5.73 -31.67 -50.93
C VAL A 911 6.69 -31.31 -52.04
N THR A 912 6.83 -32.20 -53.02
CA THR A 912 7.77 -31.96 -54.10
C THR A 912 7.33 -30.74 -54.91
N GLN A 913 8.30 -29.99 -55.40
CA GLN A 913 8.03 -28.69 -56.01
C GLN A 913 7.21 -28.82 -57.28
N ASN A 914 7.24 -29.98 -57.93
CA ASN A 914 6.43 -30.15 -59.13
C ASN A 914 4.96 -29.98 -58.81
N VAL A 915 4.54 -30.29 -57.58
CA VAL A 915 3.14 -30.08 -57.20
C VAL A 915 2.78 -28.62 -57.31
N LEU A 916 3.64 -27.75 -56.79
CA LEU A 916 3.42 -26.31 -56.93
C LEU A 916 3.44 -25.89 -58.39
N TYR A 917 4.44 -26.32 -59.15
CA TYR A 917 4.51 -25.85 -60.53
C TYR A 917 3.37 -26.37 -61.38
N GLU A 918 2.74 -27.47 -60.99
CA GLU A 918 1.64 -28.01 -61.74
C GLU A 918 0.29 -27.47 -61.29
N ASN A 919 0.20 -26.97 -60.06
CA ASN A 919 -1.01 -26.31 -59.61
C ASN A 919 -0.77 -24.84 -59.32
N GLN A 920 0.16 -24.21 -60.04
CA GLN A 920 0.50 -22.82 -59.79
C GLN A 920 -0.71 -21.92 -59.83
N LYS A 921 -1.51 -21.99 -60.89
CA LYS A 921 -2.64 -21.08 -61.02
C LYS A 921 -3.69 -21.34 -59.96
N LEU A 922 -4.00 -22.61 -59.70
CA LEU A 922 -4.97 -22.94 -58.67
C LEU A 922 -4.50 -22.46 -57.30
N ILE A 923 -3.22 -22.63 -56.99
CA ILE A 923 -2.69 -22.21 -55.70
C ILE A 923 -2.72 -20.69 -55.58
N ALA A 924 -2.37 -19.98 -56.65
CA ALA A 924 -2.44 -18.53 -56.62
C ALA A 924 -3.87 -18.05 -56.43
N ASN A 925 -4.83 -18.72 -57.07
CA ASN A 925 -6.22 -18.33 -56.91
C ASN A 925 -6.70 -18.59 -55.49
N GLN A 926 -6.30 -19.71 -54.90
CA GLN A 926 -6.68 -20.01 -53.53
C GLN A 926 -6.11 -18.97 -52.58
N PHE A 927 -4.85 -18.58 -52.77
CA PHE A 927 -4.26 -17.54 -51.95
C PHE A 927 -5.01 -16.23 -52.11
N ASN A 928 -5.36 -15.87 -53.34
CA ASN A 928 -6.03 -14.61 -53.59
C ASN A 928 -7.41 -14.59 -52.91
N SER A 929 -8.15 -15.69 -53.02
CA SER A 929 -9.46 -15.72 -52.40
C SER A 929 -9.35 -15.74 -50.88
N ALA A 930 -8.30 -16.36 -50.34
CA ALA A 930 -8.14 -16.36 -48.89
C ALA A 930 -7.82 -14.95 -48.39
N ILE A 931 -6.98 -14.21 -49.12
CA ILE A 931 -6.71 -12.82 -48.77
C ILE A 931 -7.99 -11.99 -48.86
N GLY A 932 -8.79 -12.22 -49.89
CA GLY A 932 -10.04 -11.50 -50.02
C GLY A 932 -11.01 -11.80 -48.90
N LYS A 933 -11.05 -13.06 -48.46
CA LYS A 933 -11.91 -13.42 -47.34
C LYS A 933 -11.44 -12.76 -46.06
N ILE A 934 -10.12 -12.68 -45.86
CA ILE A 934 -9.59 -11.94 -44.71
C ILE A 934 -10.07 -10.50 -44.76
N GLN A 935 -9.93 -9.87 -45.92
CA GLN A 935 -10.30 -8.46 -46.04
C GLN A 935 -11.78 -8.25 -45.79
N ASP A 936 -12.62 -9.15 -46.30
CA ASP A 936 -14.06 -9.00 -46.10
C ASP A 936 -14.46 -9.25 -44.66
N SER A 937 -13.91 -10.29 -44.03
CA SER A 937 -14.20 -10.51 -42.62
C SER A 937 -13.77 -9.32 -41.77
N LEU A 938 -12.68 -8.68 -42.14
CA LEU A 938 -12.27 -7.50 -41.38
C LEU A 938 -13.20 -6.33 -41.64
N SER A 939 -13.63 -6.16 -42.88
CA SER A 939 -14.46 -5.01 -43.20
C SER A 939 -15.90 -5.17 -42.72
N SER A 940 -16.31 -6.38 -42.36
CA SER A 940 -17.69 -6.61 -41.89
C SER A 940 -17.79 -6.50 -40.38
N THR A 941 -17.09 -7.35 -39.65
CA THR A 941 -17.18 -7.34 -38.20
C THR A 941 -16.42 -6.17 -37.62
N ALA A 942 -16.90 -5.66 -36.48
CA ALA A 942 -16.31 -4.48 -35.85
C ALA A 942 -15.44 -4.80 -34.65
N SER A 943 -15.65 -5.95 -34.00
CA SER A 943 -14.91 -6.32 -32.80
C SER A 943 -13.97 -7.49 -33.03
N ALA A 944 -13.30 -7.54 -34.19
CA ALA A 944 -12.34 -8.60 -34.44
C ALA A 944 -11.04 -8.35 -33.67
N LEU A 945 -10.64 -7.09 -33.51
CA LEU A 945 -9.40 -6.76 -32.83
C LEU A 945 -9.63 -6.52 -31.34
N GLY A 946 -10.12 -7.58 -30.69
CA GLY A 946 -10.52 -7.44 -29.30
C GLY A 946 -9.35 -7.19 -28.37
N LYS A 947 -8.19 -7.77 -28.65
CA LYS A 947 -7.07 -7.68 -27.73
C LYS A 947 -6.48 -6.27 -27.69
N LEU A 948 -6.32 -5.65 -28.85
CA LEU A 948 -5.79 -4.29 -28.89
C LEU A 948 -6.76 -3.31 -28.26
N GLN A 949 -8.05 -3.46 -28.56
CA GLN A 949 -9.04 -2.61 -27.92
C GLN A 949 -9.05 -2.84 -26.41
N ASP A 950 -8.78 -4.06 -25.95
CA ASP A 950 -8.76 -4.30 -24.52
C ASP A 950 -7.58 -3.60 -23.87
N VAL A 951 -6.43 -3.59 -24.54
CA VAL A 951 -5.29 -2.83 -24.02
C VAL A 951 -5.63 -1.35 -23.90
N VAL A 952 -6.20 -0.77 -24.96
CA VAL A 952 -6.56 0.64 -24.94
C VAL A 952 -7.56 0.91 -23.82
N ASN A 953 -8.60 0.08 -23.72
CA ASN A 953 -9.63 0.26 -22.71
C ASN A 953 -9.08 0.16 -21.31
N GLN A 954 -8.15 -0.77 -21.08
CA GLN A 954 -7.61 -0.93 -19.74
C GLN A 954 -6.80 0.27 -19.33
N ASN A 955 -5.98 0.80 -20.24
CA ASN A 955 -5.22 1.99 -19.87
C ASN A 955 -6.13 3.17 -19.58
N ALA A 956 -7.13 3.39 -20.45
CA ALA A 956 -8.05 4.49 -20.23
C ALA A 956 -8.81 4.34 -18.92
N GLN A 957 -9.24 3.13 -18.61
CA GLN A 957 -10.00 2.91 -17.39
C GLN A 957 -9.13 3.10 -16.16
N ALA A 958 -7.86 2.69 -16.22
CA ALA A 958 -6.98 2.92 -15.09
C ALA A 958 -6.83 4.41 -14.82
N LEU A 959 -6.65 5.21 -15.87
CA LEU A 959 -6.51 6.64 -15.65
C LEU A 959 -7.81 7.27 -15.14
N ASN A 960 -8.95 6.83 -15.66
CA ASN A 960 -10.23 7.39 -15.20
C ASN A 960 -10.53 6.98 -13.76
N THR A 961 -10.18 5.76 -13.38
CA THR A 961 -10.34 5.35 -12.00
C THR A 961 -9.45 6.18 -11.09
N LEU A 962 -8.24 6.47 -11.54
CA LEU A 962 -7.35 7.29 -10.74
C LEU A 962 -7.92 8.68 -10.54
N VAL A 963 -8.58 9.23 -11.57
CA VAL A 963 -9.23 10.52 -11.41
C VAL A 963 -10.42 10.44 -10.47
N LYS A 964 -11.23 9.39 -10.58
CA LYS A 964 -12.41 9.28 -9.73
C LYS A 964 -12.03 9.07 -8.27
N GLN A 965 -10.89 8.45 -8.01
CA GLN A 965 -10.49 8.22 -6.62
C GLN A 965 -10.08 9.48 -5.91
N LEU A 966 -10.13 10.64 -6.57
CA LEU A 966 -9.90 11.91 -5.90
C LEU A 966 -11.08 12.36 -5.09
N SER A 967 -12.20 11.65 -5.16
CA SER A 967 -13.38 11.97 -4.38
C SER A 967 -13.44 11.21 -3.06
N SER A 968 -12.42 10.43 -2.74
CA SER A 968 -12.40 9.67 -1.50
C SER A 968 -11.94 10.56 -0.35
N ASN A 969 -12.60 10.40 0.81
CA ASN A 969 -12.22 11.16 1.98
C ASN A 969 -11.00 10.60 2.68
N PHE A 970 -10.80 9.28 2.60
CA PHE A 970 -9.72 8.59 3.28
C PHE A 970 -9.75 8.82 4.78
N GLY A 971 -10.90 9.14 5.35
CA GLY A 971 -11.01 9.42 6.76
C GLY A 971 -10.95 10.88 7.12
N ALA A 972 -10.75 11.77 6.16
CA ALA A 972 -10.76 13.20 6.43
C ALA A 972 -12.19 13.72 6.44
N ILE A 973 -12.35 14.96 6.90
CA ILE A 973 -13.68 15.55 6.95
C ILE A 973 -14.21 15.87 5.58
N SER A 974 -13.34 15.95 4.58
CA SER A 974 -13.74 16.26 3.21
C SER A 974 -12.69 15.69 2.27
N SER A 975 -13.04 15.59 1.00
CA SER A 975 -12.10 15.16 -0.01
C SER A 975 -11.56 16.31 -0.84
N VAL A 976 -11.87 17.54 -0.45
CA VAL A 976 -11.45 18.74 -1.16
C VAL A 976 -10.48 19.49 -0.27
N LEU A 977 -9.28 19.74 -0.76
CA LEU A 977 -8.30 20.46 0.04
C LEU A 977 -8.75 21.88 0.32
N ASN A 978 -9.49 22.50 -0.60
CA ASN A 978 -9.90 23.88 -0.40
C ASN A 978 -10.99 24.00 0.66
N ASP A 979 -11.86 23.00 0.77
CA ASP A 979 -12.82 22.98 1.87
C ASP A 979 -12.10 22.91 3.21
N ILE A 980 -11.17 21.97 3.35
CA ILE A 980 -10.41 21.83 4.58
C ILE A 980 -9.65 23.11 4.90
N LEU A 981 -9.01 23.69 3.89
CA LEU A 981 -8.21 24.89 4.11
C LEU A 981 -9.06 26.14 4.29
N SER A 982 -10.34 26.07 3.96
CA SER A 982 -11.24 27.17 4.25
C SER A 982 -11.79 27.09 5.67
N ARG A 983 -12.01 25.88 6.17
CA ARG A 983 -12.63 25.76 7.49
C ARG A 983 -11.64 25.69 8.63
N LEU A 984 -10.49 25.05 8.45
CA LEU A 984 -9.60 24.77 9.56
C LEU A 984 -8.32 25.56 9.45
N ASP A 985 -7.73 25.87 10.60
CA ASP A 985 -6.46 26.57 10.68
C ASP A 985 -5.32 25.61 10.38
N LYS A 986 -4.13 26.17 10.23
CA LYS A 986 -3.03 25.40 9.65
C LYS A 986 -2.56 24.26 10.55
N VAL A 987 -2.99 24.20 11.79
CA VAL A 987 -2.59 23.09 12.64
C VAL A 987 -3.66 21.99 12.67
N GLU A 988 -4.93 22.36 12.65
CA GLU A 988 -5.98 21.36 12.52
C GLU A 988 -6.15 20.89 11.09
N ALA A 989 -5.66 21.67 10.12
CA ALA A 989 -5.78 21.27 8.73
C ALA A 989 -4.79 20.18 8.36
N GLU A 990 -3.64 20.14 9.04
CA GLU A 990 -2.63 19.16 8.67
C GLU A 990 -3.07 17.74 9.02
N VAL A 991 -3.85 17.58 10.09
CA VAL A 991 -4.35 16.26 10.45
C VAL A 991 -5.17 15.68 9.30
N GLN A 992 -5.97 16.51 8.65
CA GLN A 992 -6.79 16.04 7.55
C GLN A 992 -6.01 15.95 6.25
N ILE A 993 -5.13 16.90 6.00
CA ILE A 993 -4.39 16.93 4.76
C ILE A 993 -3.42 15.76 4.69
N ASP A 994 -2.88 15.34 5.82
CA ASP A 994 -2.03 14.16 5.80
C ASP A 994 -2.82 12.90 5.49
N ARG A 995 -4.06 12.82 5.96
CA ARG A 995 -4.90 11.69 5.56
C ARG A 995 -5.13 11.69 4.06
N LEU A 996 -5.48 12.85 3.51
CA LEU A 996 -5.68 12.93 2.07
C LEU A 996 -4.42 12.59 1.31
N ILE A 997 -3.26 13.04 1.80
CA ILE A 997 -2.01 12.80 1.10
C ILE A 997 -1.66 11.32 1.12
N THR A 998 -1.78 10.69 2.29
CA THR A 998 -1.54 9.26 2.38
C THR A 998 -2.44 8.48 1.44
N GLY A 999 -3.74 8.80 1.43
CA GLY A 999 -4.65 8.09 0.57
C GLY A 999 -4.34 8.27 -0.90
N ARG A 1000 -4.04 9.49 -1.31
CA ARG A 1000 -3.80 9.74 -2.73
C ARG A 1000 -2.47 9.16 -3.19
N LEU A 1001 -1.46 9.20 -2.33
CA LEU A 1001 -0.21 8.52 -2.64
C LEU A 1001 -0.42 7.02 -2.77
N GLN A 1002 -1.27 6.44 -1.93
CA GLN A 1002 -1.56 5.01 -2.08
C GLN A 1002 -2.31 4.74 -3.37
N SER A 1003 -3.19 5.65 -3.79
CA SER A 1003 -3.85 5.50 -5.09
C SER A 1003 -2.84 5.47 -6.22
N LEU A 1004 -1.90 6.42 -6.20
CA LEU A 1004 -0.87 6.45 -7.24
C LEU A 1004 -0.01 5.20 -7.21
N GLN A 1005 0.30 4.72 -6.01
CA GLN A 1005 1.11 3.52 -5.88
C GLN A 1005 0.39 2.31 -6.46
N THR A 1006 -0.91 2.19 -6.20
CA THR A 1006 -1.68 1.11 -6.78
C THR A 1006 -1.70 1.19 -8.30
N TYR A 1007 -1.89 2.39 -8.83
CA TYR A 1007 -1.87 2.57 -10.27
C TYR A 1007 -0.53 2.13 -10.87
N VAL A 1008 0.57 2.54 -10.26
CA VAL A 1008 1.88 2.24 -10.82
C VAL A 1008 2.18 0.75 -10.71
N THR A 1009 1.80 0.12 -9.60
CA THR A 1009 2.00 -1.31 -9.46
C THR A 1009 1.24 -2.08 -10.52
N GLN A 1010 -0.01 -1.72 -10.76
CA GLN A 1010 -0.76 -2.40 -11.79
C GLN A 1010 -0.25 -2.11 -13.19
N GLN A 1011 0.33 -0.93 -13.41
CA GLN A 1011 0.94 -0.65 -14.70
C GLN A 1011 2.17 -1.50 -14.91
N LEU A 1012 2.96 -1.73 -13.87
CA LEU A 1012 4.10 -2.63 -13.99
C LEU A 1012 3.66 -4.05 -14.28
N ILE A 1013 2.63 -4.52 -13.61
CA ILE A 1013 2.15 -5.87 -13.86
C ILE A 1013 1.58 -6.01 -15.26
N ARG A 1014 0.93 -4.97 -15.79
CA ARG A 1014 0.44 -5.03 -17.15
C ARG A 1014 1.55 -4.88 -18.17
N ALA A 1015 2.59 -4.12 -17.85
CA ALA A 1015 3.70 -3.96 -18.78
C ALA A 1015 4.50 -5.23 -18.89
N ALA A 1016 4.58 -6.02 -17.83
CA ALA A 1016 5.22 -7.33 -17.95
C ALA A 1016 4.51 -8.22 -18.96
N GLU A 1017 3.18 -8.25 -18.92
CA GLU A 1017 2.42 -9.06 -19.86
C GLU A 1017 2.50 -8.51 -21.28
N ILE A 1018 2.43 -7.19 -21.45
CA ILE A 1018 2.62 -6.59 -22.77
C ILE A 1018 4.01 -6.90 -23.31
N ARG A 1019 5.01 -6.97 -22.43
CA ARG A 1019 6.35 -7.28 -22.90
C ARG A 1019 6.50 -8.75 -23.28
N ALA A 1020 5.82 -9.63 -22.57
CA ALA A 1020 5.78 -11.01 -23.01
C ALA A 1020 5.13 -11.14 -24.38
N SER A 1021 4.04 -10.42 -24.59
CA SER A 1021 3.38 -10.46 -25.89
C SER A 1021 4.25 -9.87 -26.98
N ALA A 1022 4.99 -8.80 -26.68
CA ALA A 1022 5.88 -8.19 -27.66
C ALA A 1022 7.07 -9.08 -27.97
N ASN A 1023 7.58 -9.82 -26.99
CA ASN A 1023 8.63 -10.80 -27.26
C ASN A 1023 8.11 -11.94 -28.12
N LEU A 1024 6.89 -12.39 -27.87
CA LEU A 1024 6.31 -13.40 -28.75
C LEU A 1024 6.13 -12.87 -30.16
N ALA A 1025 5.70 -11.62 -30.32
CA ALA A 1025 5.54 -11.05 -31.65
C ALA A 1025 6.89 -10.86 -32.33
N ALA A 1026 7.93 -10.52 -31.59
CA ALA A 1026 9.25 -10.42 -32.18
C ALA A 1026 9.82 -11.78 -32.55
N THR A 1027 9.42 -12.83 -31.85
CA THR A 1027 9.81 -14.17 -32.25
C THR A 1027 9.04 -14.63 -33.48
N LYS A 1028 7.76 -14.31 -33.56
CA LYS A 1028 6.97 -14.66 -34.73
C LYS A 1028 7.40 -13.89 -35.97
N MET A 1029 7.78 -12.62 -35.83
CA MET A 1029 8.35 -11.90 -36.95
C MET A 1029 9.55 -12.65 -37.51
N SER A 1030 10.57 -12.90 -36.68
CA SER A 1030 11.77 -13.58 -37.14
C SER A 1030 11.46 -14.97 -37.70
N GLU A 1031 10.66 -15.76 -37.01
CA GLU A 1031 10.53 -17.15 -37.40
C GLU A 1031 9.41 -17.42 -38.38
N CYS A 1032 8.64 -16.43 -38.77
CA CYS A 1032 7.58 -16.68 -39.73
C CYS A 1032 7.50 -15.68 -40.86
N VAL A 1033 8.02 -14.47 -40.71
CA VAL A 1033 8.15 -13.59 -41.85
C VAL A 1033 9.54 -13.69 -42.44
N LEU A 1034 10.55 -13.80 -41.59
CA LEU A 1034 11.93 -13.93 -42.03
C LEU A 1034 12.36 -15.37 -42.21
N GLY A 1035 11.42 -16.30 -42.20
CA GLY A 1035 11.76 -17.69 -42.42
C GLY A 1035 10.51 -18.52 -42.53
N GLN A 1036 10.70 -19.83 -42.63
CA GLN A 1036 9.62 -20.79 -42.63
C GLN A 1036 9.75 -21.67 -41.41
N SER A 1037 8.73 -21.69 -40.57
CA SER A 1037 8.80 -22.38 -39.29
C SER A 1037 8.29 -23.80 -39.42
N LYS A 1038 9.01 -24.73 -38.80
CA LYS A 1038 8.55 -26.11 -38.67
C LYS A 1038 7.84 -26.36 -37.35
N ARG A 1039 7.83 -25.40 -36.43
CA ARG A 1039 7.12 -25.57 -35.18
C ARG A 1039 5.62 -25.67 -35.43
N VAL A 1040 5.00 -26.70 -34.86
CA VAL A 1040 3.59 -26.95 -35.11
C VAL A 1040 2.75 -25.87 -34.43
N ASP A 1041 1.81 -25.31 -35.19
CA ASP A 1041 0.86 -24.31 -34.74
C ASP A 1041 1.51 -23.04 -34.21
N PHE A 1042 2.80 -22.83 -34.48
CA PHE A 1042 3.40 -21.57 -34.10
C PHE A 1042 2.93 -20.45 -35.01
N CYS A 1043 2.77 -20.72 -36.28
CA CYS A 1043 2.31 -19.73 -37.23
C CYS A 1043 1.18 -20.31 -38.07
N GLY A 1044 -0.03 -20.25 -37.53
CA GLY A 1044 -1.20 -20.76 -38.21
C GLY A 1044 -1.38 -22.25 -38.00
N LYS A 1045 -2.60 -22.70 -38.23
CA LYS A 1045 -2.92 -24.12 -38.18
C LYS A 1045 -2.72 -24.71 -39.57
N GLY A 1046 -1.84 -25.69 -39.67
CA GLY A 1046 -1.45 -26.31 -40.91
C GLY A 1046 0.04 -26.30 -41.04
N TYR A 1047 0.52 -26.60 -42.24
CA TYR A 1047 1.94 -26.57 -42.53
C TYR A 1047 2.29 -25.17 -43.00
N HIS A 1048 3.13 -24.48 -42.24
CA HIS A 1048 3.39 -23.07 -42.49
C HIS A 1048 4.12 -22.88 -43.81
N LEU A 1049 3.61 -21.99 -44.65
CA LEU A 1049 4.31 -21.57 -45.86
C LEU A 1049 5.02 -20.25 -45.67
N MET A 1050 4.29 -19.21 -45.27
CA MET A 1050 4.86 -17.88 -45.05
C MET A 1050 3.84 -17.04 -44.32
N SER A 1051 4.32 -15.92 -43.79
CA SER A 1051 3.49 -14.98 -43.06
C SER A 1051 3.79 -13.57 -43.52
N PHE A 1052 2.81 -12.68 -43.34
CA PHE A 1052 2.91 -11.29 -43.76
C PHE A 1052 2.53 -10.41 -42.59
N PRO A 1053 3.41 -9.51 -42.15
CA PRO A 1053 3.07 -8.65 -41.03
C PRO A 1053 2.25 -7.45 -41.46
N GLN A 1054 1.25 -7.12 -40.66
CA GLN A 1054 0.50 -5.89 -40.83
C GLN A 1054 0.50 -5.15 -39.52
N SER A 1055 0.61 -3.83 -39.58
CA SER A 1055 0.65 -3.01 -38.38
C SER A 1055 -0.75 -2.62 -37.96
N ALA A 1056 -1.06 -2.84 -36.71
CA ALA A 1056 -2.34 -2.46 -36.14
C ALA A 1056 -2.06 -1.44 -35.05
N PRO A 1057 -3.07 -0.76 -34.50
CA PRO A 1057 -2.80 0.19 -33.41
C PRO A 1057 -2.37 -0.55 -32.15
N HIS A 1058 -1.18 -0.23 -31.65
CA HIS A 1058 -0.61 -0.82 -30.44
C HIS A 1058 -0.35 -2.32 -30.59
N GLY A 1059 -0.26 -2.82 -31.80
CA GLY A 1059 -0.10 -4.25 -31.97
C GLY A 1059 0.39 -4.57 -33.35
N VAL A 1060 0.31 -5.85 -33.68
CA VAL A 1060 0.75 -6.37 -34.97
C VAL A 1060 -0.20 -7.49 -35.37
N VAL A 1061 -0.44 -7.60 -36.67
CA VAL A 1061 -1.31 -8.62 -37.22
C VAL A 1061 -0.51 -9.44 -38.20
N PHE A 1062 -0.51 -10.75 -38.02
CA PHE A 1062 0.20 -11.67 -38.90
C PHE A 1062 -0.82 -12.41 -39.76
N LEU A 1063 -0.57 -12.46 -41.05
CA LEU A 1063 -1.38 -13.23 -41.99
C LEU A 1063 -0.61 -14.51 -42.30
N HIS A 1064 -0.95 -15.58 -41.60
CA HIS A 1064 -0.23 -16.84 -41.72
C HIS A 1064 -0.81 -17.63 -42.89
N VAL A 1065 0.02 -17.88 -43.90
CA VAL A 1065 -0.37 -18.72 -45.02
C VAL A 1065 0.11 -20.13 -44.75
N THR A 1066 -0.82 -21.08 -44.68
CA THR A 1066 -0.49 -22.46 -44.41
C THR A 1066 -1.01 -23.36 -45.51
N TYR A 1067 -0.47 -24.57 -45.55
CA TYR A 1067 -0.91 -25.63 -46.45
C TYR A 1067 -1.74 -26.61 -45.64
N VAL A 1068 -3.00 -26.75 -45.99
CA VAL A 1068 -3.91 -27.66 -45.29
C VAL A 1068 -4.27 -28.79 -46.25
N PRO A 1069 -3.92 -30.03 -45.94
CA PRO A 1069 -4.30 -31.14 -46.81
C PRO A 1069 -5.82 -31.30 -46.86
N ALA A 1070 -6.30 -31.78 -47.99
CA ALA A 1070 -7.73 -31.91 -48.21
C ALA A 1070 -8.00 -33.15 -49.04
N GLN A 1071 -9.25 -33.61 -48.96
CA GLN A 1071 -9.77 -34.70 -49.79
C GLN A 1071 -8.90 -35.95 -49.67
N GLU A 1072 -8.87 -36.50 -48.47
CA GLU A 1072 -8.14 -37.73 -48.23
C GLU A 1072 -8.85 -38.90 -48.88
N LYS A 1073 -8.11 -39.99 -49.03
CA LYS A 1073 -8.67 -41.21 -49.60
C LYS A 1073 -7.95 -42.40 -48.98
N ASN A 1074 -8.68 -43.47 -48.73
CA ASN A 1074 -8.11 -44.62 -48.09
C ASN A 1074 -7.33 -45.50 -49.02
N PHE A 1075 -6.21 -46.03 -48.57
CA PHE A 1075 -5.42 -46.96 -49.34
C PHE A 1075 -4.98 -48.08 -48.42
N THR A 1076 -4.55 -49.18 -49.02
CA THR A 1076 -3.88 -50.24 -48.30
C THR A 1076 -2.39 -49.98 -48.37
N THR A 1077 -1.69 -50.23 -47.27
CA THR A 1077 -0.29 -49.88 -47.18
C THR A 1077 0.49 -51.06 -46.61
N ALA A 1078 1.81 -50.89 -46.51
CA ALA A 1078 2.69 -51.95 -46.06
C ALA A 1078 4.00 -51.34 -45.64
N PRO A 1079 4.67 -51.89 -44.66
CA PRO A 1079 5.95 -51.33 -44.22
C PRO A 1079 7.03 -51.47 -45.25
N ALA A 1080 7.25 -52.69 -45.74
CA ALA A 1080 8.31 -52.98 -46.68
C ALA A 1080 7.72 -53.82 -47.80
N ILE A 1081 8.58 -54.32 -48.69
CA ILE A 1081 8.18 -55.13 -49.82
C ILE A 1081 9.25 -56.17 -50.10
N CYS A 1082 8.84 -57.44 -50.18
CA CYS A 1082 9.73 -58.51 -50.61
C CYS A 1082 9.78 -58.56 -52.12
N HIS A 1083 11.00 -58.54 -52.68
CA HIS A 1083 11.15 -58.79 -54.12
C HIS A 1083 11.95 -60.05 -54.38
N ASP A 1084 13.17 -60.15 -53.88
CA ASP A 1084 14.02 -61.32 -54.12
C ASP A 1084 14.55 -61.84 -52.80
N GLY A 1085 13.65 -62.03 -51.84
CA GLY A 1085 14.08 -62.34 -50.50
C GLY A 1085 14.78 -61.20 -49.82
N LYS A 1086 14.44 -59.97 -50.17
CA LYS A 1086 15.00 -58.79 -49.54
C LYS A 1086 13.87 -57.82 -49.22
N ALA A 1087 14.00 -57.12 -48.10
CA ALA A 1087 13.05 -56.10 -47.74
C ALA A 1087 13.39 -54.81 -48.48
N HIS A 1088 12.38 -54.17 -49.04
CA HIS A 1088 12.54 -52.91 -49.75
C HIS A 1088 11.72 -51.85 -49.02
N PHE A 1089 12.39 -50.86 -48.51
CA PHE A 1089 11.73 -49.75 -47.84
C PHE A 1089 11.77 -48.53 -48.73
N PRO A 1090 10.74 -47.68 -48.69
CA PRO A 1090 10.73 -46.54 -49.58
C PRO A 1090 11.73 -45.48 -49.15
N ARG A 1091 12.42 -44.91 -50.13
CA ARG A 1091 13.40 -43.88 -49.84
C ARG A 1091 12.74 -42.68 -49.18
N GLU A 1092 11.75 -42.10 -49.85
CA GLU A 1092 10.87 -41.10 -49.24
C GLU A 1092 9.46 -41.39 -49.70
N GLY A 1093 8.55 -41.53 -48.76
CA GLY A 1093 7.18 -41.83 -49.08
C GLY A 1093 6.72 -43.13 -48.46
N VAL A 1094 5.55 -43.58 -48.89
CA VAL A 1094 4.93 -44.79 -48.37
C VAL A 1094 4.48 -45.67 -49.52
N PHE A 1095 4.48 -46.98 -49.28
CA PHE A 1095 3.91 -47.92 -50.22
C PHE A 1095 2.41 -47.93 -50.06
N VAL A 1096 1.69 -47.67 -51.14
CA VAL A 1096 0.24 -47.75 -51.14
C VAL A 1096 -0.18 -48.60 -52.32
N SER A 1097 -1.37 -49.15 -52.24
CA SER A 1097 -1.95 -49.92 -53.32
C SER A 1097 -3.40 -49.55 -53.50
N ASN A 1098 -3.83 -49.50 -54.76
CA ASN A 1098 -5.19 -49.17 -55.07
C ASN A 1098 -6.05 -50.41 -55.13
N GLY A 1099 -5.59 -51.49 -54.49
CA GLY A 1099 -6.35 -52.72 -54.49
C GLY A 1099 -5.64 -53.84 -55.22
N THR A 1100 -5.03 -53.51 -56.34
CA THR A 1100 -4.33 -54.53 -57.12
C THR A 1100 -2.87 -54.20 -57.36
N HIS A 1101 -2.54 -52.94 -57.61
CA HIS A 1101 -1.18 -52.54 -57.96
C HIS A 1101 -0.58 -51.69 -56.85
N TRP A 1102 0.70 -51.90 -56.60
CA TRP A 1102 1.39 -51.21 -55.53
C TRP A 1102 2.21 -50.05 -56.08
N PHE A 1103 2.18 -48.94 -55.37
CA PHE A 1103 2.93 -47.75 -55.73
C PHE A 1103 3.64 -47.22 -54.49
N VAL A 1104 4.48 -46.21 -54.72
CA VAL A 1104 5.07 -45.42 -53.65
C VAL A 1104 4.66 -43.98 -53.87
N THR A 1105 4.11 -43.36 -52.83
CA THR A 1105 3.66 -41.99 -52.93
C THR A 1105 4.29 -41.17 -51.82
N GLN A 1106 4.43 -39.87 -52.06
CA GLN A 1106 4.81 -38.98 -50.97
C GLN A 1106 3.69 -38.92 -49.94
N ARG A 1107 4.03 -38.45 -48.75
CA ARG A 1107 3.13 -38.65 -47.63
C ARG A 1107 2.00 -37.62 -47.59
N ASN A 1108 2.21 -36.42 -48.11
CA ASN A 1108 1.25 -35.34 -47.93
C ASN A 1108 0.48 -34.99 -49.20
N PHE A 1109 0.63 -35.78 -50.25
CA PHE A 1109 -0.06 -35.53 -51.49
C PHE A 1109 -0.04 -36.82 -52.29
N TYR A 1110 -1.20 -37.27 -52.75
CA TYR A 1110 -1.26 -38.53 -53.46
C TYR A 1110 -0.60 -38.36 -54.82
N GLU A 1111 0.48 -39.11 -55.05
CA GLU A 1111 1.17 -39.12 -56.33
C GLU A 1111 1.82 -40.47 -56.52
N PRO A 1112 1.05 -41.46 -56.95
CA PRO A 1112 1.57 -42.83 -57.01
C PRO A 1112 2.61 -42.97 -58.10
N GLN A 1113 3.63 -43.78 -57.83
CA GLN A 1113 4.67 -44.05 -58.79
C GLN A 1113 5.05 -45.53 -58.72
N ILE A 1114 5.59 -46.03 -59.82
CA ILE A 1114 5.96 -47.44 -59.89
C ILE A 1114 7.17 -47.69 -59.00
N ILE A 1115 7.09 -48.73 -58.18
CA ILE A 1115 8.15 -49.03 -57.23
C ILE A 1115 9.39 -49.49 -57.99
N THR A 1116 10.54 -48.92 -57.62
CA THR A 1116 11.76 -49.04 -58.39
C THR A 1116 12.93 -48.97 -57.43
N THR A 1117 14.08 -49.48 -57.85
CA THR A 1117 15.27 -49.35 -57.02
C THR A 1117 15.76 -47.90 -56.89
N ASP A 1118 15.10 -46.94 -57.52
CA ASP A 1118 15.36 -45.53 -57.17
C ASP A 1118 14.44 -45.06 -56.05
N ASN A 1119 13.20 -45.53 -56.03
CA ASN A 1119 12.26 -45.14 -54.98
C ASN A 1119 12.57 -45.81 -53.66
N THR A 1120 13.33 -46.89 -53.66
CA THR A 1120 13.45 -47.74 -52.48
C THR A 1120 14.91 -47.99 -52.14
N PHE A 1121 15.12 -48.57 -50.97
CA PHE A 1121 16.41 -49.11 -50.59
C PHE A 1121 16.19 -50.46 -49.92
N VAL A 1122 17.23 -51.29 -49.94
CA VAL A 1122 17.14 -52.66 -49.48
C VAL A 1122 17.78 -52.75 -48.10
N SER A 1123 17.22 -53.60 -47.24
CA SER A 1123 17.83 -53.82 -45.92
C SER A 1123 17.42 -55.20 -45.42
N GLY A 1124 18.32 -56.17 -45.56
CA GLY A 1124 18.08 -57.49 -45.01
C GLY A 1124 17.06 -58.30 -45.78
N ASN A 1125 16.81 -59.50 -45.27
CA ASN A 1125 15.88 -60.42 -45.90
C ASN A 1125 14.47 -60.20 -45.33
N CYS A 1126 13.56 -61.12 -45.65
CA CYS A 1126 12.14 -60.85 -45.48
C CYS A 1126 11.60 -61.27 -44.12
N ASP A 1127 12.23 -62.24 -43.46
CA ASP A 1127 11.62 -62.86 -42.29
C ASP A 1127 11.45 -61.90 -41.12
N VAL A 1128 12.14 -60.77 -41.11
CA VAL A 1128 12.16 -59.95 -39.90
C VAL A 1128 11.01 -58.95 -39.87
N VAL A 1129 10.68 -58.34 -41.00
CA VAL A 1129 9.66 -57.29 -41.00
C VAL A 1129 8.28 -57.92 -40.92
N ILE A 1130 7.45 -57.41 -40.01
CA ILE A 1130 6.07 -57.87 -39.87
C ILE A 1130 5.16 -56.91 -40.62
N GLY A 1131 4.44 -57.44 -41.60
CA GLY A 1131 3.65 -56.64 -42.52
C GLY A 1131 4.22 -56.56 -43.91
N ILE A 1132 5.38 -57.17 -44.16
CA ILE A 1132 5.98 -57.11 -45.48
C ILE A 1132 5.06 -57.74 -46.52
N VAL A 1133 5.08 -57.22 -47.74
CA VAL A 1133 4.15 -57.58 -48.79
C VAL A 1133 4.91 -58.00 -50.03
N ASN A 1134 4.43 -59.06 -50.69
CA ASN A 1134 5.07 -59.57 -51.91
C ASN A 1134 4.69 -58.83 -53.17
N ASN A 1135 5.64 -58.14 -53.77
CA ASN A 1135 5.41 -57.42 -55.01
C ASN A 1135 6.71 -57.37 -55.77
N THR A 1136 6.64 -56.86 -57.00
CA THR A 1136 7.82 -56.73 -57.84
C THR A 1136 8.40 -55.33 -57.69
N VAL A 1137 9.72 -55.25 -57.75
CA VAL A 1137 10.44 -53.98 -57.68
C VAL A 1137 11.15 -53.80 -59.01
N TYR A 1138 10.62 -52.89 -59.83
CA TYR A 1138 11.16 -52.68 -61.17
C TYR A 1138 12.59 -52.18 -61.12
N ASP A 1139 13.32 -52.42 -62.20
CA ASP A 1139 14.70 -51.98 -62.34
C ASP A 1139 14.79 -51.20 -63.64
N PRO A 1140 15.21 -49.93 -63.60
CA PRO A 1140 15.24 -49.15 -64.85
C PRO A 1140 16.35 -49.57 -65.79
N LEU A 1141 17.41 -50.20 -65.28
CA LEU A 1141 18.51 -50.59 -66.15
C LEU A 1141 18.18 -51.85 -66.95
N GLN A 1142 17.48 -52.80 -66.33
CA GLN A 1142 17.32 -54.13 -66.90
C GLN A 1142 16.85 -54.14 -68.35
N PRO A 1143 15.80 -53.42 -68.76
CA PRO A 1143 15.38 -53.49 -70.17
C PRO A 1143 16.34 -52.81 -71.13
N GLU A 1144 17.16 -51.86 -70.67
CA GLU A 1144 17.94 -51.02 -71.56
C GLU A 1144 19.26 -51.65 -71.98
N LEU A 1145 20.10 -52.04 -71.02
CA LEU A 1145 21.43 -52.50 -71.37
C LEU A 1145 21.41 -53.74 -72.26
N ASP A 1146 20.31 -54.50 -72.23
CA ASP A 1146 20.20 -55.66 -73.12
C ASP A 1146 20.19 -55.23 -74.58
N SER A 1147 19.67 -54.04 -74.86
CA SER A 1147 19.61 -53.52 -76.21
C SER A 1147 21.00 -53.12 -76.70
N GLN B 14 7.25 -15.01 70.65
CA GLN B 14 7.62 -13.61 70.64
C GLN B 14 8.96 -13.39 69.95
N CYS B 15 9.03 -13.79 68.68
CA CYS B 15 10.05 -13.33 67.76
C CYS B 15 11.44 -13.84 68.16
N VAL B 16 11.58 -15.16 68.22
CA VAL B 16 12.86 -15.77 68.58
C VAL B 16 13.76 -15.89 67.37
N ASN B 17 15.06 -15.95 67.63
CA ASN B 17 15.97 -16.21 66.54
C ASN B 17 16.20 -17.70 66.62
N LEU B 18 16.70 -18.29 65.56
CA LEU B 18 16.95 -19.73 65.48
C LEU B 18 18.44 -20.00 65.42
N THR B 19 18.88 -21.03 66.13
CA THR B 19 20.26 -21.49 66.07
C THR B 19 20.31 -22.97 65.70
N THR B 20 21.52 -23.52 65.69
CA THR B 20 21.82 -24.90 65.32
C THR B 20 21.49 -25.19 63.86
N ARG B 21 21.59 -24.19 63.00
CA ARG B 21 21.49 -24.40 61.57
C ARG B 21 22.90 -24.57 60.99
N THR B 22 23.08 -25.60 60.18
CA THR B 22 24.37 -25.79 59.53
C THR B 22 24.50 -24.90 58.30
N GLN B 23 25.74 -24.67 57.89
CA GLN B 23 26.04 -23.82 56.76
C GLN B 23 26.32 -24.66 55.53
N LEU B 24 25.59 -24.41 54.45
CA LEU B 24 25.75 -25.13 53.20
C LEU B 24 25.75 -24.13 52.06
N PRO B 25 26.43 -24.45 50.96
CA PRO B 25 26.43 -23.55 49.81
C PRO B 25 25.07 -23.56 49.12
N PRO B 26 24.75 -22.52 48.37
CA PRO B 26 23.46 -22.49 47.67
C PRO B 26 23.43 -23.50 46.53
N ALA B 27 22.24 -24.05 46.29
CA ALA B 27 22.04 -25.02 45.23
C ALA B 27 21.34 -24.37 44.05
N TYR B 28 21.43 -25.01 42.90
CA TYR B 28 20.82 -24.50 41.69
C TYR B 28 20.22 -25.66 40.91
N THR B 29 19.23 -25.35 40.08
CA THR B 29 18.47 -26.36 39.36
C THR B 29 17.92 -25.71 38.11
N ASN B 30 17.66 -26.53 37.11
CA ASN B 30 17.15 -26.07 35.83
C ASN B 30 15.62 -26.01 35.86
N SER B 31 15.07 -25.16 35.02
CA SER B 31 13.63 -24.98 34.87
C SER B 31 13.20 -25.51 33.51
N PHE B 32 12.88 -26.80 33.44
CA PHE B 32 12.58 -27.45 32.17
C PHE B 32 11.20 -27.01 31.69
N THR B 33 11.14 -25.79 31.16
CA THR B 33 9.90 -25.24 30.61
C THR B 33 8.78 -25.27 31.65
N ARG B 34 8.94 -24.52 32.73
CA ARG B 34 7.90 -24.45 33.72
C ARG B 34 7.55 -22.98 33.88
N GLY B 35 6.48 -22.68 34.60
CA GLY B 35 6.12 -21.30 34.85
C GLY B 35 5.23 -20.58 33.86
N VAL B 36 4.73 -21.28 32.86
CA VAL B 36 3.79 -20.68 31.93
C VAL B 36 2.45 -20.51 32.61
N TYR B 37 1.78 -19.38 32.37
CA TYR B 37 0.50 -19.12 32.97
C TYR B 37 -0.43 -18.60 31.89
N TYR B 38 -1.73 -18.64 32.13
CA TYR B 38 -2.68 -18.15 31.16
C TYR B 38 -2.56 -16.66 31.13
N PRO B 39 -2.23 -16.11 29.96
CA PRO B 39 -2.01 -14.66 29.88
C PRO B 39 -3.25 -13.84 30.14
N ASP B 40 -4.39 -14.23 29.59
CA ASP B 40 -5.63 -13.52 29.79
C ASP B 40 -6.71 -14.41 30.35
N LYS B 41 -7.95 -13.96 30.24
CA LYS B 41 -9.09 -14.77 30.65
C LYS B 41 -9.99 -15.11 29.47
N VAL B 42 -9.50 -14.96 28.27
CA VAL B 42 -10.24 -15.28 27.07
C VAL B 42 -10.02 -16.75 26.73
N PHE B 43 -11.09 -17.44 26.38
CA PHE B 43 -11.01 -18.85 26.05
C PHE B 43 -10.57 -19.03 24.61
N ARG B 44 -9.63 -19.95 24.38
CA ARG B 44 -9.14 -20.27 23.06
C ARG B 44 -8.99 -21.78 22.94
N SER B 45 -9.14 -22.28 21.71
CA SER B 45 -9.02 -23.70 21.45
C SER B 45 -8.36 -23.91 20.11
N SER B 46 -7.50 -24.92 20.03
CA SER B 46 -6.90 -25.36 18.78
C SER B 46 -6.25 -24.19 18.04
N VAL B 47 -5.44 -23.43 18.75
CA VAL B 47 -4.81 -22.25 18.18
C VAL B 47 -3.44 -22.10 18.81
N LEU B 48 -2.52 -21.53 18.05
CA LEU B 48 -1.20 -21.17 18.56
C LEU B 48 -1.19 -19.66 18.75
N HIS B 49 -1.12 -19.23 20.00
CA HIS B 49 -1.25 -17.82 20.34
C HIS B 49 0.10 -17.27 20.77
N SER B 50 0.52 -16.18 20.13
CA SER B 50 1.75 -15.52 20.49
C SER B 50 1.47 -14.42 21.49
N THR B 51 2.31 -14.33 22.51
CA THR B 51 2.04 -13.46 23.65
C THR B 51 3.36 -12.89 24.13
N GLN B 52 3.36 -11.62 24.54
CA GLN B 52 4.56 -11.09 25.17
C GLN B 52 4.13 -10.67 26.56
N ASP B 53 4.84 -11.15 27.58
CA ASP B 53 4.48 -10.86 28.98
C ASP B 53 5.67 -11.23 29.83
N LEU B 54 5.64 -10.87 31.11
CA LEU B 54 6.71 -11.29 31.99
C LEU B 54 6.57 -12.77 32.17
N PHE B 55 7.63 -13.51 31.91
CA PHE B 55 7.56 -14.95 31.94
C PHE B 55 8.83 -15.53 32.51
N LEU B 56 8.78 -16.79 32.92
CA LEU B 56 9.97 -17.43 33.42
C LEU B 56 10.66 -18.07 32.22
N PRO B 57 11.92 -17.62 31.90
CA PRO B 57 12.51 -18.15 30.67
C PRO B 57 12.73 -19.65 30.76
N PHE B 58 12.78 -20.29 29.59
CA PHE B 58 12.93 -21.72 29.55
C PHE B 58 14.35 -22.12 29.93
N PHE B 59 14.47 -23.24 30.64
CA PHE B 59 15.77 -23.75 31.09
C PHE B 59 16.51 -22.70 31.89
N SER B 60 15.79 -21.97 32.71
CA SER B 60 16.36 -20.93 33.54
C SER B 60 17.09 -21.52 34.74
N ASN B 61 17.87 -20.69 35.39
CA ASN B 61 18.64 -21.12 36.55
C ASN B 61 17.89 -20.73 37.81
N VAL B 62 17.15 -21.65 38.39
CA VAL B 62 16.37 -21.39 39.60
C VAL B 62 17.17 -21.86 40.80
N THR B 63 17.03 -21.13 41.89
CA THR B 63 17.81 -21.44 43.08
C THR B 63 17.01 -22.37 43.98
N TRP B 64 17.72 -23.28 44.63
CA TRP B 64 17.11 -24.38 45.36
C TRP B 64 17.29 -24.16 46.87
N PHE B 65 16.17 -24.20 47.59
CA PHE B 65 16.19 -24.14 49.05
C PHE B 65 15.42 -25.34 49.58
N HIS B 66 15.74 -25.74 50.81
CA HIS B 66 14.99 -26.81 51.45
C HIS B 66 15.16 -26.74 52.96
N ALA B 67 14.49 -27.66 53.63
CA ALA B 67 14.56 -27.82 55.08
C ALA B 67 14.58 -29.31 55.37
N ILE B 68 15.57 -29.77 56.13
CA ILE B 68 15.86 -31.20 56.21
C ILE B 68 16.62 -31.52 57.49
N HIS B 69 16.56 -32.79 57.88
CA HIS B 69 17.52 -33.45 58.78
C HIS B 69 17.57 -32.78 60.16
N VAL B 70 16.47 -32.95 60.88
CA VAL B 70 16.39 -32.83 62.34
C VAL B 70 17.58 -32.16 63.02
N THR B 76 19.38 -28.45 63.98
CA THR B 76 18.78 -29.01 62.78
C THR B 76 19.51 -28.52 61.54
N LYS B 77 19.73 -29.43 60.58
CA LYS B 77 20.70 -29.15 59.52
C LYS B 77 20.31 -27.93 58.70
N ARG B 78 19.19 -28.00 57.98
CA ARG B 78 18.83 -26.96 57.03
C ARG B 78 17.45 -26.39 57.36
N PHE B 79 17.37 -25.07 57.40
CA PHE B 79 16.09 -24.35 57.52
C PHE B 79 16.28 -23.03 56.77
N ASP B 80 15.89 -23.02 55.50
CA ASP B 80 16.22 -21.95 54.58
C ASP B 80 15.04 -21.00 54.44
N ASN B 81 15.21 -19.77 54.91
CA ASN B 81 14.21 -18.71 54.73
C ASN B 81 14.92 -17.37 54.60
N PRO B 82 15.79 -17.21 53.61
CA PRO B 82 16.48 -15.94 53.44
C PRO B 82 15.57 -14.91 52.80
N VAL B 83 16.03 -13.66 52.83
CA VAL B 83 15.33 -12.57 52.18
C VAL B 83 15.86 -12.47 50.75
N LEU B 84 15.04 -12.87 49.81
CA LEU B 84 15.40 -12.88 48.41
C LEU B 84 14.92 -11.62 47.72
N PRO B 85 15.51 -11.26 46.59
CA PRO B 85 14.98 -10.15 45.81
C PRO B 85 13.67 -10.51 45.13
N PHE B 86 12.95 -9.48 44.72
CA PHE B 86 11.71 -9.60 43.96
C PHE B 86 11.88 -8.64 42.81
N ASN B 87 12.47 -9.09 41.71
CA ASN B 87 12.95 -8.13 40.72
C ASN B 87 11.79 -7.58 39.88
N ASP B 88 11.19 -8.42 39.06
CA ASP B 88 9.98 -8.07 38.34
C ASP B 88 8.87 -9.08 38.51
N GLY B 89 9.06 -10.07 39.35
CA GLY B 89 8.14 -11.15 39.45
C GLY B 89 8.90 -12.39 39.83
N VAL B 90 8.22 -13.28 40.54
CA VAL B 90 8.85 -14.46 41.08
C VAL B 90 8.07 -15.67 40.61
N TYR B 91 8.77 -16.66 40.08
CA TYR B 91 8.24 -18.00 39.99
C TYR B 91 8.62 -18.74 41.27
N PHE B 92 7.62 -19.33 41.92
CA PHE B 92 7.83 -20.03 43.17
C PHE B 92 7.21 -21.41 43.07
N ALA B 93 8.04 -22.44 43.19
CA ALA B 93 7.57 -23.81 43.25
C ALA B 93 7.98 -24.41 44.57
N SER B 94 7.19 -25.37 45.06
CA SER B 94 7.52 -26.04 46.31
C SER B 94 7.00 -27.46 46.25
N THR B 95 7.90 -28.43 46.39
CA THR B 95 7.54 -29.82 46.52
C THR B 95 7.58 -30.18 47.99
N GLU B 96 6.44 -30.60 48.54
CA GLU B 96 6.39 -30.92 49.95
C GLU B 96 5.32 -31.98 50.18
N LYS B 97 5.41 -32.62 51.34
CA LYS B 97 4.48 -33.67 51.71
C LYS B 97 3.72 -33.41 53.01
N SER B 98 4.20 -32.49 53.84
CA SER B 98 3.60 -32.25 55.14
C SER B 98 3.27 -30.78 55.39
N ASN B 99 3.04 -30.00 54.33
CA ASN B 99 2.58 -28.61 54.42
C ASN B 99 3.53 -27.76 55.26
N ILE B 100 4.77 -27.65 54.78
CA ILE B 100 5.77 -26.87 55.48
C ILE B 100 5.79 -25.43 54.99
N ILE B 101 5.72 -25.22 53.68
CA ILE B 101 5.60 -23.87 53.14
C ILE B 101 4.24 -23.32 53.53
N ARG B 102 4.23 -22.16 54.19
CA ARG B 102 2.99 -21.60 54.72
C ARG B 102 2.63 -20.26 54.11
N GLY B 103 3.49 -19.66 53.32
CA GLY B 103 3.20 -18.37 52.73
C GLY B 103 4.48 -17.58 52.61
N TRP B 104 4.31 -16.30 52.31
CA TRP B 104 5.43 -15.43 52.04
C TRP B 104 5.20 -14.07 52.67
N ILE B 105 6.26 -13.28 52.68
CA ILE B 105 6.23 -11.90 53.12
C ILE B 105 6.81 -11.07 51.98
N PHE B 106 6.09 -10.06 51.56
CA PHE B 106 6.55 -9.19 50.49
C PHE B 106 6.66 -7.78 51.01
N GLY B 107 7.71 -7.08 50.59
CA GLY B 107 7.87 -5.72 51.06
C GLY B 107 9.09 -5.09 50.41
N THR B 108 9.54 -4.01 51.02
CA THR B 108 10.73 -3.32 50.56
C THR B 108 11.80 -3.17 51.63
N THR B 109 11.42 -2.88 52.86
CA THR B 109 12.35 -2.88 53.99
C THR B 109 11.97 -3.88 55.06
N LEU B 110 10.77 -4.43 54.99
CA LEU B 110 10.31 -5.50 55.88
C LEU B 110 10.33 -5.09 57.35
N ASP B 111 10.41 -3.80 57.63
CA ASP B 111 10.22 -3.28 58.98
C ASP B 111 9.05 -2.31 58.98
N SER B 112 8.76 -1.74 60.13
CA SER B 112 7.55 -0.96 60.30
C SER B 112 7.64 0.43 59.69
N LYS B 113 8.72 0.76 59.00
CA LYS B 113 8.79 2.06 58.34
C LYS B 113 7.93 2.09 57.09
N THR B 114 7.85 0.98 56.37
CA THR B 114 7.06 0.90 55.16
C THR B 114 6.01 -0.20 55.29
N GLN B 115 5.19 -0.31 54.26
CA GLN B 115 4.12 -1.30 54.24
C GLN B 115 4.59 -2.59 53.58
N SER B 116 4.01 -3.69 54.02
CA SER B 116 4.41 -4.99 53.52
C SER B 116 3.17 -5.85 53.33
N LEU B 117 3.30 -6.87 52.50
CA LEU B 117 2.23 -7.81 52.21
C LEU B 117 2.54 -9.13 52.89
N LEU B 118 1.60 -9.63 53.66
CA LEU B 118 1.73 -10.92 54.31
C LEU B 118 0.68 -11.87 53.74
N ILE B 119 1.13 -12.97 53.17
CA ILE B 119 0.25 -14.06 52.76
C ILE B 119 0.66 -15.28 53.54
N VAL B 120 -0.25 -15.82 54.35
CA VAL B 120 0.11 -16.91 55.24
C VAL B 120 -1.10 -17.83 55.40
N ASN B 121 -0.82 -19.11 55.57
CA ASN B 121 -1.81 -20.14 55.86
C ASN B 121 -1.48 -20.68 57.25
N ASN B 122 -2.18 -20.20 58.27
CA ASN B 122 -1.93 -20.61 59.65
C ASN B 122 -2.64 -21.90 60.05
N ALA B 123 -2.75 -22.85 59.14
CA ALA B 123 -3.39 -24.14 59.38
C ALA B 123 -4.89 -24.03 59.61
N THR B 124 -5.40 -22.83 59.68
CA THR B 124 -6.84 -22.65 59.90
C THR B 124 -7.47 -21.69 58.92
N ASN B 125 -6.77 -20.60 58.56
CA ASN B 125 -7.25 -19.66 57.55
C ASN B 125 -6.10 -19.29 56.65
N VAL B 126 -6.45 -18.73 55.49
CA VAL B 126 -5.49 -18.05 54.63
C VAL B 126 -5.63 -16.56 54.89
N VAL B 127 -4.60 -15.95 55.46
CA VAL B 127 -4.62 -14.56 55.88
C VAL B 127 -3.79 -13.75 54.89
N ILE B 128 -4.40 -12.71 54.32
CA ILE B 128 -3.70 -11.80 53.43
C ILE B 128 -3.85 -10.41 54.01
N LYS B 129 -2.74 -9.83 54.46
CA LYS B 129 -2.76 -8.54 55.13
C LYS B 129 -1.76 -7.61 54.48
N VAL B 130 -2.11 -6.33 54.42
CA VAL B 130 -1.17 -5.28 54.01
C VAL B 130 -1.17 -4.26 55.15
N CYS B 131 -0.22 -4.40 56.06
CA CYS B 131 -0.17 -3.55 57.24
C CYS B 131 1.23 -2.94 57.27
N GLU B 132 1.60 -2.29 58.36
CA GLU B 132 2.99 -1.92 58.61
C GLU B 132 3.54 -2.87 59.66
N PHE B 133 4.14 -3.95 59.22
CA PHE B 133 4.61 -5.00 60.11
C PHE B 133 6.04 -4.72 60.53
N GLN B 134 6.36 -5.07 61.77
CA GLN B 134 7.75 -5.11 62.23
C GLN B 134 8.14 -6.58 62.26
N PHE B 135 8.67 -7.06 61.15
CA PHE B 135 8.90 -8.48 60.97
C PHE B 135 10.10 -8.96 61.77
N CYS B 136 10.09 -10.24 62.11
CA CYS B 136 11.21 -10.85 62.79
C CYS B 136 12.37 -11.10 61.82
N ASN B 137 13.55 -11.28 62.41
CA ASN B 137 14.71 -11.67 61.61
C ASN B 137 14.55 -13.10 61.10
N ASP B 138 13.95 -13.96 61.92
CA ASP B 138 13.65 -15.34 61.54
C ASP B 138 12.16 -15.58 61.75
N PRO B 139 11.33 -15.21 60.79
CA PRO B 139 9.89 -15.49 60.91
C PRO B 139 9.59 -16.94 60.58
N PHE B 140 8.70 -17.53 61.36
CA PHE B 140 8.30 -18.90 61.12
C PHE B 140 7.00 -19.18 61.85
N LEU B 141 6.47 -20.37 61.63
CA LEU B 141 5.33 -20.88 62.35
C LEU B 141 5.73 -22.18 63.02
N GLY B 142 4.95 -22.59 64.01
CA GLY B 142 5.32 -23.74 64.82
C GLY B 142 4.26 -24.83 64.80
N VAL B 143 4.73 -26.07 64.71
CA VAL B 143 3.88 -27.24 64.83
C VAL B 143 4.42 -28.11 65.94
N TYR B 144 3.56 -28.49 66.88
CA TYR B 144 3.96 -29.31 68.01
C TYR B 144 3.37 -30.70 67.89
N TYR B 145 4.18 -31.71 68.20
CA TYR B 145 3.76 -33.11 68.14
C TYR B 145 3.64 -33.66 69.55
N HIS B 146 2.49 -34.22 69.86
CA HIS B 146 2.18 -34.70 71.21
C HIS B 146 2.08 -36.21 71.19
N LYS B 147 2.74 -36.81 72.19
CA LYS B 147 2.62 -38.22 72.43
C LYS B 147 1.32 -38.40 73.23
N ASN B 148 0.93 -39.64 73.42
CA ASN B 148 -0.32 -39.97 74.12
C ASN B 148 -1.50 -39.34 73.41
N ASN B 149 -1.21 -38.84 72.20
CA ASN B 149 -2.25 -38.26 71.36
C ASN B 149 -1.95 -38.61 69.93
N LYS B 150 -0.68 -38.78 69.57
CA LYS B 150 -0.29 -38.94 68.18
C LYS B 150 -0.94 -37.85 67.34
N SER B 151 -0.88 -36.63 67.84
CA SER B 151 -1.57 -35.49 67.24
C SER B 151 -0.58 -34.35 67.02
N TRP B 152 -0.75 -33.65 65.90
CA TRP B 152 0.03 -32.47 65.57
C TRP B 152 -0.89 -31.27 65.58
N MET B 153 -0.50 -30.23 66.31
CA MET B 153 -1.34 -29.05 66.44
C MET B 153 -0.52 -27.78 66.23
N GLU B 154 -1.17 -26.77 65.67
CA GLU B 154 -0.50 -25.50 65.43
C GLU B 154 -0.15 -24.85 66.75
N SER B 155 1.10 -24.40 66.88
CA SER B 155 1.61 -23.99 68.17
C SER B 155 2.20 -22.60 68.20
N GLU B 156 2.68 -22.07 67.08
CA GLU B 156 3.40 -20.81 67.10
C GLU B 156 3.08 -19.98 65.87
N PHE B 157 3.14 -18.67 66.03
CA PHE B 157 2.99 -17.72 64.93
C PHE B 157 4.02 -16.60 65.06
N ARG B 158 5.28 -16.96 65.23
CA ARG B 158 6.31 -15.93 65.37
C ARG B 158 6.66 -15.35 64.00
N VAL B 159 5.86 -14.39 63.54
CA VAL B 159 6.06 -13.73 62.26
C VAL B 159 6.47 -12.27 62.43
N TYR B 160 5.62 -11.48 63.08
CA TYR B 160 5.85 -10.05 63.20
C TYR B 160 5.65 -9.65 64.66
N SER B 161 6.27 -8.52 65.03
CA SER B 161 6.11 -8.03 66.40
C SER B 161 4.88 -7.14 66.53
N SER B 162 4.50 -6.45 65.47
CA SER B 162 3.40 -5.50 65.55
C SER B 162 2.98 -5.10 64.15
N ALA B 163 1.75 -4.60 64.04
CA ALA B 163 1.18 -4.14 62.79
C ALA B 163 0.16 -3.06 63.09
N ASN B 164 0.36 -1.85 62.55
CA ASN B 164 -0.46 -0.72 62.96
C ASN B 164 -1.39 -0.24 61.85
N ASN B 165 -0.82 0.31 60.78
CA ASN B 165 -1.62 0.91 59.72
C ASN B 165 -1.83 -0.14 58.70
N CYS B 166 -3.03 -0.66 58.65
CA CYS B 166 -3.27 -1.83 57.82
C CYS B 166 -4.39 -1.52 56.84
N THR B 167 -4.01 -1.25 55.59
CA THR B 167 -4.95 -0.76 54.58
C THR B 167 -5.70 -1.86 53.86
N PHE B 168 -5.24 -3.10 53.94
CA PHE B 168 -5.88 -4.21 53.27
C PHE B 168 -5.86 -5.41 54.20
N GLU B 169 -6.93 -6.21 54.16
CA GLU B 169 -7.00 -7.41 54.97
C GLU B 169 -8.01 -8.36 54.35
N TYR B 170 -7.66 -9.64 54.32
CA TYR B 170 -8.56 -10.69 53.89
C TYR B 170 -8.29 -11.93 54.70
N VAL B 171 -9.34 -12.54 55.25
CA VAL B 171 -9.25 -13.80 55.96
C VAL B 171 -10.22 -14.77 55.30
N SER B 172 -9.75 -15.97 54.99
CA SER B 172 -10.56 -16.92 54.25
C SER B 172 -11.55 -17.62 55.18
N GLN B 173 -12.34 -18.50 54.59
CA GLN B 173 -13.25 -19.32 55.37
C GLN B 173 -12.48 -20.40 56.12
N PRO B 174 -12.93 -20.76 57.32
CA PRO B 174 -12.14 -21.67 58.16
C PRO B 174 -11.97 -23.03 57.54
N PHE B 175 -10.89 -23.70 57.95
CA PHE B 175 -10.61 -25.07 57.54
C PHE B 175 -9.64 -25.66 58.54
N LEU B 176 -9.47 -26.97 58.45
CA LEU B 176 -8.43 -27.69 59.16
C LEU B 176 -7.62 -28.49 58.16
N MET B 177 -6.33 -28.16 58.05
CA MET B 177 -5.42 -28.89 57.20
C MET B 177 -4.47 -29.68 58.08
N ASP B 178 -4.07 -30.85 57.60
CA ASP B 178 -3.36 -31.78 58.46
C ASP B 178 -1.92 -31.36 58.65
N LEU B 179 -1.47 -31.38 59.90
CA LEU B 179 -0.13 -30.94 60.24
C LEU B 179 0.83 -32.10 60.40
N GLU B 180 0.39 -33.33 60.16
CA GLU B 180 1.26 -34.50 60.31
C GLU B 180 2.49 -34.41 59.42
N GLY B 181 3.64 -34.75 59.99
CA GLY B 181 4.81 -34.99 59.18
C GLY B 181 4.70 -36.33 58.47
N LYS B 182 4.62 -36.28 57.15
CA LYS B 182 4.56 -37.49 56.34
C LYS B 182 5.97 -38.05 56.17
N GLN B 183 6.04 -39.34 55.87
CA GLN B 183 7.29 -40.03 55.60
C GLN B 183 7.16 -40.70 54.24
N GLY B 184 8.03 -40.31 53.31
CA GLY B 184 8.04 -40.89 51.99
C GLY B 184 8.49 -39.86 50.98
N ASN B 185 8.07 -40.06 49.73
CA ASN B 185 8.41 -39.14 48.67
C ASN B 185 7.59 -37.85 48.77
N PHE B 186 8.04 -36.83 48.06
CA PHE B 186 7.25 -35.61 47.94
C PHE B 186 6.04 -35.87 47.05
N LYS B 187 4.86 -35.53 47.55
CA LYS B 187 3.62 -35.86 46.86
C LYS B 187 2.97 -34.68 46.15
N ASN B 188 3.21 -33.45 46.60
CA ASN B 188 2.47 -32.29 46.12
C ASN B 188 3.43 -31.25 45.58
N LEU B 189 3.18 -30.78 44.38
CA LEU B 189 3.93 -29.70 43.75
C LEU B 189 3.00 -28.51 43.61
N ARG B 190 3.41 -27.37 44.15
CA ARG B 190 2.58 -26.17 44.15
C ARG B 190 3.37 -25.03 43.54
N GLU B 191 2.93 -24.54 42.39
CA GLU B 191 3.62 -23.51 41.65
C GLU B 191 2.89 -22.19 41.76
N PHE B 192 3.63 -21.09 41.86
CA PHE B 192 3.02 -19.79 42.03
C PHE B 192 3.79 -18.72 41.31
N VAL B 193 3.11 -17.88 40.54
CA VAL B 193 3.79 -16.77 39.90
C VAL B 193 3.29 -15.49 40.55
N PHE B 194 4.19 -14.65 41.04
CA PHE B 194 3.81 -13.42 41.71
C PHE B 194 4.27 -12.25 40.89
N LYS B 195 3.39 -11.31 40.58
CA LYS B 195 3.76 -10.11 39.84
C LYS B 195 3.18 -8.87 40.53
N ASN B 196 3.83 -7.72 40.40
CA ASN B 196 3.34 -6.49 41.01
C ASN B 196 3.31 -5.41 39.95
N ILE B 197 2.15 -5.14 39.39
CA ILE B 197 2.03 -4.21 38.26
C ILE B 197 0.82 -3.32 38.47
N ASP B 198 1.01 -2.01 38.33
CA ASP B 198 -0.08 -1.03 38.37
C ASP B 198 -0.85 -1.11 39.68
N GLY B 199 -0.15 -1.33 40.77
CA GLY B 199 -0.76 -1.43 42.06
C GLY B 199 -1.46 -2.74 42.35
N TYR B 200 -1.45 -3.69 41.43
CA TYR B 200 -2.07 -4.98 41.64
C TYR B 200 -1.00 -6.03 41.90
N PHE B 201 -1.28 -6.92 42.83
CA PHE B 201 -0.44 -8.06 43.10
C PHE B 201 -1.11 -9.28 42.49
N LYS B 202 -0.60 -9.75 41.36
CA LYS B 202 -1.21 -10.85 40.63
C LYS B 202 -0.60 -12.17 41.06
N ILE B 203 -1.45 -13.15 41.33
CA ILE B 203 -0.97 -14.48 41.70
C ILE B 203 -1.57 -15.51 40.76
N TYR B 204 -0.75 -16.41 40.22
CA TYR B 204 -1.24 -17.47 39.35
C TYR B 204 -0.76 -18.77 39.99
N SER B 205 -1.62 -19.77 40.13
CA SER B 205 -1.22 -21.01 40.81
C SER B 205 -1.62 -22.30 40.11
N LYS B 206 -0.99 -23.42 40.49
CA LYS B 206 -1.32 -24.70 39.90
C LYS B 206 -0.82 -25.79 40.84
N HIS B 207 -1.73 -26.59 41.37
CA HIS B 207 -1.37 -27.72 42.21
C HIS B 207 -1.30 -28.96 41.35
N THR B 208 -0.20 -29.70 41.47
CA THR B 208 0.03 -30.87 40.64
C THR B 208 0.50 -32.02 41.52
N PRO B 209 -0.14 -33.20 41.44
CA PRO B 209 0.34 -34.35 42.22
C PRO B 209 1.62 -34.91 41.61
N ILE B 210 2.59 -35.19 42.47
CA ILE B 210 3.87 -35.74 42.04
C ILE B 210 4.18 -36.96 42.90
N ASN B 211 5.25 -37.64 42.54
CA ASN B 211 5.80 -38.73 43.34
C ASN B 211 7.29 -38.76 43.05
N LEU B 212 8.08 -38.14 43.92
CA LEU B 212 9.43 -37.78 43.54
C LEU B 212 10.28 -37.63 44.80
N VAL B 213 11.58 -37.70 44.61
CA VAL B 213 12.53 -37.71 45.71
C VAL B 213 13.21 -36.37 45.89
N ARG B 214 13.82 -35.83 44.84
CA ARG B 214 14.83 -34.79 45.02
C ARG B 214 14.48 -33.45 44.39
N ASP B 215 14.21 -33.39 43.09
CA ASP B 215 14.36 -32.13 42.35
C ASP B 215 13.03 -31.65 41.77
N LEU B 216 13.08 -30.62 40.92
CA LEU B 216 11.89 -30.17 40.20
C LEU B 216 11.41 -31.20 39.20
N PRO B 217 10.15 -31.62 39.25
CA PRO B 217 9.63 -32.48 38.20
C PRO B 217 9.66 -31.79 36.86
N GLN B 218 10.41 -32.36 35.92
CA GLN B 218 10.45 -31.85 34.55
C GLN B 218 9.11 -32.12 33.89
N GLY B 219 8.43 -31.07 33.48
CA GLY B 219 7.13 -31.24 32.86
C GLY B 219 6.62 -29.93 32.31
N PHE B 220 5.31 -29.89 32.07
CA PHE B 220 4.64 -28.69 31.61
C PHE B 220 3.28 -28.58 32.26
N SER B 221 3.00 -27.43 32.86
CA SER B 221 1.70 -27.17 33.44
C SER B 221 1.45 -25.66 33.44
N ALA B 222 0.33 -25.23 32.88
CA ALA B 222 0.02 -23.82 32.87
C ALA B 222 -0.70 -23.36 34.11
N LEU B 223 -0.19 -22.31 34.74
CA LEU B 223 -0.76 -21.79 35.96
C LEU B 223 -2.02 -21.02 35.70
N GLU B 224 -2.95 -21.05 36.63
CA GLU B 224 -4.22 -20.41 36.43
C GLU B 224 -4.43 -19.15 37.30
N PRO B 225 -5.12 -18.11 36.80
CA PRO B 225 -5.25 -16.90 37.62
C PRO B 225 -5.91 -17.20 38.95
N LEU B 226 -5.25 -16.79 40.03
CA LEU B 226 -5.78 -17.00 41.37
C LEU B 226 -6.46 -15.76 41.93
N VAL B 227 -5.77 -14.63 41.96
CA VAL B 227 -6.32 -13.42 42.56
C VAL B 227 -5.49 -12.23 42.09
N ASP B 228 -6.12 -11.06 42.05
CA ASP B 228 -5.45 -9.79 41.84
C ASP B 228 -5.68 -8.94 43.08
N LEU B 229 -4.65 -8.65 43.79
CA LEU B 229 -4.88 -7.92 45.01
C LEU B 229 -4.55 -6.46 44.81
N PRO B 230 -5.44 -5.55 45.15
CA PRO B 230 -5.15 -4.11 45.01
C PRO B 230 -4.42 -3.57 46.23
N ILE B 231 -3.17 -3.99 46.40
CA ILE B 231 -2.44 -3.63 47.60
C ILE B 231 -1.77 -2.26 47.45
N GLY B 232 -1.28 -1.94 46.26
CA GLY B 232 -0.75 -0.62 45.98
C GLY B 232 0.52 -0.26 46.72
N ILE B 233 1.42 -1.22 46.93
CA ILE B 233 2.65 -0.98 47.66
C ILE B 233 3.85 -1.26 46.76
N ASN B 234 5.02 -0.88 47.25
CA ASN B 234 6.27 -1.10 46.52
C ASN B 234 6.87 -2.35 47.08
N ILE B 235 7.17 -3.30 46.22
CA ILE B 235 7.71 -4.60 46.62
C ILE B 235 9.03 -4.82 45.91
N THR B 236 10.10 -5.01 46.68
CA THR B 236 11.41 -5.32 46.13
C THR B 236 12.03 -6.59 46.69
N ARG B 237 11.67 -7.01 47.88
CA ARG B 237 12.22 -8.21 48.49
C ARG B 237 11.08 -9.07 49.01
N PHE B 238 11.39 -10.34 49.25
CA PHE B 238 10.39 -11.22 49.83
C PHE B 238 11.09 -12.33 50.59
N GLN B 239 10.30 -13.07 51.37
CA GLN B 239 10.82 -14.06 52.29
C GLN B 239 9.74 -15.09 52.54
N THR B 240 10.15 -16.36 52.58
CA THR B 240 9.21 -17.46 52.70
C THR B 240 8.95 -17.79 54.17
N LEU B 241 7.70 -18.16 54.45
CA LEU B 241 7.27 -18.52 55.79
C LEU B 241 7.18 -20.03 55.91
N LEU B 242 8.05 -20.63 56.70
CA LEU B 242 8.08 -22.06 56.91
C LEU B 242 7.50 -22.40 58.28
N ALA B 243 7.16 -23.67 58.45
CA ALA B 243 6.72 -24.20 59.73
C ALA B 243 7.72 -25.24 60.20
N LEU B 244 8.15 -25.14 61.46
CA LEU B 244 9.05 -26.11 62.05
C LEU B 244 8.29 -27.00 63.03
N HIS B 245 8.84 -28.20 63.23
CA HIS B 245 8.25 -29.16 64.15
C HIS B 245 9.00 -29.12 65.48
N ARG B 246 8.25 -29.26 66.56
CA ARG B 246 8.81 -29.29 67.91
C ARG B 246 8.12 -30.39 68.70
N SER B 247 8.90 -31.21 69.38
CA SER B 247 8.34 -32.28 70.19
C SER B 247 9.39 -32.75 71.19
N TYR B 248 9.11 -33.88 71.84
CA TYR B 248 10.01 -34.40 72.87
C TYR B 248 11.40 -34.69 72.31
N LEU B 249 11.49 -35.08 71.04
CA LEU B 249 12.80 -35.34 70.44
C LEU B 249 13.64 -34.09 70.29
N THR B 250 13.06 -32.92 70.46
CA THR B 250 13.81 -31.67 70.37
C THR B 250 13.83 -31.01 71.74
N PRO B 251 14.77 -31.40 72.60
CA PRO B 251 14.71 -31.01 74.01
C PRO B 251 15.36 -29.67 74.35
N GLY B 252 15.84 -28.92 73.37
CA GLY B 252 16.48 -27.65 73.64
C GLY B 252 15.49 -26.57 74.03
N ASP B 253 15.92 -25.33 73.85
CA ASP B 253 15.10 -24.16 74.15
C ASP B 253 14.35 -23.73 72.88
N SER B 254 13.77 -22.52 72.91
CA SER B 254 13.11 -21.99 71.73
C SER B 254 14.11 -21.78 70.59
N SER B 255 15.25 -21.16 70.88
CA SER B 255 16.20 -20.84 69.83
C SER B 255 16.87 -22.09 69.27
N SER B 256 17.21 -23.03 70.15
CA SER B 256 17.85 -24.28 69.75
C SER B 256 16.99 -25.44 70.23
N GLY B 257 16.67 -26.34 69.32
CA GLY B 257 15.85 -27.50 69.61
C GLY B 257 14.52 -27.40 68.90
N TRP B 258 14.45 -28.01 67.73
CA TRP B 258 13.36 -28.01 66.78
C TRP B 258 13.83 -28.85 65.61
N THR B 259 12.89 -29.42 64.87
CA THR B 259 13.24 -30.21 63.70
C THR B 259 12.50 -29.66 62.48
N ALA B 260 13.21 -29.64 61.35
CA ALA B 260 12.69 -28.99 60.17
C ALA B 260 11.53 -29.75 59.55
N GLY B 261 11.70 -31.05 59.35
CA GLY B 261 10.74 -31.81 58.58
C GLY B 261 11.34 -32.18 57.25
N ALA B 262 10.63 -31.95 56.16
CA ALA B 262 11.19 -32.17 54.83
C ALA B 262 10.35 -31.40 53.82
N ALA B 263 10.98 -30.44 53.15
CA ALA B 263 10.32 -29.66 52.11
C ALA B 263 11.40 -28.91 51.35
N ALA B 264 11.09 -28.55 50.11
CA ALA B 264 12.02 -27.80 49.29
C ALA B 264 11.23 -26.83 48.42
N TYR B 265 11.83 -25.67 48.14
CA TYR B 265 11.19 -24.72 47.27
C TYR B 265 12.23 -24.09 46.35
N TYR B 266 11.75 -23.62 45.21
CA TYR B 266 12.60 -23.11 44.14
C TYR B 266 12.09 -21.75 43.73
N VAL B 267 13.01 -20.86 43.36
CA VAL B 267 12.69 -19.47 43.07
C VAL B 267 13.33 -19.08 41.76
N GLY B 268 12.51 -18.72 40.78
CA GLY B 268 13.00 -18.16 39.54
C GLY B 268 12.45 -16.77 39.30
N TYR B 269 13.05 -16.01 38.41
CA TYR B 269 12.64 -14.63 38.19
C TYR B 269 12.10 -14.46 36.78
N LEU B 270 11.06 -13.65 36.67
CA LEU B 270 10.40 -13.42 35.39
C LEU B 270 11.09 -12.30 34.62
N GLN B 271 10.96 -12.36 33.31
CA GLN B 271 11.50 -11.35 32.41
C GLN B 271 10.50 -11.13 31.30
N PRO B 272 10.52 -9.98 30.64
CA PRO B 272 9.62 -9.77 29.51
C PRO B 272 10.04 -10.59 28.30
N ARG B 273 9.29 -11.64 28.02
CA ARG B 273 9.59 -12.57 26.95
C ARG B 273 8.41 -12.66 26.02
N THR B 274 8.66 -13.16 24.82
CA THR B 274 7.60 -13.51 23.88
C THR B 274 7.49 -15.02 23.86
N PHE B 275 6.30 -15.53 24.12
CA PHE B 275 6.04 -16.95 24.12
C PHE B 275 5.01 -17.28 23.05
N LEU B 276 5.14 -18.47 22.49
CA LEU B 276 4.14 -19.01 21.59
C LEU B 276 3.41 -20.11 22.33
N LEU B 277 2.20 -19.81 22.79
CA LEU B 277 1.42 -20.77 23.56
C LEU B 277 0.59 -21.62 22.63
N LYS B 278 0.45 -22.90 22.96
CA LYS B 278 -0.33 -23.84 22.20
C LYS B 278 -1.58 -24.19 22.98
N TYR B 279 -2.73 -23.77 22.48
CA TYR B 279 -3.99 -24.08 23.12
C TYR B 279 -4.55 -25.38 22.57
N ASN B 280 -5.00 -26.23 23.47
CA ASN B 280 -5.53 -27.53 23.15
C ASN B 280 -6.83 -27.40 22.36
N GLU B 281 -7.43 -28.54 22.01
CA GLU B 281 -8.78 -28.50 21.46
C GLU B 281 -9.80 -28.19 22.53
N ASN B 282 -9.39 -28.33 23.79
CA ASN B 282 -10.23 -27.89 24.89
C ASN B 282 -9.59 -26.53 25.13
N GLY B 283 -9.73 -25.90 26.28
CA GLY B 283 -9.13 -24.60 26.39
C GLY B 283 -7.75 -24.56 26.99
N THR B 284 -7.11 -25.71 27.20
CA THR B 284 -5.83 -25.74 27.92
C THR B 284 -4.53 -25.49 27.19
N ILE B 285 -3.63 -24.75 27.80
CA ILE B 285 -2.32 -24.56 27.20
C ILE B 285 -1.59 -25.85 27.47
N THR B 286 -1.03 -26.46 26.44
CA THR B 286 -0.40 -27.76 26.60
C THR B 286 1.07 -27.72 26.27
N ASP B 287 1.51 -26.66 25.60
CA ASP B 287 2.91 -26.52 25.25
C ASP B 287 3.18 -25.07 24.90
N ALA B 288 4.45 -24.70 24.95
CA ALA B 288 4.85 -23.33 24.65
C ALA B 288 6.25 -23.33 24.08
N VAL B 289 6.59 -22.22 23.43
CA VAL B 289 7.92 -22.00 22.88
C VAL B 289 8.44 -20.68 23.41
N ASP B 290 9.68 -20.68 23.86
CA ASP B 290 10.34 -19.46 24.33
C ASP B 290 11.09 -18.85 23.16
N CYS B 291 10.46 -17.88 22.50
CA CYS B 291 10.95 -17.40 21.21
C CYS B 291 12.35 -16.78 21.28
N ALA B 292 12.91 -16.58 22.47
CA ALA B 292 14.23 -15.99 22.60
C ALA B 292 15.23 -16.95 23.22
N LEU B 293 14.87 -18.21 23.41
CA LEU B 293 15.78 -19.17 24.00
C LEU B 293 17.00 -19.38 23.11
N ASP B 294 16.78 -19.62 21.82
CA ASP B 294 17.84 -19.97 20.90
C ASP B 294 17.33 -19.76 19.48
N PRO B 295 18.20 -19.76 18.48
CA PRO B 295 17.75 -19.48 17.11
C PRO B 295 16.73 -20.48 16.57
N LEU B 296 16.71 -21.71 17.07
CA LEU B 296 15.68 -22.64 16.62
C LEU B 296 14.29 -22.21 17.09
N SER B 297 14.21 -21.68 18.31
CA SER B 297 12.93 -21.22 18.82
C SER B 297 12.44 -19.99 18.10
N GLU B 298 13.35 -19.11 17.68
CA GLU B 298 12.95 -17.97 16.87
C GLU B 298 12.29 -18.44 15.58
N THR B 299 12.81 -19.52 14.99
CA THR B 299 12.18 -20.09 13.81
C THR B 299 10.82 -20.67 14.14
N LYS B 300 10.73 -21.45 15.23
CA LYS B 300 9.45 -22.03 15.60
C LYS B 300 8.38 -20.96 15.77
N CYS B 301 8.78 -19.82 16.34
CA CYS B 301 7.81 -18.74 16.53
C CYS B 301 7.52 -18.01 15.23
N THR B 302 8.53 -17.83 14.37
CA THR B 302 8.29 -17.15 13.10
C THR B 302 7.42 -17.99 12.19
N LEU B 303 7.70 -19.29 12.10
CA LEU B 303 6.82 -20.17 11.35
C LEU B 303 5.48 -20.39 12.04
N LYS B 304 5.36 -19.99 13.30
CA LYS B 304 4.14 -20.20 14.09
C LYS B 304 3.77 -21.68 14.12
N SER B 305 4.76 -22.52 14.40
CA SER B 305 4.51 -23.94 14.53
C SER B 305 5.56 -24.52 15.47
N PHE B 306 5.25 -25.69 16.00
CA PHE B 306 6.16 -26.40 16.89
C PHE B 306 7.07 -27.35 16.15
N THR B 307 6.92 -27.45 14.83
CA THR B 307 7.75 -28.29 14.00
C THR B 307 8.42 -27.44 12.93
N VAL B 308 9.66 -27.78 12.60
CA VAL B 308 10.42 -27.09 11.57
C VAL B 308 10.93 -28.13 10.60
N GLU B 309 10.73 -27.88 9.31
CA GLU B 309 11.22 -28.79 8.29
C GLU B 309 12.71 -28.58 8.05
N LYS B 310 13.31 -29.55 7.38
CA LYS B 310 14.72 -29.44 7.04
C LYS B 310 14.94 -28.23 6.14
N GLY B 311 15.96 -27.44 6.48
CA GLY B 311 16.27 -26.27 5.67
C GLY B 311 17.08 -25.28 6.47
N ILE B 312 17.29 -24.13 5.85
CA ILE B 312 18.00 -23.02 6.46
C ILE B 312 17.05 -21.83 6.52
N TYR B 313 17.05 -21.13 7.64
CA TYR B 313 16.08 -20.07 7.89
C TYR B 313 16.77 -18.82 8.38
N GLN B 314 16.36 -17.68 7.85
CA GLN B 314 16.82 -16.41 8.37
C GLN B 314 16.14 -16.09 9.68
N THR B 315 16.91 -15.57 10.62
CA THR B 315 16.37 -15.11 11.88
C THR B 315 16.73 -13.65 12.07
N SER B 316 16.40 -13.08 13.23
CA SER B 316 16.71 -11.67 13.45
C SER B 316 18.21 -11.46 13.43
N ASN B 317 18.63 -10.25 13.07
CA ASN B 317 20.04 -9.93 13.07
C ASN B 317 20.64 -10.09 14.46
N PHE B 318 21.96 -10.11 14.52
CA PHE B 318 22.62 -10.27 15.81
C PHE B 318 22.43 -9.02 16.64
N ARG B 319 21.82 -9.18 17.80
CA ARG B 319 21.53 -8.05 18.68
C ARG B 319 22.48 -8.04 19.87
N VAL B 320 22.86 -6.85 20.29
CA VAL B 320 23.66 -6.64 21.48
C VAL B 320 22.86 -5.78 22.45
N GLN B 321 22.82 -6.19 23.71
CA GLN B 321 22.08 -5.38 24.66
C GLN B 321 23.01 -4.39 25.34
N PRO B 322 22.52 -3.19 25.64
CA PRO B 322 23.36 -2.21 26.33
C PRO B 322 23.68 -2.65 27.75
N THR B 323 24.93 -2.44 28.14
CA THR B 323 25.39 -2.91 29.44
C THR B 323 25.24 -1.85 30.52
N GLU B 324 25.14 -0.57 30.16
CA GLU B 324 25.08 0.51 31.12
C GLU B 324 24.12 1.57 30.63
N SER B 325 23.94 2.60 31.44
CA SER B 325 23.24 3.81 31.06
C SER B 325 24.15 5.00 31.27
N ILE B 326 24.11 5.93 30.34
CA ILE B 326 24.97 7.11 30.35
C ILE B 326 24.08 8.34 30.34
N VAL B 327 24.42 9.32 31.16
CA VAL B 327 23.74 10.61 31.15
C VAL B 327 24.80 11.69 31.12
N ARG B 328 24.81 12.47 30.06
CA ARG B 328 25.75 13.56 29.94
C ARG B 328 24.95 14.81 29.72
N PHE B 329 24.92 15.67 30.73
CA PHE B 329 24.18 16.91 30.66
C PHE B 329 25.29 17.89 30.92
N PRO B 330 25.09 19.16 30.56
CA PRO B 330 26.11 20.19 30.78
C PRO B 330 26.32 20.40 32.26
N ASN B 331 27.47 20.91 32.65
CA ASN B 331 27.76 21.06 34.07
C ASN B 331 27.26 22.38 34.61
N ILE B 332 25.99 22.42 34.97
CA ILE B 332 25.38 23.66 35.42
C ILE B 332 24.99 23.47 36.87
N THR B 333 25.17 24.51 37.67
CA THR B 333 24.89 24.42 39.09
C THR B 333 23.79 25.36 39.57
N ASN B 334 23.62 26.51 38.94
CA ASN B 334 22.62 27.46 39.40
C ASN B 334 21.21 26.93 39.16
N LEU B 335 20.33 27.19 40.11
CA LEU B 335 18.91 26.94 39.91
C LEU B 335 18.32 28.04 39.04
N CYS B 336 17.33 27.67 38.23
CA CYS B 336 16.71 28.65 37.35
C CYS B 336 15.98 29.71 38.17
N PRO B 337 15.83 30.91 37.63
CA PRO B 337 15.20 31.98 38.40
C PRO B 337 13.70 31.79 38.54
N PHE B 338 13.29 30.71 39.20
CA PHE B 338 11.87 30.50 39.45
C PHE B 338 11.31 31.58 40.36
N GLY B 339 12.15 32.13 41.23
CA GLY B 339 11.68 33.20 42.09
C GLY B 339 11.42 34.48 41.34
N GLU B 340 12.34 34.88 40.47
CA GLU B 340 12.18 36.16 39.79
C GLU B 340 11.09 36.09 38.73
N VAL B 341 10.80 34.91 38.20
CA VAL B 341 9.80 34.80 37.15
C VAL B 341 8.42 34.58 37.73
N PHE B 342 8.27 33.60 38.61
CA PHE B 342 6.97 33.26 39.15
C PHE B 342 6.61 34.04 40.40
N ASN B 343 7.58 34.48 41.19
CA ASN B 343 7.31 35.21 42.45
C ASN B 343 7.81 36.62 42.31
N ALA B 344 7.08 37.47 41.63
CA ALA B 344 7.51 38.80 41.28
C ALA B 344 6.55 39.82 41.87
N THR B 345 7.08 40.98 42.20
CA THR B 345 6.25 42.02 42.77
C THR B 345 5.32 42.60 41.71
N ARG B 346 5.82 42.78 40.50
CA ARG B 346 5.09 43.46 39.45
C ARG B 346 5.12 42.64 38.16
N PHE B 347 3.95 42.33 37.64
CA PHE B 347 3.83 41.74 36.32
C PHE B 347 3.50 42.82 35.30
N ALA B 348 3.66 42.47 34.04
CA ALA B 348 3.44 43.44 32.97
C ALA B 348 1.99 43.44 32.52
N SER B 349 1.65 44.46 31.76
CA SER B 349 0.37 44.48 31.06
C SER B 349 0.44 43.57 29.84
N VAL B 350 -0.70 42.99 29.50
CA VAL B 350 -0.69 42.03 28.39
C VAL B 350 -0.32 42.70 27.09
N TYR B 351 -0.66 43.98 26.92
CA TYR B 351 -0.37 44.65 25.66
C TYR B 351 1.13 44.89 25.50
N ALA B 352 1.84 45.17 26.59
CA ALA B 352 3.29 45.30 26.56
C ALA B 352 3.84 44.23 27.47
N TRP B 353 3.93 43.02 26.95
CA TRP B 353 4.26 41.85 27.75
C TRP B 353 5.76 41.68 27.81
N ASN B 354 6.22 41.10 28.90
CA ASN B 354 7.65 41.02 29.19
C ASN B 354 8.20 39.70 28.69
N ARG B 355 9.36 39.75 28.03
CA ARG B 355 10.09 38.57 27.62
C ARG B 355 11.41 38.53 28.37
N LYS B 356 11.71 37.38 28.97
CA LYS B 356 12.93 37.23 29.75
C LYS B 356 13.70 36.01 29.27
N ARG B 357 15.00 36.18 29.07
CA ARG B 357 15.86 35.10 28.63
C ARG B 357 16.31 34.26 29.82
N ILE B 358 16.23 32.95 29.68
CA ILE B 358 16.63 31.99 30.71
C ILE B 358 17.82 31.21 30.17
N SER B 359 18.92 31.19 30.93
CA SER B 359 20.11 30.51 30.46
C SER B 359 20.98 30.09 31.64
N ASN B 360 21.80 29.07 31.42
CA ASN B 360 22.74 28.59 32.44
C ASN B 360 22.15 28.18 33.76
N CYS B 361 21.03 27.47 33.71
CA CYS B 361 20.37 27.10 34.92
C CYS B 361 19.79 25.70 34.94
N VAL B 362 19.50 25.17 36.12
CA VAL B 362 18.87 23.85 36.22
C VAL B 362 17.40 23.99 36.54
N ALA B 363 16.54 23.44 35.70
CA ALA B 363 15.11 23.54 35.88
C ALA B 363 14.50 22.51 36.80
N ASP B 364 14.74 22.62 38.10
CA ASP B 364 14.10 21.73 39.05
C ASP B 364 12.86 22.42 39.50
N TYR B 365 11.79 22.27 38.74
CA TYR B 365 10.56 22.97 39.05
C TYR B 365 9.86 22.42 40.28
N SER B 366 10.38 21.39 40.92
CA SER B 366 9.78 20.95 42.16
C SER B 366 10.03 21.92 43.30
N VAL B 367 10.86 22.93 43.10
CA VAL B 367 10.99 23.99 44.09
C VAL B 367 9.74 24.86 44.13
N LEU B 368 8.91 24.80 43.09
CA LEU B 368 7.64 25.51 43.09
C LEU B 368 6.55 24.76 43.82
N TYR B 369 6.76 23.49 44.15
CA TYR B 369 5.70 22.70 44.75
C TYR B 369 5.30 23.23 46.11
N ASN B 370 6.22 23.86 46.82
CA ASN B 370 5.95 24.30 48.19
C ASN B 370 5.14 25.59 48.22
N SER B 371 5.36 26.48 47.26
CA SER B 371 4.80 27.83 47.31
C SER B 371 3.74 28.09 46.27
N ALA B 372 3.88 27.57 45.06
CA ALA B 372 3.05 27.97 43.94
C ALA B 372 1.90 26.99 43.75
N SER B 373 0.86 27.45 43.09
CA SER B 373 -0.31 26.63 42.77
C SER B 373 -0.91 27.18 41.49
N PHE B 374 -1.00 26.35 40.46
CA PHE B 374 -1.35 26.81 39.12
C PHE B 374 -2.68 26.24 38.68
N SER B 375 -3.59 27.11 38.28
CA SER B 375 -4.87 26.67 37.73
C SER B 375 -4.71 26.07 36.35
N THR B 376 -3.74 26.55 35.58
CA THR B 376 -3.52 26.12 34.22
C THR B 376 -2.06 25.72 34.08
N PHE B 377 -1.82 24.57 33.46
CA PHE B 377 -0.47 24.20 33.09
C PHE B 377 -0.57 23.25 31.91
N LYS B 378 -0.36 23.77 30.72
CA LYS B 378 -0.51 23.01 29.50
C LYS B 378 0.78 23.10 28.71
N CYS B 379 1.31 21.96 28.28
CA CYS B 379 2.55 21.93 27.53
C CYS B 379 2.30 21.48 26.10
N TYR B 380 3.07 22.04 25.18
CA TYR B 380 2.89 21.84 23.76
C TYR B 380 4.17 21.29 23.16
N GLY B 381 4.05 20.23 22.37
CA GLY B 381 5.20 19.63 21.76
C GLY B 381 6.08 18.84 22.70
N VAL B 382 5.66 18.67 23.94
CA VAL B 382 6.45 17.94 24.93
C VAL B 382 5.48 17.41 25.96
N SER B 383 5.83 16.29 26.58
CA SER B 383 4.96 15.75 27.61
C SER B 383 5.41 16.25 28.98
N PRO B 384 4.46 16.51 29.87
CA PRO B 384 4.82 17.02 31.20
C PRO B 384 5.73 16.09 31.98
N THR B 385 5.54 14.79 31.85
CA THR B 385 6.36 13.83 32.59
C THR B 385 7.75 13.67 32.00
N LYS B 386 8.06 14.37 30.92
CA LYS B 386 9.36 14.25 30.26
C LYS B 386 10.27 15.43 30.56
N LEU B 387 9.76 16.46 31.23
CA LEU B 387 10.52 17.69 31.41
C LEU B 387 11.75 17.50 32.29
N ASN B 388 11.78 16.46 33.12
CA ASN B 388 12.93 16.23 33.98
C ASN B 388 14.09 15.61 33.22
N ASP B 389 13.87 15.08 32.04
CA ASP B 389 14.93 14.38 31.35
C ASP B 389 15.46 15.13 30.17
N LEU B 390 14.98 16.35 29.95
CA LEU B 390 15.36 17.11 28.78
C LEU B 390 16.19 18.34 29.04
N CYS B 391 16.88 18.83 28.03
CA CYS B 391 17.61 20.08 28.14
C CYS B 391 16.95 20.99 27.14
N PHE B 392 16.71 22.24 27.52
CA PHE B 392 15.96 23.15 26.68
C PHE B 392 16.82 24.21 26.05
N THR B 393 16.65 24.46 24.77
CA THR B 393 17.53 25.37 24.04
C THR B 393 17.37 26.87 24.23
N ASN B 394 16.31 27.45 23.71
CA ASN B 394 16.19 28.91 23.75
C ASN B 394 15.01 29.27 24.65
N VAL B 395 15.27 29.30 25.95
CA VAL B 395 14.18 29.44 26.90
C VAL B 395 13.88 30.91 27.08
N TYR B 396 12.62 31.29 26.87
CA TYR B 396 12.14 32.63 27.11
C TYR B 396 10.90 32.52 27.97
N ALA B 397 10.73 33.44 28.89
CA ALA B 397 9.57 33.46 29.77
C ALA B 397 8.79 34.73 29.52
N ASP B 398 7.64 34.59 28.88
CA ASP B 398 6.72 35.70 28.67
C ASP B 398 5.73 35.75 29.82
N SER B 399 5.53 36.94 30.39
CA SER B 399 4.65 37.07 31.54
C SER B 399 3.80 38.31 31.41
N PHE B 400 2.59 38.22 31.94
CA PHE B 400 1.62 39.31 31.91
C PHE B 400 0.45 38.91 32.80
N VAL B 401 -0.46 39.86 33.00
CA VAL B 401 -1.66 39.65 33.78
C VAL B 401 -2.87 39.94 32.91
N ILE B 402 -3.82 39.03 32.89
CA ILE B 402 -5.05 39.18 32.15
C ILE B 402 -6.22 38.84 33.07
N ARG B 403 -7.41 39.02 32.54
CA ARG B 403 -8.62 38.59 33.22
C ARG B 403 -8.69 37.06 33.28
N GLY B 404 -9.45 36.55 34.24
CA GLY B 404 -9.59 35.12 34.37
C GLY B 404 -10.29 34.48 33.19
N ASP B 405 -11.25 35.17 32.58
CA ASP B 405 -11.98 34.65 31.44
C ASP B 405 -11.15 34.57 30.17
N GLU B 406 -9.91 35.04 30.18
CA GLU B 406 -9.11 35.10 28.98
C GLU B 406 -7.93 34.14 29.01
N VAL B 407 -7.76 33.37 30.07
CA VAL B 407 -6.67 32.42 30.11
C VAL B 407 -6.82 31.38 29.01
N ARG B 408 -8.07 31.06 28.65
CA ARG B 408 -8.30 30.14 27.55
C ARG B 408 -7.76 30.66 26.23
N GLN B 409 -7.58 31.98 26.10
CA GLN B 409 -7.15 32.56 24.85
C GLN B 409 -5.65 32.44 24.61
N ILE B 410 -4.88 32.06 25.62
CA ILE B 410 -3.44 31.85 25.46
C ILE B 410 -3.27 30.37 25.13
N ALA B 411 -3.34 30.06 23.86
CA ALA B 411 -3.27 28.75 23.29
C ALA B 411 -3.12 28.95 21.80
N PRO B 412 -2.49 28.03 21.09
CA PRO B 412 -2.39 28.18 19.63
C PRO B 412 -3.77 28.17 18.99
N GLY B 413 -3.97 29.06 18.03
CA GLY B 413 -5.19 29.05 17.24
C GLY B 413 -6.41 29.58 17.94
N GLN B 414 -6.24 30.44 18.93
CA GLN B 414 -7.39 31.05 19.59
C GLN B 414 -7.71 32.39 18.96
N THR B 415 -8.96 32.82 19.13
CA THR B 415 -9.38 34.15 18.74
C THR B 415 -9.92 34.86 19.96
N GLY B 416 -9.98 36.18 19.87
CA GLY B 416 -10.47 36.96 20.98
C GLY B 416 -9.68 38.23 21.16
N LYS B 417 -10.08 39.04 22.13
CA LYS B 417 -9.46 40.34 22.33
C LYS B 417 -7.99 40.20 22.69
N ILE B 418 -7.62 39.16 23.42
CA ILE B 418 -6.22 38.97 23.77
C ILE B 418 -5.46 38.37 22.60
N ALA B 419 -5.93 37.26 22.07
CA ALA B 419 -5.22 36.57 20.99
C ALA B 419 -5.17 37.39 19.72
N ASP B 420 -6.05 38.37 19.54
CA ASP B 420 -6.04 39.16 18.33
C ASP B 420 -5.22 40.42 18.45
N TYR B 421 -5.32 41.13 19.57
CA TYR B 421 -4.75 42.45 19.69
C TYR B 421 -3.64 42.57 20.70
N ASN B 422 -3.42 41.58 21.55
CA ASN B 422 -2.48 41.74 22.64
C ASN B 422 -1.33 40.76 22.63
N TYR B 423 -1.61 39.46 22.44
CA TYR B 423 -0.56 38.46 22.58
C TYR B 423 -1.00 37.21 21.83
N LYS B 424 -0.28 36.85 20.77
CA LYS B 424 -0.62 35.70 19.97
C LYS B 424 0.51 34.68 20.02
N LEU B 425 0.14 33.41 20.17
CA LEU B 425 1.05 32.29 20.11
C LEU B 425 1.09 31.73 18.70
N PRO B 426 2.25 31.30 18.21
CA PRO B 426 2.31 30.65 16.90
C PRO B 426 1.58 29.32 16.93
N ASP B 427 1.22 28.86 15.73
CA ASP B 427 0.53 27.58 15.61
C ASP B 427 1.44 26.41 15.95
N ASP B 428 2.69 26.50 15.57
CA ASP B 428 3.68 25.46 15.87
C ASP B 428 4.46 25.80 17.13
N PHE B 429 3.72 26.01 18.21
CA PHE B 429 4.30 26.47 19.46
C PHE B 429 4.81 25.28 20.26
N THR B 430 6.04 25.38 20.74
CA THR B 430 6.64 24.38 21.62
C THR B 430 6.96 25.05 22.93
N GLY B 431 6.35 24.58 24.00
CA GLY B 431 6.54 25.18 25.29
C GLY B 431 5.37 24.89 26.17
N CYS B 432 5.25 25.66 27.23
CA CYS B 432 4.22 25.44 28.24
C CYS B 432 3.58 26.78 28.58
N VAL B 433 2.29 26.72 28.90
CA VAL B 433 1.54 27.89 29.34
C VAL B 433 1.11 27.67 30.77
N ILE B 434 1.44 28.60 31.65
CA ILE B 434 1.17 28.49 33.07
C ILE B 434 0.38 29.71 33.50
N ALA B 435 -0.68 29.49 34.27
CA ALA B 435 -1.50 30.59 34.75
C ALA B 435 -1.95 30.28 36.16
N TRP B 436 -2.23 31.34 36.93
CA TRP B 436 -2.71 31.22 38.31
C TRP B 436 -3.44 32.50 38.73
N ASN B 437 -4.48 32.38 39.55
CA ASN B 437 -5.21 33.54 40.05
C ASN B 437 -4.33 34.41 40.92
N SER B 438 -4.37 35.71 40.70
CA SER B 438 -3.57 36.62 41.48
C SER B 438 -4.42 37.69 42.15
N ASN B 439 -5.64 37.36 42.54
CA ASN B 439 -6.54 38.34 43.11
C ASN B 439 -6.01 38.99 44.39
N ASN B 440 -5.39 38.22 45.27
CA ASN B 440 -4.84 38.82 46.47
C ASN B 440 -3.75 39.83 46.17
N LEU B 441 -2.81 39.49 45.29
CA LEU B 441 -1.78 40.44 44.87
C LEU B 441 -2.15 41.57 43.94
N ASP B 442 -2.92 41.30 42.89
CA ASP B 442 -3.18 42.31 41.86
C ASP B 442 -4.51 43.02 41.86
N SER B 443 -5.31 42.82 42.89
CA SER B 443 -6.56 43.53 42.97
C SER B 443 -6.65 44.35 44.23
N LYS B 444 -6.96 45.64 44.08
CA LYS B 444 -7.09 46.50 45.25
C LYS B 444 -8.49 47.06 45.46
N VAL B 445 -8.85 47.39 46.71
CA VAL B 445 -10.14 47.99 46.98
C VAL B 445 -10.26 49.33 46.27
N GLY B 446 -11.40 49.56 45.66
CA GLY B 446 -11.55 50.71 44.80
C GLY B 446 -11.06 50.50 43.40
N GLY B 447 -10.79 49.26 43.02
CA GLY B 447 -10.33 48.94 41.68
C GLY B 447 -8.85 49.18 41.50
N ASN B 448 -8.19 48.27 40.81
CA ASN B 448 -6.79 48.42 40.42
C ASN B 448 -6.75 48.63 38.92
N TYR B 449 -6.28 49.80 38.50
CA TYR B 449 -6.34 50.21 37.11
C TYR B 449 -4.96 50.37 36.49
N ASN B 450 -4.01 49.55 36.90
CA ASN B 450 -2.67 49.60 36.34
C ASN B 450 -2.50 48.69 35.13
N TYR B 451 -3.29 47.63 35.05
CA TYR B 451 -3.13 46.64 33.99
C TYR B 451 -4.01 47.02 32.81
N LEU B 452 -3.39 47.23 31.66
CA LEU B 452 -4.09 47.65 30.45
C LEU B 452 -4.10 46.54 29.42
N TYR B 453 -4.93 46.71 28.41
CA TYR B 453 -5.00 45.81 27.28
C TYR B 453 -5.46 46.60 26.07
N ARG B 454 -5.00 46.21 24.90
CA ARG B 454 -5.42 46.86 23.68
C ARG B 454 -6.83 46.40 23.33
N LEU B 455 -7.69 47.36 23.02
CA LEU B 455 -9.07 47.03 22.67
C LEU B 455 -9.33 47.09 21.17
N PHE B 456 -8.70 48.03 20.48
CA PHE B 456 -8.91 48.21 19.05
C PHE B 456 -7.58 48.11 18.33
N ARG B 457 -7.59 47.48 17.17
CA ARG B 457 -6.40 47.44 16.35
C ARG B 457 -6.81 47.13 14.92
N LYS B 458 -6.10 47.75 13.97
CA LYS B 458 -6.53 47.67 12.58
C LYS B 458 -6.39 46.26 12.02
N SER B 459 -5.51 45.45 12.58
CA SER B 459 -5.34 44.08 12.14
C SER B 459 -4.79 43.25 13.27
N ASN B 460 -4.94 41.94 13.15
CA ASN B 460 -4.47 41.02 14.18
C ASN B 460 -2.95 41.02 14.27
N LEU B 461 -2.45 40.70 15.46
CA LEU B 461 -1.01 40.59 15.66
C LEU B 461 -0.47 39.32 15.02
N LYS B 462 0.81 39.36 14.70
CA LYS B 462 1.53 38.15 14.35
C LYS B 462 1.97 37.45 15.63
N PRO B 463 2.34 36.17 15.54
CA PRO B 463 2.82 35.46 16.73
C PRO B 463 4.00 36.15 17.37
N PHE B 464 3.94 36.27 18.71
CA PHE B 464 5.00 36.82 19.53
C PHE B 464 5.37 38.25 19.13
N GLU B 465 4.44 38.96 18.52
CA GLU B 465 4.63 40.35 18.18
C GLU B 465 4.05 41.22 19.28
N ARG B 466 4.73 42.32 19.58
CA ARG B 466 4.31 43.22 20.64
C ARG B 466 3.99 44.59 20.05
N ASP B 467 2.87 45.16 20.44
CA ASP B 467 2.41 46.45 19.96
C ASP B 467 2.19 47.36 21.16
N ILE B 468 3.06 48.34 21.34
CA ILE B 468 2.95 49.29 22.44
C ILE B 468 2.52 50.66 21.93
N SER B 469 2.05 50.73 20.70
CA SER B 469 1.56 51.99 20.15
C SER B 469 0.35 52.47 20.92
N THR B 470 0.16 53.79 20.94
CA THR B 470 -0.93 54.40 21.69
C THR B 470 -1.57 55.53 20.90
N GLU B 471 -1.80 55.32 19.62
CA GLU B 471 -2.37 56.35 18.78
C GLU B 471 -3.85 56.11 18.56
N ILE B 472 -4.58 57.21 18.33
CA ILE B 472 -6.04 57.16 18.32
C ILE B 472 -6.52 56.22 17.22
N TYR B 473 -7.40 55.31 17.59
CA TYR B 473 -7.93 54.34 16.64
C TYR B 473 -9.14 54.94 15.94
N GLN B 474 -9.06 55.06 14.63
CA GLN B 474 -10.14 55.64 13.83
C GLN B 474 -11.10 54.54 13.44
N ALA B 475 -12.27 54.53 14.08
CA ALA B 475 -13.25 53.48 13.86
C ALA B 475 -14.21 53.79 12.72
N GLY B 476 -14.20 55.02 12.23
CA GLY B 476 -15.04 55.38 11.10
C GLY B 476 -14.21 55.78 9.91
N SER B 477 -14.82 56.46 8.95
CA SER B 477 -14.05 56.97 7.81
C SER B 477 -13.53 58.37 8.04
N THR B 478 -14.21 59.14 8.89
CA THR B 478 -13.71 60.46 9.23
C THR B 478 -12.41 60.34 10.01
N PRO B 479 -11.43 61.21 9.76
CA PRO B 479 -10.13 61.05 10.39
C PRO B 479 -10.11 61.59 11.81
N CYS B 480 -9.23 61.01 12.61
CA CYS B 480 -8.91 61.49 13.94
C CYS B 480 -7.55 62.16 13.86
N ASN B 481 -7.51 63.44 14.17
CA ASN B 481 -6.25 64.18 14.15
C ASN B 481 -5.62 64.15 15.54
N GLY B 482 -5.48 62.94 16.07
CA GLY B 482 -4.82 62.72 17.33
C GLY B 482 -5.63 63.07 18.55
N VAL B 483 -6.95 63.19 18.44
CA VAL B 483 -7.80 63.53 19.57
C VAL B 483 -8.95 62.53 19.63
N GLU B 484 -9.29 62.11 20.83
CA GLU B 484 -10.42 61.20 21.00
C GLU B 484 -11.73 61.96 20.80
N GLY B 485 -12.63 61.36 20.03
CA GLY B 485 -13.93 61.96 19.80
C GLY B 485 -14.94 60.94 19.35
N PHE B 486 -15.82 61.34 18.45
CA PHE B 486 -16.82 60.41 17.93
C PHE B 486 -16.15 59.42 16.98
N ASN B 487 -16.26 58.14 17.31
CA ASN B 487 -15.62 57.07 16.55
C ASN B 487 -14.12 57.27 16.44
N CYS B 488 -13.53 57.82 17.50
CA CYS B 488 -12.10 57.97 17.63
C CYS B 488 -11.74 57.58 19.06
N TYR B 489 -11.19 56.39 19.23
CA TYR B 489 -11.00 55.81 20.55
C TYR B 489 -9.52 55.70 20.88
N PHE B 490 -9.19 56.02 22.12
CA PHE B 490 -7.89 55.62 22.65
C PHE B 490 -7.84 54.10 22.67
N PRO B 491 -6.76 53.48 22.17
CA PRO B 491 -6.82 52.03 21.92
C PRO B 491 -6.66 51.16 23.15
N LEU B 492 -6.16 51.67 24.26
CA LEU B 492 -5.93 50.87 25.45
C LEU B 492 -6.97 51.17 26.51
N GLN B 493 -7.52 50.12 27.11
CA GLN B 493 -8.39 50.26 28.26
C GLN B 493 -7.80 49.49 29.43
N SER B 494 -8.17 49.91 30.63
CA SER B 494 -7.64 49.32 31.85
C SER B 494 -8.61 48.29 32.38
N TYR B 495 -8.09 47.13 32.75
CA TYR B 495 -8.87 46.19 33.53
C TYR B 495 -9.27 46.83 34.84
N GLY B 496 -10.48 46.56 35.29
CA GLY B 496 -10.87 46.99 36.62
C GLY B 496 -10.86 45.84 37.60
N PHE B 497 -9.77 45.71 38.36
CA PHE B 497 -9.63 44.57 39.25
C PHE B 497 -10.12 44.76 40.68
N GLN B 498 -11.40 44.98 40.90
CA GLN B 498 -11.87 45.06 42.26
C GLN B 498 -11.73 43.69 42.91
N PRO B 499 -11.44 43.65 44.21
CA PRO B 499 -11.21 42.36 44.87
C PRO B 499 -12.42 41.45 44.84
N THR B 500 -13.61 42.00 44.98
CA THR B 500 -14.81 41.20 44.97
C THR B 500 -15.33 40.92 43.58
N ASN B 501 -14.53 41.16 42.54
CA ASN B 501 -14.95 40.76 41.21
C ASN B 501 -15.15 39.26 41.18
N GLY B 502 -16.08 38.82 40.34
CA GLY B 502 -16.31 37.39 40.16
C GLY B 502 -15.06 36.75 39.57
N VAL B 503 -14.93 35.44 39.80
CA VAL B 503 -13.68 34.75 39.46
C VAL B 503 -13.32 34.93 38.00
N GLY B 504 -14.30 35.20 37.14
CA GLY B 504 -13.98 35.46 35.75
C GLY B 504 -13.40 36.83 35.51
N TYR B 505 -13.53 37.77 36.44
CA TYR B 505 -13.03 39.12 36.25
C TYR B 505 -11.95 39.39 37.25
N GLN B 506 -11.21 38.36 37.61
CA GLN B 506 -10.19 38.49 38.63
C GLN B 506 -8.83 38.35 37.96
N PRO B 507 -7.80 39.03 38.49
CA PRO B 507 -6.50 39.00 37.82
C PRO B 507 -5.85 37.63 37.76
N TYR B 508 -5.24 37.29 36.64
CA TYR B 508 -4.55 36.02 36.53
C TYR B 508 -3.16 36.24 35.99
N ARG B 509 -2.15 35.71 36.66
CA ARG B 509 -0.77 35.83 36.21
C ARG B 509 -0.45 34.68 35.29
N VAL B 510 0.02 34.99 34.09
CA VAL B 510 0.29 34.00 33.07
C VAL B 510 1.78 34.01 32.76
N VAL B 511 2.35 32.83 32.56
CA VAL B 511 3.74 32.70 32.13
C VAL B 511 3.77 31.73 30.97
N VAL B 512 4.35 32.15 29.85
CA VAL B 512 4.49 31.31 28.68
C VAL B 512 5.97 31.03 28.49
N LEU B 513 6.34 29.76 28.52
CA LEU B 513 7.72 29.34 28.31
C LEU B 513 7.88 28.82 26.89
N SER B 514 8.85 29.37 26.17
CA SER B 514 9.14 28.95 24.81
C SER B 514 10.51 28.31 24.77
N PHE B 515 10.64 27.25 23.98
CA PHE B 515 11.94 26.62 23.79
C PHE B 515 11.87 25.70 22.59
N GLU B 516 13.04 25.20 22.20
CA GLU B 516 13.15 24.09 21.28
C GLU B 516 13.87 22.95 21.97
N LEU B 517 13.75 21.76 21.38
CA LEU B 517 14.27 20.55 21.98
C LEU B 517 15.12 19.79 20.97
N LEU B 518 16.31 19.40 21.40
CA LEU B 518 17.10 18.36 20.74
C LEU B 518 17.53 18.74 19.34
N HIS B 519 17.88 20.01 19.13
CA HIS B 519 18.43 20.41 17.84
C HIS B 519 19.64 21.31 17.93
N ALA B 520 19.94 21.89 19.08
CA ALA B 520 20.98 22.89 19.19
C ALA B 520 21.58 22.80 20.59
N PRO B 521 22.72 23.45 20.82
CA PRO B 521 23.25 23.49 22.18
C PRO B 521 22.24 24.05 23.16
N ALA B 522 22.25 23.51 24.37
CA ALA B 522 21.26 23.90 25.36
C ALA B 522 21.95 24.25 26.65
N THR B 523 21.51 25.32 27.30
CA THR B 523 22.11 25.74 28.56
C THR B 523 21.17 25.65 29.73
N VAL B 524 19.94 25.21 29.52
CA VAL B 524 19.00 25.03 30.61
C VAL B 524 18.66 23.57 30.62
N CYS B 525 18.78 22.92 31.76
CA CYS B 525 18.55 21.49 31.81
C CYS B 525 17.71 21.02 32.97
N GLY B 526 17.10 19.87 32.84
CA GLY B 526 16.31 19.31 33.92
C GLY B 526 17.21 18.75 34.99
N PRO B 527 16.65 18.42 36.14
CA PRO B 527 17.49 17.97 37.25
C PRO B 527 17.88 16.50 37.15
N LYS B 528 18.74 16.16 36.21
CA LYS B 528 19.19 14.78 36.07
C LYS B 528 20.62 14.69 36.53
N LYS B 529 20.99 13.57 37.12
CA LYS B 529 22.33 13.44 37.67
C LYS B 529 23.24 12.87 36.59
N SER B 530 24.37 13.54 36.33
CA SER B 530 25.21 13.20 35.19
C SER B 530 26.23 12.14 35.57
N THR B 531 26.45 11.19 34.65
CA THR B 531 27.34 10.07 34.87
C THR B 531 28.65 10.27 34.11
N ASN B 532 29.53 9.28 34.24
CA ASN B 532 30.77 9.27 33.49
C ASN B 532 30.53 8.83 32.05
N LEU B 533 31.42 9.24 31.16
CA LEU B 533 31.32 8.89 29.76
C LEU B 533 31.92 7.51 29.52
N VAL B 534 31.21 6.68 28.78
CA VAL B 534 31.64 5.32 28.47
C VAL B 534 31.73 5.18 26.96
N LYS B 535 32.92 4.85 26.47
CA LYS B 535 33.14 4.68 25.05
C LYS B 535 33.35 3.21 24.71
N ASN B 536 33.20 2.89 23.43
CA ASN B 536 33.51 1.58 22.88
C ASN B 536 32.65 0.47 23.47
N LYS B 537 31.47 0.78 23.93
CA LYS B 537 30.60 -0.21 24.57
C LYS B 537 29.16 0.13 24.29
N CYS B 538 28.33 -0.89 24.14
CA CYS B 538 26.91 -0.67 23.91
C CYS B 538 26.28 -0.15 25.19
N VAL B 539 25.77 1.08 25.16
CA VAL B 539 25.18 1.74 26.32
C VAL B 539 23.87 2.40 25.91
N ASN B 540 23.04 2.67 26.91
CA ASN B 540 21.96 3.62 26.77
C ASN B 540 22.48 5.00 27.14
N PHE B 541 22.28 5.96 26.26
CA PHE B 541 22.81 7.28 26.53
C PHE B 541 21.68 8.30 26.64
N ASN B 542 22.05 9.46 27.14
CA ASN B 542 21.15 10.61 27.23
C ASN B 542 22.06 11.83 27.12
N PHE B 543 22.13 12.41 25.94
CA PHE B 543 22.96 13.57 25.67
C PHE B 543 22.05 14.77 25.53
N ASN B 544 22.05 15.64 26.53
CA ASN B 544 21.26 16.87 26.52
C ASN B 544 19.79 16.58 26.29
N GLY B 545 19.30 15.45 26.76
CA GLY B 545 17.92 15.08 26.62
C GLY B 545 17.65 14.08 25.51
N LEU B 546 18.57 13.94 24.56
CA LEU B 546 18.39 13.01 23.45
C LEU B 546 18.80 11.62 23.89
N THR B 547 17.83 10.73 24.01
CA THR B 547 18.10 9.37 24.43
C THR B 547 18.37 8.48 23.21
N GLY B 548 18.74 7.25 23.48
CA GLY B 548 19.07 6.32 22.42
C GLY B 548 19.95 5.21 22.95
N THR B 549 20.46 4.41 22.01
CA THR B 549 21.27 3.25 22.32
C THR B 549 22.34 3.11 21.24
N GLY B 550 23.57 2.83 21.65
CA GLY B 550 24.61 2.60 20.66
C GLY B 550 25.98 2.57 21.30
N VAL B 551 26.97 2.48 20.44
CA VAL B 551 28.38 2.47 20.83
C VAL B 551 28.96 3.83 20.52
N LEU B 552 29.63 4.43 21.50
CA LEU B 552 30.23 5.75 21.36
C LEU B 552 31.72 5.63 21.10
N THR B 553 32.18 6.26 20.04
CA THR B 553 33.60 6.29 19.71
C THR B 553 34.00 7.70 19.31
N GLU B 554 35.28 8.01 19.46
CA GLU B 554 35.77 9.33 19.13
C GLU B 554 35.75 9.55 17.61
N SER B 555 35.56 10.80 17.23
CA SER B 555 35.17 11.14 15.86
C SER B 555 36.21 12.00 15.17
N ASN B 556 36.20 11.96 13.84
CA ASN B 556 36.93 12.90 13.01
C ASN B 556 36.17 14.18 12.73
N LYS B 557 34.88 14.22 13.06
CA LYS B 557 34.08 15.37 12.67
C LYS B 557 34.41 16.58 13.52
N LYS B 558 34.30 17.75 12.92
CA LYS B 558 34.54 19.03 13.58
C LYS B 558 33.24 19.83 13.51
N PHE B 559 32.56 19.94 14.63
CA PHE B 559 31.32 20.70 14.67
C PHE B 559 31.62 22.18 14.79
N LEU B 560 30.89 22.99 14.03
CA LEU B 560 30.94 24.42 14.22
C LEU B 560 30.38 24.76 15.61
N PRO B 561 30.81 25.88 16.18
CA PRO B 561 30.45 26.16 17.59
C PRO B 561 28.95 26.22 17.85
N PHE B 562 28.12 26.40 16.83
CA PHE B 562 26.69 26.45 17.02
C PHE B 562 26.00 25.11 16.81
N GLN B 563 26.77 24.03 16.67
CA GLN B 563 26.22 22.72 16.38
C GLN B 563 26.44 21.78 17.56
N GLN B 564 25.47 20.93 17.82
CA GLN B 564 25.53 19.96 18.90
C GLN B 564 25.33 18.53 18.44
N PHE B 565 24.50 18.29 17.43
CA PHE B 565 24.23 16.97 16.92
C PHE B 565 24.58 16.90 15.44
N GLY B 566 24.81 15.69 14.96
CA GLY B 566 24.97 15.45 13.55
C GLY B 566 24.08 14.30 13.13
N ARG B 567 23.51 14.42 11.94
CA ARG B 567 22.58 13.43 11.45
C ARG B 567 23.05 12.89 10.12
N ASP B 568 22.60 11.68 9.82
CA ASP B 568 22.90 11.01 8.57
C ASP B 568 21.74 11.20 7.59
N ILE B 569 21.75 10.46 6.49
CA ILE B 569 20.72 10.62 5.46
C ILE B 569 19.35 10.26 6.02
N ALA B 570 19.28 9.25 6.88
CA ALA B 570 18.01 8.85 7.47
C ALA B 570 17.59 9.73 8.64
N ASP B 571 18.32 10.81 8.91
CA ASP B 571 18.07 11.75 10.01
C ASP B 571 18.30 11.17 11.38
N THR B 572 18.88 9.98 11.50
CA THR B 572 19.23 9.49 12.82
C THR B 572 20.50 10.18 13.29
N THR B 573 20.56 10.45 14.59
CA THR B 573 21.71 11.11 15.15
C THR B 573 22.88 10.13 15.19
N ASP B 574 23.94 10.47 14.48
CA ASP B 574 25.12 9.61 14.42
C ASP B 574 26.36 10.27 14.97
N ALA B 575 26.31 11.55 15.31
CA ALA B 575 27.41 12.23 15.98
C ALA B 575 26.82 13.16 17.02
N VAL B 576 27.56 13.34 18.12
CA VAL B 576 27.14 14.21 19.20
C VAL B 576 28.37 14.82 19.83
N ARG B 577 28.24 16.05 20.32
CA ARG B 577 29.34 16.69 21.02
C ARG B 577 29.06 16.51 22.49
N ASP B 578 30.04 16.04 23.26
CA ASP B 578 29.78 15.79 24.64
C ASP B 578 29.63 17.12 25.34
N PRO B 579 28.57 17.29 26.13
CA PRO B 579 28.41 18.61 26.71
C PRO B 579 29.51 19.03 27.71
N GLN B 580 29.91 18.14 28.61
CA GLN B 580 30.96 18.45 29.57
C GLN B 580 32.36 18.65 28.98
N THR B 581 32.78 17.78 28.07
CA THR B 581 34.08 17.94 27.42
C THR B 581 33.65 18.12 26.01
N LEU B 582 34.06 19.17 25.35
CA LEU B 582 33.49 19.43 24.03
C LEU B 582 34.13 18.61 22.94
N GLU B 583 33.93 17.29 22.98
CA GLU B 583 34.52 16.42 22.00
C GLU B 583 33.48 15.66 21.21
N ILE B 584 33.63 15.66 19.89
CA ILE B 584 32.68 14.95 19.05
C ILE B 584 32.81 13.46 19.22
N LEU B 585 31.68 12.77 19.28
CA LEU B 585 31.66 11.34 19.44
C LEU B 585 30.76 10.79 18.36
N ASP B 586 30.95 9.55 17.97
CA ASP B 586 30.17 8.95 16.90
C ASP B 586 29.28 7.87 17.49
N ILE B 587 28.00 7.89 17.14
CA ILE B 587 27.06 6.91 17.65
C ILE B 587 26.84 5.82 16.62
N THR B 588 26.99 4.57 17.01
CA THR B 588 26.86 3.45 16.09
C THR B 588 25.94 2.42 16.72
N PRO B 589 24.97 1.90 15.97
CA PRO B 589 24.04 0.93 16.54
C PRO B 589 24.77 -0.29 17.08
N CYS B 590 24.10 -1.01 17.97
CA CYS B 590 24.73 -2.18 18.58
C CYS B 590 24.44 -3.44 17.77
N SER B 591 23.23 -3.56 17.25
CA SER B 591 22.82 -4.75 16.52
C SER B 591 23.30 -4.68 15.09
N PHE B 592 23.81 -5.80 14.57
CA PHE B 592 24.43 -5.83 13.26
C PHE B 592 24.72 -7.28 12.89
N GLY B 593 24.53 -7.60 11.62
CA GLY B 593 24.93 -8.89 11.11
C GLY B 593 23.80 -9.89 10.98
N GLY B 594 23.73 -10.56 9.83
CA GLY B 594 22.66 -11.52 9.62
C GLY B 594 22.98 -12.87 10.22
N VAL B 595 21.93 -13.60 10.59
CA VAL B 595 22.05 -14.89 11.25
C VAL B 595 21.06 -15.85 10.60
N SER B 596 21.53 -17.04 10.25
CA SER B 596 20.69 -18.11 9.73
C SER B 596 20.91 -19.35 10.57
N VAL B 597 19.85 -20.10 10.79
CA VAL B 597 19.91 -21.35 11.54
C VAL B 597 19.64 -22.50 10.57
N ILE B 598 20.52 -23.48 10.58
CA ILE B 598 20.43 -24.64 9.71
C ILE B 598 19.90 -25.80 10.52
N THR B 599 18.80 -26.39 10.08
CA THR B 599 18.24 -27.48 10.83
C THR B 599 17.88 -28.64 9.92
N PRO B 600 18.11 -29.86 10.35
CA PRO B 600 17.32 -30.97 9.80
C PRO B 600 15.95 -30.84 10.40
N GLY B 601 14.97 -31.63 9.96
CA GLY B 601 13.66 -31.52 10.56
C GLY B 601 13.73 -31.69 12.07
N THR B 602 12.95 -30.87 12.78
CA THR B 602 12.78 -31.13 14.21
C THR B 602 12.19 -32.50 14.44
N ASN B 603 11.62 -33.12 13.41
CA ASN B 603 11.10 -34.46 13.54
C ASN B 603 12.28 -35.43 13.58
N THR B 604 13.40 -35.01 13.03
CA THR B 604 14.57 -35.88 12.98
C THR B 604 15.54 -35.61 14.12
N SER B 605 15.75 -34.34 14.45
CA SER B 605 16.73 -34.00 15.46
C SER B 605 16.43 -32.60 15.98
N ASN B 606 17.05 -32.27 17.11
CA ASN B 606 16.98 -30.94 17.67
C ASN B 606 18.32 -30.22 17.63
N GLN B 607 19.29 -30.79 16.92
CA GLN B 607 20.55 -30.09 16.68
C GLN B 607 20.34 -29.01 15.63
N VAL B 608 21.11 -27.94 15.75
CA VAL B 608 21.11 -26.87 14.76
C VAL B 608 22.53 -26.41 14.57
N ALA B 609 22.80 -25.87 13.38
CA ALA B 609 24.01 -25.13 13.11
C ALA B 609 23.60 -23.71 12.77
N VAL B 610 24.38 -22.74 13.23
CA VAL B 610 24.04 -21.34 13.05
C VAL B 610 25.09 -20.70 12.16
N LEU B 611 24.65 -20.01 11.13
CA LEU B 611 25.53 -19.32 10.20
C LEU B 611 25.50 -17.84 10.51
N TYR B 612 26.66 -17.28 10.83
CA TYR B 612 26.80 -15.86 11.10
C TYR B 612 27.47 -15.23 9.89
N GLN B 613 26.66 -14.84 8.91
CA GLN B 613 27.20 -13.98 7.88
C GLN B 613 27.63 -12.67 8.53
N ASP B 614 28.70 -12.10 8.01
CA ASP B 614 29.33 -10.88 8.52
C ASP B 614 30.15 -11.13 9.78
N VAL B 615 30.53 -12.37 10.07
CA VAL B 615 31.47 -12.68 11.13
C VAL B 615 32.59 -13.50 10.52
N ASN B 616 33.83 -13.16 10.87
CA ASN B 616 34.99 -13.93 10.41
C ASN B 616 35.63 -14.52 11.63
N CYS B 617 35.36 -15.78 11.90
CA CYS B 617 35.92 -16.49 13.04
C CYS B 617 37.40 -16.76 12.83
N TRP B 633 34.04 -13.18 19.58
CA TRP B 633 33.23 -13.11 18.39
C TRP B 633 31.82 -12.65 18.71
N ARG B 634 31.13 -12.10 17.72
CA ARG B 634 29.74 -11.68 17.88
C ARG B 634 28.84 -12.86 17.52
N VAL B 635 28.82 -13.84 18.40
CA VAL B 635 28.06 -15.06 18.20
C VAL B 635 27.23 -15.33 19.45
N TYR B 636 26.15 -16.10 19.26
CA TYR B 636 25.29 -16.44 20.38
C TYR B 636 25.97 -17.44 21.30
N SER B 637 26.72 -18.37 20.72
CA SER B 637 27.52 -19.32 21.48
C SER B 637 28.51 -19.95 20.52
N THR B 638 29.67 -20.32 21.05
CA THR B 638 30.69 -21.01 20.29
C THR B 638 31.12 -22.26 21.03
N GLY B 639 31.63 -23.23 20.27
CA GLY B 639 32.16 -24.43 20.87
C GLY B 639 33.16 -25.11 19.97
N SER B 640 33.06 -26.43 19.85
CA SER B 640 33.75 -27.11 18.77
C SER B 640 33.02 -26.86 17.46
N ASN B 641 33.63 -27.28 16.36
CA ASN B 641 33.03 -27.17 15.04
C ASN B 641 32.73 -25.72 14.69
N VAL B 642 33.77 -24.92 14.59
CA VAL B 642 33.70 -23.58 14.05
C VAL B 642 34.34 -23.60 12.68
N PHE B 643 33.55 -23.31 11.65
CA PHE B 643 34.00 -23.40 10.26
C PHE B 643 33.72 -22.07 9.58
N GLN B 644 34.75 -21.52 8.95
CA GLN B 644 34.63 -20.23 8.28
C GLN B 644 34.41 -20.46 6.79
N THR B 645 33.20 -20.18 6.33
CA THR B 645 32.87 -20.21 4.92
C THR B 645 32.88 -18.79 4.38
N ARG B 646 32.76 -18.68 3.06
CA ARG B 646 32.69 -17.35 2.46
C ARG B 646 31.34 -16.69 2.67
N ALA B 647 30.34 -17.44 3.13
CA ALA B 647 29.05 -16.86 3.47
C ALA B 647 28.96 -16.45 4.93
N GLY B 648 30.01 -16.70 5.71
CA GLY B 648 30.00 -16.37 7.12
C GLY B 648 30.55 -17.51 7.93
N CYS B 649 30.55 -17.33 9.24
CA CYS B 649 31.06 -18.33 10.16
C CYS B 649 29.96 -19.31 10.50
N LEU B 650 30.22 -20.59 10.25
CA LEU B 650 29.26 -21.65 10.53
C LEU B 650 29.67 -22.35 11.82
N ILE B 651 28.77 -22.35 12.80
CA ILE B 651 29.05 -22.91 14.11
C ILE B 651 28.03 -24.01 14.39
N GLY B 652 28.53 -25.20 14.70
CA GLY B 652 27.68 -26.33 15.00
C GLY B 652 27.67 -27.41 13.96
N ALA B 653 28.41 -27.26 12.87
CA ALA B 653 28.49 -28.26 11.83
C ALA B 653 29.94 -28.70 11.66
N GLU B 654 30.14 -29.99 11.49
CA GLU B 654 31.45 -30.55 11.26
C GLU B 654 31.79 -30.46 9.78
N HIS B 655 32.97 -29.95 9.48
CA HIS B 655 33.38 -29.76 8.09
C HIS B 655 34.13 -30.99 7.60
N VAL B 656 33.64 -31.57 6.50
CA VAL B 656 34.24 -32.77 5.94
C VAL B 656 34.96 -32.39 4.65
N ASN B 657 35.75 -33.34 4.14
CA ASN B 657 36.53 -33.13 2.94
C ASN B 657 35.88 -33.71 1.69
N ASN B 658 34.91 -34.60 1.85
CA ASN B 658 34.22 -35.13 0.69
C ASN B 658 33.39 -34.05 0.02
N SER B 659 32.80 -34.40 -1.11
CA SER B 659 31.88 -33.52 -1.81
C SER B 659 30.65 -34.33 -2.17
N TYR B 660 29.48 -33.78 -1.88
CA TYR B 660 28.23 -34.42 -2.21
C TYR B 660 27.34 -33.44 -2.94
N GLU B 661 26.24 -33.95 -3.47
CA GLU B 661 25.18 -33.09 -3.98
C GLU B 661 24.60 -32.27 -2.84
N CYS B 662 24.03 -31.12 -3.19
CA CYS B 662 23.55 -30.22 -2.15
C CYS B 662 22.34 -30.81 -1.45
N ASP B 663 22.34 -30.68 -0.13
CA ASP B 663 21.20 -31.06 0.69
C ASP B 663 20.53 -29.84 1.29
N ILE B 664 21.27 -29.02 2.03
CA ILE B 664 20.78 -27.74 2.53
C ILE B 664 21.74 -26.68 2.02
N PRO B 665 21.32 -25.83 1.08
CA PRO B 665 22.22 -24.82 0.54
C PRO B 665 22.57 -23.78 1.59
N ILE B 666 23.86 -23.62 1.85
CA ILE B 666 24.32 -22.59 2.78
C ILE B 666 24.72 -21.33 2.05
N GLY B 667 25.44 -21.46 0.94
CA GLY B 667 25.81 -20.32 0.13
C GLY B 667 27.29 -20.36 -0.17
N ALA B 668 27.67 -19.67 -1.25
CA ALA B 668 29.06 -19.56 -1.68
C ALA B 668 29.68 -20.93 -1.89
N GLY B 669 28.88 -21.88 -2.33
CA GLY B 669 29.37 -23.20 -2.67
C GLY B 669 29.34 -24.23 -1.56
N ILE B 670 28.84 -23.89 -0.38
CA ILE B 670 28.81 -24.79 0.76
C ILE B 670 27.38 -25.29 0.96
N CYS B 671 27.25 -26.58 1.25
CA CYS B 671 25.97 -27.17 1.59
C CYS B 671 26.13 -27.91 2.91
N ALA B 672 25.01 -28.19 3.56
CA ALA B 672 25.02 -28.92 4.81
C ALA B 672 24.07 -30.10 4.71
N SER B 673 24.33 -31.12 5.52
CA SER B 673 23.41 -32.25 5.57
C SER B 673 23.58 -32.93 6.91
N TYR B 674 22.62 -33.79 7.22
CA TYR B 674 22.59 -34.54 8.46
C TYR B 674 22.95 -35.99 8.14
N GLN B 675 24.23 -36.32 8.28
CA GLN B 675 24.73 -37.64 7.92
C GLN B 675 25.41 -38.27 9.12
N THR B 676 25.54 -39.60 9.06
CA THR B 676 26.27 -40.36 10.08
C THR B 676 27.76 -40.40 9.77
N SER B 689 26.98 -42.43 15.56
CA SER B 689 26.17 -41.30 15.96
C SER B 689 25.98 -40.33 14.80
N GLN B 690 25.01 -39.45 14.94
CA GLN B 690 24.61 -38.52 13.89
C GLN B 690 25.10 -37.12 14.20
N SER B 691 25.21 -36.30 13.17
CA SER B 691 25.70 -34.93 13.32
C SER B 691 25.43 -34.18 12.02
N ILE B 692 25.57 -32.86 12.09
CA ILE B 692 25.40 -32.00 10.92
C ILE B 692 26.77 -31.77 10.29
N ILE B 693 26.87 -32.04 9.00
CA ILE B 693 28.13 -31.91 8.28
C ILE B 693 27.99 -30.80 7.25
N ALA B 694 29.11 -30.14 6.98
CA ALA B 694 29.18 -29.08 5.99
C ALA B 694 30.30 -29.41 5.02
N TYR B 695 30.03 -29.21 3.74
CA TYR B 695 30.95 -29.63 2.69
C TYR B 695 30.78 -28.70 1.50
N THR B 696 31.75 -28.76 0.61
CA THR B 696 31.64 -28.10 -0.69
C THR B 696 30.78 -28.96 -1.61
N MET B 697 29.80 -28.36 -2.27
CA MET B 697 28.90 -29.13 -3.08
C MET B 697 29.58 -29.62 -4.35
N SER B 698 29.22 -30.83 -4.77
CA SER B 698 29.80 -31.44 -5.96
C SER B 698 29.00 -31.06 -7.19
N LEU B 699 29.69 -30.66 -8.24
CA LEU B 699 29.02 -30.27 -9.48
C LEU B 699 28.67 -31.46 -10.36
N GLY B 700 29.20 -32.63 -10.06
CA GLY B 700 28.96 -33.80 -10.89
C GLY B 700 30.24 -34.58 -11.08
N ALA B 701 30.12 -35.69 -11.79
CA ALA B 701 31.25 -36.57 -12.01
C ALA B 701 32.19 -35.95 -13.04
N GLU B 702 33.48 -35.95 -12.73
CA GLU B 702 34.46 -35.49 -13.70
C GLU B 702 34.58 -36.52 -14.82
N ASN B 703 34.61 -36.03 -16.05
CA ASN B 703 34.60 -36.89 -17.21
C ASN B 703 35.56 -36.33 -18.24
N SER B 704 35.82 -37.12 -19.27
CA SER B 704 36.74 -36.71 -20.31
C SER B 704 36.35 -37.42 -21.60
N VAL B 705 36.47 -36.71 -22.71
CA VAL B 705 36.14 -37.25 -24.02
C VAL B 705 37.45 -37.61 -24.71
N ALA B 706 37.56 -38.86 -25.14
CA ALA B 706 38.76 -39.33 -25.83
C ALA B 706 38.75 -38.76 -27.26
N TYR B 707 39.10 -37.50 -27.36
CA TYR B 707 39.08 -36.80 -28.63
C TYR B 707 40.42 -36.96 -29.36
N SER B 708 40.33 -37.26 -30.64
CA SER B 708 41.48 -37.19 -31.53
C SER B 708 40.97 -36.81 -32.92
N ASN B 709 41.89 -36.44 -33.79
CA ASN B 709 41.52 -35.98 -35.11
C ASN B 709 41.05 -37.03 -36.10
N ASN B 710 40.98 -38.29 -35.69
CA ASN B 710 40.43 -39.29 -36.59
C ASN B 710 39.63 -40.37 -35.87
N SER B 711 39.23 -40.15 -34.63
CA SER B 711 38.43 -41.13 -33.90
C SER B 711 36.98 -40.68 -33.85
N ILE B 712 36.08 -41.64 -34.04
CA ILE B 712 34.65 -41.38 -33.90
C ILE B 712 34.04 -42.47 -33.04
N ALA B 713 32.88 -42.16 -32.47
CA ALA B 713 32.11 -43.09 -31.66
C ALA B 713 30.71 -43.15 -32.22
N ILE B 714 30.26 -44.34 -32.60
CA ILE B 714 28.96 -44.54 -33.21
C ILE B 714 28.13 -45.43 -32.28
N PRO B 715 26.92 -45.04 -31.92
CA PRO B 715 26.08 -45.91 -31.10
C PRO B 715 25.65 -47.15 -31.87
N THR B 716 25.75 -48.30 -31.22
CA THR B 716 25.34 -49.55 -31.83
C THR B 716 24.01 -50.05 -31.29
N ASN B 717 23.43 -49.37 -30.32
CA ASN B 717 22.14 -49.74 -29.79
C ASN B 717 21.49 -48.49 -29.27
N PHE B 718 20.40 -48.62 -28.55
CA PHE B 718 19.68 -47.45 -28.08
C PHE B 718 18.76 -47.84 -26.94
N THR B 719 18.15 -46.83 -26.35
CA THR B 719 17.11 -47.02 -25.37
C THR B 719 15.92 -46.17 -25.76
N ILE B 720 14.74 -46.62 -25.39
CA ILE B 720 13.53 -45.82 -25.52
C ILE B 720 13.21 -45.30 -24.12
N SER B 721 13.50 -44.04 -23.88
CA SER B 721 13.27 -43.42 -22.60
C SER B 721 11.90 -42.77 -22.58
N VAL B 722 11.27 -42.77 -21.41
CA VAL B 722 10.01 -42.06 -21.20
C VAL B 722 10.16 -41.26 -19.92
N THR B 723 10.18 -39.94 -20.05
CA THR B 723 10.34 -39.06 -18.91
C THR B 723 9.08 -38.24 -18.69
N THR B 724 8.91 -37.76 -17.47
CA THR B 724 7.74 -36.99 -17.08
C THR B 724 8.10 -35.52 -17.01
N GLU B 725 7.15 -34.67 -17.42
CA GLU B 725 7.28 -33.23 -17.26
C GLU B 725 5.97 -32.67 -16.73
N ILE B 726 6.03 -32.02 -15.58
CA ILE B 726 4.86 -31.49 -14.89
C ILE B 726 4.86 -29.98 -15.07
N LEU B 727 3.71 -29.44 -15.47
CA LEU B 727 3.57 -28.01 -15.68
C LEU B 727 2.28 -27.53 -15.06
N PRO B 728 2.31 -26.50 -14.22
CA PRO B 728 1.06 -25.89 -13.76
C PRO B 728 0.35 -25.16 -14.89
N VAL B 729 -0.96 -25.29 -14.94
CA VAL B 729 -1.76 -24.68 -15.99
C VAL B 729 -2.67 -23.60 -15.44
N SER B 730 -3.24 -23.80 -14.27
CA SER B 730 -4.16 -22.82 -13.70
C SER B 730 -3.98 -22.79 -12.20
N MET B 731 -4.50 -21.74 -11.59
CA MET B 731 -4.53 -21.61 -10.15
C MET B 731 -5.96 -21.43 -9.68
N THR B 732 -6.13 -21.39 -8.37
CA THR B 732 -7.45 -21.29 -7.78
C THR B 732 -8.06 -19.93 -8.08
N LYS B 733 -9.32 -19.92 -8.50
CA LYS B 733 -10.07 -18.70 -8.74
C LYS B 733 -10.72 -18.26 -7.44
N THR B 734 -10.46 -17.04 -7.02
CA THR B 734 -10.99 -16.53 -5.78
C THR B 734 -11.75 -15.24 -6.04
N SER B 735 -12.66 -14.93 -5.12
CA SER B 735 -13.44 -13.71 -5.16
C SER B 735 -13.57 -13.22 -3.72
N VAL B 736 -13.57 -11.90 -3.55
CA VAL B 736 -13.58 -11.30 -2.23
C VAL B 736 -14.80 -10.40 -2.11
N ASP B 737 -15.55 -10.57 -1.03
CA ASP B 737 -16.59 -9.62 -0.66
C ASP B 737 -15.95 -8.62 0.29
N CYS B 738 -15.62 -7.44 -0.21
CA CYS B 738 -14.97 -6.41 0.60
C CYS B 738 -15.72 -6.11 1.87
N THR B 739 -17.02 -5.82 1.74
CA THR B 739 -17.77 -5.37 2.91
C THR B 739 -17.79 -6.45 3.98
N MET B 740 -17.81 -7.71 3.58
CA MET B 740 -17.83 -8.78 4.58
C MET B 740 -16.46 -8.96 5.21
N TYR B 741 -15.39 -8.74 4.46
CA TYR B 741 -14.06 -8.90 5.03
C TYR B 741 -13.72 -7.74 5.95
N ILE B 742 -13.91 -6.51 5.49
CA ILE B 742 -13.50 -5.34 6.24
C ILE B 742 -14.47 -5.06 7.38
N CYS B 743 -15.76 -5.19 7.12
CA CYS B 743 -16.77 -4.71 8.04
C CYS B 743 -17.58 -5.80 8.70
N GLY B 744 -17.65 -6.99 8.11
CA GLY B 744 -18.51 -8.02 8.67
C GLY B 744 -19.95 -7.60 8.59
N ASP B 745 -20.68 -7.80 9.69
CA ASP B 745 -22.09 -7.46 9.77
C ASP B 745 -22.34 -6.06 10.31
N SER B 746 -21.30 -5.25 10.45
CA SER B 746 -21.45 -3.92 11.02
C SER B 746 -22.04 -2.97 9.99
N THR B 747 -23.10 -2.27 10.38
CA THR B 747 -23.70 -1.27 9.48
C THR B 747 -22.92 0.03 9.52
N GLU B 748 -22.43 0.42 10.69
CA GLU B 748 -21.64 1.62 10.80
C GLU B 748 -20.35 1.52 10.00
N CYS B 749 -19.69 0.37 10.06
CA CYS B 749 -18.49 0.18 9.26
C CYS B 749 -18.81 0.25 7.77
N SER B 750 -19.96 -0.28 7.35
CA SER B 750 -20.32 -0.21 5.94
C SER B 750 -20.55 1.22 5.50
N ASN B 751 -21.29 1.99 6.29
CA ASN B 751 -21.50 3.38 5.97
C ASN B 751 -20.19 4.15 5.93
N LEU B 752 -19.24 3.80 6.78
CA LEU B 752 -17.92 4.44 6.72
C LEU B 752 -17.13 3.96 5.52
N LEU B 753 -17.35 2.74 5.08
CA LEU B 753 -16.61 2.17 3.97
C LEU B 753 -17.09 2.68 2.63
N LEU B 754 -18.31 3.23 2.57
CA LEU B 754 -18.80 3.80 1.32
C LEU B 754 -17.86 4.85 0.74
N GLN B 755 -16.88 5.34 1.50
CA GLN B 755 -15.90 6.26 0.95
C GLN B 755 -14.88 5.55 0.07
N TYR B 756 -14.65 4.27 0.31
CA TYR B 756 -13.61 3.49 -0.35
C TYR B 756 -14.16 2.55 -1.40
N GLY B 757 -15.26 2.91 -2.06
CA GLY B 757 -15.93 1.97 -2.94
C GLY B 757 -15.18 1.71 -4.23
N SER B 758 -14.49 2.74 -4.75
CA SER B 758 -13.70 2.54 -5.97
C SER B 758 -12.59 1.52 -5.74
N PHE B 759 -12.03 1.48 -4.54
CA PHE B 759 -10.93 0.57 -4.27
C PHE B 759 -11.39 -0.87 -4.25
N CYS B 760 -12.58 -1.11 -3.73
CA CYS B 760 -13.12 -2.47 -3.75
C CYS B 760 -13.55 -2.91 -5.13
N THR B 761 -14.17 -2.02 -5.88
CA THR B 761 -14.46 -2.35 -7.28
C THR B 761 -13.17 -2.68 -8.02
N GLN B 762 -12.09 -1.96 -7.73
CA GLN B 762 -10.80 -2.21 -8.38
C GLN B 762 -10.24 -3.57 -8.00
N LEU B 763 -10.27 -3.90 -6.71
CA LEU B 763 -9.81 -5.21 -6.25
C LEU B 763 -10.57 -6.33 -6.95
N ASN B 764 -11.88 -6.22 -6.99
CA ASN B 764 -12.67 -7.30 -7.58
C ASN B 764 -12.51 -7.34 -9.09
N ARG B 765 -12.25 -6.21 -9.72
CA ARG B 765 -11.92 -6.20 -11.14
C ARG B 765 -10.67 -7.01 -11.42
N ALA B 766 -9.62 -6.79 -10.62
CA ALA B 766 -8.39 -7.54 -10.79
C ALA B 766 -8.61 -9.04 -10.56
N LEU B 767 -9.34 -9.39 -9.50
CA LEU B 767 -9.58 -10.80 -9.22
C LEU B 767 -10.40 -11.46 -10.32
N THR B 768 -11.37 -10.75 -10.88
CA THR B 768 -12.16 -11.30 -11.97
C THR B 768 -11.32 -11.52 -13.21
N GLY B 769 -10.41 -10.60 -13.50
CA GLY B 769 -9.47 -10.83 -14.58
C GLY B 769 -8.67 -12.10 -14.37
N ILE B 770 -8.17 -12.29 -13.16
CA ILE B 770 -7.39 -13.49 -12.87
C ILE B 770 -8.22 -14.75 -13.10
N ALA B 771 -9.49 -14.71 -12.70
CA ALA B 771 -10.34 -15.90 -12.81
C ALA B 771 -10.61 -16.27 -14.26
N VAL B 772 -11.03 -15.29 -15.07
CA VAL B 772 -11.27 -15.62 -16.47
C VAL B 772 -9.97 -16.02 -17.15
N GLU B 773 -8.83 -15.53 -16.67
CA GLU B 773 -7.57 -15.95 -17.25
C GLU B 773 -7.25 -17.39 -16.88
N GLN B 774 -7.62 -17.84 -15.70
CA GLN B 774 -7.42 -19.25 -15.37
C GLN B 774 -8.21 -20.14 -16.31
N ASP B 775 -9.44 -19.76 -16.59
CA ASP B 775 -10.23 -20.55 -17.52
C ASP B 775 -9.64 -20.52 -18.92
N LYS B 776 -9.12 -19.37 -19.34
CA LYS B 776 -8.49 -19.28 -20.65
C LYS B 776 -7.22 -20.10 -20.73
N ASN B 777 -6.47 -20.18 -19.63
CA ASN B 777 -5.29 -21.03 -19.59
C ASN B 777 -5.64 -22.47 -19.85
N THR B 778 -6.64 -22.98 -19.13
CA THR B 778 -7.03 -24.37 -19.33
C THR B 778 -7.53 -24.59 -20.75
N GLN B 779 -8.29 -23.64 -21.30
CA GLN B 779 -8.72 -23.75 -22.69
C GLN B 779 -7.54 -23.85 -23.63
N GLU B 780 -6.60 -22.91 -23.53
CA GLU B 780 -5.51 -22.88 -24.50
C GLU B 780 -4.60 -24.09 -24.38
N VAL B 781 -4.58 -24.74 -23.23
CA VAL B 781 -3.74 -25.94 -23.15
C VAL B 781 -4.49 -27.16 -23.66
N PHE B 782 -5.75 -27.34 -23.29
CA PHE B 782 -6.38 -28.63 -23.53
C PHE B 782 -7.33 -28.66 -24.72
N ALA B 783 -7.94 -27.55 -25.11
CA ALA B 783 -8.97 -27.55 -26.14
C ALA B 783 -8.41 -27.19 -27.50
N GLN B 784 -7.18 -27.58 -27.80
CA GLN B 784 -6.60 -27.28 -29.09
C GLN B 784 -7.32 -28.03 -30.20
N VAL B 785 -7.65 -29.28 -29.95
CA VAL B 785 -8.42 -30.08 -30.91
C VAL B 785 -9.89 -29.95 -30.56
N LYS B 786 -10.72 -29.72 -31.57
CA LYS B 786 -12.16 -29.58 -31.38
C LYS B 786 -12.93 -30.76 -31.93
N GLN B 787 -12.25 -31.82 -32.31
CA GLN B 787 -12.86 -33.10 -32.59
C GLN B 787 -12.52 -34.04 -31.46
N ILE B 788 -13.52 -34.68 -30.89
CA ILE B 788 -13.33 -35.61 -29.79
C ILE B 788 -13.16 -36.98 -30.42
N TYR B 789 -11.92 -37.34 -30.73
CA TYR B 789 -11.64 -38.63 -31.34
C TYR B 789 -11.85 -39.74 -30.33
N LYS B 790 -12.61 -40.75 -30.73
CA LYS B 790 -12.85 -41.89 -29.88
C LYS B 790 -11.69 -42.87 -29.98
N THR B 791 -11.47 -43.59 -28.91
CA THR B 791 -10.40 -44.57 -28.89
C THR B 791 -10.79 -45.77 -29.75
N PRO B 792 -9.89 -46.26 -30.59
CA PRO B 792 -10.20 -47.43 -31.43
C PRO B 792 -10.58 -48.63 -30.58
N PRO B 793 -11.50 -49.46 -31.07
CA PRO B 793 -12.07 -50.50 -30.19
C PRO B 793 -11.06 -51.52 -29.71
N ILE B 794 -10.41 -52.23 -30.62
CA ILE B 794 -9.41 -53.24 -30.28
C ILE B 794 -8.04 -52.68 -30.63
N LYS B 795 -7.13 -52.73 -29.67
CA LYS B 795 -5.84 -52.06 -29.77
C LYS B 795 -4.83 -52.99 -30.42
N ASP B 796 -4.49 -52.74 -31.69
CA ASP B 796 -3.44 -53.46 -32.40
C ASP B 796 -2.40 -52.43 -32.86
N PHE B 797 -1.50 -52.07 -31.96
CA PHE B 797 -0.53 -51.01 -32.22
C PHE B 797 0.89 -51.54 -32.34
N GLY B 798 1.07 -52.67 -33.02
CA GLY B 798 2.40 -53.18 -33.27
C GLY B 798 3.13 -53.65 -32.04
N GLY B 799 2.43 -53.96 -30.96
CA GLY B 799 3.04 -54.38 -29.72
C GLY B 799 3.22 -53.28 -28.71
N PHE B 800 2.95 -52.03 -29.08
CA PHE B 800 2.96 -50.93 -28.13
C PHE B 800 1.68 -50.98 -27.32
N ASN B 801 1.84 -50.92 -26.00
CA ASN B 801 0.68 -50.99 -25.11
C ASN B 801 0.38 -49.65 -24.48
N PHE B 802 -0.81 -49.15 -24.73
CA PHE B 802 -1.25 -47.87 -24.22
C PHE B 802 -2.33 -48.00 -23.14
N SER B 803 -2.43 -49.16 -22.50
CA SER B 803 -3.51 -49.39 -21.54
C SER B 803 -3.40 -48.45 -20.34
N GLN B 804 -2.17 -48.14 -19.93
CA GLN B 804 -1.99 -47.35 -18.72
C GLN B 804 -2.39 -45.91 -18.93
N ILE B 805 -2.40 -45.44 -20.18
CA ILE B 805 -2.65 -44.03 -20.45
C ILE B 805 -3.94 -43.80 -21.24
N LEU B 806 -4.58 -44.81 -21.63
CA LEU B 806 -5.84 -44.54 -22.31
C LEU B 806 -6.99 -44.58 -21.32
N PRO B 807 -8.09 -43.87 -21.59
CA PRO B 807 -9.17 -43.79 -20.62
C PRO B 807 -9.69 -45.16 -20.20
N ASP B 808 -10.12 -45.23 -18.95
CA ASP B 808 -10.55 -46.47 -18.33
C ASP B 808 -12.04 -46.40 -18.06
N PRO B 809 -12.86 -47.22 -18.70
CA PRO B 809 -14.31 -47.13 -18.47
C PRO B 809 -14.76 -47.80 -17.18
N SER B 810 -13.96 -48.71 -16.61
CA SER B 810 -14.34 -49.34 -15.36
C SER B 810 -14.54 -48.31 -14.26
N LYS B 811 -13.80 -47.21 -14.34
CA LYS B 811 -13.84 -46.22 -13.28
C LYS B 811 -14.96 -45.20 -13.53
N PRO B 812 -15.48 -44.59 -12.46
CA PRO B 812 -16.53 -43.58 -12.65
C PRO B 812 -16.08 -42.45 -13.57
N SER B 813 -14.91 -41.89 -13.32
CA SER B 813 -14.30 -40.95 -14.24
C SER B 813 -13.66 -41.71 -15.40
N LYS B 814 -13.75 -41.14 -16.59
CA LYS B 814 -13.10 -41.74 -17.75
C LYS B 814 -11.63 -41.33 -17.78
N ARG B 815 -10.97 -41.59 -16.65
CA ARG B 815 -9.58 -41.25 -16.44
C ARG B 815 -8.72 -42.50 -16.62
N SER B 816 -7.51 -42.30 -17.13
CA SER B 816 -6.60 -43.41 -17.30
C SER B 816 -6.00 -43.81 -15.95
N PHE B 817 -5.25 -44.90 -15.96
CA PHE B 817 -4.60 -45.38 -14.75
C PHE B 817 -3.62 -44.35 -14.21
N ILE B 818 -2.75 -43.84 -15.08
CA ILE B 818 -1.72 -42.90 -14.62
C ILE B 818 -2.34 -41.59 -14.20
N GLU B 819 -3.44 -41.19 -14.85
CA GLU B 819 -4.13 -39.98 -14.41
C GLU B 819 -4.72 -40.14 -13.01
N ASP B 820 -5.15 -41.34 -12.64
CA ASP B 820 -5.60 -41.55 -11.28
C ASP B 820 -4.44 -41.52 -10.29
N LEU B 821 -3.32 -42.13 -10.64
CA LEU B 821 -2.14 -41.99 -9.79
C LEU B 821 -1.79 -40.53 -9.61
N LEU B 822 -1.98 -39.71 -10.64
CA LEU B 822 -1.65 -38.29 -10.55
C LEU B 822 -2.65 -37.54 -9.69
N PHE B 823 -3.92 -37.91 -9.77
CA PHE B 823 -4.93 -37.21 -8.98
C PHE B 823 -4.92 -37.62 -7.52
N ASN B 824 -4.35 -38.77 -7.20
CA ASN B 824 -4.22 -39.13 -5.79
C ASN B 824 -3.03 -38.48 -5.13
N LYS B 825 -2.09 -37.96 -5.90
CA LYS B 825 -0.91 -37.34 -5.31
C LYS B 825 -1.20 -35.92 -4.85
N VAL B 826 -1.80 -35.10 -5.70
CA VAL B 826 -2.07 -33.71 -5.38
C VAL B 826 -3.33 -33.64 -4.53
N THR B 827 -3.22 -33.10 -3.33
CA THR B 827 -4.35 -32.94 -2.43
C THR B 827 -4.81 -31.50 -2.46
N LEU B 828 -6.12 -31.29 -2.51
CA LEU B 828 -6.67 -29.95 -2.64
C LEU B 828 -7.25 -29.47 -1.31
N ALA B 829 -7.45 -28.15 -1.22
CA ALA B 829 -7.96 -27.56 0.01
C ALA B 829 -9.39 -28.04 0.29
N ASP B 830 -10.24 -28.04 -0.72
CA ASP B 830 -11.62 -28.49 -0.57
C ASP B 830 -12.15 -28.96 -1.91
N ALA B 831 -12.81 -30.11 -1.91
CA ALA B 831 -13.45 -30.66 -3.10
C ALA B 831 -14.95 -30.49 -3.02
N GLY B 832 -15.53 -29.93 -4.08
CA GLY B 832 -16.97 -29.83 -4.19
C GLY B 832 -17.49 -28.44 -4.51
N PHE B 833 -16.86 -27.43 -3.92
CA PHE B 833 -17.22 -26.02 -4.09
C PHE B 833 -18.61 -25.68 -3.57
N ILE B 834 -19.28 -26.59 -2.87
CA ILE B 834 -20.55 -26.29 -2.22
C ILE B 834 -20.43 -26.72 -0.76
N LYS B 835 -20.10 -25.77 0.10
CA LYS B 835 -20.15 -25.94 1.55
C LYS B 835 -21.30 -25.13 2.08
N GLN B 836 -22.30 -25.80 2.63
CA GLN B 836 -23.53 -25.14 3.00
C GLN B 836 -23.42 -24.47 4.36
N TYR B 837 -24.33 -23.53 4.60
CA TYR B 837 -24.34 -22.80 5.86
C TYR B 837 -24.58 -23.74 7.04
N GLY B 838 -25.48 -24.72 6.87
CA GLY B 838 -25.73 -25.65 7.95
C GLY B 838 -24.55 -26.55 8.27
N ASP B 839 -23.56 -26.60 7.38
CA ASP B 839 -22.36 -27.37 7.66
C ASP B 839 -21.36 -26.56 8.47
N CYS B 840 -21.28 -25.26 8.21
CA CYS B 840 -20.41 -24.38 8.98
C CYS B 840 -21.05 -23.88 10.26
N LEU B 841 -22.27 -24.33 10.58
CA LEU B 841 -22.98 -23.81 11.74
C LEU B 841 -22.43 -24.43 13.02
N GLY B 842 -21.97 -23.59 13.94
CA GLY B 842 -21.38 -24.03 15.17
C GLY B 842 -19.90 -23.72 15.25
N ASP B 843 -19.22 -24.44 16.15
CA ASP B 843 -17.77 -24.28 16.30
C ASP B 843 -16.98 -24.87 15.14
N ILE B 844 -17.66 -25.61 14.24
CA ILE B 844 -17.01 -26.05 13.01
C ILE B 844 -16.54 -24.84 12.21
N ALA B 845 -17.18 -23.68 12.42
CA ALA B 845 -16.76 -22.46 11.74
C ALA B 845 -15.33 -22.09 12.13
N ALA B 846 -15.05 -22.08 13.44
CA ALA B 846 -13.70 -21.77 13.89
C ALA B 846 -12.74 -22.89 13.55
N ARG B 847 -13.20 -24.15 13.65
CA ARG B 847 -12.29 -25.26 13.40
C ARG B 847 -11.89 -25.36 11.93
N ASP B 848 -12.86 -25.37 11.03
CA ASP B 848 -12.56 -25.53 9.61
C ASP B 848 -11.97 -24.25 9.06
N LEU B 849 -10.99 -24.39 8.16
CA LEU B 849 -10.37 -23.21 7.56
C LEU B 849 -11.25 -22.62 6.48
N ILE B 850 -11.92 -23.47 5.70
CA ILE B 850 -12.75 -22.97 4.62
C ILE B 850 -13.95 -22.22 5.19
N CYS B 851 -14.51 -22.69 6.30
CA CYS B 851 -15.60 -21.96 6.92
C CYS B 851 -15.14 -20.60 7.40
N ALA B 852 -13.95 -20.53 7.99
CA ALA B 852 -13.43 -19.24 8.44
C ALA B 852 -13.20 -18.31 7.26
N GLN B 853 -12.79 -18.85 6.12
CA GLN B 853 -12.64 -18.01 4.93
C GLN B 853 -13.98 -17.52 4.42
N LYS B 854 -14.98 -18.39 4.38
CA LYS B 854 -16.27 -18.01 3.81
C LYS B 854 -17.00 -17.03 4.71
N PHE B 855 -16.81 -17.14 6.02
CA PHE B 855 -17.47 -16.22 6.92
C PHE B 855 -16.88 -14.83 6.86
N ASN B 856 -15.72 -14.68 6.23
CA ASN B 856 -15.09 -13.39 6.05
C ASN B 856 -15.10 -12.92 4.61
N GLY B 857 -15.90 -13.54 3.76
CA GLY B 857 -16.12 -13.04 2.43
C GLY B 857 -15.16 -13.54 1.38
N LEU B 858 -14.40 -14.58 1.66
CA LEU B 858 -13.41 -15.10 0.73
C LEU B 858 -13.96 -16.37 0.08
N THR B 859 -14.25 -16.30 -1.21
CA THR B 859 -14.87 -17.40 -1.92
C THR B 859 -13.87 -17.99 -2.92
N VAL B 860 -13.98 -19.30 -3.13
CA VAL B 860 -13.23 -20.00 -4.15
C VAL B 860 -14.21 -20.40 -5.24
N LEU B 861 -13.99 -19.90 -6.44
CA LEU B 861 -14.90 -20.16 -7.55
C LEU B 861 -14.49 -21.43 -8.27
N PRO B 862 -15.44 -22.24 -8.72
CA PRO B 862 -15.10 -23.48 -9.39
C PRO B 862 -14.64 -23.23 -10.81
N PRO B 863 -13.73 -24.04 -11.32
CA PRO B 863 -13.30 -23.89 -12.72
C PRO B 863 -14.40 -24.26 -13.69
N LEU B 864 -14.29 -23.71 -14.90
CA LEU B 864 -15.34 -23.89 -15.90
C LEU B 864 -15.33 -25.31 -16.46
N LEU B 865 -14.15 -25.86 -16.73
CA LEU B 865 -14.02 -27.22 -17.20
C LEU B 865 -13.88 -28.16 -16.01
N THR B 866 -14.73 -29.17 -15.95
CA THR B 866 -14.59 -30.16 -14.91
C THR B 866 -13.36 -31.02 -15.18
N ASP B 867 -13.04 -31.90 -14.23
CA ASP B 867 -11.92 -32.80 -14.46
C ASP B 867 -12.26 -33.87 -15.49
N GLU B 868 -13.53 -34.26 -15.58
CA GLU B 868 -13.95 -35.19 -16.60
C GLU B 868 -13.79 -34.61 -17.99
N MET B 869 -14.07 -33.31 -18.14
CA MET B 869 -13.93 -32.69 -19.45
C MET B 869 -12.48 -32.60 -19.85
N ILE B 870 -11.60 -32.25 -18.92
CA ILE B 870 -10.18 -32.22 -19.21
C ILE B 870 -9.67 -33.61 -19.55
N ALA B 871 -10.24 -34.63 -18.90
CA ALA B 871 -9.86 -36.00 -19.23
C ALA B 871 -10.35 -36.39 -20.61
N GLN B 872 -11.53 -35.92 -21.02
CA GLN B 872 -11.98 -36.19 -22.38
C GLN B 872 -11.08 -35.51 -23.40
N TYR B 873 -10.64 -34.30 -23.11
CA TYR B 873 -9.71 -33.62 -24.00
C TYR B 873 -8.40 -34.39 -24.13
N THR B 874 -7.85 -34.87 -23.01
CA THR B 874 -6.60 -35.60 -23.10
C THR B 874 -6.78 -36.94 -23.80
N SER B 875 -7.93 -37.59 -23.62
CA SER B 875 -8.14 -38.84 -24.34
C SER B 875 -8.33 -38.59 -25.82
N ALA B 876 -8.91 -37.45 -26.20
CA ALA B 876 -9.00 -37.12 -27.62
C ALA B 876 -7.62 -36.85 -28.20
N LEU B 877 -6.76 -36.17 -27.45
CA LEU B 877 -5.40 -35.95 -27.92
C LEU B 877 -4.64 -37.26 -28.06
N LEU B 878 -4.84 -38.18 -27.13
CA LEU B 878 -4.18 -39.48 -27.23
C LEU B 878 -4.71 -40.29 -28.41
N ALA B 879 -6.01 -40.29 -28.62
CA ALA B 879 -6.57 -41.06 -29.71
C ALA B 879 -6.19 -40.46 -31.06
N GLY B 880 -5.99 -39.14 -31.11
CA GLY B 880 -5.55 -38.54 -32.35
C GLY B 880 -4.08 -38.80 -32.62
N THR B 881 -3.25 -38.79 -31.59
CA THR B 881 -1.84 -39.02 -31.79
C THR B 881 -1.48 -40.49 -31.94
N ILE B 882 -2.36 -41.39 -31.52
CA ILE B 882 -2.06 -42.81 -31.62
C ILE B 882 -2.44 -43.33 -32.99
N THR B 883 -3.57 -42.87 -33.53
CA THR B 883 -4.11 -43.43 -34.76
C THR B 883 -3.80 -42.60 -36.00
N SER B 884 -3.43 -41.34 -35.85
CA SER B 884 -3.23 -40.49 -37.00
C SER B 884 -1.88 -39.80 -37.01
N GLY B 885 -1.02 -40.06 -36.04
CA GLY B 885 0.27 -39.41 -36.03
C GLY B 885 0.13 -37.95 -35.69
N TRP B 886 0.83 -37.10 -36.43
CA TRP B 886 0.70 -35.67 -36.26
C TRP B 886 -0.31 -35.05 -37.21
N THR B 887 -0.98 -35.85 -38.03
CA THR B 887 -1.81 -35.28 -39.07
C THR B 887 -3.03 -34.60 -38.51
N PHE B 888 -3.52 -35.04 -37.36
CA PHE B 888 -4.74 -34.46 -36.82
C PHE B 888 -4.52 -33.05 -36.31
N GLY B 889 -3.28 -32.66 -36.02
CA GLY B 889 -3.03 -31.31 -35.59
C GLY B 889 -2.94 -30.31 -36.73
N ALA B 890 -2.76 -30.78 -37.95
CA ALA B 890 -2.61 -29.91 -39.10
C ALA B 890 -3.84 -29.85 -39.97
N GLY B 891 -4.81 -30.72 -39.75
CA GLY B 891 -6.00 -30.77 -40.57
C GLY B 891 -6.92 -31.90 -40.14
N ALA B 892 -7.42 -32.66 -41.10
CA ALA B 892 -8.19 -33.85 -40.76
C ALA B 892 -7.23 -34.97 -40.36
N ALA B 893 -7.66 -35.76 -39.38
CA ALA B 893 -6.85 -36.90 -38.94
C ALA B 893 -6.83 -37.96 -40.03
N LEU B 894 -5.64 -38.32 -40.49
CA LEU B 894 -5.46 -39.37 -41.49
C LEU B 894 -4.86 -40.58 -40.80
N GLN B 895 -5.58 -41.68 -40.80
CA GLN B 895 -5.10 -42.86 -40.10
C GLN B 895 -3.83 -43.40 -40.73
N ILE B 896 -3.03 -44.07 -39.92
CA ILE B 896 -1.77 -44.67 -40.35
C ILE B 896 -1.41 -45.72 -39.32
N PRO B 897 -0.93 -46.90 -39.73
CA PRO B 897 -0.56 -47.91 -38.74
C PRO B 897 0.55 -47.40 -37.83
N PHE B 898 0.44 -47.75 -36.55
CA PHE B 898 1.29 -47.12 -35.55
C PHE B 898 2.76 -47.40 -35.80
N ALA B 899 3.11 -48.61 -36.23
CA ALA B 899 4.51 -48.89 -36.52
C ALA B 899 5.02 -48.07 -37.69
N MET B 900 4.16 -47.80 -38.67
CA MET B 900 4.56 -46.93 -39.76
C MET B 900 4.76 -45.50 -39.26
N GLN B 901 3.95 -45.07 -38.30
CA GLN B 901 4.16 -43.75 -37.71
C GLN B 901 5.46 -43.70 -36.94
N MET B 902 5.80 -44.77 -36.24
CA MET B 902 7.08 -44.82 -35.55
C MET B 902 8.24 -44.81 -36.53
N ALA B 903 8.05 -45.41 -37.70
CA ALA B 903 9.10 -45.35 -38.72
C ALA B 903 9.28 -43.93 -39.23
N TYR B 904 8.18 -43.24 -39.50
CA TYR B 904 8.24 -41.81 -39.79
C TYR B 904 9.08 -41.08 -38.74
N ARG B 905 8.76 -41.29 -37.47
CA ARG B 905 9.43 -40.54 -36.41
C ARG B 905 10.89 -40.93 -36.28
N PHE B 906 11.24 -42.18 -36.55
CA PHE B 906 12.64 -42.56 -36.58
C PHE B 906 13.37 -41.84 -37.70
N ASN B 907 12.70 -41.68 -38.84
CA ASN B 907 13.26 -40.82 -39.87
C ASN B 907 13.45 -39.41 -39.36
N GLY B 908 12.53 -38.94 -38.52
CA GLY B 908 12.59 -37.58 -38.05
C GLY B 908 13.81 -37.24 -37.21
N ILE B 909 14.52 -38.25 -36.71
CA ILE B 909 15.71 -38.02 -35.90
C ILE B 909 16.96 -38.56 -36.57
N GLY B 910 16.90 -38.90 -37.84
CA GLY B 910 18.08 -39.35 -38.55
C GLY B 910 18.41 -40.82 -38.39
N VAL B 911 17.42 -41.68 -38.23
CA VAL B 911 17.60 -43.12 -38.20
C VAL B 911 16.71 -43.72 -39.27
N THR B 912 17.29 -44.53 -40.15
CA THR B 912 16.52 -45.11 -41.24
C THR B 912 15.45 -46.04 -40.69
N GLN B 913 14.30 -46.05 -41.36
CA GLN B 913 13.13 -46.74 -40.83
C GLN B 913 13.34 -48.24 -40.72
N ASN B 914 14.27 -48.80 -41.49
CA ASN B 914 14.53 -50.23 -41.37
C ASN B 914 15.00 -50.58 -39.97
N VAL B 915 15.65 -49.65 -39.28
CA VAL B 915 16.07 -49.91 -37.90
C VAL B 915 14.86 -50.18 -37.04
N LEU B 916 13.82 -49.36 -37.16
CA LEU B 916 12.58 -49.59 -36.43
C LEU B 916 11.94 -50.90 -36.84
N TYR B 917 11.81 -51.16 -38.14
CA TYR B 917 11.12 -52.36 -38.56
C TYR B 917 11.88 -53.63 -38.17
N GLU B 918 13.19 -53.53 -37.98
CA GLU B 918 13.97 -54.69 -37.60
C GLU B 918 14.07 -54.86 -36.09
N ASN B 919 13.89 -53.80 -35.33
CA ASN B 919 13.82 -53.92 -33.88
C ASN B 919 12.44 -53.56 -33.34
N GLN B 920 11.40 -53.82 -34.12
CA GLN B 920 10.05 -53.46 -33.71
C GLN B 920 9.69 -54.03 -32.35
N LYS B 921 9.89 -55.34 -32.15
CA LYS B 921 9.46 -55.95 -30.89
C LYS B 921 10.30 -55.44 -29.73
N LEU B 922 11.61 -55.33 -29.91
CA LEU B 922 12.46 -54.82 -28.84
C LEU B 922 12.09 -53.38 -28.49
N ILE B 923 11.80 -52.55 -29.49
CA ILE B 923 11.44 -51.16 -29.24
C ILE B 923 10.10 -51.08 -28.51
N ALA B 924 9.13 -51.91 -28.91
CA ALA B 924 7.85 -51.92 -28.24
C ALA B 924 7.99 -52.37 -26.79
N ASN B 925 8.86 -53.36 -26.55
CA ASN B 925 9.07 -53.81 -25.18
C ASN B 925 9.74 -52.74 -24.34
N GLN B 926 10.71 -52.03 -24.91
CA GLN B 926 11.36 -50.95 -24.18
C GLN B 926 10.36 -49.86 -23.83
N PHE B 927 9.50 -49.50 -24.78
CA PHE B 927 8.47 -48.51 -24.48
C PHE B 927 7.54 -48.99 -23.39
N ASN B 928 7.14 -50.26 -23.44
CA ASN B 928 6.21 -50.78 -22.44
C ASN B 928 6.84 -50.76 -21.06
N SER B 929 8.10 -51.17 -20.96
CA SER B 929 8.75 -51.17 -19.66
C SER B 929 8.98 -49.76 -19.15
N ALA B 930 9.24 -48.81 -20.06
CA ALA B 930 9.41 -47.44 -19.63
C ALA B 930 8.11 -46.86 -19.08
N ILE B 931 6.99 -47.17 -19.75
CA ILE B 931 5.69 -46.74 -19.24
C ILE B 931 5.41 -47.38 -17.88
N GLY B 932 5.74 -48.67 -17.74
CA GLY B 932 5.56 -49.32 -16.46
C GLY B 932 6.40 -48.72 -15.36
N LYS B 933 7.63 -48.34 -15.68
CA LYS B 933 8.48 -47.70 -14.68
C LYS B 933 7.92 -46.34 -14.29
N ILE B 934 7.38 -45.59 -15.25
CA ILE B 934 6.71 -44.34 -14.91
C ILE B 934 5.58 -44.61 -13.93
N GLN B 935 4.75 -45.59 -14.24
CA GLN B 935 3.60 -45.89 -13.40
C GLN B 935 4.02 -46.30 -12.00
N ASP B 936 5.07 -47.12 -11.88
CA ASP B 936 5.53 -47.56 -10.57
C ASP B 936 6.16 -46.42 -9.78
N SER B 937 6.99 -45.61 -10.42
CA SER B 937 7.55 -44.46 -9.72
C SER B 937 6.47 -43.53 -9.23
N LEU B 938 5.39 -43.38 -10.00
CA LEU B 938 4.30 -42.53 -9.54
C LEU B 938 3.55 -43.18 -8.39
N SER B 939 3.34 -44.49 -8.45
CA SER B 939 2.56 -45.16 -7.41
C SER B 939 3.35 -45.33 -6.12
N SER B 940 4.67 -45.18 -6.14
CA SER B 940 5.49 -45.36 -4.94
C SER B 940 5.69 -44.04 -4.20
N THR B 941 6.33 -43.07 -4.86
CA THR B 941 6.60 -41.80 -4.20
C THR B 941 5.35 -40.96 -4.10
N ALA B 942 5.27 -40.14 -3.04
CA ALA B 942 4.09 -39.33 -2.77
C ALA B 942 4.25 -37.87 -3.14
N SER B 943 5.48 -37.36 -3.20
CA SER B 943 5.73 -35.95 -3.49
C SER B 943 6.40 -35.74 -4.85
N ALA B 944 5.98 -36.50 -5.86
CA ALA B 944 6.52 -36.30 -7.20
C ALA B 944 5.95 -35.04 -7.84
N LEU B 945 4.68 -34.75 -7.57
CA LEU B 945 4.01 -33.60 -8.18
C LEU B 945 4.15 -32.36 -7.30
N GLY B 946 5.40 -31.97 -7.09
CA GLY B 946 5.69 -30.89 -6.16
C GLY B 946 5.17 -29.55 -6.63
N LYS B 947 5.20 -29.30 -7.95
CA LYS B 947 4.84 -27.98 -8.45
C LYS B 947 3.34 -27.71 -8.32
N LEU B 948 2.51 -28.70 -8.65
CA LEU B 948 1.08 -28.51 -8.53
C LEU B 948 0.67 -28.36 -7.06
N GLN B 949 1.24 -29.19 -6.19
CA GLN B 949 0.98 -29.05 -4.77
C GLN B 949 1.44 -27.70 -4.26
N ASP B 950 2.53 -27.16 -4.81
CA ASP B 950 2.99 -25.85 -4.37
C ASP B 950 2.01 -24.76 -4.78
N VAL B 951 1.44 -24.87 -5.98
CA VAL B 951 0.41 -23.92 -6.38
C VAL B 951 -0.78 -23.97 -5.43
N VAL B 952 -1.26 -25.18 -5.14
CA VAL B 952 -2.40 -25.34 -4.24
C VAL B 952 -2.07 -24.76 -2.87
N ASN B 953 -0.89 -25.10 -2.33
CA ASN B 953 -0.50 -24.65 -1.01
C ASN B 953 -0.38 -23.14 -0.96
N GLN B 954 0.15 -22.53 -2.01
CA GLN B 954 0.33 -21.08 -1.99
C GLN B 954 -1.00 -20.37 -1.99
N ASN B 955 -1.96 -20.84 -2.79
CA ASN B 955 -3.26 -20.19 -2.76
C ASN B 955 -3.92 -20.34 -1.40
N ALA B 956 -3.90 -21.55 -0.84
CA ALA B 956 -4.50 -21.77 0.46
C ALA B 956 -3.85 -20.91 1.53
N GLN B 957 -2.53 -20.80 1.50
CA GLN B 957 -1.83 -20.04 2.50
C GLN B 957 -2.11 -18.55 2.36
N ALA B 958 -2.24 -18.05 1.13
CA ALA B 958 -2.60 -16.65 0.95
C ALA B 958 -3.95 -16.36 1.57
N LEU B 959 -4.94 -17.24 1.35
CA LEU B 959 -6.25 -17.00 1.94
C LEU B 959 -6.22 -17.10 3.46
N ASN B 960 -5.47 -18.06 3.99
CA ASN B 960 -5.41 -18.20 5.45
C ASN B 960 -4.68 -17.04 6.10
N THR B 961 -3.64 -16.53 5.45
CA THR B 961 -2.96 -15.34 5.95
C THR B 961 -3.89 -14.15 5.94
N LEU B 962 -4.70 -14.04 4.89
CA LEU B 962 -5.65 -12.93 4.82
C LEU B 962 -6.66 -13.02 5.96
N VAL B 963 -7.08 -14.23 6.32
CA VAL B 963 -7.98 -14.39 7.46
C VAL B 963 -7.28 -14.05 8.77
N LYS B 964 -6.04 -14.50 8.95
CA LYS B 964 -5.33 -14.23 10.20
C LYS B 964 -5.03 -12.74 10.37
N GLN B 965 -4.86 -12.01 9.28
CA GLN B 965 -4.56 -10.59 9.41
C GLN B 965 -5.74 -9.78 9.89
N LEU B 966 -6.89 -10.41 10.16
CA LEU B 966 -8.01 -9.71 10.78
C LEU B 966 -7.82 -9.50 12.27
N SER B 967 -6.77 -10.05 12.84
CA SER B 967 -6.46 -9.85 14.24
C SER B 967 -5.52 -8.68 14.49
N SER B 968 -5.15 -7.94 13.46
CA SER B 968 -4.26 -6.81 13.60
C SER B 968 -5.03 -5.58 14.07
N ASN B 969 -4.43 -4.82 14.99
CA ASN B 969 -5.08 -3.61 15.48
C ASN B 969 -4.90 -2.45 14.51
N PHE B 970 -3.81 -2.42 13.77
CA PHE B 970 -3.47 -1.32 12.86
C PHE B 970 -3.41 0.01 13.57
N GLY B 971 -3.15 0.01 14.87
CA GLY B 971 -3.13 1.23 15.63
C GLY B 971 -4.40 1.57 16.35
N ALA B 972 -5.46 0.79 16.18
CA ALA B 972 -6.70 1.02 16.90
C ALA B 972 -6.62 0.40 18.29
N ILE B 973 -7.60 0.73 19.13
CA ILE B 973 -7.61 0.20 20.49
C ILE B 973 -7.95 -1.27 20.50
N SER B 974 -8.52 -1.80 19.43
CA SER B 974 -8.88 -3.20 19.34
C SER B 974 -8.93 -3.59 17.88
N SER B 975 -8.94 -4.89 17.62
CA SER B 975 -9.09 -5.39 16.27
C SER B 975 -10.48 -5.92 16.00
N VAL B 976 -11.41 -5.72 16.92
CA VAL B 976 -12.78 -6.19 16.80
C VAL B 976 -13.67 -4.97 16.69
N LEU B 977 -14.45 -4.90 15.61
CA LEU B 977 -15.35 -3.76 15.43
C LEU B 977 -16.41 -3.72 16.51
N ASN B 978 -16.85 -4.87 17.01
CA ASN B 978 -17.90 -4.88 18.02
C ASN B 978 -17.40 -4.40 19.36
N ASP B 979 -16.15 -4.67 19.70
CA ASP B 979 -15.56 -4.09 20.91
C ASP B 979 -15.54 -2.57 20.82
N ILE B 980 -15.02 -2.03 19.72
CA ILE B 980 -14.97 -0.59 19.53
C ILE B 980 -16.37 0.01 19.58
N LEU B 981 -17.32 -0.62 18.91
CA LEU B 981 -18.67 -0.10 18.85
C LEU B 981 -19.45 -0.31 20.14
N SER B 982 -18.95 -1.17 21.03
CA SER B 982 -19.57 -1.30 22.33
C SER B 982 -19.03 -0.27 23.31
N ARG B 983 -17.75 0.11 23.18
CA ARG B 983 -17.17 1.02 24.16
C ARG B 983 -17.29 2.49 23.77
N LEU B 984 -17.18 2.83 22.50
CA LEU B 984 -17.08 4.22 22.09
C LEU B 984 -18.31 4.67 21.32
N ASP B 985 -18.62 5.95 21.45
CA ASP B 985 -19.73 6.57 20.73
C ASP B 985 -19.36 6.81 19.28
N LYS B 986 -20.35 7.18 18.47
CA LYS B 986 -20.17 7.14 17.03
C LYS B 986 -19.17 8.15 16.52
N VAL B 987 -18.73 9.10 17.34
CA VAL B 987 -17.72 10.05 16.88
C VAL B 987 -16.32 9.62 17.29
N GLU B 988 -16.16 9.05 18.48
CA GLU B 988 -14.87 8.49 18.87
C GLU B 988 -14.63 7.14 18.23
N ALA B 989 -15.69 6.46 17.78
CA ALA B 989 -15.53 5.15 17.17
C ALA B 989 -14.99 5.27 15.76
N GLU B 990 -15.27 6.37 15.06
CA GLU B 990 -14.83 6.49 13.68
C GLU B 990 -13.32 6.63 13.59
N VAL B 991 -12.70 7.26 14.56
CA VAL B 991 -11.24 7.38 14.56
C VAL B 991 -10.60 5.99 14.53
N GLN B 992 -11.16 5.05 15.27
CA GLN B 992 -10.61 3.70 15.31
C GLN B 992 -11.05 2.88 14.12
N ILE B 993 -12.30 3.04 13.71
CA ILE B 993 -12.83 2.22 12.62
C ILE B 993 -12.15 2.58 11.32
N ASP B 994 -11.78 3.86 11.14
CA ASP B 994 -11.04 4.22 9.94
C ASP B 994 -9.65 3.60 9.93
N ARG B 995 -9.01 3.48 11.09
CA ARG B 995 -7.74 2.78 11.15
C ARG B 995 -7.91 1.33 10.74
N LEU B 996 -8.93 0.66 11.29
CA LEU B 996 -9.18 -0.72 10.93
C LEU B 996 -9.50 -0.86 9.44
N ILE B 997 -10.25 0.08 8.89
CA ILE B 997 -10.64 -0.02 7.49
C ILE B 997 -9.44 0.18 6.59
N THR B 998 -8.60 1.18 6.88
CA THR B 998 -7.39 1.39 6.11
C THR B 998 -6.49 0.15 6.16
N GLY B 999 -6.29 -0.41 7.34
CA GLY B 999 -5.44 -1.58 7.44
C GLY B 999 -5.98 -2.77 6.68
N ARG B 1000 -7.28 -3.03 6.79
CA ARG B 1000 -7.84 -4.20 6.14
C ARG B 1000 -7.92 -4.04 4.63
N LEU B 1001 -8.19 -2.82 4.16
CA LEU B 1001 -8.10 -2.55 2.74
C LEU B 1001 -6.69 -2.75 2.22
N GLN B 1002 -5.68 -2.35 2.99
CA GLN B 1002 -4.31 -2.61 2.57
C GLN B 1002 -3.99 -4.09 2.56
N SER B 1003 -4.55 -4.86 3.49
CA SER B 1003 -4.39 -6.31 3.46
C SER B 1003 -4.95 -6.89 2.17
N LEU B 1004 -6.17 -6.49 1.81
CA LEU B 1004 -6.77 -6.97 0.58
C LEU B 1004 -5.97 -6.55 -0.64
N GLN B 1005 -5.45 -5.34 -0.63
CA GLN B 1005 -4.65 -4.86 -1.74
C GLN B 1005 -3.37 -5.68 -1.90
N THR B 1006 -2.72 -6.00 -0.78
CA THR B 1006 -1.54 -6.85 -0.84
C THR B 1006 -1.88 -8.24 -1.39
N TYR B 1007 -2.99 -8.80 -0.94
CA TYR B 1007 -3.41 -10.10 -1.45
C TYR B 1007 -3.63 -10.05 -2.96
N VAL B 1008 -4.32 -9.02 -3.44
CA VAL B 1008 -4.64 -8.97 -4.86
C VAL B 1008 -3.39 -8.73 -5.69
N THR B 1009 -2.48 -7.88 -5.21
CA THR B 1009 -1.24 -7.66 -5.93
C THR B 1009 -0.44 -8.93 -6.05
N GLN B 1010 -0.32 -9.69 -4.96
CA GLN B 1010 0.41 -10.94 -5.05
C GLN B 1010 -0.30 -11.98 -5.90
N GLN B 1011 -1.63 -11.93 -5.95
CA GLN B 1011 -2.34 -12.84 -6.85
C GLN B 1011 -2.09 -12.49 -8.31
N LEU B 1012 -1.99 -11.21 -8.63
CA LEU B 1012 -1.65 -10.81 -9.99
C LEU B 1012 -0.23 -11.25 -10.35
N ILE B 1013 0.70 -11.09 -9.42
CA ILE B 1013 2.07 -11.50 -9.71
C ILE B 1013 2.16 -13.02 -9.85
N ARG B 1014 1.38 -13.78 -9.09
CA ARG B 1014 1.39 -15.22 -9.26
C ARG B 1014 0.65 -15.67 -10.52
N ALA B 1015 -0.39 -14.94 -10.91
CA ALA B 1015 -1.12 -15.28 -12.11
C ALA B 1015 -0.29 -15.04 -13.35
N ALA B 1016 0.59 -14.03 -13.33
CA ALA B 1016 1.49 -13.85 -14.45
C ALA B 1016 2.40 -15.06 -14.64
N GLU B 1017 2.94 -15.60 -13.55
CA GLU B 1017 3.80 -16.77 -13.65
C GLU B 1017 3.03 -18.02 -14.05
N ILE B 1018 1.83 -18.21 -13.50
CA ILE B 1018 0.99 -19.33 -13.92
C ILE B 1018 0.64 -19.22 -15.41
N ARG B 1019 0.47 -17.99 -15.91
CA ARG B 1019 0.15 -17.83 -17.32
C ARG B 1019 1.35 -18.09 -18.19
N ALA B 1020 2.54 -17.74 -17.74
CA ALA B 1020 3.74 -18.14 -18.47
C ALA B 1020 3.86 -19.65 -18.54
N SER B 1021 3.59 -20.33 -17.42
CA SER B 1021 3.65 -21.78 -17.41
C SER B 1021 2.59 -22.39 -18.31
N ALA B 1022 1.39 -21.82 -18.34
CA ALA B 1022 0.33 -22.32 -19.20
C ALA B 1022 0.62 -22.07 -20.67
N ASN B 1023 1.26 -20.95 -21.01
CA ASN B 1023 1.70 -20.74 -22.38
C ASN B 1023 2.78 -21.72 -22.78
N LEU B 1024 3.70 -22.03 -21.87
CA LEU B 1024 4.69 -23.05 -22.17
C LEU B 1024 4.04 -24.41 -22.37
N ALA B 1025 3.04 -24.76 -21.55
CA ALA B 1025 2.35 -26.03 -21.71
C ALA B 1025 1.54 -26.07 -22.99
N ALA B 1026 0.96 -24.95 -23.41
CA ALA B 1026 0.26 -24.91 -24.68
C ALA B 1026 1.21 -24.99 -25.85
N THR B 1027 2.44 -24.52 -25.70
CA THR B 1027 3.43 -24.70 -26.75
C THR B 1027 3.93 -26.13 -26.79
N LYS B 1028 4.12 -26.76 -25.65
CA LYS B 1028 4.53 -28.16 -25.62
C LYS B 1028 3.45 -29.10 -26.13
N MET B 1029 2.18 -28.81 -25.85
CA MET B 1029 1.12 -29.59 -26.46
C MET B 1029 1.24 -29.57 -27.97
N SER B 1030 1.21 -28.38 -28.57
CA SER B 1030 1.28 -28.27 -30.02
C SER B 1030 2.56 -28.89 -30.57
N GLU B 1031 3.71 -28.61 -30.00
CA GLU B 1031 4.96 -29.00 -30.63
C GLU B 1031 5.46 -30.37 -30.21
N CYS B 1032 4.78 -31.06 -29.31
CA CYS B 1032 5.25 -32.38 -28.95
C CYS B 1032 4.19 -33.44 -28.91
N VAL B 1033 2.91 -33.10 -28.76
CA VAL B 1033 1.86 -34.08 -28.94
C VAL B 1033 1.32 -34.01 -30.35
N LEU B 1034 1.19 -32.80 -30.89
CA LEU B 1034 0.69 -32.60 -32.24
C LEU B 1034 1.79 -32.56 -33.27
N GLY B 1035 3.01 -32.95 -32.90
CA GLY B 1035 4.09 -32.99 -33.84
C GLY B 1035 5.31 -33.62 -33.22
N GLN B 1036 6.40 -33.61 -33.97
CA GLN B 1036 7.69 -34.07 -33.48
C GLN B 1036 8.65 -32.90 -33.49
N SER B 1037 9.21 -32.59 -32.33
CA SER B 1037 10.02 -31.40 -32.18
C SER B 1037 11.49 -31.72 -32.42
N LYS B 1038 12.17 -30.84 -33.15
CA LYS B 1038 13.60 -30.91 -33.31
C LYS B 1038 14.35 -30.03 -32.31
N ARG B 1039 13.64 -29.21 -31.54
CA ARG B 1039 14.29 -28.38 -30.53
C ARG B 1039 14.91 -29.26 -29.46
N VAL B 1040 16.18 -29.01 -29.16
CA VAL B 1040 16.91 -29.83 -28.20
C VAL B 1040 16.37 -29.60 -26.80
N ASP B 1041 16.09 -30.69 -26.10
CA ASP B 1041 15.62 -30.70 -24.71
C ASP B 1041 14.32 -29.97 -24.51
N PHE B 1042 13.59 -29.65 -25.57
CA PHE B 1042 12.28 -29.06 -25.38
C PHE B 1042 11.29 -30.09 -24.87
N CYS B 1043 11.38 -31.31 -25.37
CA CYS B 1043 10.49 -32.38 -24.95
C CYS B 1043 11.30 -33.60 -24.60
N GLY B 1044 11.80 -33.65 -23.38
CA GLY B 1044 12.60 -34.76 -22.91
C GLY B 1044 14.06 -34.63 -23.31
N LYS B 1045 14.90 -35.36 -22.60
CA LYS B 1045 16.31 -35.44 -22.92
C LYS B 1045 16.53 -36.60 -23.88
N GLY B 1046 17.07 -36.30 -25.05
CA GLY B 1046 17.26 -37.25 -26.12
C GLY B 1046 16.65 -36.72 -27.39
N TYR B 1047 16.53 -37.60 -28.38
CA TYR B 1047 15.90 -37.24 -29.64
C TYR B 1047 14.41 -37.53 -29.52
N HIS B 1048 13.59 -36.49 -29.61
CA HIS B 1048 12.18 -36.61 -29.33
C HIS B 1048 11.49 -37.49 -30.36
N LEU B 1049 10.74 -38.48 -29.90
CA LEU B 1049 9.89 -39.27 -30.77
C LEU B 1049 8.44 -38.79 -30.71
N MET B 1050 7.85 -38.79 -29.52
CA MET B 1050 6.47 -38.34 -29.34
C MET B 1050 6.22 -38.12 -27.86
N SER B 1051 5.12 -37.45 -27.56
CA SER B 1051 4.72 -37.17 -26.20
C SER B 1051 3.23 -37.47 -26.04
N PHE B 1052 2.84 -37.74 -24.80
CA PHE B 1052 1.47 -38.09 -24.45
C PHE B 1052 1.02 -37.20 -23.31
N PRO B 1053 -0.06 -36.44 -23.47
CA PRO B 1053 -0.50 -35.58 -22.39
C PRO B 1053 -1.36 -36.34 -21.38
N GLN B 1054 -1.14 -36.05 -20.11
CA GLN B 1054 -1.99 -36.54 -19.05
C GLN B 1054 -2.43 -35.36 -18.22
N SER B 1055 -3.68 -35.39 -17.76
CA SER B 1055 -4.23 -34.29 -16.98
C SER B 1055 -3.95 -34.53 -15.52
N ALA B 1056 -3.42 -33.53 -14.85
CA ALA B 1056 -3.17 -33.58 -13.43
C ALA B 1056 -4.02 -32.49 -12.79
N PRO B 1057 -4.15 -32.43 -11.46
CA PRO B 1057 -4.93 -31.34 -10.86
C PRO B 1057 -4.20 -30.01 -11.02
N HIS B 1058 -4.86 -29.05 -11.65
CA HIS B 1058 -4.33 -27.71 -11.89
C HIS B 1058 -3.12 -27.71 -12.80
N GLY B 1059 -2.90 -28.76 -13.56
CA GLY B 1059 -1.69 -28.83 -14.36
C GLY B 1059 -1.83 -29.86 -15.44
N VAL B 1060 -0.69 -30.18 -16.04
CA VAL B 1060 -0.62 -31.14 -17.13
C VAL B 1060 0.68 -31.91 -16.99
N VAL B 1061 0.65 -33.18 -17.36
CA VAL B 1061 1.82 -34.05 -17.29
C VAL B 1061 2.08 -34.57 -18.69
N PHE B 1062 3.30 -34.39 -19.17
CA PHE B 1062 3.71 -34.88 -20.48
C PHE B 1062 4.62 -36.08 -20.30
N LEU B 1063 4.34 -37.14 -21.04
CA LEU B 1063 5.19 -38.32 -21.08
C LEU B 1063 6.00 -38.25 -22.37
N HIS B 1064 7.22 -37.76 -22.27
CA HIS B 1064 8.06 -37.55 -23.43
C HIS B 1064 8.80 -38.84 -23.76
N VAL B 1065 8.53 -39.40 -24.94
CA VAL B 1065 9.24 -40.57 -25.42
C VAL B 1065 10.39 -40.10 -26.30
N THR B 1066 11.61 -40.43 -25.92
CA THR B 1066 12.79 -40.03 -26.66
C THR B 1066 13.62 -41.24 -27.05
N TYR B 1067 14.50 -41.03 -28.01
CA TYR B 1067 15.46 -42.02 -28.46
C TYR B 1067 16.81 -41.64 -27.89
N VAL B 1068 17.37 -42.50 -27.05
CA VAL B 1068 18.66 -42.25 -26.42
C VAL B 1068 19.66 -43.25 -26.98
N PRO B 1069 20.70 -42.82 -27.67
CA PRO B 1069 21.70 -43.75 -28.17
C PRO B 1069 22.43 -44.44 -27.03
N ALA B 1070 22.85 -45.68 -27.28
CA ALA B 1070 23.48 -46.49 -26.26
C ALA B 1070 24.57 -47.34 -26.88
N GLN B 1071 25.47 -47.81 -26.03
CA GLN B 1071 26.52 -48.77 -26.40
C GLN B 1071 27.33 -48.27 -27.59
N GLU B 1072 28.04 -47.17 -27.36
CA GLU B 1072 28.90 -46.62 -28.39
C GLU B 1072 30.13 -47.51 -28.57
N LYS B 1073 30.80 -47.31 -29.68
CA LYS B 1073 32.02 -48.05 -29.97
C LYS B 1073 32.93 -47.17 -30.82
N ASN B 1074 34.23 -47.25 -30.57
CA ASN B 1074 35.15 -46.41 -31.28
C ASN B 1074 35.47 -46.92 -32.66
N PHE B 1075 35.63 -46.01 -33.60
CA PHE B 1075 36.03 -46.36 -34.95
C PHE B 1075 37.04 -45.33 -35.42
N THR B 1076 37.75 -45.67 -36.47
CA THR B 1076 38.59 -44.71 -37.17
C THR B 1076 37.77 -44.13 -38.32
N THR B 1077 37.91 -42.84 -38.56
CA THR B 1077 37.08 -42.16 -39.52
C THR B 1077 37.95 -41.30 -40.43
N ALA B 1078 37.31 -40.65 -41.39
CA ALA B 1078 38.01 -39.84 -42.38
C ALA B 1078 37.00 -38.90 -43.02
N PRO B 1079 37.43 -37.72 -43.41
CA PRO B 1079 36.50 -36.77 -44.04
C PRO B 1079 36.02 -37.24 -45.40
N ALA B 1080 36.97 -37.57 -46.27
CA ALA B 1080 36.67 -37.96 -47.64
C ALA B 1080 37.45 -39.23 -47.95
N ILE B 1081 37.42 -39.64 -49.21
CA ILE B 1081 38.11 -40.83 -49.69
C ILE B 1081 38.60 -40.61 -51.11
N CYS B 1082 39.88 -40.84 -51.34
CA CYS B 1082 40.44 -40.83 -52.68
C CYS B 1082 40.20 -42.18 -53.35
N HIS B 1083 39.60 -42.16 -54.55
CA HIS B 1083 39.53 -43.38 -55.34
C HIS B 1083 40.33 -43.27 -56.64
N ASP B 1084 40.03 -42.28 -57.48
CA ASP B 1084 40.71 -42.12 -58.76
C ASP B 1084 41.22 -40.70 -58.90
N GLY B 1085 41.90 -40.21 -57.86
CA GLY B 1085 42.25 -38.82 -57.82
C GLY B 1085 41.07 -37.91 -57.63
N LYS B 1086 40.02 -38.39 -56.97
CA LYS B 1086 38.84 -37.59 -56.68
C LYS B 1086 38.46 -37.80 -55.22
N ALA B 1087 37.97 -36.74 -54.60
CA ALA B 1087 37.47 -36.83 -53.24
C ALA B 1087 36.05 -37.37 -53.26
N HIS B 1088 35.77 -38.32 -52.39
CA HIS B 1088 34.44 -38.90 -52.26
C HIS B 1088 33.91 -38.62 -50.87
N PHE B 1089 32.85 -37.86 -50.79
CA PHE B 1089 32.21 -37.57 -49.53
C PHE B 1089 30.94 -38.36 -49.38
N PRO B 1090 30.57 -38.77 -48.18
CA PRO B 1090 29.38 -39.60 -48.02
C PRO B 1090 28.12 -38.79 -48.24
N ARG B 1091 27.16 -39.39 -48.94
CA ARG B 1091 25.89 -38.71 -49.19
C ARG B 1091 25.18 -38.41 -47.88
N GLU B 1092 24.92 -39.44 -47.09
CA GLU B 1092 24.46 -39.29 -45.72
C GLU B 1092 25.19 -40.31 -44.87
N GLY B 1093 25.83 -39.86 -43.81
CA GLY B 1093 26.57 -40.73 -42.94
C GLY B 1093 28.04 -40.36 -42.88
N VAL B 1094 28.82 -41.25 -42.28
CA VAL B 1094 30.25 -41.03 -42.09
C VAL B 1094 31.01 -42.25 -42.56
N PHE B 1095 32.23 -42.02 -43.00
CA PHE B 1095 33.15 -43.10 -43.31
C PHE B 1095 33.76 -43.60 -42.02
N VAL B 1096 33.62 -44.89 -41.75
CA VAL B 1096 34.24 -45.53 -40.61
C VAL B 1096 34.98 -46.76 -41.10
N SER B 1097 35.95 -47.20 -40.31
CA SER B 1097 36.68 -48.41 -40.62
C SER B 1097 36.87 -49.21 -39.34
N ASN B 1098 36.78 -50.52 -39.48
CA ASN B 1098 36.95 -51.41 -38.34
C ASN B 1098 38.39 -51.81 -38.20
N GLY B 1099 39.30 -51.03 -38.76
CA GLY B 1099 40.71 -51.35 -38.66
C GLY B 1099 41.33 -51.69 -40.00
N THR B 1100 40.60 -52.43 -40.81
CA THR B 1100 41.11 -52.83 -42.12
C THR B 1100 40.21 -52.41 -43.26
N HIS B 1101 38.90 -52.51 -43.10
CA HIS B 1101 37.94 -52.24 -44.17
C HIS B 1101 37.14 -50.99 -43.86
N TRP B 1102 36.88 -50.20 -44.90
CA TRP B 1102 36.18 -48.95 -44.75
C TRP B 1102 34.72 -49.10 -45.15
N PHE B 1103 33.84 -48.48 -44.37
CA PHE B 1103 32.41 -48.50 -44.62
C PHE B 1103 31.87 -47.08 -44.49
N VAL B 1104 30.60 -46.94 -44.83
CA VAL B 1104 29.84 -45.73 -44.55
C VAL B 1104 28.65 -46.11 -43.70
N THR B 1105 28.48 -45.41 -42.58
CA THR B 1105 27.40 -45.72 -41.67
C THR B 1105 26.62 -44.45 -41.40
N GLN B 1106 25.33 -44.61 -41.06
CA GLN B 1106 24.58 -43.48 -40.57
C GLN B 1106 25.13 -43.05 -39.22
N ARG B 1107 24.78 -41.83 -38.82
CA ARG B 1107 25.50 -41.21 -37.73
C ARG B 1107 25.02 -41.66 -36.36
N ASN B 1108 23.76 -42.05 -36.22
CA ASN B 1108 23.18 -42.32 -34.91
C ASN B 1108 22.93 -43.79 -34.65
N PHE B 1109 23.40 -44.67 -35.52
CA PHE B 1109 23.23 -46.10 -35.33
C PHE B 1109 24.25 -46.79 -36.22
N TYR B 1110 25.03 -47.70 -35.65
CA TYR B 1110 26.07 -48.36 -36.40
C TYR B 1110 25.43 -49.30 -37.41
N GLU B 1111 25.65 -49.03 -38.69
CA GLU B 1111 25.16 -49.89 -39.76
C GLU B 1111 26.11 -49.77 -40.95
N PRO B 1112 27.23 -50.49 -40.91
CA PRO B 1112 28.25 -50.30 -41.94
C PRO B 1112 27.80 -50.83 -43.28
N GLN B 1113 28.17 -50.13 -44.33
CA GLN B 1113 27.86 -50.55 -45.69
C GLN B 1113 29.05 -50.31 -46.59
N ILE B 1114 29.12 -51.07 -47.68
CA ILE B 1114 30.24 -50.95 -48.61
C ILE B 1114 30.16 -49.62 -49.33
N ILE B 1115 31.27 -48.91 -49.39
CA ILE B 1115 31.29 -47.59 -50.01
C ILE B 1115 31.10 -47.73 -51.51
N THR B 1116 30.21 -46.92 -52.06
CA THR B 1116 29.72 -47.08 -53.41
C THR B 1116 29.38 -45.70 -53.96
N THR B 1117 29.32 -45.57 -55.28
CA THR B 1117 28.87 -44.31 -55.87
C THR B 1117 27.41 -44.00 -55.60
N ASP B 1118 26.66 -44.86 -54.91
CA ASP B 1118 25.37 -44.46 -54.38
C ASP B 1118 25.49 -43.85 -53.00
N ASN B 1119 26.39 -44.36 -52.17
CA ASN B 1119 26.59 -43.83 -50.83
C ASN B 1119 27.30 -42.49 -50.83
N THR B 1120 27.99 -42.14 -51.91
CA THR B 1120 28.92 -41.03 -51.91
C THR B 1120 28.64 -40.08 -53.07
N PHE B 1121 29.29 -38.93 -53.02
CA PHE B 1121 29.36 -38.03 -54.16
C PHE B 1121 30.77 -37.50 -54.27
N VAL B 1122 31.11 -37.07 -55.48
CA VAL B 1122 32.47 -36.66 -55.81
C VAL B 1122 32.55 -35.15 -55.82
N SER B 1123 33.68 -34.61 -55.39
CA SER B 1123 33.88 -33.16 -55.45
C SER B 1123 35.39 -32.87 -55.50
N GLY B 1124 35.89 -32.60 -56.70
CA GLY B 1124 37.28 -32.18 -56.85
C GLY B 1124 38.26 -33.31 -56.66
N ASN B 1125 39.54 -32.95 -56.76
CA ASN B 1125 40.61 -33.91 -56.64
C ASN B 1125 41.06 -34.02 -55.18
N CYS B 1126 42.19 -34.68 -54.95
CA CYS B 1126 42.53 -35.14 -53.61
C CYS B 1126 43.35 -34.14 -52.81
N ASP B 1127 44.11 -33.27 -53.48
CA ASP B 1127 45.10 -32.48 -52.78
C ASP B 1127 44.51 -31.49 -51.77
N VAL B 1128 43.21 -31.21 -51.85
CA VAL B 1128 42.67 -30.12 -51.05
C VAL B 1128 42.21 -30.60 -49.67
N VAL B 1129 41.59 -31.76 -49.58
CA VAL B 1129 41.03 -32.22 -48.31
C VAL B 1129 42.15 -32.72 -47.42
N ILE B 1130 42.17 -32.27 -46.17
CA ILE B 1130 43.13 -32.74 -45.18
C ILE B 1130 42.48 -33.82 -44.34
N GLY B 1131 43.08 -35.01 -44.36
CA GLY B 1131 42.49 -36.19 -43.75
C GLY B 1131 41.97 -37.20 -44.73
N ILE B 1132 42.02 -36.91 -46.03
CA ILE B 1132 41.50 -37.85 -47.01
C ILE B 1132 42.26 -39.17 -46.93
N VAL B 1133 41.56 -40.26 -47.23
CA VAL B 1133 42.06 -41.61 -47.02
C VAL B 1133 41.94 -42.40 -48.32
N ASN B 1134 42.95 -43.19 -48.63
CA ASN B 1134 42.97 -44.01 -49.86
C ASN B 1134 42.22 -45.32 -49.73
N ASN B 1135 41.13 -45.46 -50.45
CA ASN B 1135 40.35 -46.68 -50.44
C ASN B 1135 39.67 -46.80 -51.79
N THR B 1136 39.02 -47.94 -52.01
CA THR B 1136 38.30 -48.19 -53.23
C THR B 1136 36.84 -47.84 -53.06
N VAL B 1137 36.23 -47.32 -54.13
CA VAL B 1137 34.83 -46.95 -54.15
C VAL B 1137 34.15 -47.84 -55.17
N TYR B 1138 33.39 -48.82 -54.69
CA TYR B 1138 32.76 -49.80 -55.55
C TYR B 1138 31.76 -49.13 -56.49
N ASP B 1139 31.51 -49.80 -57.62
CA ASP B 1139 30.56 -49.34 -58.62
C ASP B 1139 29.59 -50.48 -58.88
N PRO B 1140 28.29 -50.28 -58.66
CA PRO B 1140 27.35 -51.39 -58.85
C PRO B 1140 27.13 -51.76 -60.31
N LEU B 1141 27.39 -50.83 -61.23
CA LEU B 1141 27.17 -51.13 -62.64
C LEU B 1141 28.29 -51.98 -63.22
N GLN B 1142 29.53 -51.72 -62.81
CA GLN B 1142 30.71 -52.29 -63.47
C GLN B 1142 30.63 -53.80 -63.67
N PRO B 1143 30.31 -54.62 -62.66
CA PRO B 1143 30.30 -56.08 -62.91
C PRO B 1143 29.15 -56.54 -63.78
N GLU B 1144 28.06 -55.78 -63.87
CA GLU B 1144 26.83 -56.25 -64.50
C GLU B 1144 26.81 -56.06 -66.01
N LEU B 1145 27.02 -54.83 -66.48
CA LEU B 1145 26.87 -54.55 -67.91
C LEU B 1145 27.84 -55.36 -68.76
N ASP B 1146 28.96 -55.80 -68.18
CA ASP B 1146 29.88 -56.63 -68.93
C ASP B 1146 29.25 -57.96 -69.31
N SER B 1147 28.33 -58.45 -68.49
CA SER B 1147 27.63 -59.71 -68.76
C SER B 1147 26.66 -59.54 -69.92
N GLN C 14 23.13 67.00 15.69
CA GLN C 14 21.72 67.14 15.97
C GLN C 14 20.87 67.09 14.70
N CYS C 15 21.00 65.98 13.99
CA CYS C 15 20.02 65.59 12.97
C CYS C 15 20.02 66.56 11.79
N VAL C 16 21.18 66.67 11.13
CA VAL C 16 21.30 67.56 9.98
C VAL C 16 20.85 66.86 8.71
N ASN C 17 20.44 67.66 7.73
CA ASN C 17 20.13 67.08 6.44
C ASN C 17 21.40 67.27 5.65
N LEU C 18 21.57 66.53 4.58
CA LEU C 18 22.77 66.58 3.74
C LEU C 18 22.44 67.17 2.39
N THR C 19 23.32 68.01 1.87
CA THR C 19 23.19 68.56 0.53
C THR C 19 24.45 68.26 -0.28
N THR C 20 24.47 68.78 -1.51
CA THR C 20 25.55 68.59 -2.48
C THR C 20 25.69 67.13 -2.91
N ARG C 21 24.59 66.39 -2.91
CA ARG C 21 24.57 65.05 -3.49
C ARG C 21 24.08 65.15 -4.93
N THR C 22 24.79 64.50 -5.84
CA THR C 22 24.37 64.48 -7.23
C THR C 22 23.29 63.42 -7.44
N GLN C 23 22.53 63.58 -8.52
CA GLN C 23 21.45 62.68 -8.84
C GLN C 23 21.90 61.70 -9.92
N LEU C 24 21.76 60.42 -9.65
CA LEU C 24 22.13 59.36 -10.57
C LEU C 24 21.02 58.32 -10.61
N PRO C 25 20.86 57.63 -11.74
CA PRO C 25 19.85 56.58 -11.80
C PRO C 25 20.27 55.38 -10.97
N PRO C 26 19.31 54.55 -10.56
CA PRO C 26 19.66 53.36 -9.77
C PRO C 26 20.38 52.32 -10.62
N ALA C 27 21.30 51.60 -10.00
CA ALA C 27 22.07 50.58 -10.66
C ALA C 27 21.54 49.20 -10.27
N TYR C 28 21.89 48.20 -11.08
CA TYR C 28 21.46 46.84 -10.84
C TYR C 28 22.60 45.89 -11.15
N THR C 29 22.54 44.71 -10.54
CA THR C 29 23.63 43.75 -10.63
C THR C 29 23.04 42.37 -10.40
N ASN C 30 23.71 41.37 -10.95
CA ASN C 30 23.27 39.99 -10.82
C ASN C 30 23.81 39.36 -9.55
N SER C 31 23.10 38.34 -9.07
CA SER C 31 23.47 37.60 -7.87
C SER C 31 23.87 36.19 -8.30
N PHE C 32 25.15 36.00 -8.60
CA PHE C 32 25.64 34.73 -9.14
C PHE C 32 25.69 33.70 -8.02
N THR C 33 24.52 33.17 -7.67
CA THR C 33 24.38 32.15 -6.64
C THR C 33 25.03 32.59 -5.33
N ARG C 34 24.46 33.62 -4.71
CA ARG C 34 24.97 34.08 -3.44
C ARG C 34 23.83 34.03 -2.46
N GLY C 35 24.12 34.22 -1.18
CA GLY C 35 23.07 34.25 -0.18
C GLY C 35 22.59 32.97 0.44
N VAL C 36 23.23 31.85 0.14
CA VAL C 36 22.87 30.60 0.78
C VAL C 36 23.32 30.67 2.23
N TYR C 37 22.51 30.18 3.15
CA TYR C 37 22.85 30.20 4.55
C TYR C 37 22.56 28.82 5.11
N TYR C 38 23.14 28.48 6.24
CA TYR C 38 22.91 27.18 6.82
C TYR C 38 21.50 27.16 7.35
N PRO C 39 20.68 26.24 6.85
CA PRO C 39 19.28 26.24 7.25
C PRO C 39 19.04 25.92 8.71
N ASP C 40 19.74 24.93 9.25
CA ASP C 40 19.61 24.58 10.65
C ASP C 40 20.93 24.60 11.37
N LYS C 41 20.98 23.98 12.55
CA LYS C 41 22.23 23.87 13.29
C LYS C 41 22.67 22.42 13.42
N VAL C 42 22.15 21.55 12.61
CA VAL C 42 22.51 20.14 12.60
C VAL C 42 23.70 19.95 11.66
N PHE C 43 24.67 19.17 12.11
CA PHE C 43 25.85 18.93 11.31
C PHE C 43 25.60 17.82 10.31
N ARG C 44 26.04 18.03 9.06
CA ARG C 44 25.91 17.05 8.01
C ARG C 44 27.19 17.02 7.20
N SER C 45 27.49 15.86 6.62
CA SER C 45 28.69 15.69 5.82
C SER C 45 28.40 14.76 4.67
N SER C 46 28.95 15.08 3.50
CA SER C 46 28.91 14.21 2.33
C SER C 46 27.48 13.81 2.01
N VAL C 47 26.60 14.81 1.96
CA VAL C 47 25.19 14.55 1.71
C VAL C 47 24.62 15.71 0.91
N LEU C 48 23.63 15.41 0.08
CA LEU C 48 22.88 16.43 -0.63
C LEU C 48 21.54 16.59 0.08
N HIS C 49 21.33 17.75 0.69
CA HIS C 49 20.17 17.99 1.53
C HIS C 49 19.23 18.95 0.84
N SER C 50 17.97 18.55 0.70
CA SER C 50 16.95 19.39 0.12
C SER C 50 16.24 20.17 1.21
N THR C 51 16.02 21.44 0.96
CA THR C 51 15.53 22.35 1.99
C THR C 51 14.60 23.35 1.36
N GLN C 52 13.51 23.69 2.05
CA GLN C 52 12.67 24.76 1.56
C GLN C 52 12.72 25.80 2.65
N ASP C 53 13.06 27.03 2.30
CA ASP C 53 13.18 28.12 3.27
C ASP C 53 13.20 29.39 2.47
N LEU C 54 13.17 30.54 3.14
CA LEU C 54 13.28 31.80 2.42
C LEU C 54 14.71 31.95 1.97
N PHE C 55 14.93 32.18 0.68
CA PHE C 55 16.28 32.23 0.15
C PHE C 55 16.40 33.30 -0.90
N LEU C 56 17.61 33.68 -1.26
CA LEU C 56 17.82 34.68 -2.29
C LEU C 56 17.92 33.90 -3.62
N PRO C 57 16.95 34.10 -4.55
CA PRO C 57 16.98 33.24 -5.74
C PRO C 57 18.26 33.43 -6.52
N PHE C 58 18.62 32.41 -7.29
CA PHE C 58 19.85 32.45 -8.04
C PHE C 58 19.74 33.41 -9.21
N PHE C 59 20.82 34.12 -9.50
CA PHE C 59 20.87 35.09 -10.60
C PHE C 59 19.77 36.13 -10.45
N SER C 60 19.54 36.55 -9.22
CA SER C 60 18.51 37.54 -8.91
C SER C 60 18.98 38.93 -9.29
N ASN C 61 18.03 39.85 -9.32
CA ASN C 61 18.34 41.23 -9.67
C ASN C 61 18.49 42.05 -8.40
N VAL C 62 19.71 42.25 -7.94
CA VAL C 62 19.98 42.99 -6.73
C VAL C 62 20.31 44.43 -7.10
N THR C 63 19.90 45.35 -6.25
CA THR C 63 20.07 46.77 -6.54
C THR C 63 21.39 47.24 -5.92
N TRP C 64 22.05 48.14 -6.62
CA TRP C 64 23.41 48.56 -6.32
C TRP C 64 23.41 49.98 -5.77
N PHE C 65 23.99 50.17 -4.59
CA PHE C 65 24.19 51.47 -4.00
C PHE C 65 25.67 51.64 -3.68
N HIS C 66 26.12 52.88 -3.61
CA HIS C 66 27.49 53.14 -3.21
C HIS C 66 27.63 54.58 -2.71
N ALA C 67 28.84 54.91 -2.29
CA ALA C 67 29.21 56.24 -1.84
C ALA C 67 30.60 56.53 -2.37
N ILE C 68 30.76 57.64 -3.08
CA ILE C 68 31.96 57.86 -3.88
C ILE C 68 32.18 59.34 -4.14
N HIS C 69 33.43 59.68 -4.48
CA HIS C 69 33.81 60.91 -5.17
C HIS C 69 33.43 62.18 -4.40
N VAL C 70 34.13 62.35 -3.27
CA VAL C 70 34.30 63.64 -2.59
C VAL C 70 33.36 64.75 -3.00
N THR C 76 29.49 66.37 -2.52
CA THR C 76 30.00 65.03 -2.74
C THR C 76 29.06 64.22 -3.62
N LYS C 77 29.62 63.46 -4.57
CA LYS C 77 28.83 62.91 -5.65
C LYS C 77 27.73 61.99 -5.15
N ARG C 78 28.09 60.87 -4.54
CA ARG C 78 27.12 59.85 -4.19
C ARG C 78 27.20 59.54 -2.70
N PHE C 79 26.03 59.53 -2.05
CA PHE C 79 25.90 59.07 -0.66
C PHE C 79 24.50 58.47 -0.56
N ASP C 80 24.43 57.15 -0.73
CA ASP C 80 23.16 56.46 -0.91
C ASP C 80 22.73 55.81 0.39
N ASN C 81 21.63 56.29 0.97
CA ASN C 81 21.03 55.68 2.15
C ASN C 81 19.52 55.87 2.09
N PRO C 82 18.86 55.35 1.05
CA PRO C 82 17.41 55.48 0.95
C PRO C 82 16.71 54.49 1.88
N VAL C 83 15.42 54.72 2.06
CA VAL C 83 14.58 53.82 2.82
C VAL C 83 14.05 52.75 1.87
N LEU C 84 14.54 51.55 2.00
CA LEU C 84 14.19 50.43 1.15
C LEU C 84 13.10 49.60 1.80
N PRO C 85 12.36 48.84 1.02
CA PRO C 85 11.40 47.89 1.62
C PRO C 85 12.12 46.73 2.26
N PHE C 86 11.40 46.02 3.12
CA PHE C 86 11.86 44.81 3.78
C PHE C 86 10.71 43.83 3.59
N ASN C 87 10.70 43.10 2.48
CA ASN C 87 9.48 42.40 2.12
C ASN C 87 9.28 41.14 2.95
N ASP C 88 10.13 40.14 2.76
CA ASP C 88 10.15 38.96 3.62
C ASP C 88 11.52 38.65 4.16
N GLY C 89 12.50 39.51 3.92
CA GLY C 89 13.85 39.21 4.26
C GLY C 89 14.74 39.90 3.25
N VAL C 90 15.92 40.25 3.72
CA VAL C 90 16.85 41.02 2.92
C VAL C 90 18.17 40.27 2.86
N TYR C 91 18.71 40.12 1.66
CA TYR C 91 20.11 39.81 1.49
C TYR C 91 20.86 41.13 1.38
N PHE C 92 21.89 41.30 2.20
CA PHE C 92 22.67 42.53 2.23
C PHE C 92 24.13 42.18 2.11
N ALA C 93 24.77 42.65 1.05
CA ALA C 93 26.20 42.52 0.87
C ALA C 93 26.82 43.90 0.81
N SER C 94 28.07 44.00 1.23
CA SER C 94 28.77 45.28 1.18
C SER C 94 30.25 45.00 0.97
N THR C 95 30.80 45.54 -0.11
CA THR C 95 32.23 45.51 -0.36
C THR C 95 32.80 46.86 0.05
N GLU C 96 33.71 46.86 1.01
CA GLU C 96 34.27 48.11 1.48
C GLU C 96 35.68 47.88 1.99
N LYS C 97 36.43 48.97 2.11
CA LYS C 97 37.80 48.91 2.57
C LYS C 97 38.08 49.76 3.81
N SER C 98 37.21 50.71 4.14
CA SER C 98 37.45 51.62 5.25
C SER C 98 36.29 51.69 6.23
N ASN C 99 35.50 50.61 6.33
CA ASN C 99 34.43 50.48 7.32
C ASN C 99 33.43 51.63 7.24
N ILE C 100 32.77 51.74 6.09
CA ILE C 100 31.80 52.80 5.88
C ILE C 100 30.41 52.36 6.28
N ILE C 101 30.02 51.13 5.91
CA ILE C 101 28.74 50.60 6.37
C ILE C 101 28.84 50.34 7.86
N ARG C 102 27.91 50.91 8.62
CA ARG C 102 27.95 50.85 10.06
C ARG C 102 26.78 50.14 10.70
N GLY C 103 25.77 49.79 9.94
CA GLY C 103 24.61 49.12 10.47
C GLY C 103 23.37 49.56 9.73
N TRP C 104 22.22 49.20 10.29
CA TRP C 104 20.95 49.43 9.63
C TRP C 104 19.93 49.89 10.64
N ILE C 105 18.81 50.35 10.13
CA ILE C 105 17.64 50.72 10.90
C ILE C 105 16.48 49.94 10.32
N PHE C 106 15.75 49.22 11.17
CA PHE C 106 14.61 48.45 10.74
C PHE C 106 13.37 48.95 11.45
N GLY C 107 12.27 49.04 10.74
CA GLY C 107 11.05 49.50 11.36
C GLY C 107 9.90 49.44 10.39
N THR C 108 8.86 50.19 10.71
CA THR C 108 7.69 50.27 9.85
C THR C 108 7.34 51.69 9.46
N THR C 109 7.42 52.65 10.38
CA THR C 109 7.26 54.05 10.07
C THR C 109 8.51 54.86 10.37
N LEU C 110 9.45 54.30 11.10
CA LEU C 110 10.75 54.90 11.37
C LEU C 110 10.63 56.23 12.10
N ASP C 111 9.48 56.51 12.71
CA ASP C 111 9.32 57.64 13.60
C ASP C 111 8.90 57.12 14.97
N SER C 112 8.68 58.04 15.91
CA SER C 112 8.48 57.65 17.30
C SER C 112 7.08 57.13 17.57
N LYS C 113 6.24 56.97 16.55
CA LYS C 113 4.92 56.39 16.78
C LYS C 113 5.00 54.89 17.00
N THR C 114 5.91 54.22 16.31
CA THR C 114 6.08 52.78 16.45
C THR C 114 7.51 52.46 16.89
N GLN C 115 7.75 51.18 17.10
CA GLN C 115 9.04 50.71 17.54
C GLN C 115 9.91 50.33 16.35
N SER C 116 11.22 50.49 16.54
CA SER C 116 12.16 50.22 15.47
C SER C 116 13.38 49.53 16.04
N LEU C 117 14.10 48.84 15.16
CA LEU C 117 15.32 48.13 15.53
C LEU C 117 16.52 48.89 14.98
N LEU C 118 17.47 49.18 15.85
CA LEU C 118 18.71 49.85 15.46
C LEU C 118 19.86 48.88 15.69
N ILE C 119 20.59 48.57 14.63
CA ILE C 119 21.84 47.83 14.72
C ILE C 119 22.93 48.73 14.18
N VAL C 120 23.91 49.07 15.01
CA VAL C 120 24.92 50.03 14.62
C VAL C 120 26.23 49.67 15.28
N ASN C 121 27.32 49.96 14.57
CA ASN C 121 28.69 49.80 15.06
C ASN C 121 29.30 51.20 15.11
N ASN C 122 29.30 51.81 16.30
CA ASN C 122 29.83 53.16 16.47
C ASN C 122 31.34 53.23 16.66
N ALA C 123 32.08 52.37 15.98
CA ALA C 123 33.53 52.33 16.04
C ALA C 123 34.05 51.88 17.41
N THR C 124 33.17 51.72 18.37
CA THR C 124 33.60 51.30 19.70
C THR C 124 32.80 50.13 20.23
N ASN C 125 31.50 50.09 19.97
CA ASN C 125 30.64 48.97 20.36
C ASN C 125 29.70 48.64 19.22
N VAL C 126 29.13 47.45 19.28
CA VAL C 126 28.00 47.08 18.45
C VAL C 126 26.75 47.23 19.30
N VAL C 127 25.90 48.19 18.94
CA VAL C 127 24.72 48.55 19.72
C VAL C 127 23.50 48.01 19.00
N ILE C 128 22.69 47.22 19.69
CA ILE C 128 21.44 46.70 19.16
C ILE C 128 20.33 47.15 20.10
N LYS C 129 19.46 48.03 19.62
CA LYS C 129 18.42 48.61 20.45
C LYS C 129 17.07 48.45 19.77
N VAL C 130 16.03 48.24 20.57
CA VAL C 130 14.66 48.26 20.10
C VAL C 130 13.93 49.27 20.97
N CYS C 131 13.86 50.51 20.50
CA CYS C 131 13.25 51.58 21.27
C CYS C 131 12.17 52.21 20.41
N GLU C 132 11.63 53.35 20.82
CA GLU C 132 10.80 54.17 19.94
C GLU C 132 11.63 55.37 19.51
N PHE C 133 12.32 55.23 18.38
CA PHE C 133 13.24 56.24 17.91
C PHE C 133 12.51 57.25 17.02
N GLN C 134 12.92 58.50 17.10
CA GLN C 134 12.50 59.52 16.14
C GLN C 134 13.68 59.73 15.20
N PHE C 135 13.72 58.96 14.13
CA PHE C 135 14.90 58.91 13.28
C PHE C 135 14.99 60.16 12.41
N CYS C 136 16.22 60.48 12.01
CA CYS C 136 16.47 61.58 11.10
C CYS C 136 16.08 61.22 9.68
N ASN C 137 15.88 62.26 8.87
CA ASN C 137 15.65 62.03 7.45
C ASN C 137 16.92 61.53 6.77
N ASP C 138 18.07 62.01 7.22
CA ASP C 138 19.37 61.55 6.73
C ASP C 138 20.20 61.10 7.92
N PRO C 139 20.01 59.87 8.38
CA PRO C 139 20.84 59.37 9.48
C PRO C 139 22.22 58.95 8.98
N PHE C 140 23.23 59.27 9.77
CA PHE C 140 24.59 58.88 9.42
C PHE C 140 25.47 58.99 10.65
N LEU C 141 26.71 58.58 10.49
CA LEU C 141 27.75 58.74 11.50
C LEU C 141 28.88 59.54 10.88
N GLY C 142 29.74 60.08 11.73
CA GLY C 142 30.77 60.99 11.27
C GLY C 142 32.16 60.54 11.67
N VAL C 143 33.09 60.66 10.73
CA VAL C 143 34.50 60.41 10.96
C VAL C 143 35.27 61.67 10.60
N TYR C 144 36.11 62.14 11.51
CA TYR C 144 36.89 63.35 11.28
C TYR C 144 38.37 62.99 11.13
N TYR C 145 39.02 63.63 10.16
CA TYR C 145 40.43 63.40 9.89
C TYR C 145 41.22 64.64 10.31
N HIS C 146 42.24 64.42 11.15
CA HIS C 146 43.02 65.51 11.72
C HIS C 146 44.43 65.47 11.15
N LYS C 147 44.88 66.66 10.77
CA LYS C 147 46.25 66.87 10.36
C LYS C 147 47.06 67.04 11.66
N ASN C 148 48.37 67.02 11.53
CA ASN C 148 49.27 67.11 12.68
C ASN C 148 49.03 65.94 13.64
N ASN C 149 48.26 64.98 13.13
CA ASN C 149 47.98 63.78 13.89
C ASN C 149 47.91 62.61 12.94
N LYS C 150 47.53 62.84 11.68
CA LYS C 150 47.28 61.75 10.74
C LYS C 150 46.41 60.70 11.39
N SER C 151 45.36 61.16 12.07
CA SER C 151 44.49 60.32 12.87
C SER C 151 43.04 60.54 12.47
N TRP C 152 42.28 59.45 12.46
CA TRP C 152 40.86 59.48 12.18
C TRP C 152 40.12 59.07 13.45
N MET C 153 39.15 59.88 13.87
CA MET C 153 38.43 59.63 15.10
C MET C 153 36.93 59.78 14.87
N GLU C 154 36.16 58.99 15.61
CA GLU C 154 34.71 59.04 15.51
C GLU C 154 34.21 60.38 16.02
N SER C 155 33.35 61.02 15.25
CA SER C 155 33.01 62.42 15.51
C SER C 155 31.52 62.68 15.64
N GLU C 156 30.66 61.88 15.02
CA GLU C 156 29.25 62.19 14.98
C GLU C 156 28.42 60.93 15.09
N PHE C 157 27.22 61.10 15.67
CA PHE C 157 26.23 60.03 15.76
C PHE C 157 24.84 60.58 15.45
N ARG C 158 24.70 61.29 14.33
CA ARG C 158 23.41 61.84 13.97
C ARG C 158 22.51 60.75 13.40
N VAL C 159 21.87 59.99 14.28
CA VAL C 159 20.97 58.91 13.87
C VAL C 159 19.52 59.22 14.24
N TYR C 160 19.24 59.43 15.51
CA TYR C 160 17.87 59.63 15.98
C TYR C 160 17.84 60.85 16.89
N SER C 161 16.65 61.44 17.02
CA SER C 161 16.51 62.60 17.89
C SER C 161 16.19 62.18 19.32
N SER C 162 15.52 61.05 19.50
CA SER C 162 15.10 60.64 20.83
C SER C 162 14.66 59.19 20.79
N ALA C 163 14.66 58.57 21.96
CA ALA C 163 14.24 57.17 22.12
C ALA C 163 13.70 57.00 23.54
N ASN C 164 12.45 56.59 23.67
CA ASN C 164 11.80 56.58 24.97
C ASN C 164 11.54 55.18 25.50
N ASN C 165 10.64 54.45 24.82
CA ASN C 165 10.20 53.15 25.31
C ASN C 165 11.06 52.14 24.66
N CYS C 166 11.99 51.59 25.38
CA CYS C 166 13.00 50.75 24.77
C CYS C 166 12.97 49.38 25.42
N THR C 167 12.37 48.41 24.73
CA THR C 167 12.11 47.09 25.29
C THR C 167 13.27 46.12 25.16
N PHE C 168 14.23 46.41 24.29
CA PHE C 168 15.37 45.54 24.09
C PHE C 168 16.62 46.40 23.92
N GLU C 169 17.73 45.91 24.44
CA GLU C 169 18.99 46.62 24.32
C GLU C 169 20.14 45.64 24.51
N TYR C 170 21.15 45.77 23.66
CA TYR C 170 22.38 45.00 23.78
C TYR C 170 23.55 45.86 23.35
N VAL C 171 24.59 45.91 24.16
CA VAL C 171 25.83 46.60 23.84
C VAL C 171 26.96 45.60 23.96
N SER C 172 27.81 45.53 22.94
CA SER C 172 28.86 44.53 22.91
C SER C 172 30.03 44.94 23.79
N GLN C 173 31.04 44.08 23.84
CA GLN C 173 32.26 44.40 24.54
C GLN C 173 33.08 45.43 23.75
N PRO C 174 33.79 46.32 24.44
CA PRO C 174 34.45 47.43 23.75
C PRO C 174 35.53 46.95 22.78
N PHE C 175 35.78 47.79 21.79
CA PHE C 175 36.83 47.56 20.82
C PHE C 175 37.18 48.89 20.17
N LEU C 176 38.28 48.89 19.44
CA LEU C 176 38.66 49.99 18.57
C LEU C 176 38.89 49.45 17.18
N MET C 177 38.07 49.90 16.23
CA MET C 177 38.24 49.53 14.84
C MET C 177 38.74 50.75 14.08
N ASP C 178 39.56 50.50 13.07
CA ASP C 178 40.29 51.58 12.44
C ASP C 178 39.38 52.37 11.51
N LEU C 179 39.44 53.69 11.63
CA LEU C 179 38.59 54.59 10.86
C LEU C 179 39.30 55.16 9.64
N GLU C 180 40.54 54.76 9.39
CA GLU C 180 41.29 55.27 8.25
C GLU C 180 40.58 55.01 6.93
N GLY C 181 40.54 56.03 6.07
CA GLY C 181 40.17 55.80 4.69
C GLY C 181 41.31 55.13 3.94
N LYS C 182 41.06 53.89 3.51
CA LYS C 182 42.03 53.16 2.72
C LYS C 182 41.97 53.62 1.27
N GLN C 183 43.07 53.39 0.55
CA GLN C 183 43.16 53.70 -0.87
C GLN C 183 43.58 52.42 -1.60
N GLY C 184 42.73 51.96 -2.50
CA GLY C 184 43.02 50.78 -3.27
C GLY C 184 41.74 50.04 -3.61
N ASN C 185 41.87 48.74 -3.83
CA ASN C 185 40.71 47.93 -4.15
C ASN C 185 39.88 47.65 -2.90
N PHE C 186 38.66 47.18 -3.11
CA PHE C 186 37.84 46.73 -2.00
C PHE C 186 38.38 45.41 -1.48
N LYS C 187 38.62 45.35 -0.17
CA LYS C 187 39.27 44.19 0.42
C LYS C 187 38.33 43.26 1.17
N ASN C 188 37.21 43.76 1.68
CA ASN C 188 36.35 42.98 2.57
C ASN C 188 34.94 42.92 2.02
N LEU C 189 34.41 41.70 1.94
CA LEU C 189 33.03 41.46 1.55
C LEU C 189 32.28 40.91 2.75
N ARG C 190 31.19 41.56 3.12
CA ARG C 190 30.41 41.20 4.30
C ARG C 190 28.98 40.98 3.89
N GLU C 191 28.50 39.74 4.01
CA GLU C 191 27.18 39.36 3.58
C GLU C 191 26.28 39.14 4.79
N PHE C 192 25.01 39.51 4.68
CA PHE C 192 24.09 39.41 5.80
C PHE C 192 22.70 39.07 5.33
N VAL C 193 22.07 38.07 5.94
CA VAL C 193 20.69 37.77 5.61
C VAL C 193 19.83 38.13 6.81
N PHE C 194 18.81 38.95 6.61
CA PHE C 194 17.95 39.39 7.70
C PHE C 194 16.56 38.84 7.49
N LYS C 195 16.01 38.18 8.50
CA LYS C 195 14.66 37.62 8.41
C LYS C 195 13.88 38.01 9.66
N ASN C 196 12.57 38.17 9.56
CA ASN C 196 11.75 38.49 10.73
C ASN C 196 10.60 37.52 10.80
N ILE C 197 10.69 36.50 11.65
CA ILE C 197 9.70 35.43 11.70
C ILE C 197 9.40 35.08 13.15
N ASP C 198 8.10 35.02 13.49
CA ASP C 198 7.65 34.58 14.81
C ASP C 198 8.26 35.43 15.92
N GLY C 199 8.37 36.73 15.68
CA GLY C 199 8.92 37.62 16.65
C GLY C 199 10.43 37.60 16.78
N TYR C 200 11.12 36.78 16.00
CA TYR C 200 12.57 36.72 16.05
C TYR C 200 13.15 37.41 14.84
N PHE C 201 14.22 38.15 15.07
CA PHE C 201 14.99 38.76 13.99
C PHE C 201 16.25 37.93 13.79
N LYS C 202 16.28 37.15 12.73
CA LYS C 202 17.38 36.23 12.47
C LYS C 202 18.42 36.89 11.59
N ILE C 203 19.68 36.80 11.97
CA ILE C 203 20.77 37.35 11.16
C ILE C 203 21.77 36.26 10.83
N TYR C 204 22.17 36.16 9.56
CA TYR C 204 23.17 35.17 9.16
C TYR C 204 24.28 35.95 8.48
N SER C 205 25.53 35.71 8.82
CA SER C 205 26.62 36.48 8.24
C SER C 205 27.83 35.69 7.76
N LYS C 206 28.66 36.32 6.92
CA LYS C 206 29.85 35.66 6.41
C LYS C 206 30.80 36.73 5.92
N HIS C 207 31.97 36.84 6.54
CA HIS C 207 33.01 37.74 6.10
C HIS C 207 33.96 37.02 5.17
N THR C 208 34.22 37.61 4.01
CA THR C 208 35.06 36.98 3.00
C THR C 208 36.07 37.98 2.48
N PRO C 209 37.36 37.65 2.47
CA PRO C 209 38.36 38.57 1.91
C PRO C 209 38.27 38.58 0.39
N ILE C 210 38.30 39.78 -0.19
CA ILE C 210 38.24 39.95 -1.63
C ILE C 210 39.36 40.88 -2.06
N ASN C 211 39.50 41.02 -3.38
CA ASN C 211 40.42 41.99 -3.95
C ASN C 211 39.82 42.36 -5.31
N LEU C 212 39.11 43.48 -5.34
CA LEU C 212 38.19 43.72 -6.43
C LEU C 212 37.95 45.22 -6.56
N VAL C 213 37.47 45.61 -7.74
CA VAL C 213 37.32 47.02 -8.07
C VAL C 213 35.86 47.47 -7.99
N ARG C 214 34.96 46.77 -8.68
CA ARG C 214 33.67 47.36 -8.98
C ARG C 214 32.48 46.62 -8.38
N ASP C 215 32.29 45.34 -8.65
CA ASP C 215 30.97 44.72 -8.54
C ASP C 215 30.96 43.61 -7.48
N LEU C 216 29.85 42.87 -7.43
CA LEU C 216 29.77 41.70 -6.54
C LEU C 216 30.71 40.60 -7.00
N PRO C 217 31.58 40.11 -6.11
CA PRO C 217 32.40 38.94 -6.47
C PRO C 217 31.51 37.74 -6.74
N GLN C 218 31.57 37.22 -7.95
CA GLN C 218 30.87 36.01 -8.32
C GLN C 218 31.51 34.83 -7.60
N GLY C 219 30.75 34.16 -6.76
CA GLY C 219 31.29 33.03 -6.03
C GLY C 219 30.21 32.30 -5.26
N PHE C 220 30.64 31.52 -4.29
CA PHE C 220 29.72 30.80 -3.41
C PHE C 220 30.26 30.81 -1.99
N SER C 221 29.42 31.20 -1.05
CA SER C 221 29.79 31.17 0.37
C SER C 221 28.53 31.05 1.19
N ALA C 222 28.48 30.05 2.08
CA ALA C 222 27.33 29.90 2.93
C ALA C 222 27.42 30.73 4.19
N LEU C 223 26.37 31.49 4.45
CA LEU C 223 26.35 32.36 5.62
C LEU C 223 26.07 31.57 6.87
N GLU C 224 26.62 32.01 8.00
CA GLU C 224 26.47 31.25 9.22
C GLU C 224 25.56 31.93 10.26
N PRO C 225 24.79 31.15 11.08
CA PRO C 225 23.89 31.83 12.02
C PRO C 225 24.65 32.74 12.96
N LEU C 226 24.22 34.00 13.02
CA LEU C 226 24.85 34.98 13.88
C LEU C 226 24.08 35.18 15.19
N VAL C 227 22.79 35.50 15.11
CA VAL C 227 22.01 35.79 16.31
C VAL C 227 20.54 35.72 15.96
N ASP C 228 19.71 35.39 16.95
CA ASP C 228 18.26 35.48 16.85
C ASP C 228 17.79 36.49 17.89
N LEU C 229 17.26 37.57 17.45
CA LEU C 229 16.90 38.56 18.43
C LEU C 229 15.41 38.51 18.70
N PRO C 230 15.00 38.42 19.95
CA PRO C 230 13.56 38.42 20.26
C PRO C 230 12.99 39.81 20.38
N ILE C 231 12.92 40.52 19.25
CA ILE C 231 12.52 41.92 19.29
C ILE C 231 11.00 42.05 19.25
N GLY C 232 10.32 41.19 18.52
CA GLY C 232 8.87 41.16 18.53
C GLY C 232 8.18 42.36 17.94
N ILE C 233 8.74 42.95 16.89
CA ILE C 233 8.18 44.14 16.27
C ILE C 233 7.82 43.84 14.83
N ASN C 234 7.12 44.80 14.22
CA ASN C 234 6.71 44.68 12.83
C ASN C 234 7.72 45.45 12.03
N ILE C 235 8.29 44.82 11.04
CA ILE C 235 9.33 45.42 10.21
C ILE C 235 8.88 45.36 8.76
N THR C 236 8.79 46.52 8.11
CA THR C 236 8.47 46.59 6.70
C THR C 236 9.48 47.37 5.87
N ARG C 237 10.21 48.31 6.46
CA ARG C 237 11.18 49.10 5.75
C ARG C 237 12.49 49.08 6.51
N PHE C 238 13.57 49.43 5.82
CA PHE C 238 14.85 49.54 6.49
C PHE C 238 15.72 50.54 5.76
N GLN C 239 16.83 50.91 6.40
CA GLN C 239 17.69 51.97 5.91
C GLN C 239 19.08 51.74 6.45
N THR C 240 20.09 51.98 5.61
CA THR C 240 21.47 51.69 5.95
C THR C 240 22.13 52.89 6.61
N LEU C 241 22.98 52.62 7.59
CA LEU C 241 23.70 53.64 8.31
C LEU C 241 25.14 53.72 7.79
N LEU C 242 25.48 54.82 7.15
CA LEU C 242 26.80 55.04 6.60
C LEU C 242 27.57 56.03 7.47
N ALA C 243 28.89 56.05 7.28
CA ALA C 243 29.75 57.02 7.92
C ALA C 243 30.39 57.89 6.85
N LEU C 244 30.35 59.20 7.03
CA LEU C 244 30.99 60.13 6.13
C LEU C 244 32.26 60.70 6.75
N HIS C 245 33.18 61.12 5.89
CA HIS C 245 34.43 61.71 6.31
C HIS C 245 34.33 63.24 6.25
N ARG C 246 34.95 63.90 7.23
CA ARG C 246 34.99 65.34 7.30
C ARG C 246 36.39 65.77 7.70
N SER C 247 36.96 66.73 6.99
CA SER C 247 38.29 67.22 7.32
C SER C 247 38.47 68.59 6.66
N TYR C 248 39.71 69.06 6.66
CA TYR C 248 40.02 70.39 6.12
C TYR C 248 39.66 70.49 4.64
N LEU C 249 39.74 69.38 3.90
CA LEU C 249 39.38 69.41 2.49
C LEU C 249 37.90 69.63 2.27
N THR C 250 37.08 69.52 3.30
CA THR C 250 35.65 69.74 3.19
C THR C 250 35.29 70.99 3.99
N PRO C 251 35.43 72.18 3.40
CA PRO C 251 35.34 73.42 4.17
C PRO C 251 33.94 73.99 4.34
N GLY C 252 32.90 73.30 3.88
CA GLY C 252 31.55 73.82 4.00
C GLY C 252 31.02 73.72 5.42
N ASP C 253 29.69 73.74 5.52
CA ASP C 253 29.01 73.63 6.81
C ASP C 253 28.67 72.17 7.09
N SER C 254 27.82 71.94 8.09
CA SER C 254 27.39 70.58 8.38
C SER C 254 26.62 69.98 7.21
N SER C 255 25.66 70.72 6.66
CA SER C 255 24.81 70.18 5.60
C SER C 255 25.60 69.99 4.31
N SER C 256 26.48 70.93 3.98
CA SER C 256 27.29 70.86 2.78
C SER C 256 28.76 70.93 3.18
N GLY C 257 29.54 69.99 2.69
CA GLY C 257 30.96 69.90 2.99
C GLY C 257 31.25 68.69 3.85
N TRP C 258 31.63 67.61 3.17
CA TRP C 258 31.88 66.28 3.68
C TRP C 258 32.26 65.44 2.48
N THR C 259 33.00 64.37 2.71
CA THR C 259 33.38 63.47 1.64
C THR C 259 32.96 62.05 1.98
N ALA C 260 32.47 61.34 0.97
CA ALA C 260 31.87 60.03 1.21
C ALA C 260 32.91 58.99 1.58
N GLY C 261 33.97 58.89 0.81
CA GLY C 261 34.90 57.80 0.97
C GLY C 261 34.78 56.86 -0.21
N ALA C 262 34.65 55.56 0.04
CA ALA C 262 34.40 54.61 -1.03
C ALA C 262 33.85 53.33 -0.43
N ALA C 263 32.63 52.98 -0.79
CA ALA C 263 31.99 51.75 -0.34
C ALA C 263 30.76 51.52 -1.21
N ALA C 264 30.35 50.27 -1.29
CA ALA C 264 29.15 49.92 -2.06
C ALA C 264 28.43 48.80 -1.35
N TYR C 265 27.11 48.79 -1.45
CA TYR C 265 26.32 47.72 -0.87
C TYR C 265 25.20 47.34 -1.82
N TYR C 266 24.76 46.09 -1.69
CA TYR C 266 23.78 45.49 -2.58
C TYR C 266 22.67 44.88 -1.75
N VAL C 267 21.45 44.94 -2.28
CA VAL C 267 20.26 44.52 -1.55
C VAL C 267 19.44 43.62 -2.43
N GLY C 268 19.25 42.37 -1.98
CA GLY C 268 18.34 41.46 -2.63
C GLY C 268 17.26 41.00 -1.69
N TYR C 269 16.17 40.44 -2.20
CA TYR C 269 15.04 40.05 -1.39
C TYR C 269 14.85 38.54 -1.43
N LEU C 270 14.50 37.98 -0.28
CA LEU C 270 14.32 36.54 -0.15
C LEU C 270 12.92 36.15 -0.55
N GLN C 271 12.79 34.91 -0.99
CA GLN C 271 11.50 34.31 -1.36
C GLN C 271 11.50 32.87 -0.88
N PRO C 272 10.34 32.29 -0.68
CA PRO C 272 10.29 30.88 -0.31
C PRO C 272 10.66 29.97 -1.47
N ARG C 273 11.85 29.40 -1.41
CA ARG C 273 12.39 28.58 -2.47
C ARG C 273 12.77 27.22 -1.92
N THR C 274 12.91 26.26 -2.81
CA THR C 274 13.47 24.97 -2.46
C THR C 274 14.88 24.91 -3.02
N PHE C 275 15.86 24.63 -2.16
CA PHE C 275 17.24 24.54 -2.55
C PHE C 275 17.75 23.14 -2.27
N LEU C 276 18.68 22.69 -3.10
CA LEU C 276 19.39 21.45 -2.87
C LEU C 276 20.80 21.82 -2.45
N LEU C 277 21.08 21.71 -1.15
CA LEU C 277 22.38 22.07 -0.62
C LEU C 277 23.32 20.88 -0.67
N LYS C 278 24.57 21.15 -0.96
CA LYS C 278 25.60 20.12 -1.03
C LYS C 278 26.53 20.29 0.16
N TYR C 279 26.51 19.34 1.07
CA TYR C 279 27.39 19.37 2.22
C TYR C 279 28.68 18.65 1.92
N ASN C 280 29.79 19.28 2.28
CA ASN C 280 31.12 18.77 2.03
C ASN C 280 31.35 17.50 2.83
N GLU C 281 32.56 16.93 2.70
CA GLU C 281 32.94 15.85 3.60
C GLU C 281 33.25 16.38 5.00
N ASN C 282 33.43 17.68 5.11
CA ASN C 282 33.55 18.30 6.42
C ASN C 282 32.11 18.77 6.57
N GLY C 283 31.81 19.76 7.38
CA GLY C 283 30.41 20.11 7.48
C GLY C 283 29.95 21.24 6.61
N THR C 284 30.78 21.72 5.69
CA THR C 284 30.44 22.92 4.91
C THR C 284 29.56 22.82 3.68
N ILE C 285 28.68 23.79 3.47
CA ILE C 285 27.89 23.81 2.26
C ILE C 285 28.80 24.36 1.20
N THR C 286 28.98 23.65 0.11
CA THR C 286 29.95 24.08 -0.90
C THR C 286 29.28 24.43 -2.20
N ASP C 287 28.05 24.02 -2.37
CA ASP C 287 27.31 24.30 -3.59
C ASP C 287 25.83 24.08 -3.34
N ALA C 288 25.01 24.66 -4.20
CA ALA C 288 23.57 24.56 -4.05
C ALA C 288 22.92 24.66 -5.43
N VAL C 289 21.68 24.20 -5.50
CA VAL C 289 20.88 24.28 -6.71
C VAL C 289 19.57 24.97 -6.36
N ASP C 290 19.16 25.92 -7.19
CA ASP C 290 17.89 26.61 -7.02
C ASP C 290 16.85 25.87 -7.85
N CYS C 291 16.09 24.99 -7.19
CA CYS C 291 15.24 24.05 -7.90
C CYS C 291 14.16 24.71 -8.75
N ALA C 292 13.97 26.01 -8.64
CA ALA C 292 12.95 26.70 -9.42
C ALA C 292 13.53 27.70 -10.39
N LEU C 293 14.85 27.72 -10.56
CA LEU C 293 15.47 28.66 -11.47
C LEU C 293 15.04 28.39 -12.91
N ASP C 294 15.12 27.14 -13.34
CA ASP C 294 14.87 26.76 -14.72
C ASP C 294 14.62 25.26 -14.76
N PRO C 295 14.12 24.74 -15.89
CA PRO C 295 13.80 23.30 -15.94
C PRO C 295 15.00 22.38 -15.75
N LEU C 296 16.21 22.83 -16.05
CA LEU C 296 17.38 22.00 -15.78
C LEU C 296 17.59 21.82 -14.27
N SER C 297 17.37 22.88 -13.51
CA SER C 297 17.53 22.78 -12.07
C SER C 297 16.47 21.90 -11.43
N GLU C 298 15.25 21.92 -11.97
CA GLU C 298 14.24 20.99 -11.49
C GLU C 298 14.69 19.55 -11.65
N THR C 299 15.37 19.26 -12.76
CA THR C 299 15.92 17.93 -12.95
C THR C 299 17.03 17.64 -11.96
N LYS C 300 17.95 18.59 -11.79
CA LYS C 300 19.04 18.38 -10.85
C LYS C 300 18.50 18.07 -9.46
N CYS C 301 17.43 18.73 -9.07
CA CYS C 301 16.85 18.48 -7.76
C CYS C 301 16.07 17.17 -7.72
N THR C 302 15.38 16.83 -8.80
CA THR C 302 14.63 15.58 -8.83
C THR C 302 15.57 14.39 -8.84
N LEU C 303 16.62 14.44 -9.64
CA LEU C 303 17.62 13.39 -9.59
C LEU C 303 18.46 13.43 -8.33
N LYS C 304 18.37 14.52 -7.56
CA LYS C 304 19.16 14.70 -6.35
C LYS C 304 20.66 14.58 -6.65
N SER C 305 21.09 15.28 -7.70
CA SER C 305 22.49 15.31 -8.05
C SER C 305 22.78 16.61 -8.78
N PHE C 306 24.05 16.97 -8.81
CA PHE C 306 24.49 18.16 -9.50
C PHE C 306 24.87 17.89 -10.94
N THR C 307 24.80 16.65 -11.38
CA THR C 307 25.09 16.26 -12.75
C THR C 307 23.87 15.58 -13.35
N VAL C 308 23.65 15.83 -14.63
CA VAL C 308 22.55 15.22 -15.37
C VAL C 308 23.12 14.57 -16.61
N GLU C 309 22.75 13.32 -16.85
CA GLU C 309 23.21 12.62 -18.03
C GLU C 309 22.41 13.05 -19.25
N LYS C 310 22.93 12.72 -20.42
CA LYS C 310 22.22 13.01 -21.67
C LYS C 310 20.89 12.30 -21.69
N GLY C 311 19.84 13.02 -22.04
CA GLY C 311 18.53 12.42 -22.12
C GLY C 311 17.45 13.48 -22.06
N ILE C 312 16.22 12.99 -21.98
CA ILE C 312 15.05 13.84 -21.85
C ILE C 312 14.35 13.47 -20.55
N TYR C 313 13.91 14.47 -19.81
CA TYR C 313 13.37 14.27 -18.47
C TYR C 313 12.06 15.00 -18.31
N GLN C 314 11.09 14.34 -17.70
CA GLN C 314 9.84 14.98 -17.35
C GLN C 314 10.06 15.88 -16.14
N THR C 315 9.44 17.05 -16.17
CA THR C 315 9.46 17.94 -15.03
C THR C 315 8.03 18.27 -14.64
N SER C 316 7.84 19.15 -13.67
CA SER C 316 6.49 19.47 -13.24
C SER C 316 5.71 20.11 -14.38
N ASN C 317 4.40 19.95 -14.35
CA ASN C 317 3.56 20.55 -15.37
C ASN C 317 3.71 22.07 -15.37
N PHE C 318 3.24 22.69 -16.43
CA PHE C 318 3.35 24.14 -16.54
C PHE C 318 2.43 24.80 -15.52
N ARG C 319 3.01 25.59 -14.63
CA ARG C 319 2.26 26.25 -13.56
C ARG C 319 2.09 27.72 -13.87
N VAL C 320 0.93 28.25 -13.51
CA VAL C 320 0.65 29.68 -13.61
C VAL C 320 0.34 30.19 -12.21
N GLN C 321 0.95 31.31 -11.85
CA GLN C 321 0.68 31.84 -10.52
C GLN C 321 -0.46 32.85 -10.59
N PRO C 322 -1.32 32.89 -9.57
CA PRO C 322 -2.41 33.86 -9.57
C PRO C 322 -1.89 35.29 -9.45
N THR C 323 -2.49 36.18 -10.24
CA THR C 323 -2.02 37.56 -10.29
C THR C 323 -2.73 38.46 -9.29
N GLU C 324 -3.90 38.06 -8.81
CA GLU C 324 -4.70 38.90 -7.93
C GLU C 324 -5.38 38.03 -6.89
N SER C 325 -6.10 38.68 -5.98
CA SER C 325 -6.98 38.02 -5.05
C SER C 325 -8.38 38.60 -5.22
N ILE C 326 -9.37 37.73 -5.16
CA ILE C 326 -10.77 38.09 -5.34
C ILE C 326 -11.55 37.69 -4.11
N VAL C 327 -12.42 38.56 -3.64
CA VAL C 327 -13.32 38.25 -2.55
C VAL C 327 -14.72 38.67 -2.97
N ARG C 328 -15.60 37.71 -3.11
CA ARG C 328 -16.95 38.00 -3.47
C ARG C 328 -17.82 37.46 -2.37
N PHE C 329 -18.34 38.35 -1.54
CA PHE C 329 -19.19 37.96 -0.45
C PHE C 329 -20.48 38.65 -0.83
N PRO C 330 -21.61 38.20 -0.28
CA PRO C 330 -22.89 38.82 -0.59
C PRO C 330 -22.94 40.24 -0.08
N ASN C 331 -23.80 41.07 -0.65
CA ASN C 331 -23.84 42.47 -0.25
C ASN C 331 -24.76 42.71 0.93
N ILE C 332 -24.23 42.54 2.12
CA ILE C 332 -25.04 42.68 3.32
C ILE C 332 -24.47 43.82 4.12
N THR C 333 -25.34 44.60 4.74
CA THR C 333 -24.90 45.77 5.49
C THR C 333 -25.25 45.71 6.97
N ASN C 334 -26.34 45.06 7.35
CA ASN C 334 -26.73 45.02 8.75
C ASN C 334 -25.75 44.21 9.58
N LEU C 335 -25.47 44.68 10.79
CA LEU C 335 -24.73 43.89 11.76
C LEU C 335 -25.65 42.84 12.36
N CYS C 336 -25.08 41.69 12.69
CA CYS C 336 -25.88 40.62 13.25
C CYS C 336 -26.42 41.03 14.62
N PRO C 337 -27.55 40.46 15.04
CA PRO C 337 -28.14 40.88 16.32
C PRO C 337 -27.37 40.36 17.52
N PHE C 338 -26.10 40.78 17.65
CA PHE C 338 -25.33 40.41 18.81
C PHE C 338 -25.93 40.96 20.08
N GLY C 339 -26.61 42.11 19.99
CA GLY C 339 -27.25 42.68 21.17
C GLY C 339 -28.44 41.87 21.63
N GLU C 340 -29.31 41.48 20.69
CA GLU C 340 -30.52 40.77 21.09
C GLU C 340 -30.23 39.36 21.53
N VAL C 341 -29.13 38.76 21.07
CA VAL C 341 -28.83 37.38 21.41
C VAL C 341 -28.00 37.32 22.69
N PHE C 342 -26.91 38.07 22.73
CA PHE C 342 -26.00 37.98 23.86
C PHE C 342 -26.35 38.93 24.98
N ASN C 343 -26.98 40.08 24.68
CA ASN C 343 -27.34 41.11 25.70
C ASN C 343 -28.83 41.17 25.83
N ALA C 344 -29.42 40.23 26.53
CA ALA C 344 -30.85 40.09 26.61
C ALA C 344 -31.30 40.18 28.05
N THR C 345 -32.51 40.71 28.23
CA THR C 345 -33.03 40.85 29.59
C THR C 345 -33.37 39.49 30.17
N ARG C 346 -33.95 38.60 29.36
CA ARG C 346 -34.47 37.33 29.82
C ARG C 346 -33.96 36.20 28.95
N PHE C 347 -33.32 35.23 29.57
CA PHE C 347 -32.96 33.99 28.89
C PHE C 347 -33.99 32.92 29.21
N ALA C 348 -33.96 31.85 28.43
CA ALA C 348 -34.94 30.80 28.60
C ALA C 348 -34.46 29.75 29.60
N SER C 349 -35.39 28.90 30.02
CA SER C 349 -35.04 27.72 30.79
C SER C 349 -34.46 26.67 29.87
N VAL C 350 -33.54 25.87 30.41
CA VAL C 350 -32.88 24.88 29.56
C VAL C 350 -33.86 23.86 29.03
N TYR C 351 -34.91 23.55 29.78
CA TYR C 351 -35.85 22.54 29.32
C TYR C 351 -36.67 23.03 28.14
N ALA C 352 -37.00 24.32 28.11
CA ALA C 352 -37.69 24.91 26.97
C ALA C 352 -36.77 25.99 26.42
N TRP C 353 -35.80 25.57 25.63
CA TRP C 353 -34.73 26.44 25.20
C TRP C 353 -35.15 27.15 23.92
N ASN C 354 -34.61 28.34 23.73
CA ASN C 354 -35.03 29.21 22.65
C ASN C 354 -34.14 29.02 21.44
N ARG C 355 -34.74 28.93 20.27
CA ARG C 355 -34.02 28.88 18.99
C ARG C 355 -34.36 30.13 18.21
N LYS C 356 -33.34 30.82 17.72
CA LYS C 356 -33.53 32.04 16.96
C LYS C 356 -32.81 31.96 15.62
N ARG C 357 -33.50 32.33 14.56
CA ARG C 357 -32.92 32.32 13.22
C ARG C 357 -32.13 33.59 12.99
N ILE C 358 -30.93 33.44 12.43
CA ILE C 358 -30.05 34.55 12.10
C ILE C 358 -29.88 34.59 10.59
N SER C 359 -30.16 35.75 9.99
CA SER C 359 -30.08 35.85 8.54
C SER C 359 -29.83 37.30 8.13
N ASN C 360 -29.28 37.46 6.93
CA ASN C 360 -29.03 38.78 6.36
C ASN C 360 -28.21 39.72 7.19
N CYS C 361 -27.15 39.21 7.80
CA CYS C 361 -26.35 40.04 8.66
C CYS C 361 -24.86 39.81 8.52
N VAL C 362 -24.05 40.75 9.01
CA VAL C 362 -22.60 40.60 8.98
C VAL C 362 -22.11 40.26 10.36
N ALA C 363 -21.41 39.14 10.50
CA ALA C 363 -20.93 38.69 11.79
C ALA C 363 -19.60 39.26 12.22
N ASP C 364 -19.57 40.53 12.60
CA ASP C 364 -18.33 41.10 13.12
C ASP C 364 -18.40 40.95 14.62
N TYR C 365 -17.98 39.80 15.12
CA TYR C 365 -18.07 39.55 16.55
C TYR C 365 -17.10 40.36 17.38
N SER C 366 -16.24 41.17 16.76
CA SER C 366 -15.39 42.04 17.56
C SER C 366 -16.17 43.16 18.22
N VAL C 367 -17.45 43.33 17.89
CA VAL C 367 -18.29 44.27 18.63
C VAL C 367 -18.60 43.76 20.02
N LEU C 368 -18.40 42.47 20.26
CA LEU C 368 -18.55 41.91 21.60
C LEU C 368 -17.33 42.10 22.46
N TYR C 369 -16.20 42.50 21.88
CA TYR C 369 -14.96 42.59 22.65
C TYR C 369 -15.06 43.65 23.74
N ASN C 370 -15.86 44.68 23.53
CA ASN C 370 -15.92 45.78 24.48
C ASN C 370 -16.77 45.45 25.70
N SER C 371 -17.82 44.67 25.53
CA SER C 371 -18.82 44.46 26.56
C SER C 371 -18.84 43.06 27.13
N ALA C 372 -18.62 42.04 26.32
CA ALA C 372 -18.85 40.67 26.72
C ALA C 372 -17.56 40.01 27.16
N SER C 373 -17.69 38.95 27.95
CA SER C 373 -16.56 38.17 28.43
C SER C 373 -17.05 36.75 28.65
N PHE C 374 -16.44 35.79 27.96
CA PHE C 374 -16.96 34.43 27.91
C PHE C 374 -16.00 33.46 28.58
N SER C 375 -16.52 32.69 29.53
CA SER C 375 -15.71 31.66 30.17
C SER C 375 -15.47 30.48 29.24
N THR C 376 -16.42 30.21 28.35
CA THR C 376 -16.35 29.07 27.44
C THR C 376 -16.56 29.59 26.04
N PHE C 377 -15.73 29.15 25.11
CA PHE C 377 -15.98 29.40 23.70
C PHE C 377 -15.28 28.30 22.91
N LYS C 378 -16.04 27.31 22.49
CA LYS C 378 -15.51 26.14 21.81
C LYS C 378 -16.23 25.99 20.49
N CYS C 379 -15.48 25.84 19.40
CA CYS C 379 -16.05 25.71 18.08
C CYS C 379 -15.80 24.32 17.54
N TYR C 380 -16.77 23.82 16.77
CA TYR C 380 -16.77 22.45 16.27
C TYR C 380 -16.87 22.47 14.76
N GLY C 381 -16.00 21.72 14.10
CA GLY C 381 -16.01 21.68 12.66
C GLY C 381 -15.46 22.91 11.99
N VAL C 382 -14.93 23.86 12.74
CA VAL C 382 -14.40 25.09 12.19
C VAL C 382 -13.36 25.61 13.16
N SER C 383 -12.37 26.32 12.64
CA SER C 383 -11.38 26.89 13.53
C SER C 383 -11.75 28.31 13.92
N PRO C 384 -11.48 28.70 15.16
CA PRO C 384 -11.85 30.05 15.61
C PRO C 384 -11.21 31.16 14.78
N THR C 385 -9.98 30.98 14.33
CA THR C 385 -9.31 32.00 13.56
C THR C 385 -9.79 32.08 12.12
N LYS C 386 -10.73 31.23 11.73
CA LYS C 386 -11.24 31.20 10.37
C LYS C 386 -12.61 31.85 10.24
N LEU C 387 -13.23 32.22 11.35
CA LEU C 387 -14.61 32.70 11.32
C LEU C 387 -14.75 34.03 10.59
N ASN C 388 -13.68 34.79 10.46
CA ASN C 388 -13.76 36.07 9.76
C ASN C 388 -13.79 35.89 8.25
N ASP C 389 -13.41 34.74 7.74
CA ASP C 389 -13.31 34.59 6.29
C ASP C 389 -14.40 33.75 5.71
N LEU C 390 -15.37 33.36 6.52
CA LEU C 390 -16.41 32.46 6.06
C LEU C 390 -17.81 33.02 6.02
N CYS C 391 -18.68 32.43 5.24
CA CYS C 391 -20.08 32.81 5.23
C CYS C 391 -20.82 31.62 5.76
N PHE C 392 -21.77 31.84 6.67
CA PHE C 392 -22.45 30.74 7.33
C PHE C 392 -23.85 30.53 6.82
N THR C 393 -24.23 29.29 6.59
CA THR C 393 -25.52 29.01 5.97
C THR C 393 -26.79 29.09 6.78
N ASN C 394 -27.03 28.16 7.69
CA ASN C 394 -28.31 28.13 8.42
C ASN C 394 -28.02 28.42 9.88
N VAL C 395 -27.90 29.70 10.20
CA VAL C 395 -27.45 30.09 11.52
C VAL C 395 -28.65 30.11 12.47
N TYR C 396 -28.53 29.37 13.56
CA TYR C 396 -29.51 29.37 14.62
C TYR C 396 -28.79 29.60 15.92
N ALA C 397 -29.40 30.36 16.81
CA ALA C 397 -28.82 30.66 18.12
C ALA C 397 -29.71 30.07 19.20
N ASP C 398 -29.26 29.00 19.82
CA ASP C 398 -29.95 28.40 20.96
C ASP C 398 -29.41 29.01 22.25
N SER C 399 -30.30 29.42 23.12
CA SER C 399 -29.89 30.09 24.35
C SER C 399 -30.71 29.57 25.52
N PHE C 400 -30.07 29.54 26.68
CA PHE C 400 -30.69 29.08 27.92
C PHE C 400 -29.72 29.38 29.06
N VAL C 401 -30.19 29.15 30.27
CA VAL C 401 -29.40 29.35 31.47
C VAL C 401 -29.36 28.04 32.24
N ILE C 402 -28.16 27.61 32.62
CA ILE C 402 -27.96 26.41 33.40
C ILE C 402 -27.04 26.74 34.57
N ARG C 403 -26.83 25.75 35.41
CA ARG C 403 -25.85 25.85 36.48
C ARG C 403 -24.44 25.88 35.92
N GLY C 404 -23.52 26.43 36.71
CA GLY C 404 -22.14 26.50 36.26
C GLY C 404 -21.49 25.14 36.09
N ASP C 405 -21.87 24.17 36.93
CA ASP C 405 -21.31 22.83 36.85
C ASP C 405 -21.78 22.04 35.65
N GLU C 406 -22.68 22.58 34.83
CA GLU C 406 -23.26 21.85 33.73
C GLU C 406 -22.83 22.39 32.37
N VAL C 407 -22.01 23.43 32.33
CA VAL C 407 -21.56 23.94 31.04
C VAL C 407 -20.75 22.90 30.31
N ARG C 408 -20.04 22.04 31.04
CA ARG C 408 -19.31 20.96 30.41
C ARG C 408 -20.22 19.99 29.67
N GLN C 409 -21.51 19.94 30.02
CA GLN C 409 -22.42 18.99 29.43
C GLN C 409 -22.93 19.42 28.06
N ILE C 410 -22.71 20.68 27.66
CA ILE C 410 -23.10 21.14 26.34
C ILE C 410 -21.87 20.95 25.44
N ALA C 411 -21.80 19.77 24.88
CA ALA C 411 -20.72 19.30 24.03
C ALA C 411 -21.24 18.02 23.40
N PRO C 412 -20.76 17.65 22.22
CA PRO C 412 -21.19 16.39 21.63
C PRO C 412 -20.76 15.22 22.50
N GLY C 413 -21.66 14.25 22.64
CA GLY C 413 -21.33 13.03 23.33
C GLY C 413 -21.21 13.12 24.82
N GLN C 414 -21.89 14.07 25.45
CA GLN C 414 -21.89 14.17 26.90
C GLN C 414 -23.08 13.43 27.48
N THR C 415 -22.95 13.05 28.74
CA THR C 415 -24.06 12.50 29.50
C THR C 415 -24.29 13.36 30.72
N GLY C 416 -25.48 13.24 31.29
CA GLY C 416 -25.81 14.02 32.46
C GLY C 416 -27.23 14.52 32.43
N LYS C 417 -27.64 15.21 33.48
CA LYS C 417 -29.02 15.64 33.59
C LYS C 417 -29.40 16.60 32.49
N ILE C 418 -28.47 17.44 32.03
CA ILE C 418 -28.78 18.35 30.95
C ILE C 418 -28.74 17.64 29.61
N ALA C 419 -27.63 16.97 29.32
CA ALA C 419 -27.48 16.32 28.03
C ALA C 419 -28.46 15.18 27.82
N ASP C 420 -29.03 14.63 28.88
CA ASP C 420 -29.96 13.52 28.73
C ASP C 420 -31.41 13.97 28.64
N TYR C 421 -31.81 14.94 29.47
CA TYR C 421 -33.21 15.28 29.61
C TYR C 421 -33.58 16.67 29.15
N ASN C 422 -32.61 17.54 28.89
CA ASN C 422 -32.93 18.94 28.63
C ASN C 422 -32.47 19.42 27.27
N TYR C 423 -31.23 19.14 26.87
CA TYR C 423 -30.70 19.73 25.64
C TYR C 423 -29.53 18.88 25.18
N LYS C 424 -29.68 18.24 24.03
CA LYS C 424 -28.63 17.38 23.49
C LYS C 424 -28.14 17.93 22.16
N LEU C 425 -26.83 17.91 21.99
CA LEU C 425 -26.15 18.27 20.74
C LEU C 425 -25.91 17.02 19.91
N PRO C 426 -26.06 17.09 18.60
CA PRO C 426 -25.72 15.94 17.77
C PRO C 426 -24.23 15.66 17.80
N ASP C 427 -23.88 14.43 17.42
CA ASP C 427 -22.48 14.04 17.41
C ASP C 427 -21.70 14.74 16.30
N ASP C 428 -22.34 14.94 15.16
CA ASP C 428 -21.72 15.65 14.04
C ASP C 428 -22.11 17.12 14.06
N PHE C 429 -21.83 17.77 15.17
CA PHE C 429 -22.25 19.14 15.38
C PHE C 429 -21.24 20.10 14.78
N THR C 430 -21.71 21.07 14.01
CA THR C 430 -20.89 22.12 13.45
C THR C 430 -21.39 23.44 13.99
N GLY C 431 -20.55 24.14 14.70
CA GLY C 431 -20.93 25.38 15.31
C GLY C 431 -20.06 25.66 16.50
N CYS C 432 -20.53 26.58 17.34
CA CYS C 432 -19.77 27.03 18.47
C CYS C 432 -20.66 27.05 19.71
N VAL C 433 -20.06 26.79 20.86
CA VAL C 433 -20.76 26.83 22.14
C VAL C 433 -20.13 27.95 22.96
N ILE C 434 -20.96 28.87 23.43
CA ILE C 434 -20.51 30.05 24.17
C ILE C 434 -21.24 30.08 25.50
N ALA C 435 -20.49 30.31 26.57
CA ALA C 435 -21.08 30.38 27.90
C ALA C 435 -20.39 31.46 28.69
N TRP C 436 -21.09 32.02 29.68
CA TRP C 436 -20.55 33.05 30.57
C TRP C 436 -21.37 33.13 31.85
N ASN C 437 -20.72 33.39 32.97
CA ASN C 437 -21.42 33.50 34.25
C ASN C 437 -22.38 34.66 34.27
N SER C 438 -23.59 34.43 34.76
CA SER C 438 -24.58 35.49 34.82
C SER C 438 -25.08 35.71 36.23
N ASN C 439 -24.23 35.55 37.22
CA ASN C 439 -24.67 35.67 38.61
C ASN C 439 -25.24 37.04 38.95
N ASN C 440 -24.64 38.12 38.45
CA ASN C 440 -25.17 39.43 38.72
C ASN C 440 -26.56 39.63 38.15
N LEU C 441 -26.78 39.24 36.89
CA LEU C 441 -28.10 39.31 36.29
C LEU C 441 -29.15 38.30 36.72
N ASP C 442 -28.78 37.04 36.85
CA ASP C 442 -29.77 35.98 37.10
C ASP C 442 -29.90 35.41 38.50
N SER C 443 -29.22 35.97 39.47
CA SER C 443 -29.38 35.48 40.81
C SER C 443 -29.94 36.57 41.71
N LYS C 444 -31.03 36.28 42.41
CA LYS C 444 -31.56 37.27 43.34
C LYS C 444 -31.50 36.85 44.81
N VAL C 445 -31.40 37.82 45.72
CA VAL C 445 -31.39 37.50 47.14
C VAL C 445 -32.68 36.80 47.51
N GLY C 446 -32.57 35.75 48.32
CA GLY C 446 -33.70 34.90 48.58
C GLY C 446 -33.94 33.85 47.53
N GLY C 447 -32.98 33.63 46.64
CA GLY C 447 -33.11 32.62 45.60
C GLY C 447 -33.91 33.11 44.42
N ASN C 448 -33.47 32.78 43.22
CA ASN C 448 -34.21 33.04 42.00
C ASN C 448 -34.68 31.70 41.46
N TYR C 449 -36.00 31.51 41.40
CA TYR C 449 -36.59 30.22 41.07
C TYR C 449 -37.37 30.25 39.77
N ASN C 450 -36.93 31.05 38.80
CA ASN C 450 -37.58 31.12 37.51
C ASN C 450 -37.03 30.11 36.52
N TYR C 451 -35.79 29.70 36.68
CA TYR C 451 -35.14 28.83 35.72
C TYR C 451 -35.34 27.38 36.12
N LEU C 452 -35.97 26.60 35.26
CA LEU C 452 -36.30 25.22 35.53
C LEU C 452 -35.46 24.30 34.65
N TYR C 453 -35.48 23.02 35.02
CA TYR C 453 -34.83 21.97 34.23
C TYR C 453 -35.59 20.68 34.46
N ARG C 454 -35.61 19.83 33.46
CA ARG C 454 -36.24 18.54 33.59
C ARG C 454 -35.35 17.62 34.41
N LEU C 455 -35.94 16.96 35.40
CA LEU C 455 -35.18 16.06 36.24
C LEU C 455 -35.39 14.59 35.89
N PHE C 456 -36.60 14.22 35.50
CA PHE C 456 -36.94 12.84 35.18
C PHE C 456 -37.48 12.77 33.77
N ARG C 457 -37.11 11.73 33.05
CA ARG C 457 -37.67 11.50 31.74
C ARG C 457 -37.49 10.04 31.38
N LYS C 458 -38.49 9.47 30.69
CA LYS C 458 -38.49 8.03 30.45
C LYS C 458 -37.37 7.61 29.52
N SER C 459 -36.87 8.51 28.68
CA SER C 459 -35.77 8.19 27.79
C SER C 459 -35.04 9.48 27.43
N ASN C 460 -33.82 9.31 26.96
CA ASN C 460 -32.99 10.45 26.59
C ASN C 460 -33.55 11.18 25.39
N LEU C 461 -33.24 12.47 25.32
CA LEU C 461 -33.67 13.27 24.18
C LEU C 461 -32.84 12.95 22.95
N LYS C 462 -33.41 13.22 21.79
CA LYS C 462 -32.66 13.22 20.56
C LYS C 462 -31.97 14.58 20.39
N PRO C 463 -30.97 14.67 19.52
CA PRO C 463 -30.30 15.95 19.31
C PRO C 463 -31.27 17.04 18.88
N PHE C 464 -31.13 18.21 19.51
CA PHE C 464 -31.90 19.41 19.20
C PHE C 464 -33.40 19.20 19.37
N GLU C 465 -33.78 18.23 20.18
CA GLU C 465 -35.19 17.99 20.47
C GLU C 465 -35.55 18.73 21.75
N ARG C 466 -36.75 19.28 21.78
CA ARG C 466 -37.24 20.04 22.92
C ARG C 466 -38.45 19.36 23.52
N ASP C 467 -38.46 19.23 24.83
CA ASP C 467 -39.55 18.57 25.56
C ASP C 467 -40.08 19.55 26.60
N ILE C 468 -41.27 20.08 26.38
CA ILE C 468 -41.89 21.02 27.30
C ILE C 468 -43.06 20.36 28.03
N SER C 469 -43.16 19.03 27.97
CA SER C 469 -44.20 18.32 28.68
C SER C 469 -44.04 18.49 30.18
N THR C 470 -45.15 18.41 30.89
CA THR C 470 -45.16 18.61 32.34
C THR C 470 -46.08 17.62 33.02
N GLU C 471 -46.02 16.36 32.61
CA GLU C 471 -46.89 15.35 33.18
C GLU C 471 -46.14 14.50 34.20
N ILE C 472 -46.88 13.98 35.16
CA ILE C 472 -46.29 13.34 36.33
C ILE C 472 -45.45 12.15 35.89
N TYR C 473 -44.21 12.12 36.37
CA TYR C 473 -43.29 11.04 36.02
C TYR C 473 -43.49 9.88 36.99
N GLN C 474 -43.86 8.72 36.44
CA GLN C 474 -44.11 7.54 37.25
C GLN C 474 -42.81 6.78 37.43
N ALA C 475 -42.23 6.85 38.63
CA ALA C 475 -40.95 6.24 38.90
C ALA C 475 -41.06 4.80 39.35
N GLY C 476 -42.26 4.33 39.68
CA GLY C 476 -42.46 2.96 40.07
C GLY C 476 -43.36 2.24 39.09
N SER C 477 -43.91 1.09 39.50
CA SER C 477 -44.84 0.40 38.62
C SER C 477 -46.28 0.83 38.90
N THR C 478 -46.57 1.29 40.11
CA THR C 478 -47.90 1.78 40.39
C THR C 478 -48.16 3.06 39.58
N PRO C 479 -49.36 3.24 39.05
CA PRO C 479 -49.61 4.37 38.17
C PRO C 479 -49.87 5.66 38.94
N CYS C 480 -49.53 6.76 38.29
CA CYS C 480 -49.86 8.10 38.77
C CYS C 480 -51.00 8.61 37.92
N ASN C 481 -52.14 8.89 38.55
CA ASN C 481 -53.29 9.42 37.82
C ASN C 481 -53.26 10.95 37.84
N GLY C 482 -52.12 11.48 37.43
CA GLY C 482 -51.97 12.91 37.30
C GLY C 482 -51.75 13.67 38.59
N VAL C 483 -51.38 12.99 39.67
CA VAL C 483 -51.16 13.63 40.95
C VAL C 483 -49.80 13.21 41.49
N GLU C 484 -49.07 14.15 42.07
CA GLU C 484 -47.79 13.82 42.68
C GLU C 484 -48.01 13.07 43.98
N GLY C 485 -47.25 11.99 44.16
CA GLY C 485 -47.33 11.22 45.37
C GLY C 485 -46.10 10.38 45.60
N PHE C 486 -46.28 9.19 46.13
CA PHE C 486 -45.14 8.30 46.34
C PHE C 486 -44.67 7.74 45.01
N ASN C 487 -43.41 8.00 44.67
CA ASN C 487 -42.81 7.60 43.41
C ASN C 487 -43.59 8.15 42.23
N CYS C 488 -44.14 9.36 42.40
CA CYS C 488 -44.81 10.09 41.34
C CYS C 488 -44.34 11.53 41.44
N TYR C 489 -43.44 11.94 40.56
CA TYR C 489 -42.76 13.22 40.68
C TYR C 489 -43.17 14.16 39.57
N PHE C 490 -43.37 15.41 39.92
CA PHE C 490 -43.42 16.46 38.91
C PHE C 490 -42.06 16.51 38.22
N PRO C 491 -42.00 16.53 36.90
CA PRO C 491 -40.71 16.30 36.22
C PRO C 491 -39.76 17.49 36.21
N LEU C 492 -40.23 18.70 36.46
CA LEU C 492 -39.38 19.89 36.40
C LEU C 492 -39.06 20.38 37.80
N GLN C 493 -37.80 20.69 38.04
CA GLN C 493 -37.38 21.36 39.26
C GLN C 493 -36.72 22.68 38.91
N SER C 494 -36.74 23.59 39.87
CA SER C 494 -36.20 24.92 39.68
C SER C 494 -34.79 24.99 40.25
N TYR C 495 -33.89 25.57 39.47
CA TYR C 495 -32.60 25.94 40.02
C TYR C 495 -32.79 26.95 41.14
N GLY C 496 -32.01 26.82 42.19
CA GLY C 496 -32.01 27.86 43.21
C GLY C 496 -30.80 28.76 43.10
N PHE C 497 -30.98 29.90 42.46
CA PHE C 497 -29.85 30.78 42.21
C PHE C 497 -29.57 31.88 43.24
N GLN C 498 -29.23 31.53 44.47
CA GLN C 498 -28.88 32.57 45.42
C GLN C 498 -27.58 33.22 44.97
N PRO C 499 -27.42 34.52 45.25
CA PRO C 499 -26.22 35.24 44.80
C PRO C 499 -24.95 34.67 45.39
N THR C 500 -24.99 34.26 46.65
CA THR C 500 -23.80 33.74 47.29
C THR C 500 -23.59 32.27 47.03
N ASN C 501 -24.29 31.67 46.07
CA ASN C 501 -24.00 30.30 45.71
C ASN C 501 -22.56 30.18 45.24
N GLY C 502 -21.95 29.04 45.49
CA GLY C 502 -20.61 28.80 44.99
C GLY C 502 -20.60 28.80 43.47
N VAL C 503 -19.43 29.09 42.90
CA VAL C 503 -19.34 29.32 41.46
C VAL C 503 -19.90 28.16 40.65
N GLY C 504 -19.92 26.97 41.22
CA GLY C 504 -20.52 25.84 40.54
C GLY C 504 -22.03 25.86 40.54
N TYR C 505 -22.65 26.66 41.39
CA TYR C 505 -24.11 26.72 41.47
C TYR C 505 -24.56 28.09 41.11
N GLN C 506 -23.84 28.76 40.22
CA GLN C 506 -24.17 30.11 39.85
C GLN C 506 -24.69 30.08 38.43
N PRO C 507 -25.62 30.97 38.09
CA PRO C 507 -26.22 30.90 36.76
C PRO C 507 -25.25 31.14 35.62
N TYR C 508 -25.37 30.41 34.52
CA TYR C 508 -24.51 30.63 33.38
C TYR C 508 -25.34 30.74 32.13
N ARG C 509 -25.14 31.79 31.35
CA ARG C 509 -25.87 31.97 30.10
C ARG C 509 -25.09 31.28 28.98
N VAL C 510 -25.77 30.40 28.26
CA VAL C 510 -25.16 29.60 27.22
C VAL C 510 -25.80 29.97 25.89
N VAL C 511 -24.99 30.04 24.84
CA VAL C 511 -25.48 30.27 23.49
C VAL C 511 -24.81 29.24 22.58
N VAL C 512 -25.62 28.48 21.85
CA VAL C 512 -25.11 27.50 20.92
C VAL C 512 -25.45 27.97 19.51
N LEU C 513 -24.44 28.17 18.70
CA LEU C 513 -24.62 28.58 17.31
C LEU C 513 -24.46 27.37 16.40
N SER C 514 -25.46 27.13 15.55
CA SER C 514 -25.42 26.04 14.60
C SER C 514 -25.39 26.59 13.19
N PHE C 515 -24.62 25.95 12.32
CA PHE C 515 -24.57 26.35 10.93
C PHE C 515 -23.92 25.25 10.12
N GLU C 516 -23.99 25.39 8.80
CA GLU C 516 -23.19 24.63 7.88
C GLU C 516 -22.32 25.57 7.07
N LEU C 517 -21.30 25.01 6.44
CA LEU C 517 -20.28 25.78 5.74
C LEU C 517 -20.11 25.24 4.34
N LEU C 518 -20.13 26.15 3.37
CA LEU C 518 -19.61 25.92 2.02
C LEU C 518 -20.37 24.84 1.27
N HIS C 519 -21.68 24.78 1.44
CA HIS C 519 -22.49 23.85 0.66
C HIS C 519 -23.75 24.45 0.09
N ALA C 520 -24.19 25.61 0.55
CA ALA C 520 -25.48 26.15 0.15
C ALA C 520 -25.38 27.66 0.18
N PRO C 521 -26.37 28.36 -0.37
CA PRO C 521 -26.38 29.82 -0.27
C PRO C 521 -26.33 30.26 1.18
N ALA C 522 -25.62 31.35 1.43
CA ALA C 522 -25.42 31.83 2.79
C ALA C 522 -25.77 33.29 2.86
N THR C 523 -26.47 33.70 3.92
CA THR C 523 -26.84 35.09 4.09
C THR C 523 -26.20 35.75 5.31
N VAL C 524 -25.34 35.03 6.02
CA VAL C 524 -24.64 35.60 7.16
C VAL C 524 -23.18 35.47 6.83
N CYS C 525 -22.44 36.55 6.93
CA CYS C 525 -21.05 36.52 6.52
C CYS C 525 -20.11 37.18 7.48
N GLY C 526 -18.84 36.81 7.42
CA GLY C 526 -17.83 37.43 8.25
C GLY C 526 -17.49 38.78 7.71
N PRO C 527 -16.80 39.60 8.49
CA PRO C 527 -16.56 40.96 8.03
C PRO C 527 -15.39 41.09 7.06
N LYS C 528 -15.53 40.56 5.85
CA LYS C 528 -14.47 40.67 4.86
C LYS C 528 -14.89 41.71 3.86
N LYS C 529 -13.92 42.41 3.30
CA LYS C 529 -14.22 43.48 2.38
C LYS C 529 -14.24 42.91 0.96
N SER C 530 -15.33 43.16 0.23
CA SER C 530 -15.54 42.49 -1.05
C SER C 530 -14.90 43.29 -2.19
N THR C 531 -14.29 42.57 -3.12
CA THR C 531 -13.58 43.17 -4.25
C THR C 531 -14.40 43.04 -5.53
N ASN C 532 -13.82 43.55 -6.62
CA ASN C 532 -14.41 43.41 -7.93
C ASN C 532 -14.18 42.01 -8.48
N LEU C 533 -15.05 41.59 -9.39
CA LEU C 533 -14.93 40.28 -10.01
C LEU C 533 -13.96 40.35 -11.17
N VAL C 534 -13.06 39.37 -11.24
CA VAL C 534 -12.05 39.30 -12.29
C VAL C 534 -12.22 37.98 -13.02
N LYS C 535 -12.46 38.05 -14.32
CA LYS C 535 -12.64 36.86 -15.14
C LYS C 535 -11.44 36.68 -16.06
N ASN C 536 -11.33 35.45 -16.59
CA ASN C 536 -10.35 35.10 -17.61
C ASN C 536 -8.92 35.28 -17.15
N LYS C 537 -8.66 35.18 -15.86
CA LYS C 537 -7.31 35.39 -15.32
C LYS C 537 -7.12 34.51 -14.11
N CYS C 538 -5.90 34.03 -13.93
CA CYS C 538 -5.59 33.21 -12.77
C CYS C 538 -5.59 34.08 -11.53
N VAL C 539 -6.52 33.81 -10.60
CA VAL C 539 -6.68 34.60 -9.39
C VAL C 539 -6.85 33.67 -8.20
N ASN C 540 -6.61 34.21 -7.01
CA ASN C 540 -7.07 33.60 -5.78
C ASN C 540 -8.46 34.14 -5.48
N PHE C 541 -9.41 33.25 -5.26
CA PHE C 541 -10.77 33.71 -5.03
C PHE C 541 -11.23 33.31 -3.63
N ASN C 542 -12.34 33.91 -3.24
CA ASN C 542 -13.02 33.60 -1.99
C ASN C 542 -14.49 33.87 -2.25
N PHE C 543 -15.24 32.83 -2.54
CA PHE C 543 -16.67 32.94 -2.83
C PHE C 543 -17.43 32.41 -1.63
N ASN C 544 -18.05 33.31 -0.88
CA ASN C 544 -18.85 32.93 0.28
C ASN C 544 -18.06 32.09 1.27
N GLY C 545 -16.77 32.33 1.38
CA GLY C 545 -15.93 31.60 2.28
C GLY C 545 -15.11 30.50 1.65
N LEU C 546 -15.51 30.04 0.47
CA LEU C 546 -14.79 28.97 -0.22
C LEU C 546 -13.61 29.56 -0.97
N THR C 547 -12.40 29.26 -0.51
CA THR C 547 -11.20 29.75 -1.14
C THR C 547 -10.71 28.78 -2.21
N GLY C 548 -9.69 29.20 -2.93
CA GLY C 548 -9.17 28.40 -4.01
C GLY C 548 -8.40 29.27 -4.99
N THR C 549 -8.04 28.65 -6.11
CA THR C 549 -7.25 29.30 -7.14
C THR C 549 -7.72 28.78 -8.50
N GLY C 550 -7.87 29.68 -9.45
CA GLY C 550 -8.23 29.25 -10.79
C GLY C 550 -8.61 30.42 -11.67
N VAL C 551 -9.08 30.07 -12.87
CA VAL C 551 -9.54 31.03 -13.86
C VAL C 551 -11.06 31.00 -13.87
N LEU C 552 -11.68 32.16 -13.79
CA LEU C 552 -13.13 32.27 -13.77
C LEU C 552 -13.64 32.69 -15.14
N THR C 553 -14.59 31.92 -15.67
CA THR C 553 -15.21 32.24 -16.95
C THR C 553 -16.71 32.03 -16.83
N GLU C 554 -17.46 32.73 -17.69
CA GLU C 554 -18.91 32.63 -17.66
C GLU C 554 -19.35 31.24 -18.15
N SER C 555 -20.48 30.80 -17.61
CA SER C 555 -20.88 29.39 -17.69
C SER C 555 -22.18 29.22 -18.45
N ASN C 556 -22.37 28.02 -18.99
CA ASN C 556 -23.65 27.57 -19.51
C ASN C 556 -24.56 26.97 -18.46
N LYS C 557 -24.05 26.71 -17.26
CA LYS C 557 -24.84 26.00 -16.27
C LYS C 557 -25.92 26.91 -15.70
N LYS C 558 -27.05 26.30 -15.35
CA LYS C 558 -28.18 26.98 -14.75
C LYS C 558 -28.43 26.35 -13.39
N PHE C 559 -28.07 27.07 -12.33
CA PHE C 559 -28.27 26.57 -10.98
C PHE C 559 -29.71 26.79 -10.56
N LEU C 560 -30.28 25.78 -9.91
CA LEU C 560 -31.57 25.96 -9.28
C LEU C 560 -31.42 26.96 -8.14
N PRO C 561 -32.51 27.66 -7.77
CA PRO C 561 -32.38 28.76 -6.81
C PRO C 561 -31.80 28.35 -5.46
N PHE C 562 -31.82 27.07 -5.13
CA PHE C 562 -31.28 26.62 -3.85
C PHE C 562 -29.84 26.15 -3.94
N GLN C 563 -29.18 26.36 -5.08
CA GLN C 563 -27.83 25.88 -5.29
C GLN C 563 -26.87 27.05 -5.41
N GLN C 564 -25.67 26.87 -4.86
CA GLN C 564 -24.62 27.87 -4.89
C GLN C 564 -23.34 27.39 -5.54
N PHE C 565 -22.97 26.13 -5.34
CA PHE C 565 -21.76 25.56 -5.89
C PHE C 565 -22.10 24.38 -6.79
N GLY C 566 -21.17 24.06 -7.67
CA GLY C 566 -21.26 22.86 -8.47
C GLY C 566 -19.94 22.11 -8.39
N ARG C 567 -20.04 20.79 -8.35
CA ARG C 567 -18.88 19.95 -8.20
C ARG C 567 -18.79 18.96 -9.35
N ASP C 568 -17.57 18.51 -9.61
CA ASP C 568 -17.29 17.51 -10.63
C ASP C 568 -17.21 16.13 -9.98
N ILE C 569 -16.73 15.15 -10.75
CA ILE C 569 -16.66 13.78 -10.24
C ILE C 569 -15.71 13.69 -9.06
N ALA C 570 -14.62 14.45 -9.09
CA ALA C 570 -13.66 14.44 -7.99
C ALA C 570 -14.09 15.30 -6.82
N ASP C 571 -15.31 15.85 -6.85
CA ASP C 571 -15.87 16.71 -5.81
C ASP C 571 -15.19 18.07 -5.69
N THR C 572 -14.33 18.43 -6.62
CA THR C 572 -13.78 19.78 -6.60
C THR C 572 -14.80 20.74 -7.16
N THR C 573 -14.84 21.93 -6.57
CA THR C 573 -15.79 22.95 -7.02
C THR C 573 -15.35 23.49 -8.36
N ASP C 574 -16.19 23.30 -9.38
CA ASP C 574 -15.87 23.76 -10.71
C ASP C 574 -16.85 24.79 -11.23
N ALA C 575 -17.94 25.07 -10.51
CA ALA C 575 -18.85 26.14 -10.86
C ALA C 575 -19.30 26.82 -9.57
N VAL C 576 -19.54 28.12 -9.66
CA VAL C 576 -19.99 28.90 -8.53
C VAL C 576 -20.90 30.01 -9.02
N ARG C 577 -21.88 30.39 -8.21
CA ARG C 577 -22.78 31.49 -8.55
C ARG C 577 -22.26 32.69 -7.82
N ASP C 578 -22.02 33.79 -8.52
CA ASP C 578 -21.46 34.96 -7.86
C ASP C 578 -22.50 35.48 -6.90
N PRO C 579 -22.11 35.77 -5.67
CA PRO C 579 -23.16 36.21 -4.75
C PRO C 579 -23.78 37.58 -5.08
N GLN C 580 -22.98 38.58 -5.43
CA GLN C 580 -23.49 39.90 -5.77
C GLN C 580 -24.30 39.96 -7.07
N THR C 581 -23.82 39.34 -8.13
CA THR C 581 -24.57 39.30 -9.38
C THR C 581 -24.82 37.86 -9.49
N LEU C 582 -26.06 37.43 -9.65
CA LEU C 582 -26.32 36.00 -9.60
C LEU C 582 -26.01 35.30 -10.89
N GLU C 583 -24.74 35.27 -11.27
CA GLU C 583 -24.35 34.64 -12.51
C GLU C 583 -23.41 33.48 -12.28
N ILE C 584 -23.68 32.37 -12.94
CA ILE C 584 -22.84 31.19 -12.79
C ILE C 584 -21.50 31.39 -13.46
N LEU C 585 -20.44 30.99 -12.79
CA LEU C 585 -19.10 31.11 -13.32
C LEU C 585 -18.43 29.76 -13.24
N ASP C 586 -17.49 29.48 -14.12
CA ASP C 586 -16.80 28.21 -14.15
C ASP C 586 -15.38 28.35 -13.66
N ILE C 587 -14.97 27.49 -12.75
CA ILE C 587 -13.62 27.55 -12.20
C ILE C 587 -12.72 26.53 -12.85
N THR C 588 -11.57 26.97 -13.35
CA THR C 588 -10.68 26.09 -14.08
C THR C 588 -9.27 26.26 -13.51
N PRO C 589 -8.56 25.17 -13.23
CA PRO C 589 -7.22 25.30 -12.67
C PRO C 589 -6.30 26.11 -13.56
N CYS C 590 -5.23 26.64 -12.97
CA CYS C 590 -4.32 27.46 -13.73
C CYS C 590 -3.21 26.64 -14.36
N SER C 591 -2.72 25.64 -13.63
CA SER C 591 -1.61 24.82 -14.08
C SER C 591 -2.11 23.73 -15.01
N PHE C 592 -1.38 23.49 -16.10
CA PHE C 592 -1.83 22.58 -17.14
C PHE C 592 -0.68 22.39 -18.13
N GLY C 593 -0.54 21.16 -18.62
CA GLY C 593 0.38 20.89 -19.69
C GLY C 593 1.70 20.28 -19.24
N GLY C 594 2.14 19.24 -19.92
CA GLY C 594 3.38 18.59 -19.54
C GLY C 594 4.59 19.29 -20.13
N VAL C 595 5.72 19.17 -19.44
CA VAL C 595 6.96 19.82 -19.82
C VAL C 595 8.09 18.83 -19.68
N SER C 596 8.93 18.73 -20.70
CA SER C 596 10.13 17.91 -20.68
C SER C 596 11.32 18.77 -21.04
N VAL C 597 12.46 18.51 -20.41
CA VAL C 597 13.69 19.22 -20.69
C VAL C 597 14.66 18.26 -21.34
N ILE C 598 15.21 18.65 -22.47
CA ILE C 598 16.15 17.84 -23.24
C ILE C 598 17.54 18.36 -22.96
N THR C 599 18.42 17.49 -22.49
CA THR C 599 19.76 17.94 -22.20
C THR C 599 20.79 16.97 -22.76
N PRO C 600 21.88 17.46 -23.30
CA PRO C 600 23.09 16.65 -23.34
C PRO C 600 23.61 16.58 -21.92
N GLY C 601 24.63 15.78 -21.64
CA GLY C 601 25.14 15.75 -20.29
C GLY C 601 25.53 17.14 -19.82
N THR C 602 25.21 17.45 -18.56
CA THR C 602 25.76 18.66 -17.97
C THR C 602 27.28 18.62 -17.97
N ASN C 603 27.86 17.45 -18.16
CA ASN C 603 29.30 17.36 -18.26
C ASN C 603 29.74 17.90 -19.61
N THR C 604 28.83 17.90 -20.58
CA THR C 604 29.17 18.36 -21.91
C THR C 604 28.74 19.81 -22.14
N SER C 605 27.57 20.19 -21.65
CA SER C 605 27.06 21.53 -21.89
C SER C 605 25.99 21.84 -20.86
N ASN C 606 25.65 23.12 -20.78
CA ASN C 606 24.57 23.59 -19.93
C ASN C 606 23.41 24.13 -20.75
N GLN C 607 23.43 23.91 -22.06
CA GLN C 607 22.27 24.23 -22.86
C GLN C 607 21.18 23.18 -22.66
N VAL C 608 19.93 23.61 -22.80
CA VAL C 608 18.79 22.71 -22.72
C VAL C 608 17.79 23.14 -23.78
N ALA C 609 16.99 22.19 -24.23
CA ALA C 609 15.81 22.46 -25.01
C ALA C 609 14.63 21.96 -24.22
N VAL C 610 13.53 22.70 -24.26
CA VAL C 610 12.35 22.38 -23.46
C VAL C 610 11.22 22.03 -24.40
N LEU C 611 10.58 20.89 -24.15
CA LEU C 611 9.46 20.44 -24.94
C LEU C 611 8.17 20.69 -24.17
N TYR C 612 7.28 21.47 -24.76
CA TYR C 612 5.98 21.76 -24.16
C TYR C 612 4.94 20.94 -24.92
N GLN C 613 4.62 19.77 -24.39
CA GLN C 613 3.54 19.04 -25.00
C GLN C 613 2.37 19.87 -24.61
N ASP C 614 1.28 19.80 -25.36
CA ASP C 614 0.08 20.59 -25.07
C ASP C 614 0.20 22.06 -25.42
N VAL C 615 1.24 22.44 -26.15
CA VAL C 615 1.36 23.82 -26.61
C VAL C 615 1.58 23.80 -28.11
N ASN C 616 0.79 24.56 -28.85
CA ASN C 616 0.96 24.66 -30.30
C ASN C 616 1.46 26.04 -30.60
N CYS C 617 2.75 26.18 -30.79
CA CYS C 617 3.38 27.46 -31.10
C CYS C 617 3.02 27.90 -32.51
N TRP C 633 2.24 32.51 -25.58
CA TRP C 633 2.28 31.08 -25.36
C TRP C 633 2.47 30.76 -23.88
N ARG C 634 2.06 29.56 -23.49
CA ARG C 634 2.24 29.10 -22.11
C ARG C 634 3.59 28.39 -22.02
N VAL C 635 4.65 29.20 -22.07
CA VAL C 635 6.01 28.70 -22.06
C VAL C 635 6.80 29.46 -20.99
N TYR C 636 7.87 28.84 -20.50
CA TYR C 636 8.70 29.49 -19.50
C TYR C 636 9.51 30.62 -20.13
N SER C 637 9.97 30.42 -21.36
CA SER C 637 10.66 31.46 -22.11
C SER C 637 10.67 31.04 -23.57
N THR C 638 10.65 32.02 -24.46
CA THR C 638 10.75 31.78 -25.89
C THR C 638 11.86 32.64 -26.47
N GLY C 639 12.41 32.20 -27.59
CA GLY C 639 13.39 32.97 -28.30
C GLY C 639 13.46 32.60 -29.76
N SER C 640 14.67 32.46 -30.28
CA SER C 640 14.84 31.79 -31.55
C SER C 640 14.66 30.29 -31.36
N ASN C 641 14.61 29.57 -32.48
CA ASN C 641 14.52 28.12 -32.47
C ASN C 641 13.26 27.66 -31.74
N VAL C 642 12.11 28.01 -32.31
CA VAL C 642 10.83 27.47 -31.89
C VAL C 642 10.37 26.51 -32.96
N PHE C 643 10.22 25.24 -32.61
CA PHE C 643 9.90 24.20 -33.55
C PHE C 643 8.69 23.44 -33.04
N GLN C 644 7.67 23.32 -33.88
CA GLN C 644 6.43 22.64 -33.51
C GLN C 644 6.46 21.21 -34.01
N THR C 645 6.60 20.27 -33.10
CA THR C 645 6.51 18.85 -33.40
C THR C 645 5.12 18.34 -33.02
N ARG C 646 4.84 17.11 -33.39
CA ARG C 646 3.56 16.52 -33.02
C ARG C 646 3.51 16.13 -31.56
N ALA C 647 4.66 16.11 -30.87
CA ALA C 647 4.69 15.86 -29.45
C ALA C 647 4.60 17.13 -28.62
N GLY C 648 4.57 18.29 -29.25
CA GLY C 648 4.51 19.55 -28.56
C GLY C 648 5.48 20.54 -29.18
N CYS C 649 5.54 21.71 -28.58
CA CYS C 649 6.41 22.77 -29.05
C CYS C 649 7.79 22.61 -28.44
N LEU C 650 8.81 22.52 -29.28
CA LEU C 650 10.18 22.37 -28.84
C LEU C 650 10.89 23.70 -28.96
N ILE C 651 11.39 24.21 -27.85
CA ILE C 651 12.03 25.51 -27.80
C ILE C 651 13.47 25.34 -27.32
N GLY C 652 14.41 25.85 -28.10
CA GLY C 652 15.81 25.77 -27.76
C GLY C 652 16.62 24.83 -28.63
N ALA C 653 15.99 24.18 -29.60
CA ALA C 653 16.69 23.27 -30.50
C ALA C 653 16.51 23.75 -31.93
N GLU C 654 17.58 23.69 -32.71
CA GLU C 654 17.53 24.07 -34.11
C GLU C 654 17.06 22.87 -34.93
N HIS C 655 16.09 23.11 -35.80
CA HIS C 655 15.52 22.03 -36.60
C HIS C 655 16.27 21.91 -37.92
N VAL C 656 16.78 20.73 -38.21
CA VAL C 656 17.54 20.48 -39.42
C VAL C 656 16.70 19.64 -40.36
N ASN C 657 17.14 19.50 -41.61
CA ASN C 657 16.40 18.72 -42.59
C ASN C 657 17.00 17.35 -42.82
N ASN C 658 18.22 17.11 -42.36
CA ASN C 658 18.77 15.77 -42.49
C ASN C 658 17.99 14.80 -41.62
N SER C 659 18.34 13.52 -41.73
CA SER C 659 17.78 12.48 -40.88
C SER C 659 18.92 11.64 -40.36
N TYR C 660 18.92 11.39 -39.06
CA TYR C 660 19.93 10.56 -38.45
C TYR C 660 19.25 9.50 -37.59
N GLU C 661 20.05 8.55 -37.12
CA GLU C 661 19.59 7.64 -36.10
C GLU C 661 19.27 8.40 -34.82
N CYS C 662 18.39 7.83 -34.02
CA CYS C 662 17.94 8.55 -32.83
C CYS C 662 19.05 8.67 -31.81
N ASP C 663 19.17 9.85 -31.22
CA ASP C 663 20.10 10.10 -30.14
C ASP C 663 19.35 10.34 -28.84
N ILE C 664 18.46 11.32 -28.81
CA ILE C 664 17.58 11.55 -27.67
C ILE C 664 16.15 11.49 -28.21
N PRO C 665 15.39 10.46 -27.87
CA PRO C 665 14.02 10.35 -28.39
C PRO C 665 13.13 11.44 -27.83
N ILE C 666 12.53 12.22 -28.71
CA ILE C 666 11.59 13.25 -28.28
C ILE C 666 10.16 12.75 -28.36
N GLY C 667 9.81 12.07 -29.44
CA GLY C 667 8.49 11.49 -29.59
C GLY C 667 7.90 11.84 -30.93
N ALA C 668 6.94 11.03 -31.37
CA ALA C 668 6.23 11.25 -32.62
C ALA C 668 7.20 11.34 -33.80
N GLY C 669 8.30 10.61 -33.72
CA GLY C 669 9.24 10.53 -34.81
C GLY C 669 10.38 11.51 -34.78
N ILE C 670 10.47 12.36 -33.76
CA ILE C 670 11.51 13.39 -33.67
C ILE C 670 12.54 12.97 -32.64
N CYS C 671 13.80 13.18 -32.96
CA CYS C 671 14.90 12.94 -32.03
C CYS C 671 15.74 14.21 -31.96
N ALA C 672 16.54 14.31 -30.90
CA ALA C 672 17.41 15.45 -30.73
C ALA C 672 18.82 14.96 -30.49
N SER C 673 19.78 15.81 -30.80
CA SER C 673 21.16 15.48 -30.52
C SER C 673 21.96 16.76 -30.41
N TYR C 674 23.16 16.64 -29.88
CA TYR C 674 24.07 17.74 -29.67
C TYR C 674 25.19 17.64 -30.70
N GLN C 675 25.02 18.31 -31.83
CA GLN C 675 25.96 18.22 -32.93
C GLN C 675 26.49 19.60 -33.29
N THR C 676 27.62 19.61 -33.98
CA THR C 676 28.21 20.85 -34.49
C THR C 676 27.61 21.21 -35.84
N SER C 689 30.78 26.13 -33.79
CA SER C 689 30.13 26.12 -32.48
C SER C 689 29.11 24.98 -32.38
N GLN C 690 28.71 24.68 -31.15
CA GLN C 690 27.84 23.55 -30.86
C GLN C 690 26.44 24.04 -30.54
N SER C 691 25.47 23.15 -30.69
CA SER C 691 24.07 23.48 -30.46
C SER C 691 23.27 22.19 -30.43
N ILE C 692 22.03 22.29 -29.96
CA ILE C 692 21.12 21.16 -29.92
C ILE C 692 20.27 21.18 -31.18
N ILE C 693 20.25 20.05 -31.89
CA ILE C 693 19.52 19.95 -33.14
C ILE C 693 18.39 18.96 -32.97
N ALA C 694 17.32 19.19 -33.72
CA ALA C 694 16.16 18.32 -33.72
C ALA C 694 15.86 17.92 -35.16
N TYR C 695 15.55 16.64 -35.35
CA TYR C 695 15.39 16.10 -36.69
C TYR C 695 14.41 14.96 -36.64
N THR C 696 13.93 14.56 -37.81
CA THR C 696 13.15 13.34 -37.94
C THR C 696 14.10 12.15 -37.99
N MET C 697 13.81 11.13 -37.19
CA MET C 697 14.73 10.01 -37.09
C MET C 697 14.69 9.17 -38.36
N SER C 698 15.84 8.65 -38.74
CA SER C 698 15.97 7.83 -39.94
C SER C 698 15.72 6.37 -39.61
N LEU C 699 14.90 5.71 -40.43
CA LEU C 699 14.61 4.31 -40.21
C LEU C 699 15.66 3.37 -40.77
N GLY C 700 16.57 3.88 -41.58
CA GLY C 700 17.56 3.05 -42.20
C GLY C 700 17.74 3.44 -43.65
N ALA C 701 18.67 2.76 -44.30
CA ALA C 701 19.00 3.05 -45.69
C ALA C 701 17.90 2.53 -46.61
N GLU C 702 17.46 3.37 -47.54
CA GLU C 702 16.50 2.90 -48.52
C GLU C 702 17.19 1.95 -49.49
N ASN C 703 16.52 0.86 -49.80
CA ASN C 703 17.10 -0.20 -50.61
C ASN C 703 16.04 -0.71 -51.57
N SER C 704 16.47 -1.52 -52.52
CA SER C 704 15.58 -2.06 -53.52
C SER C 704 16.14 -3.38 -54.00
N VAL C 705 15.25 -4.34 -54.24
CA VAL C 705 15.64 -5.65 -54.72
C VAL C 705 15.34 -5.70 -56.20
N ALA C 706 16.35 -6.04 -57.00
CA ALA C 706 16.20 -6.14 -58.44
C ALA C 706 15.44 -7.43 -58.77
N TYR C 707 14.14 -7.39 -58.55
CA TYR C 707 13.30 -8.54 -58.75
C TYR C 707 12.81 -8.63 -60.19
N SER C 708 12.88 -9.82 -60.75
CA SER C 708 12.22 -10.12 -62.01
C SER C 708 11.83 -11.59 -61.98
N ASN C 709 10.99 -11.98 -62.93
CA ASN C 709 10.49 -13.34 -62.96
C ASN C 709 11.44 -14.43 -63.40
N ASN C 710 12.68 -14.09 -63.71
CA ASN C 710 13.65 -15.12 -64.04
C ASN C 710 15.06 -14.81 -63.56
N SER C 711 15.23 -13.86 -62.65
CA SER C 711 16.54 -13.53 -62.13
C SER C 711 16.72 -14.13 -60.75
N ILE C 712 17.90 -14.67 -60.48
CA ILE C 712 18.23 -15.16 -59.16
C ILE C 712 19.61 -14.64 -58.78
N ALA C 713 19.87 -14.63 -57.48
CA ALA C 713 21.15 -14.23 -56.92
C ALA C 713 21.65 -15.34 -56.02
N ILE C 714 22.84 -15.86 -56.31
CA ILE C 714 23.42 -16.97 -55.57
C ILE C 714 24.70 -16.48 -54.91
N PRO C 715 24.87 -16.69 -53.62
CA PRO C 715 26.13 -16.30 -52.98
C PRO C 715 27.28 -17.17 -53.45
N THR C 716 28.40 -16.53 -53.76
CA THR C 716 29.59 -17.25 -54.20
C THR C 716 30.64 -17.33 -53.11
N ASN C 717 30.41 -16.71 -51.97
CA ASN C 717 31.35 -16.79 -50.87
C ASN C 717 30.55 -16.63 -49.60
N PHE C 718 31.22 -16.42 -48.47
CA PHE C 718 30.51 -16.33 -47.21
C PHE C 718 31.42 -15.69 -46.18
N THR C 719 30.85 -15.44 -45.02
CA THR C 719 31.59 -14.99 -43.86
C THR C 719 31.21 -15.88 -42.69
N ILE C 720 32.13 -16.05 -41.76
CA ILE C 720 31.86 -16.69 -40.49
C ILE C 720 31.75 -15.57 -39.47
N SER C 721 30.54 -15.24 -39.07
CA SER C 721 30.29 -14.19 -38.11
C SER C 721 30.23 -14.78 -36.71
N VAL C 722 30.67 -14.00 -35.73
CA VAL C 722 30.55 -14.35 -34.33
C VAL C 722 29.99 -13.15 -33.61
N THR C 723 28.78 -13.26 -33.11
CA THR C 723 28.11 -12.17 -32.42
C THR C 723 27.90 -12.54 -30.96
N THR C 724 27.72 -11.51 -30.14
CA THR C 724 27.56 -11.67 -28.71
C THR C 724 26.09 -11.48 -28.34
N GLU C 725 25.63 -12.25 -27.38
CA GLU C 725 24.30 -12.08 -26.82
C GLU C 725 24.39 -12.17 -25.31
N ILE C 726 23.98 -11.11 -24.62
CA ILE C 726 24.06 -11.01 -23.17
C ILE C 726 22.67 -11.18 -22.59
N LEU C 727 22.54 -12.05 -21.59
CA LEU C 727 21.26 -12.32 -20.96
C LEU C 727 21.44 -12.32 -19.45
N PRO C 728 20.63 -11.56 -18.70
CA PRO C 728 20.65 -11.68 -17.25
C PRO C 728 20.05 -13.01 -16.81
N VAL C 729 20.68 -13.62 -15.81
CA VAL C 729 20.26 -14.92 -15.33
C VAL C 729 19.71 -14.84 -13.90
N SER C 730 20.32 -14.03 -13.05
CA SER C 730 19.89 -13.91 -11.67
C SER C 730 20.05 -12.48 -11.22
N MET C 731 19.41 -12.17 -10.10
CA MET C 731 19.56 -10.88 -9.47
C MET C 731 20.02 -11.09 -8.03
N THR C 732 20.29 -9.98 -7.36
CA THR C 732 20.79 -10.01 -6.00
C THR C 732 19.75 -10.56 -5.04
N LYS C 733 20.16 -11.49 -4.19
CA LYS C 733 19.29 -12.03 -3.16
C LYS C 733 19.38 -11.15 -1.92
N THR C 734 18.23 -10.67 -1.45
CA THR C 734 18.20 -9.79 -0.30
C THR C 734 17.28 -10.37 0.75
N SER C 735 17.51 -9.93 1.98
CA SER C 735 16.70 -10.32 3.12
C SER C 735 16.55 -9.09 4.00
N VAL C 736 15.39 -8.95 4.64
CA VAL C 736 15.08 -7.77 5.42
C VAL C 736 14.76 -8.19 6.84
N ASP C 737 15.38 -7.54 7.80
CA ASP C 737 14.98 -7.66 9.21
C ASP C 737 14.00 -6.53 9.48
N CYS C 738 12.71 -6.86 9.50
CA CYS C 738 11.67 -5.86 9.73
C CYS C 738 11.91 -5.04 10.98
N THR C 739 12.12 -5.71 12.11
CA THR C 739 12.23 -5.00 13.36
C THR C 739 13.38 -4.02 13.35
N MET C 740 14.47 -4.38 12.68
CA MET C 740 15.62 -3.48 12.63
C MET C 740 15.37 -2.31 11.70
N TYR C 741 14.62 -2.53 10.63
CA TYR C 741 14.35 -1.44 9.70
C TYR C 741 13.33 -0.48 10.26
N ILE C 742 12.21 -1.00 10.76
CA ILE C 742 11.12 -0.15 11.22
C ILE C 742 11.45 0.46 12.57
N CYS C 743 12.01 -0.33 13.47
CA CYS C 743 12.12 0.06 14.87
C CYS C 743 13.55 0.31 15.32
N GLY C 744 14.54 -0.25 14.65
CA GLY C 744 15.89 -0.10 15.13
C GLY C 744 16.06 -0.79 16.46
N ASP C 745 16.72 -0.12 17.40
CA ASP C 745 16.96 -0.66 18.72
C ASP C 745 15.89 -0.29 19.73
N SER C 746 14.78 0.28 19.28
CA SER C 746 13.74 0.72 20.19
C SER C 746 12.92 -0.47 20.67
N THR C 747 12.75 -0.60 21.99
CA THR C 747 11.94 -1.67 22.53
C THR C 747 10.46 -1.32 22.46
N GLU C 748 10.12 -0.05 22.70
CA GLU C 748 8.74 0.38 22.61
C GLU C 748 8.21 0.21 21.20
N CYS C 749 9.00 0.57 20.20
CA CYS C 749 8.58 0.36 18.81
C CYS C 749 8.37 -1.11 18.52
N SER C 750 9.21 -1.98 19.07
CA SER C 750 9.06 -3.41 18.82
C SER C 750 7.76 -3.93 19.44
N ASN C 751 7.49 -3.53 20.68
CA ASN C 751 6.24 -3.94 21.32
C ASN C 751 5.04 -3.42 20.57
N LEU C 752 5.15 -2.23 19.97
CA LEU C 752 4.05 -1.73 19.15
C LEU C 752 3.96 -2.47 17.83
N LEU C 753 5.08 -2.94 17.31
CA LEU C 753 5.12 -3.61 16.03
C LEU C 753 4.61 -5.04 16.12
N LEU C 754 4.57 -5.62 17.31
CA LEU C 754 4.02 -6.97 17.46
C LEU C 754 2.61 -7.11 16.91
N GLN C 755 1.93 -6.00 16.62
CA GLN C 755 0.61 -6.08 15.99
C GLN C 755 0.71 -6.43 14.51
N TYR C 756 1.83 -6.09 13.87
CA TYR C 756 2.01 -6.22 12.44
C TYR C 756 2.90 -7.41 12.07
N GLY C 757 2.87 -8.48 12.86
CA GLY C 757 3.82 -9.56 12.66
C GLY C 757 3.55 -10.39 11.42
N SER C 758 2.27 -10.57 11.09
CA SER C 758 1.92 -11.31 9.88
C SER C 758 2.46 -10.63 8.64
N PHE C 759 2.50 -9.30 8.64
CA PHE C 759 2.94 -8.57 7.47
C PHE C 759 4.43 -8.74 7.23
N CYS C 760 5.21 -8.79 8.31
CA CYS C 760 6.63 -9.01 8.17
C CYS C 760 6.96 -10.44 7.79
N THR C 761 6.25 -11.41 8.37
CA THR C 761 6.42 -12.78 7.92
C THR C 761 6.10 -12.90 6.43
N GLN C 762 5.08 -12.17 5.97
CA GLN C 762 4.70 -12.20 4.57
C GLN C 762 5.79 -11.60 3.67
N LEU C 763 6.32 -10.44 4.07
CA LEU C 763 7.40 -9.82 3.32
C LEU C 763 8.59 -10.76 3.19
N ASN C 764 8.99 -11.37 4.30
CA ASN C 764 10.16 -12.24 4.25
C ASN C 764 9.88 -13.52 3.49
N ARG C 765 8.64 -13.99 3.51
CA ARG C 765 8.26 -15.13 2.69
C ARG C 765 8.47 -14.84 1.22
N ALA C 766 8.00 -13.66 0.78
CA ALA C 766 8.19 -13.28 -0.62
C ALA C 766 9.66 -13.14 -0.97
N LEU C 767 10.44 -12.50 -0.12
CA LEU C 767 11.86 -12.34 -0.40
C LEU C 767 12.59 -13.68 -0.45
N THR C 768 12.21 -14.61 0.42
CA THR C 768 12.83 -15.92 0.41
C THR C 768 12.50 -16.68 -0.87
N GLY C 769 11.26 -16.56 -1.33
CA GLY C 769 10.91 -17.13 -2.62
C GLY C 769 11.79 -16.59 -3.73
N ILE C 770 11.98 -15.26 -3.74
CA ILE C 770 12.82 -14.66 -4.77
C ILE C 770 14.24 -15.21 -4.70
N ALA C 771 14.76 -15.40 -3.49
CA ALA C 771 16.15 -15.84 -3.35
C ALA C 771 16.34 -17.27 -3.86
N VAL C 772 15.47 -18.20 -3.43
CA VAL C 772 15.62 -19.55 -3.93
C VAL C 772 15.36 -19.61 -5.43
N GLU C 773 14.56 -18.68 -5.95
CA GLU C 773 14.36 -18.66 -7.39
C GLU C 773 15.59 -18.18 -8.12
N GLN C 774 16.36 -17.26 -7.53
CA GLN C 774 17.62 -16.86 -8.17
C GLN C 774 18.56 -18.05 -8.28
N ASP C 775 18.64 -18.84 -7.21
CA ASP C 775 19.52 -20.01 -7.27
C ASP C 775 19.01 -21.02 -8.30
N LYS C 776 17.69 -21.18 -8.41
CA LYS C 776 17.13 -22.09 -9.40
C LYS C 776 17.38 -21.60 -10.81
N ASN C 777 17.35 -20.29 -11.02
CA ASN C 777 17.66 -19.72 -12.33
C ASN C 777 19.07 -20.12 -12.75
N THR C 778 20.04 -19.88 -11.87
CA THR C 778 21.41 -20.22 -12.21
C THR C 778 21.57 -21.72 -12.46
N GLN C 779 20.89 -22.54 -11.65
CA GLN C 779 20.92 -23.98 -11.90
C GLN C 779 20.40 -24.31 -13.29
N GLU C 780 19.20 -23.84 -13.61
CA GLU C 780 18.59 -24.24 -14.87
C GLU C 780 19.35 -23.73 -16.08
N VAL C 781 20.13 -22.67 -15.92
CA VAL C 781 20.91 -22.22 -17.07
C VAL C 781 22.22 -22.99 -17.19
N PHE C 782 22.93 -23.20 -16.09
CA PHE C 782 24.29 -23.68 -16.22
C PHE C 782 24.48 -25.17 -15.92
N ALA C 783 23.64 -25.79 -15.10
CA ALA C 783 23.85 -27.17 -14.67
C ALA C 783 23.08 -28.16 -15.50
N GLN C 784 22.90 -27.88 -16.79
CA GLN C 784 22.18 -28.81 -17.66
C GLN C 784 22.94 -30.11 -17.83
N VAL C 785 24.26 -30.02 -17.99
CA VAL C 785 25.10 -31.20 -18.06
C VAL C 785 25.63 -31.53 -16.68
N LYS C 786 25.55 -32.80 -16.31
CA LYS C 786 26.01 -33.25 -15.00
C LYS C 786 27.28 -34.06 -15.08
N GLN C 787 27.91 -34.09 -16.24
CA GLN C 787 29.25 -34.61 -16.39
C GLN C 787 30.17 -33.43 -16.63
N ILE C 788 31.25 -33.35 -15.86
CA ILE C 788 32.20 -32.25 -15.97
C ILE C 788 33.27 -32.73 -16.93
N TYR C 789 33.06 -32.47 -18.23
CA TYR C 789 34.02 -32.90 -19.24
C TYR C 789 35.28 -32.07 -19.14
N LYS C 790 36.42 -32.74 -19.09
CA LYS C 790 37.70 -32.06 -19.04
C LYS C 790 38.11 -31.65 -20.45
N THR C 791 38.88 -30.58 -20.51
CA THR C 791 39.35 -30.09 -21.79
C THR C 791 40.44 -31.03 -22.32
N PRO C 792 40.39 -31.38 -23.59
CA PRO C 792 41.42 -32.27 -24.16
C PRO C 792 42.80 -31.66 -24.01
N PRO C 793 43.83 -32.48 -23.82
CA PRO C 793 45.14 -31.93 -23.44
C PRO C 793 45.76 -31.04 -24.51
N ILE C 794 45.99 -31.58 -25.71
CA ILE C 794 46.58 -30.82 -26.81
C ILE C 794 45.49 -30.55 -27.83
N LYS C 795 45.35 -29.29 -28.22
CA LYS C 795 44.23 -28.84 -29.02
C LYS C 795 44.56 -28.97 -30.49
N ASP C 796 43.99 -29.98 -31.16
CA ASP C 796 44.11 -30.15 -32.61
C ASP C 796 42.70 -30.13 -33.20
N PHE C 797 42.18 -28.93 -33.42
CA PHE C 797 40.81 -28.76 -33.87
C PHE C 797 40.73 -28.25 -35.30
N GLY C 798 41.55 -28.77 -36.20
CA GLY C 798 41.46 -28.41 -37.60
C GLY C 798 41.82 -26.98 -37.91
N GLY C 799 42.56 -26.32 -37.03
CA GLY C 799 42.91 -24.93 -37.23
C GLY C 799 42.02 -23.95 -36.50
N PHE C 800 40.94 -24.42 -35.90
CA PHE C 800 40.10 -23.58 -35.07
C PHE C 800 40.78 -23.38 -33.73
N ASN C 801 40.88 -22.14 -33.30
CA ASN C 801 41.55 -21.82 -32.05
C ASN C 801 40.55 -21.41 -30.98
N PHE C 802 40.54 -22.15 -29.90
CA PHE C 802 39.63 -21.89 -28.79
C PHE C 802 40.35 -21.38 -27.55
N SER C 803 41.55 -20.83 -27.71
CA SER C 803 42.34 -20.43 -26.54
C SER C 803 41.66 -19.32 -25.76
N GLN C 804 40.97 -18.42 -26.46
CA GLN C 804 40.41 -17.25 -25.79
C GLN C 804 39.21 -17.64 -24.94
N ILE C 805 38.58 -18.77 -25.24
CA ILE C 805 37.36 -19.14 -24.53
C ILE C 805 37.50 -20.40 -23.72
N LEU C 806 38.59 -21.02 -23.76
CA LEU C 806 38.71 -22.18 -22.89
C LEU C 806 39.37 -21.80 -21.57
N PRO C 807 39.10 -22.53 -20.49
CA PRO C 807 39.61 -22.11 -19.18
C PRO C 807 41.12 -21.94 -19.17
N ASP C 808 41.58 -20.99 -18.36
CA ASP C 808 42.98 -20.61 -18.30
C ASP C 808 43.53 -21.01 -16.94
N PRO C 809 44.48 -21.94 -16.87
CA PRO C 809 45.00 -22.35 -15.56
C PRO C 809 46.00 -21.38 -14.97
N SER C 810 46.62 -20.52 -15.78
CA SER C 810 47.55 -19.53 -15.24
C SER C 810 46.89 -18.66 -14.20
N LYS C 811 45.60 -18.41 -14.37
CA LYS C 811 44.88 -17.48 -13.51
C LYS C 811 44.36 -18.20 -12.27
N PRO C 812 44.20 -17.47 -11.16
CA PRO C 812 43.64 -18.12 -9.95
C PRO C 812 42.29 -18.75 -10.20
N SER C 813 41.37 -18.02 -10.82
CA SER C 813 40.12 -18.61 -11.29
C SER C 813 40.38 -19.36 -12.58
N LYS C 814 39.68 -20.49 -12.75
CA LYS C 814 39.77 -21.25 -13.98
C LYS C 814 38.83 -20.63 -15.02
N ARG C 815 39.00 -19.33 -15.22
CA ARG C 815 38.20 -18.55 -16.14
C ARG C 815 38.96 -18.32 -17.43
N SER C 816 38.23 -18.26 -18.53
CA SER C 816 38.86 -18.01 -19.81
C SER C 816 39.23 -16.53 -19.93
N PHE C 817 39.92 -16.21 -21.01
CA PHE C 817 40.32 -14.83 -21.26
C PHE C 817 39.10 -13.92 -21.41
N ILE C 818 38.15 -14.33 -22.25
CA ILE C 818 36.99 -13.49 -22.51
C ILE C 818 36.11 -13.39 -21.28
N GLU C 819 36.05 -14.45 -20.48
CA GLU C 819 35.30 -14.37 -19.23
C GLU C 819 35.92 -13.36 -18.27
N ASP C 820 37.24 -13.20 -18.29
CA ASP C 820 37.84 -12.16 -17.46
C ASP C 820 37.53 -10.78 -18.00
N LEU C 821 37.61 -10.59 -19.31
CA LEU C 821 37.17 -9.33 -19.87
C LEU C 821 35.74 -9.02 -19.47
N LEU C 822 34.88 -10.04 -19.38
CA LEU C 822 33.48 -9.84 -19.02
C LEU C 822 33.35 -9.49 -17.54
N PHE C 823 34.15 -10.12 -16.69
CA PHE C 823 34.04 -9.84 -15.26
C PHE C 823 34.67 -8.52 -14.87
N ASN C 824 35.55 -7.97 -15.69
CA ASN C 824 36.07 -6.64 -15.39
C ASN C 824 35.15 -5.54 -15.83
N LYS C 825 34.17 -5.83 -16.68
CA LYS C 825 33.25 -4.80 -17.14
C LYS C 825 32.16 -4.52 -16.12
N VAL C 826 31.50 -5.56 -15.63
CA VAL C 826 30.40 -5.40 -14.69
C VAL C 826 30.97 -5.19 -13.29
N THR C 827 30.64 -4.05 -12.69
CA THR C 827 31.11 -3.73 -11.35
C THR C 827 29.95 -3.97 -10.37
N LEU C 828 30.27 -4.59 -9.24
CA LEU C 828 29.25 -4.95 -8.26
C LEU C 828 29.27 -4.01 -7.06
N ALA C 829 28.17 -4.03 -6.31
CA ALA C 829 28.05 -3.15 -5.16
C ALA C 829 29.06 -3.50 -4.08
N ASP C 830 29.22 -4.79 -3.80
CA ASP C 830 30.19 -5.24 -2.80
C ASP C 830 30.59 -6.67 -3.09
N ALA C 831 31.89 -6.95 -3.03
CA ALA C 831 32.42 -8.29 -3.22
C ALA C 831 32.86 -8.87 -1.89
N GLY C 832 32.39 -10.08 -1.60
CA GLY C 832 32.84 -10.80 -0.43
C GLY C 832 31.72 -11.33 0.46
N PHE C 833 30.66 -10.54 0.60
CA PHE C 833 29.49 -10.86 1.43
C PHE C 833 29.81 -11.01 2.90
N ILE C 834 31.02 -10.65 3.34
CA ILE C 834 31.35 -10.61 4.77
C ILE C 834 31.94 -9.24 5.06
N LYS C 835 31.10 -8.32 5.54
CA LYS C 835 31.54 -7.05 6.07
C LYS C 835 31.33 -7.07 7.58
N GLN C 836 32.43 -7.00 8.32
CA GLN C 836 32.36 -7.21 9.75
C GLN C 836 31.94 -5.94 10.48
N TYR C 837 31.50 -6.12 11.71
CA TYR C 837 31.06 -5.00 12.53
C TYR C 837 32.20 -4.03 12.80
N GLY C 838 33.40 -4.55 13.04
CA GLY C 838 34.54 -3.69 13.28
C GLY C 838 34.95 -2.88 12.07
N ASP C 839 34.46 -3.26 10.89
CA ASP C 839 34.75 -2.48 9.69
C ASP C 839 33.77 -1.32 9.54
N CYS C 840 32.51 -1.54 9.92
CA CYS C 840 31.51 -0.48 9.89
C CYS C 840 31.54 0.40 11.13
N LEU C 841 32.47 0.17 12.05
CA LEU C 841 32.47 0.90 13.31
C LEU C 841 33.05 2.30 13.12
N GLY C 842 32.26 3.31 13.46
CA GLY C 842 32.65 4.69 13.28
C GLY C 842 31.81 5.39 12.24
N ASP C 843 32.36 6.50 11.73
CA ASP C 843 31.69 7.26 10.68
C ASP C 843 31.73 6.57 9.33
N ILE C 844 32.49 5.48 9.20
CA ILE C 844 32.41 4.65 8.01
C ILE C 844 31.01 4.11 7.82
N ALA C 845 30.24 4.02 8.91
CA ALA C 845 28.85 3.58 8.81
C ALA C 845 28.03 4.54 7.96
N ALA C 846 28.15 5.84 8.25
CA ALA C 846 27.42 6.83 7.47
C ALA C 846 28.01 6.96 6.07
N ARG C 847 29.34 6.85 5.95
CA ARG C 847 29.96 7.03 4.64
C ARG C 847 29.64 5.89 3.69
N ASP C 848 29.86 4.65 4.13
CA ASP C 848 29.64 3.51 3.25
C ASP C 848 28.16 3.24 3.10
N LEU C 849 27.75 2.86 1.88
CA LEU C 849 26.35 2.58 1.63
C LEU C 849 25.96 1.21 2.18
N ILE C 850 26.85 0.24 2.05
CA ILE C 850 26.53 -1.11 2.52
C ILE C 850 26.41 -1.12 4.04
N CYS C 851 27.25 -0.35 4.73
CA CYS C 851 27.12 -0.27 6.18
C CYS C 851 25.78 0.34 6.57
N ALA C 852 25.36 1.39 5.86
CA ALA C 852 24.07 2.00 6.15
C ALA C 852 22.93 1.04 5.90
N GLN C 853 23.07 0.18 4.89
CA GLN C 853 22.04 -0.82 4.64
C GLN C 853 22.02 -1.87 5.74
N LYS C 854 23.19 -2.34 6.17
CA LYS C 854 23.25 -3.40 7.16
C LYS C 854 22.80 -2.93 8.53
N PHE C 855 23.05 -1.66 8.84
CA PHE C 855 22.63 -1.14 10.14
C PHE C 855 21.13 -0.96 10.21
N ASN C 856 20.43 -1.02 9.08
CA ASN C 856 18.98 -0.92 9.04
C ASN C 856 18.32 -2.23 8.67
N GLY C 857 19.04 -3.34 8.74
CA GLY C 857 18.45 -4.64 8.59
C GLY C 857 18.35 -5.17 7.18
N LEU C 858 19.04 -4.57 6.23
CA LEU C 858 18.98 -4.99 4.84
C LEU C 858 20.22 -5.79 4.49
N THR C 859 20.05 -7.07 4.25
CA THR C 859 21.16 -7.99 4.00
C THR C 859 21.14 -8.43 2.56
N VAL C 860 22.32 -8.66 2.01
CA VAL C 860 22.48 -9.25 0.69
C VAL C 860 23.04 -10.65 0.88
N LEU C 861 22.29 -11.65 0.46
CA LEU C 861 22.69 -13.04 0.65
C LEU C 861 23.56 -13.50 -0.52
N PRO C 862 24.58 -14.30 -0.26
CA PRO C 862 25.46 -14.75 -1.32
C PRO C 862 24.80 -15.84 -2.16
N PRO C 863 25.09 -15.90 -3.45
CA PRO C 863 24.55 -16.97 -4.28
C PRO C 863 25.14 -18.33 -3.93
N LEU C 864 24.38 -19.37 -4.26
CA LEU C 864 24.79 -20.71 -3.88
C LEU C 864 25.97 -21.20 -4.71
N LEU C 865 25.96 -20.94 -6.00
CA LEU C 865 27.06 -21.29 -6.87
C LEU C 865 28.06 -20.14 -6.91
N THR C 866 29.32 -20.45 -6.62
CA THR C 866 30.35 -19.43 -6.75
C THR C 866 30.60 -19.14 -8.22
N ASP C 867 31.45 -18.14 -8.48
CA ASP C 867 31.78 -17.85 -9.86
C ASP C 867 32.71 -18.91 -10.44
N GLU C 868 33.54 -19.53 -9.61
CA GLU C 868 34.37 -20.64 -10.07
C GLU C 868 33.53 -21.82 -10.49
N MET C 869 32.44 -22.10 -9.79
CA MET C 869 31.59 -23.22 -10.15
C MET C 869 30.88 -22.97 -11.46
N ILE C 870 30.39 -21.74 -11.65
CA ILE C 870 29.76 -21.40 -12.92
C ILE C 870 30.77 -21.46 -14.05
N ALA C 871 32.03 -21.12 -13.77
CA ALA C 871 33.05 -21.23 -14.78
C ALA C 871 33.37 -22.69 -15.10
N GLN C 872 33.32 -23.57 -14.10
CA GLN C 872 33.50 -24.99 -14.37
C GLN C 872 32.36 -25.53 -15.22
N TYR C 873 31.14 -25.08 -14.95
CA TYR C 873 30.01 -25.50 -15.78
C TYR C 873 30.18 -25.03 -17.23
N THR C 874 30.60 -23.79 -17.43
CA THR C 874 30.77 -23.32 -18.80
C THR C 874 31.92 -24.01 -19.49
N SER C 875 33.00 -24.34 -18.76
CA SER C 875 34.08 -25.07 -19.40
C SER C 875 33.67 -26.49 -19.73
N ALA C 876 32.79 -27.09 -18.93
CA ALA C 876 32.28 -28.41 -19.27
C ALA C 876 31.41 -28.34 -20.52
N LEU C 877 30.59 -27.30 -20.63
CA LEU C 877 29.78 -27.14 -21.83
C LEU C 877 30.65 -26.93 -23.06
N LEU C 878 31.73 -26.16 -22.93
CA LEU C 878 32.63 -25.95 -24.04
C LEU C 878 33.36 -27.23 -24.43
N ALA C 879 33.83 -27.99 -23.44
CA ALA C 879 34.55 -29.21 -23.75
C ALA C 879 33.62 -30.27 -24.34
N GLY C 880 32.35 -30.24 -23.97
CA GLY C 880 31.42 -31.17 -24.56
C GLY C 880 31.04 -30.79 -25.98
N THR C 881 30.89 -29.49 -26.23
CA THR C 881 30.52 -29.05 -27.57
C THR C 881 31.69 -29.03 -28.54
N ILE C 882 32.91 -29.01 -28.04
CA ILE C 882 34.06 -28.97 -28.92
C ILE C 882 34.45 -30.36 -29.37
N THR C 883 34.37 -31.34 -28.48
CA THR C 883 34.87 -32.68 -28.75
C THR C 883 33.79 -33.67 -29.15
N SER C 884 32.54 -33.38 -28.86
CA SER C 884 31.47 -34.34 -29.12
C SER C 884 30.33 -33.78 -29.94
N GLY C 885 30.40 -32.53 -30.35
CA GLY C 885 29.32 -31.97 -31.13
C GLY C 885 28.11 -31.74 -30.26
N TRP C 886 26.94 -32.11 -30.76
CA TRP C 886 25.72 -32.03 -29.98
C TRP C 886 25.38 -33.33 -29.27
N THR C 887 26.22 -34.34 -29.40
CA THR C 887 25.84 -35.65 -28.90
C THR C 887 25.80 -35.68 -27.39
N PHE C 888 26.59 -34.85 -26.72
CA PHE C 888 26.63 -34.90 -25.27
C PHE C 888 25.35 -34.37 -24.65
N GLY C 889 24.57 -33.57 -25.38
CA GLY C 889 23.32 -33.08 -24.85
C GLY C 889 22.19 -34.08 -24.94
N ALA C 890 22.34 -35.10 -25.78
CA ALA C 890 21.28 -36.08 -25.99
C ALA C 890 21.56 -37.41 -25.29
N GLY C 891 22.76 -37.61 -24.79
CA GLY C 891 23.12 -38.86 -24.16
C GLY C 891 24.56 -38.86 -23.71
N ALA C 892 25.28 -39.94 -24.00
CA ALA C 892 26.71 -39.94 -23.76
C ALA C 892 27.43 -39.16 -24.85
N ALA C 893 28.48 -38.45 -24.45
CA ALA C 893 29.27 -37.70 -25.41
C ALA C 893 30.04 -38.66 -26.30
N LEU C 894 29.83 -38.56 -27.60
CA LEU C 894 30.53 -39.37 -28.59
C LEU C 894 31.52 -38.47 -29.33
N GLN C 895 32.80 -38.78 -29.20
CA GLN C 895 33.81 -37.92 -29.82
C GLN C 895 33.69 -37.94 -31.34
N ILE C 896 34.13 -36.86 -31.95
CA ILE C 896 34.12 -36.70 -33.40
C ILE C 896 35.11 -35.59 -33.74
N PRO C 897 35.93 -35.75 -34.77
CA PRO C 897 36.87 -34.68 -35.12
C PRO C 897 36.14 -33.39 -35.44
N PHE C 898 36.72 -32.28 -35.01
CA PHE C 898 36.00 -31.02 -35.03
C PHE C 898 35.64 -30.60 -36.45
N ALA C 899 36.52 -30.83 -37.41
CA ALA C 899 36.19 -30.48 -38.79
C ALA C 899 35.04 -31.33 -39.31
N MET C 900 34.97 -32.59 -38.90
CA MET C 900 33.83 -33.40 -39.28
C MET C 900 32.54 -32.88 -38.65
N GLN C 901 32.63 -32.36 -37.42
CA GLN C 901 31.45 -31.77 -36.81
C GLN C 901 31.04 -30.50 -37.55
N MET C 902 32.01 -29.71 -37.99
CA MET C 902 31.68 -28.53 -38.78
C MET C 902 31.06 -28.92 -40.11
N ALA C 903 31.47 -30.05 -40.68
CA ALA C 903 30.84 -30.51 -41.91
C ALA C 903 29.38 -30.92 -41.66
N TYR C 904 29.14 -31.63 -40.57
CA TYR C 904 27.77 -31.89 -40.14
C TYR C 904 26.96 -30.59 -40.09
N ARG C 905 27.50 -29.58 -39.41
CA ARG C 905 26.75 -28.34 -39.23
C ARG C 905 26.56 -27.58 -40.53
N PHE C 906 27.52 -27.67 -41.44
CA PHE C 906 27.31 -27.08 -42.77
C PHE C 906 26.19 -27.79 -43.50
N ASN C 907 26.10 -29.11 -43.35
CA ASN C 907 24.93 -29.82 -43.84
C ASN C 907 23.66 -29.28 -43.19
N GLY C 908 23.73 -28.92 -41.91
CA GLY C 908 22.55 -28.48 -41.19
C GLY C 908 21.94 -27.21 -41.72
N ILE C 909 22.66 -26.43 -42.53
CA ILE C 909 22.14 -25.19 -43.08
C ILE C 909 22.03 -25.24 -44.59
N GLY C 910 22.14 -26.42 -45.20
CA GLY C 910 21.98 -26.54 -46.62
C GLY C 910 23.20 -26.24 -47.45
N VAL C 911 24.38 -26.51 -46.94
CA VAL C 911 25.63 -26.40 -47.69
C VAL C 911 26.32 -27.74 -47.64
N THR C 912 26.68 -28.28 -48.80
CA THR C 912 27.32 -29.58 -48.85
C THR C 912 28.66 -29.54 -48.16
N GLN C 913 29.01 -30.64 -47.49
CA GLN C 913 30.17 -30.66 -46.61
C GLN C 913 31.48 -30.46 -47.37
N ASN C 914 31.48 -30.74 -48.67
CA ASN C 914 32.70 -30.51 -49.45
C ASN C 914 33.09 -29.05 -49.42
N VAL C 915 32.11 -28.15 -49.28
CA VAL C 915 32.43 -26.73 -49.19
C VAL C 915 33.29 -26.46 -47.97
N LEU C 916 32.91 -27.03 -46.83
CA LEU C 916 33.73 -26.90 -45.64
C LEU C 916 35.10 -27.54 -45.82
N TYR C 917 35.14 -28.77 -46.34
CA TYR C 917 36.45 -29.42 -46.45
C TYR C 917 37.36 -28.74 -47.46
N GLU C 918 36.80 -28.01 -48.41
CA GLU C 918 37.62 -27.31 -49.38
C GLU C 918 37.99 -25.90 -48.94
N ASN C 919 37.24 -25.31 -48.03
CA ASN C 919 37.62 -24.02 -47.46
C ASN C 919 37.93 -24.14 -45.97
N GLN C 920 38.43 -25.29 -45.54
CA GLN C 920 38.69 -25.51 -44.12
C GLN C 920 39.59 -24.43 -43.53
N LYS C 921 40.73 -24.16 -44.17
CA LYS C 921 41.66 -23.19 -43.59
C LYS C 921 41.08 -21.79 -43.59
N LEU C 922 40.45 -21.39 -44.68
CA LEU C 922 39.84 -20.07 -44.74
C LEU C 922 38.75 -19.92 -43.69
N ILE C 923 37.94 -20.95 -43.50
CA ILE C 923 36.86 -20.89 -42.52
C ILE C 923 37.42 -20.82 -41.10
N ALA C 924 38.47 -21.59 -40.83
CA ALA C 924 39.10 -21.54 -39.51
C ALA C 924 39.70 -20.17 -39.26
N ASN C 925 40.31 -19.57 -40.29
CA ASN C 925 40.88 -18.24 -40.10
C ASN C 925 39.79 -17.20 -39.86
N GLN C 926 38.68 -17.31 -40.58
CA GLN C 926 37.57 -16.37 -40.36
C GLN C 926 37.03 -16.50 -38.95
N PHE C 927 36.87 -17.73 -38.47
CA PHE C 927 36.42 -17.92 -37.10
C PHE C 927 37.41 -17.33 -36.10
N ASN C 928 38.70 -17.54 -36.34
CA ASN C 928 39.70 -17.04 -35.41
C ASN C 928 39.70 -15.52 -35.37
N SER C 929 39.60 -14.88 -36.53
CA SER C 929 39.58 -13.42 -36.54
C SER C 929 38.29 -12.88 -35.93
N ALA C 930 37.18 -13.59 -36.10
CA ALA C 930 35.93 -13.14 -35.49
C ALA C 930 36.01 -13.22 -33.97
N ILE C 931 36.60 -14.30 -33.45
CA ILE C 931 36.80 -14.40 -32.01
C ILE C 931 37.73 -13.30 -31.51
N GLY C 932 38.79 -13.02 -32.27
CA GLY C 932 39.68 -11.94 -31.88
C GLY C 932 39.01 -10.58 -31.89
N LYS C 933 38.13 -10.35 -32.86
CA LYS C 933 37.39 -9.09 -32.88
C LYS C 933 36.44 -8.99 -31.71
N ILE C 934 35.81 -10.09 -31.33
CA ILE C 934 34.99 -10.10 -30.11
C ILE C 934 35.84 -9.69 -28.92
N GLN C 935 37.00 -10.32 -28.78
CA GLN C 935 37.86 -10.06 -27.63
C GLN C 935 38.31 -8.60 -27.60
N ASP C 936 38.67 -8.04 -28.75
CA ASP C 936 39.13 -6.65 -28.79
C ASP C 936 37.99 -5.68 -28.51
N SER C 937 36.81 -5.91 -29.10
CA SER C 937 35.68 -5.05 -28.80
C SER C 937 35.35 -5.08 -27.33
N LEU C 938 35.49 -6.24 -26.69
CA LEU C 938 35.22 -6.31 -25.26
C LEU C 938 36.29 -5.59 -24.47
N SER C 939 37.55 -5.72 -24.88
CA SER C 939 38.63 -5.11 -24.11
C SER C 939 38.72 -3.60 -24.31
N SER C 940 38.06 -3.06 -25.34
CA SER C 940 38.12 -1.62 -25.61
C SER C 940 36.97 -0.88 -24.92
N THR C 941 35.74 -1.21 -25.29
CA THR C 941 34.60 -0.50 -24.72
C THR C 941 34.34 -0.97 -23.29
N ALA C 942 33.81 -0.06 -22.47
CA ALA C 942 33.58 -0.33 -21.06
C ALA C 942 32.13 -0.60 -20.71
N SER C 943 31.18 -0.13 -21.53
CA SER C 943 29.76 -0.30 -21.25
C SER C 943 29.08 -1.24 -22.24
N ALA C 944 29.75 -2.33 -22.62
CA ALA C 944 29.12 -3.30 -23.51
C ALA C 944 28.09 -4.14 -22.76
N LEU C 945 28.36 -4.45 -21.50
CA LEU C 945 27.48 -5.30 -20.70
C LEU C 945 26.45 -4.46 -19.95
N GLY C 946 25.65 -3.73 -20.72
CA GLY C 946 24.72 -2.79 -20.13
C GLY C 946 23.62 -3.45 -19.32
N LYS C 947 23.16 -4.61 -19.77
CA LYS C 947 22.02 -5.24 -19.11
C LYS C 947 22.37 -5.77 -17.73
N LEU C 948 23.52 -6.42 -17.60
CA LEU C 948 23.93 -6.93 -16.30
C LEU C 948 24.21 -5.79 -15.33
N GLN C 949 24.90 -4.74 -15.80
CA GLN C 949 25.11 -3.58 -14.96
C GLN C 949 23.80 -2.93 -14.57
N ASP C 950 22.80 -2.96 -15.45
CA ASP C 950 21.51 -2.39 -15.09
C ASP C 950 20.83 -3.19 -14.00
N VAL C 951 20.94 -4.51 -14.05
CA VAL C 951 20.40 -5.33 -12.97
C VAL C 951 21.07 -4.98 -11.64
N VAL C 952 22.40 -4.93 -11.65
CA VAL C 952 23.13 -4.60 -10.43
C VAL C 952 22.72 -3.22 -9.91
N ASN C 953 22.68 -2.24 -10.81
CA ASN C 953 22.34 -0.87 -10.41
C ASN C 953 20.94 -0.79 -9.85
N GLN C 954 20.00 -1.52 -10.45
CA GLN C 954 18.63 -1.44 -9.97
C GLN C 954 18.49 -2.01 -8.58
N ASN C 955 19.14 -3.14 -8.31
CA ASN C 955 19.07 -3.69 -6.96
C ASN C 955 19.69 -2.75 -5.95
N ALA C 956 20.88 -2.22 -6.26
CA ALA C 956 21.54 -1.31 -5.34
C ALA C 956 20.69 -0.07 -5.10
N GLN C 957 20.08 0.47 -6.14
CA GLN C 957 19.28 1.68 -5.99
C GLN C 957 18.03 1.41 -5.18
N ALA C 958 17.42 0.23 -5.36
CA ALA C 958 16.26 -0.08 -4.54
C ALA C 958 16.61 -0.12 -3.06
N LEU C 959 17.76 -0.74 -2.73
CA LEU C 959 18.14 -0.78 -1.32
C LEU C 959 18.49 0.61 -0.78
N ASN C 960 19.16 1.43 -1.59
CA ASN C 960 19.51 2.76 -1.12
C ASN C 960 18.30 3.65 -0.97
N THR C 961 17.33 3.51 -1.86
CA THR C 961 16.08 4.25 -1.72
C THR C 961 15.35 3.82 -0.46
N LEU C 962 15.38 2.52 -0.16
CA LEU C 962 14.74 2.04 1.05
C LEU C 962 15.39 2.63 2.28
N VAL C 963 16.72 2.79 2.26
CA VAL C 963 17.40 3.43 3.38
C VAL C 963 17.05 4.91 3.47
N LYS C 964 17.02 5.61 2.33
CA LYS C 964 16.72 7.04 2.37
C LYS C 964 15.30 7.31 2.81
N GLN C 965 14.37 6.40 2.56
CA GLN C 965 12.99 6.63 2.97
C GLN C 965 12.81 6.54 4.47
N LEU C 966 13.85 6.30 5.24
CA LEU C 966 13.77 6.35 6.68
C LEU C 966 13.76 7.78 7.21
N SER C 967 13.94 8.76 6.35
CA SER C 967 13.90 10.15 6.73
C SER C 967 12.52 10.77 6.57
N SER C 968 11.52 10.00 6.16
CA SER C 968 10.18 10.50 5.98
C SER C 968 9.44 10.57 7.31
N ASN C 969 8.68 11.65 7.51
CA ASN C 969 7.92 11.80 8.73
C ASN C 969 6.63 11.00 8.70
N PHE C 970 6.06 10.80 7.52
CA PHE C 970 4.78 10.12 7.35
C PHE C 970 3.66 10.77 8.15
N GLY C 971 3.80 12.05 8.47
CA GLY C 971 2.81 12.74 9.26
C GLY C 971 3.12 12.83 10.72
N ALA C 972 4.21 12.23 11.19
CA ALA C 972 4.60 12.33 12.57
C ALA C 972 5.38 13.63 12.80
N ILE C 973 5.59 13.96 14.08
CA ILE C 973 6.31 15.18 14.39
C ILE C 973 7.79 15.07 14.04
N SER C 974 8.30 13.86 13.88
CA SER C 974 9.69 13.65 13.54
C SER C 974 9.81 12.31 12.84
N SER C 975 10.94 12.08 12.19
CA SER C 975 11.22 10.80 11.56
C SER C 975 12.18 9.96 12.37
N VAL C 976 12.53 10.40 13.58
CA VAL C 976 13.45 9.69 14.45
C VAL C 976 12.68 9.19 15.65
N LEU C 977 12.73 7.88 15.89
CA LEU C 977 12.01 7.32 17.03
C LEU C 977 12.57 7.84 18.34
N ASN C 978 13.86 8.12 18.41
CA ASN C 978 14.45 8.57 19.66
C ASN C 978 14.07 9.99 20.00
N ASP C 979 13.89 10.84 18.99
CA ASP C 979 13.34 12.17 19.22
C ASP C 979 11.95 12.10 19.83
N ILE C 980 11.06 11.32 19.19
CA ILE C 980 9.70 11.15 19.69
C ILE C 980 9.71 10.58 21.09
N LEU C 981 10.53 9.57 21.34
CA LEU C 981 10.57 8.93 22.65
C LEU C 981 11.27 9.76 23.69
N SER C 982 12.02 10.79 23.28
CA SER C 982 12.60 11.70 24.24
C SER C 982 11.63 12.81 24.62
N ARG C 983 10.77 13.24 23.69
CA ARG C 983 9.90 14.36 23.99
C ARG C 983 8.54 13.94 24.56
N LEU C 984 7.97 12.83 24.11
CA LEU C 984 6.60 12.50 24.44
C LEU C 984 6.53 11.27 25.34
N ASP C 985 5.52 11.24 26.19
CA ASP C 985 5.26 10.11 27.06
C ASP C 985 4.65 8.96 26.28
N LYS C 986 4.56 7.79 26.93
CA LYS C 986 4.27 6.57 26.19
C LYS C 986 2.87 6.54 25.60
N VAL C 987 1.99 7.45 25.98
CA VAL C 987 0.66 7.47 25.37
C VAL C 987 0.59 8.45 24.21
N GLU C 988 1.25 9.60 24.32
CA GLU C 988 1.33 10.50 23.18
C GLU C 988 2.35 10.04 22.16
N ALA C 989 3.28 9.19 22.55
CA ALA C 989 4.30 8.72 21.63
C ALA C 989 3.75 7.67 20.68
N GLU C 990 2.74 6.92 21.11
CA GLU C 990 2.21 5.87 20.25
C GLU C 990 1.50 6.42 19.04
N VAL C 991 0.84 7.57 19.19
CA VAL C 991 0.18 8.19 18.04
C VAL C 991 1.18 8.47 16.92
N GLN C 992 2.38 8.90 17.28
CA GLN C 992 3.39 9.19 16.27
C GLN C 992 4.11 7.93 15.81
N ILE C 993 4.38 7.02 16.73
CA ILE C 993 5.13 5.82 16.39
C ILE C 993 4.30 4.93 15.48
N ASP C 994 2.99 4.92 15.64
CA ASP C 994 2.16 4.16 14.72
C ASP C 994 2.18 4.75 13.33
N ARG C 995 2.24 6.08 13.21
CA ARG C 995 2.40 6.68 11.89
C ARG C 995 3.71 6.26 11.26
N LEU C 996 4.80 6.32 12.03
CA LEU C 996 6.09 5.90 11.50
C LEU C 996 6.08 4.43 11.11
N ILE C 997 5.43 3.59 11.91
CA ILE C 997 5.41 2.16 11.64
C ILE C 997 4.62 1.87 10.38
N THR C 998 3.44 2.48 10.24
CA THR C 998 2.65 2.31 9.03
C THR C 998 3.43 2.75 7.80
N GLY C 999 4.07 3.91 7.85
CA GLY C 999 4.82 4.37 6.71
C GLY C 999 5.98 3.48 6.35
N ARG C 1000 6.73 3.01 7.35
CA ARG C 1000 7.90 2.20 7.05
C ARG C 1000 7.51 0.80 6.59
N LEU C 1001 6.43 0.25 7.13
CA LEU C 1001 5.91 -1.00 6.61
C LEU C 1001 5.45 -0.85 5.17
N GLN C 1002 4.84 0.27 4.82
CA GLN C 1002 4.46 0.49 3.43
C GLN C 1002 5.69 0.63 2.54
N SER C 1003 6.76 1.23 3.04
CA SER C 1003 8.00 1.28 2.28
C SER C 1003 8.53 -0.11 1.99
N LEU C 1004 8.57 -0.96 3.00
CA LEU C 1004 9.03 -2.33 2.81
C LEU C 1004 8.12 -3.09 1.85
N GLN C 1005 6.82 -2.85 1.94
CA GLN C 1005 5.89 -3.53 1.04
C GLN C 1005 6.11 -3.10 -0.40
N THR C 1006 6.35 -1.82 -0.63
CA THR C 1006 6.65 -1.35 -1.97
C THR C 1006 7.94 -1.98 -2.49
N TYR C 1007 8.96 -2.04 -1.65
CA TYR C 1007 10.21 -2.68 -2.07
C TYR C 1007 9.99 -4.12 -2.46
N VAL C 1008 9.24 -4.88 -1.66
CA VAL C 1008 9.06 -6.30 -1.92
C VAL C 1008 8.21 -6.50 -3.18
N THR C 1009 7.19 -5.68 -3.36
CA THR C 1009 6.37 -5.79 -4.57
C THR C 1009 7.20 -5.54 -5.81
N GLN C 1010 8.03 -4.51 -5.80
CA GLN C 1010 8.87 -4.26 -6.95
C GLN C 1010 9.93 -5.33 -7.15
N GLN C 1011 10.40 -5.95 -6.08
CA GLN C 1011 11.34 -7.06 -6.23
C GLN C 1011 10.67 -8.26 -6.86
N LEU C 1012 9.42 -8.52 -6.52
CA LEU C 1012 8.69 -9.60 -7.18
C LEU C 1012 8.47 -9.31 -8.65
N ILE C 1013 8.13 -8.07 -8.99
CA ILE C 1013 7.93 -7.74 -10.39
C ILE C 1013 9.24 -7.82 -11.17
N ARG C 1014 10.37 -7.46 -10.55
CA ARG C 1014 11.64 -7.60 -11.24
C ARG C 1014 12.10 -9.03 -11.31
N ALA C 1015 11.78 -9.85 -10.31
CA ALA C 1015 12.17 -11.24 -10.34
C ALA C 1015 11.40 -12.01 -11.40
N ALA C 1016 10.16 -11.62 -11.68
CA ALA C 1016 9.45 -12.24 -12.79
C ALA C 1016 10.17 -12.01 -14.11
N GLU C 1017 10.62 -10.79 -14.36
CA GLU C 1017 11.34 -10.50 -15.59
C GLU C 1017 12.71 -11.17 -15.64
N ILE C 1018 13.44 -11.19 -14.53
CA ILE C 1018 14.70 -11.93 -14.49
C ILE C 1018 14.47 -13.41 -14.73
N ARG C 1019 13.34 -13.96 -14.28
CA ARG C 1019 13.08 -15.37 -14.50
C ARG C 1019 12.70 -15.63 -15.95
N ALA C 1020 12.00 -14.71 -16.59
CA ALA C 1020 11.77 -14.86 -18.02
C ALA C 1020 13.08 -14.84 -18.78
N SER C 1021 13.99 -13.95 -18.41
CA SER C 1021 15.29 -13.91 -19.07
C SER C 1021 16.10 -15.17 -18.82
N ALA C 1022 16.03 -15.71 -17.62
CA ALA C 1022 16.74 -16.94 -17.29
C ALA C 1022 16.16 -18.14 -18.01
N ASN C 1023 14.84 -18.18 -18.20
CA ASN C 1023 14.23 -19.23 -19.01
C ASN C 1023 14.64 -19.11 -20.46
N LEU C 1024 14.72 -17.90 -20.98
CA LEU C 1024 15.22 -17.73 -22.34
C LEU C 1024 16.67 -18.17 -22.46
N ALA C 1025 17.49 -17.86 -21.47
CA ALA C 1025 18.89 -18.29 -21.51
C ALA C 1025 19.02 -19.79 -21.37
N ALA C 1026 18.15 -20.43 -20.59
CA ALA C 1026 18.16 -21.88 -20.50
C ALA C 1026 17.66 -22.53 -21.77
N THR C 1027 16.79 -21.86 -22.51
CA THR C 1027 16.39 -22.37 -23.82
C THR C 1027 17.49 -22.20 -24.85
N LYS C 1028 18.19 -21.07 -24.81
CA LYS C 1028 19.30 -20.85 -25.73
C LYS C 1028 20.47 -21.77 -25.45
N MET C 1029 20.75 -22.07 -24.18
CA MET C 1029 21.77 -23.07 -23.89
C MET C 1029 21.43 -24.39 -24.57
N SER C 1030 20.26 -24.95 -24.28
CA SER C 1030 19.88 -26.22 -24.87
C SER C 1030 19.86 -26.17 -26.40
N GLU C 1031 19.25 -25.15 -26.98
CA GLU C 1031 19.02 -25.18 -28.42
C GLU C 1031 20.14 -24.57 -29.24
N CYS C 1032 21.18 -24.05 -28.63
CA CYS C 1032 22.26 -23.49 -29.42
C CYS C 1032 23.65 -23.91 -28.98
N VAL C 1033 23.85 -24.33 -27.74
CA VAL C 1033 25.10 -24.94 -27.37
C VAL C 1033 25.01 -26.45 -27.45
N LEU C 1034 23.88 -27.01 -27.05
CA LEU C 1034 23.65 -28.44 -27.09
C LEU C 1034 23.01 -28.89 -28.38
N GLY C 1035 22.96 -28.03 -29.40
CA GLY C 1035 22.41 -28.41 -30.66
C GLY C 1035 22.62 -27.32 -31.68
N GLN C 1036 22.06 -27.52 -32.87
CA GLN C 1036 22.07 -26.52 -33.92
C GLN C 1036 20.64 -26.12 -34.20
N SER C 1037 20.34 -24.84 -34.07
CA SER C 1037 18.97 -24.36 -34.18
C SER C 1037 18.66 -23.93 -35.60
N LYS C 1038 17.48 -24.31 -36.06
CA LYS C 1038 16.95 -23.84 -37.33
C LYS C 1038 16.04 -22.63 -37.18
N ARG C 1039 15.71 -22.24 -35.95
CA ARG C 1039 14.89 -21.06 -35.72
C ARG C 1039 15.63 -19.81 -36.18
N VAL C 1040 14.96 -19.00 -36.99
CA VAL C 1040 15.59 -17.82 -37.56
C VAL C 1040 15.84 -16.78 -36.46
N ASP C 1041 17.06 -16.27 -36.41
CA ASP C 1041 17.50 -15.22 -35.50
C ASP C 1041 17.36 -15.60 -34.03
N PHE C 1042 17.17 -16.88 -33.73
CA PHE C 1042 17.17 -17.28 -32.33
C PHE C 1042 18.57 -17.24 -31.76
N CYS C 1043 19.56 -17.64 -32.54
CA CYS C 1043 20.95 -17.64 -32.10
C CYS C 1043 21.80 -16.96 -33.15
N GLY C 1044 21.86 -15.64 -33.09
CA GLY C 1044 22.64 -14.86 -34.02
C GLY C 1044 21.90 -14.59 -35.32
N LYS C 1045 22.36 -13.58 -36.03
CA LYS C 1045 21.84 -13.25 -37.35
C LYS C 1045 22.63 -14.01 -38.40
N GLY C 1046 21.95 -14.84 -39.17
CA GLY C 1046 22.55 -15.71 -40.15
C GLY C 1046 22.09 -17.12 -39.93
N TYR C 1047 22.74 -18.06 -40.59
CA TYR C 1047 22.44 -19.48 -40.43
C TYR C 1047 23.30 -20.00 -39.29
N HIS C 1048 22.65 -20.46 -38.23
CA HIS C 1048 23.36 -20.80 -37.01
C HIS C 1048 24.24 -22.02 -37.23
N LEU C 1049 25.51 -21.92 -36.85
CA LEU C 1049 26.41 -23.07 -36.83
C LEU C 1049 26.54 -23.65 -35.43
N MET C 1050 26.96 -22.83 -34.47
CA MET C 1050 27.13 -23.27 -33.10
C MET C 1050 27.29 -22.05 -32.21
N SER C 1051 27.16 -22.27 -30.90
CA SER C 1051 27.29 -21.21 -29.92
C SER C 1051 28.16 -21.70 -28.77
N PHE C 1052 28.77 -20.74 -28.08
CA PHE C 1052 29.68 -21.02 -26.98
C PHE C 1052 29.25 -20.19 -25.77
N PRO C 1053 28.95 -20.81 -24.65
CA PRO C 1053 28.52 -20.04 -23.48
C PRO C 1053 29.72 -19.50 -22.72
N GLN C 1054 29.59 -18.25 -22.27
CA GLN C 1054 30.55 -17.65 -21.36
C GLN C 1054 29.80 -17.11 -20.17
N SER C 1055 30.38 -17.25 -18.99
CA SER C 1055 29.74 -16.79 -17.77
C SER C 1055 30.11 -15.35 -17.50
N ALA C 1056 29.11 -14.53 -17.26
CA ALA C 1056 29.30 -13.14 -16.92
C ALA C 1056 28.75 -12.94 -15.51
N PRO C 1057 28.98 -11.80 -14.86
CA PRO C 1057 28.40 -11.60 -13.53
C PRO C 1057 26.88 -11.45 -13.63
N HIS C 1058 26.16 -12.31 -12.92
CA HIS C 1058 24.69 -12.32 -12.88
C HIS C 1058 24.07 -12.59 -14.24
N GLY C 1059 24.80 -13.18 -15.16
CA GLY C 1059 24.27 -13.39 -16.47
C GLY C 1059 25.07 -14.41 -17.23
N VAL C 1060 24.82 -14.46 -18.54
CA VAL C 1060 25.47 -15.40 -19.44
C VAL C 1060 25.68 -14.69 -20.76
N VAL C 1061 26.79 -15.03 -21.42
CA VAL C 1061 27.12 -14.46 -22.71
C VAL C 1061 27.27 -15.60 -23.71
N PHE C 1062 26.54 -15.50 -24.81
CA PHE C 1062 26.59 -16.50 -25.87
C PHE C 1062 27.37 -15.94 -27.04
N LEU C 1063 28.30 -16.72 -27.57
CA LEU C 1063 29.04 -16.37 -28.77
C LEU C 1063 28.45 -17.18 -29.91
N HIS C 1064 27.54 -16.57 -30.66
CA HIS C 1064 26.84 -17.25 -31.71
C HIS C 1064 27.67 -17.22 -32.99
N VAL C 1065 28.06 -18.40 -33.47
CA VAL C 1065 28.76 -18.51 -34.74
C VAL C 1065 27.74 -18.81 -35.83
N THR C 1066 27.65 -17.93 -36.81
CA THR C 1066 26.69 -18.10 -37.89
C THR C 1066 27.40 -18.08 -39.23
N TYR C 1067 26.70 -18.58 -40.25
CA TYR C 1067 27.15 -18.55 -41.63
C TYR C 1067 26.39 -17.45 -42.34
N VAL C 1068 27.10 -16.45 -42.83
CA VAL C 1068 26.48 -15.33 -43.53
C VAL C 1068 26.91 -15.39 -44.98
N PRO C 1069 25.99 -15.56 -45.92
CA PRO C 1069 26.37 -15.57 -47.34
C PRO C 1069 26.92 -14.22 -47.76
N ALA C 1070 27.84 -14.26 -48.72
CA ALA C 1070 28.50 -13.06 -49.18
C ALA C 1070 28.75 -13.14 -50.67
N GLN C 1071 28.96 -11.98 -51.28
CA GLN C 1071 29.37 -11.85 -52.68
C GLN C 1071 28.40 -12.57 -53.61
N GLU C 1072 27.16 -12.08 -53.62
CA GLU C 1072 26.16 -12.63 -54.50
C GLU C 1072 26.46 -12.25 -55.94
N LYS C 1073 25.83 -12.97 -56.86
CA LYS C 1073 25.97 -12.69 -58.28
C LYS C 1073 24.68 -13.07 -58.98
N ASN C 1074 24.29 -12.29 -59.97
CA ASN C 1074 23.05 -12.53 -60.66
C ASN C 1074 23.14 -13.63 -61.68
N PHE C 1075 22.11 -14.43 -61.80
CA PHE C 1075 22.03 -15.47 -62.80
C PHE C 1075 20.63 -15.47 -63.37
N THR C 1076 20.48 -16.11 -64.51
CA THR C 1076 19.16 -16.39 -65.07
C THR C 1076 18.76 -17.77 -64.61
N THR C 1077 17.49 -17.94 -64.28
CA THR C 1077 17.02 -19.18 -63.68
C THR C 1077 15.75 -19.63 -64.39
N ALA C 1078 15.24 -20.78 -63.97
CA ALA C 1078 14.07 -21.37 -64.59
C ALA C 1078 13.49 -22.40 -63.64
N PRO C 1079 12.19 -22.58 -63.64
CA PRO C 1079 11.58 -23.56 -62.73
C PRO C 1079 11.95 -24.98 -63.07
N ALA C 1080 11.73 -25.36 -64.32
CA ALA C 1080 11.96 -26.72 -64.78
C ALA C 1080 12.75 -26.65 -66.08
N ILE C 1081 12.92 -27.80 -66.72
CA ILE C 1081 13.65 -27.91 -67.99
C ILE C 1081 13.01 -28.99 -68.85
N CYS C 1082 12.70 -28.64 -70.09
CA CYS C 1082 12.23 -29.61 -71.08
C CYS C 1082 13.42 -30.31 -71.70
N HIS C 1083 13.43 -31.63 -71.69
CA HIS C 1083 14.43 -32.38 -72.45
C HIS C 1083 13.79 -33.21 -73.57
N ASP C 1084 12.87 -34.10 -73.25
CA ASP C 1084 12.23 -34.96 -74.24
C ASP C 1084 10.73 -34.87 -74.11
N GLY C 1085 10.21 -33.66 -74.05
CA GLY C 1085 8.81 -33.48 -73.73
C GLY C 1085 8.48 -33.84 -72.30
N LYS C 1086 9.44 -33.69 -71.40
CA LYS C 1086 9.21 -33.93 -69.98
C LYS C 1086 9.81 -32.78 -69.18
N ALA C 1087 9.15 -32.44 -68.08
CA ALA C 1087 9.65 -31.43 -67.18
C ALA C 1087 10.68 -32.07 -66.26
N HIS C 1088 11.81 -31.39 -66.08
CA HIS C 1088 12.87 -31.84 -65.20
C HIS C 1088 13.05 -30.82 -64.09
N PHE C 1089 12.79 -31.21 -62.87
CA PHE C 1089 12.98 -30.34 -61.74
C PHE C 1089 14.23 -30.77 -60.98
N PRO C 1090 14.95 -29.83 -60.38
CA PRO C 1090 16.20 -30.21 -59.69
C PRO C 1090 15.90 -30.94 -58.40
N ARG C 1091 16.69 -31.99 -58.15
CA ARG C 1091 16.52 -32.77 -56.93
C ARG C 1091 16.75 -31.90 -55.71
N GLU C 1092 17.92 -31.29 -55.62
CA GLU C 1092 18.20 -30.25 -54.63
C GLU C 1092 19.00 -29.16 -55.32
N GLY C 1093 18.52 -27.93 -55.24
CA GLY C 1093 19.18 -26.82 -55.87
C GLY C 1093 18.29 -26.14 -56.88
N VAL C 1094 18.90 -25.25 -57.66
CA VAL C 1094 18.18 -24.46 -58.65
C VAL C 1094 18.91 -24.53 -59.98
N PHE C 1095 18.15 -24.42 -61.05
CA PHE C 1095 18.74 -24.29 -62.38
C PHE C 1095 19.18 -22.85 -62.59
N VAL C 1096 20.45 -22.66 -62.90
CA VAL C 1096 20.98 -21.35 -63.24
C VAL C 1096 21.73 -21.47 -64.54
N SER C 1097 21.89 -20.34 -65.22
CA SER C 1097 22.65 -20.27 -66.44
C SER C 1097 23.52 -19.03 -66.43
N ASN C 1098 24.73 -19.19 -66.97
CA ASN C 1098 25.66 -18.07 -67.02
C ASN C 1098 25.50 -17.32 -68.32
N GLY C 1099 24.34 -17.45 -68.95
CA GLY C 1099 24.10 -16.74 -70.19
C GLY C 1099 23.94 -17.68 -71.37
N THR C 1100 24.75 -18.72 -71.41
CA THR C 1100 24.69 -19.67 -72.51
C THR C 1100 24.46 -21.10 -72.06
N HIS C 1101 25.08 -21.52 -70.96
CA HIS C 1101 25.02 -22.89 -70.50
C HIS C 1101 24.24 -22.98 -69.19
N TRP C 1102 23.46 -24.03 -69.05
CA TRP C 1102 22.61 -24.22 -67.89
C TRP C 1102 23.24 -25.20 -66.92
N PHE C 1103 23.16 -24.88 -65.63
CA PHE C 1103 23.67 -25.73 -64.58
C PHE C 1103 22.63 -25.85 -63.48
N VAL C 1104 22.93 -26.72 -62.52
CA VAL C 1104 22.16 -26.81 -61.29
C VAL C 1104 23.12 -26.55 -60.14
N THR C 1105 22.75 -25.62 -59.26
CA THR C 1105 23.61 -25.27 -58.15
C THR C 1105 22.80 -25.38 -56.86
N GLN C 1106 23.50 -25.61 -55.77
CA GLN C 1106 22.86 -25.51 -54.46
C GLN C 1106 22.49 -24.07 -54.19
N ARG C 1107 21.59 -23.87 -53.25
CA ARG C 1107 20.94 -22.58 -53.13
C ARG C 1107 21.77 -21.54 -52.39
N ASN C 1108 22.64 -21.97 -51.47
CA ASN C 1108 23.32 -21.04 -50.60
C ASN C 1108 24.80 -20.88 -50.92
N PHE C 1109 25.26 -21.45 -52.01
CA PHE C 1109 26.67 -21.35 -52.40
C PHE C 1109 26.74 -21.70 -53.88
N TYR C 1110 27.37 -20.84 -54.67
CA TYR C 1110 27.42 -21.07 -56.10
C TYR C 1110 28.35 -22.24 -56.37
N GLU C 1111 27.80 -23.30 -56.94
CA GLU C 1111 28.58 -24.48 -57.34
C GLU C 1111 27.90 -25.13 -58.53
N PRO C 1112 28.12 -24.60 -59.73
CA PRO C 1112 27.38 -25.09 -60.89
C PRO C 1112 27.80 -26.49 -61.27
N GLN C 1113 26.84 -27.29 -61.71
CA GLN C 1113 27.10 -28.65 -62.15
C GLN C 1113 26.26 -28.94 -63.39
N ILE C 1114 26.74 -29.89 -64.18
CA ILE C 1114 26.05 -30.23 -65.42
C ILE C 1114 24.74 -30.94 -65.09
N ILE C 1115 23.65 -30.52 -65.71
CA ILE C 1115 22.33 -31.08 -65.42
C ILE C 1115 22.29 -32.52 -65.91
N THR C 1116 21.79 -33.40 -65.06
CA THR C 1116 21.89 -34.83 -65.26
C THR C 1116 20.68 -35.49 -64.62
N THR C 1117 20.36 -36.72 -65.03
CA THR C 1117 19.29 -37.44 -64.38
C THR C 1117 19.62 -37.84 -62.94
N ASP C 1118 20.81 -37.53 -62.43
CA ASP C 1118 21.02 -37.63 -60.99
C ASP C 1118 20.67 -36.33 -60.28
N ASN C 1119 20.93 -35.18 -60.91
CA ASN C 1119 20.61 -33.90 -60.30
C ASN C 1119 19.11 -33.61 -60.33
N THR C 1120 18.35 -34.28 -61.18
CA THR C 1120 16.98 -33.89 -61.45
C THR C 1120 16.03 -35.06 -61.29
N PHE C 1121 14.74 -34.75 -61.32
CA PHE C 1121 13.70 -35.75 -61.43
C PHE C 1121 12.66 -35.26 -62.41
N VAL C 1122 11.93 -36.20 -62.99
CA VAL C 1122 10.98 -35.91 -64.06
C VAL C 1122 9.57 -35.90 -63.48
N SER C 1123 8.72 -35.03 -64.00
CA SER C 1123 7.32 -35.02 -63.58
C SER C 1123 6.47 -34.42 -64.71
N GLY C 1124 5.82 -35.28 -65.48
CA GLY C 1124 4.88 -34.82 -66.48
C GLY C 1124 5.56 -34.21 -67.69
N ASN C 1125 4.72 -33.76 -68.62
CA ASN C 1125 5.20 -33.18 -69.86
C ASN C 1125 5.37 -31.67 -69.68
N CYS C 1126 5.58 -30.97 -70.80
CA CYS C 1126 6.11 -29.61 -70.74
C CYS C 1126 5.02 -28.54 -70.67
N ASP C 1127 3.83 -28.82 -71.18
CA ASP C 1127 2.84 -27.77 -71.38
C ASP C 1127 2.36 -27.12 -70.08
N VAL C 1128 2.59 -27.75 -68.93
CA VAL C 1128 1.94 -27.27 -67.72
C VAL C 1128 2.79 -26.23 -67.00
N VAL C 1129 4.11 -26.40 -66.95
CA VAL C 1129 4.96 -25.50 -66.19
C VAL C 1129 5.14 -24.20 -66.97
N ILE C 1130 4.95 -23.08 -66.29
CA ILE C 1130 5.17 -21.77 -66.88
C ILE C 1130 6.55 -21.28 -66.48
N GLY C 1131 7.40 -21.02 -67.48
CA GLY C 1131 8.79 -20.71 -67.25
C GLY C 1131 9.73 -21.81 -67.63
N ILE C 1132 9.24 -22.96 -68.07
CA ILE C 1132 10.11 -24.06 -68.44
C ILE C 1132 11.03 -23.65 -69.59
N VAL C 1133 12.24 -24.21 -69.59
CA VAL C 1133 13.30 -23.80 -70.49
C VAL C 1133 13.84 -25.01 -71.23
N ASN C 1134 14.11 -24.84 -72.52
CA ASN C 1134 14.62 -25.93 -73.35
C ASN C 1134 16.12 -26.13 -73.26
N ASN C 1135 16.54 -27.25 -72.71
CA ASN C 1135 17.96 -27.57 -72.58
C ASN C 1135 18.10 -29.08 -72.61
N THR C 1136 19.34 -29.54 -72.66
CA THR C 1136 19.63 -30.96 -72.65
C THR C 1136 19.89 -31.44 -71.24
N VAL C 1137 19.47 -32.66 -70.96
CA VAL C 1137 19.69 -33.29 -69.66
C VAL C 1137 20.58 -34.51 -69.90
N TYR C 1138 21.83 -34.39 -69.50
CA TYR C 1138 22.82 -35.43 -69.74
C TYR C 1138 22.43 -36.71 -69.02
N ASP C 1139 22.93 -37.83 -69.54
CA ASP C 1139 22.71 -39.15 -68.96
C ASP C 1139 24.07 -39.79 -68.75
N PRO C 1140 24.43 -40.17 -67.51
CA PRO C 1140 25.76 -40.73 -67.29
C PRO C 1140 25.92 -42.12 -67.86
N LEU C 1141 24.83 -42.86 -68.04
CA LEU C 1141 24.94 -44.22 -68.55
C LEU C 1141 25.18 -44.25 -70.05
N GLN C 1142 24.53 -43.35 -70.78
CA GLN C 1142 24.49 -43.42 -72.24
C GLN C 1142 25.85 -43.61 -72.91
N PRO C 1143 26.89 -42.84 -72.60
CA PRO C 1143 28.17 -43.06 -73.29
C PRO C 1143 28.88 -44.34 -72.89
N GLU C 1144 28.60 -44.90 -71.71
CA GLU C 1144 29.38 -45.99 -71.16
C GLU C 1144 28.95 -47.36 -71.68
N LEU C 1145 27.68 -47.71 -71.50
CA LEU C 1145 27.24 -49.06 -71.83
C LEU C 1145 27.45 -49.40 -73.29
N ASP C 1146 27.51 -48.39 -74.16
CA ASP C 1146 27.78 -48.66 -75.58
C ASP C 1146 29.17 -49.26 -75.77
N SER C 1147 30.11 -48.92 -74.90
CA SER C 1147 31.46 -49.45 -74.98
C SER C 1147 31.49 -50.92 -74.56
C1 NAG D . -26.87 -31.96 -2.84
C2 NAG D . -25.52 -32.42 -3.37
C3 NAG D . -25.63 -33.82 -3.93
C4 NAG D . -26.23 -34.78 -2.92
C5 NAG D . -27.57 -34.22 -2.41
C6 NAG D . -28.17 -35.05 -1.28
C7 NAG D . -23.91 -31.06 -4.61
C8 NAG D . -23.59 -30.63 -6.01
N2 NAG D . -25.14 -31.51 -4.43
O3 NAG D . -24.33 -34.29 -4.31
O4 NAG D . -26.43 -36.06 -3.53
O5 NAG D . -27.40 -32.91 -1.93
O6 NAG D . -28.77 -34.16 -0.32
O7 NAG D . -23.10 -31.00 -3.70
C1 NAG D . -25.71 -37.08 -2.81
C2 NAG D . -26.38 -38.44 -2.99
C3 NAG D . -25.65 -39.48 -2.16
C4 NAG D . -24.18 -39.48 -2.54
C5 NAG D . -23.59 -38.08 -2.38
C6 NAG D . -22.13 -38.07 -2.81
C7 NAG D . -28.77 -38.42 -3.42
C8 NAG D . -30.12 -38.13 -2.86
N2 NAG D . -27.76 -38.37 -2.56
O3 NAG D . -26.20 -40.77 -2.43
O4 NAG D . -23.49 -40.39 -1.68
O5 NAG D . -24.32 -37.14 -3.15
O6 NAG D . -21.29 -38.50 -1.74
O7 NAG D . -28.59 -38.70 -4.60
C1 NAG E . -8.70 -29.56 -55.77
C2 NAG E . -9.30 -30.17 -57.01
C3 NAG E . -9.64 -29.09 -58.04
C4 NAG E . -10.57 -28.08 -57.41
C5 NAG E . -9.94 -27.53 -56.14
C6 NAG E . -10.88 -26.62 -55.37
C7 NAG E . -8.68 -32.43 -57.53
C8 NAG E . -7.51 -33.38 -57.59
N2 NAG E . -8.38 -31.14 -57.59
O3 NAG E . -10.26 -29.72 -59.17
O4 NAG E . -10.79 -27.01 -58.34
O5 NAG E . -9.61 -28.59 -55.26
O6 NAG E . -10.12 -25.75 -54.53
O7 NAG E . -9.83 -32.82 -57.43
C1 NAG E . -12.19 -26.95 -58.68
C2 NAG E . -12.60 -25.51 -58.99
C3 NAG E . -14.09 -25.47 -59.27
C4 NAG E . -14.40 -26.42 -60.41
C5 NAG E . -13.93 -27.82 -60.05
C6 NAG E . -14.18 -28.80 -61.18
C7 NAG E . -11.31 -23.73 -57.98
C8 NAG E . -11.17 -22.80 -56.82
N2 NAG E . -12.26 -24.64 -57.88
O3 NAG E . -14.48 -24.14 -59.63
O4 NAG E . -15.81 -26.44 -60.63
O5 NAG E . -12.52 -27.80 -59.77
O6 NAG E . -13.26 -29.90 -61.04
O7 NAG E . -10.60 -23.64 -58.97
C1 NAG F . -4.62 -49.41 -59.96
C2 NAG F . -5.83 -49.87 -60.76
C3 NAG F . -5.38 -50.55 -62.04
C4 NAG F . -4.46 -49.65 -62.83
C5 NAG F . -3.30 -49.19 -61.95
C6 NAG F . -2.40 -48.18 -62.65
C7 NAG F . -7.73 -50.52 -59.38
C8 NAG F . -8.59 -51.70 -59.02
N2 NAG F . -6.57 -50.82 -59.97
O3 NAG F . -6.54 -50.84 -62.83
O4 NAG F . -3.95 -50.42 -63.91
O5 NAG F . -3.77 -48.59 -60.75
O6 NAG F . -3.02 -46.90 -62.64
O7 NAG F . -8.05 -49.38 -59.14
C1 NAG F . -4.21 -49.79 -65.17
C2 NAG F . -3.58 -50.60 -66.29
C3 NAG F . -3.76 -49.86 -67.61
C4 NAG F . -5.25 -49.66 -67.81
C5 NAG F . -5.83 -48.88 -66.64
C6 NAG F . -7.34 -48.70 -66.82
C7 NAG F . -1.75 -52.05 -65.66
C8 NAG F . -0.30 -52.33 -65.93
N2 NAG F . -2.17 -50.83 -66.01
O3 NAG F . -3.22 -50.65 -68.67
O4 NAG F . -5.48 -48.94 -69.03
O5 NAG F . -5.60 -49.59 -65.42
O6 NAG F . -7.89 -49.92 -67.33
O7 NAG F . -2.50 -52.86 -65.16
C1 NAG G . 5.88 -64.24 -50.55
C2 NAG G . 4.92 -65.26 -49.97
C3 NAG G . 5.69 -66.26 -49.14
C4 NAG G . 6.76 -66.90 -50.02
C5 NAG G . 7.65 -65.82 -50.61
C6 NAG G . 8.71 -66.36 -51.55
C7 NAG G . 2.63 -64.64 -49.51
C8 NAG G . 1.66 -64.37 -48.40
N2 NAG G . 3.91 -64.60 -49.16
O3 NAG G . 4.79 -67.25 -48.63
O4 NAG G . 7.55 -67.79 -49.22
O5 NAG G . 6.86 -64.89 -51.33
O6 NAG G . 8.60 -65.69 -52.81
O7 NAG G . 2.27 -64.88 -50.65
C1 NAG G . 7.37 -69.15 -49.65
C2 NAG G . 8.60 -69.93 -49.24
C3 NAG G . 8.46 -71.39 -49.64
C4 NAG G . 7.18 -71.95 -49.02
C5 NAG G . 5.99 -71.09 -49.45
C6 NAG G . 4.72 -71.57 -48.76
C7 NAG G . 10.67 -68.67 -49.18
C8 NAG G . 12.02 -68.53 -49.82
N2 NAG G . 9.78 -69.37 -49.87
O3 NAG G . 9.58 -72.13 -49.15
O4 NAG G . 6.98 -73.29 -49.44
O5 NAG G . 6.20 -69.73 -49.09
O6 NAG G . 4.68 -71.06 -47.43
O7 NAG G . 10.42 -68.18 -48.09
C1 NAG H . -31.50 21.32 -20.68
C2 NAG H . -32.88 20.82 -21.10
C3 NAG H . -33.30 21.35 -22.46
C4 NAG H . -33.15 22.86 -22.50
C5 NAG H . -31.77 23.30 -22.05
C6 NAG H . -31.67 24.81 -21.95
C7 NAG H . -32.24 18.53 -21.87
C8 NAG H . -32.57 17.09 -21.68
N2 NAG H . -32.93 19.36 -21.08
O3 NAG H . -34.67 21.00 -22.67
O4 NAG H . -33.46 23.42 -23.79
O5 NAG H . -31.43 22.73 -20.78
O6 NAG H . -32.39 25.27 -20.80
O7 NAG H . -31.41 18.88 -22.70
C1 NAG H . -32.92 22.65 -24.89
C2 NAG H . -34.00 22.56 -25.97
C3 NAG H . -33.46 21.81 -27.18
C4 NAG H . -32.23 22.51 -27.69
C5 NAG H . -31.19 22.61 -26.56
C6 NAG H . -29.97 23.38 -27.03
C7 NAG H . -36.32 22.57 -25.25
C8 NAG H . -37.48 22.19 -26.10
N2 NAG H . -35.19 21.91 -25.47
O3 NAG H . -34.46 21.77 -28.21
O4 NAG H . -31.66 21.79 -28.78
O5 NAG H . -31.77 23.29 -25.44
O6 NAG H . -30.24 24.78 -26.95
O7 NAG H . -36.40 23.44 -24.39
C1 NAG I . -41.19 9.65 20.91
C2 NAG I . -40.28 9.20 22.03
C3 NAG I . -40.40 7.70 22.26
C4 NAG I . -41.85 7.30 22.47
C5 NAG I . -42.71 7.82 21.33
C6 NAG I . -44.19 7.58 21.56
C7 NAG I . -38.05 9.97 22.56
C8 NAG I . -36.72 10.40 22.03
N2 NAG I . -38.92 9.53 21.67
O3 NAG I . -39.65 7.34 23.42
O4 NAG I . -41.89 5.87 22.48
O5 NAG I . -42.53 9.22 21.14
O6 NAG I . -44.67 8.50 22.53
O7 NAG I . -38.32 10.01 23.74
C1 NAG I . -42.38 5.39 23.75
C2 NAG I . -43.05 4.04 23.58
C3 NAG I . -43.64 3.59 24.91
C4 NAG I . -42.52 3.57 25.94
C5 NAG I . -41.86 4.93 26.02
C6 NAG I . -40.69 4.87 26.99
C7 NAG I . -43.76 3.67 21.31
C8 NAG I . -44.81 3.90 20.26
N2 NAG I . -44.06 4.07 22.54
O3 NAG I . -44.20 2.29 24.77
O4 NAG I . -43.06 3.24 27.22
O5 NAG I . -41.36 5.31 24.75
O6 NAG I . -39.81 5.98 26.72
O7 NAG I . -42.68 3.16 21.05
C1 NAG J . -56.15 31.34 7.27
C2 NAG J . -57.29 32.32 7.57
C3 NAG J . -56.75 33.71 7.82
C4 NAG J . -55.70 33.68 8.91
C5 NAG J . -54.63 32.66 8.58
C6 NAG J . -53.62 32.50 9.71
C7 NAG J . -59.33 31.62 6.45
C8 NAG J . -60.07 31.58 5.15
N2 NAG J . -58.23 32.35 6.46
O3 NAG J . -57.82 34.57 8.20
O4 NAG J . -55.11 35.00 8.95
O5 NAG J . -55.20 31.38 8.33
O6 NAG J . -54.31 32.18 10.91
O7 NAG J . -59.72 31.01 7.43
C1 NAG J . -55.14 35.56 10.28
C2 NAG J . -54.08 36.64 10.38
C3 NAG J . -54.03 37.16 11.79
C4 NAG J . -55.41 37.66 12.17
C5 NAG J . -56.42 36.54 12.01
C6 NAG J . -57.83 37.05 12.33
C7 NAG J . -52.17 36.48 8.88
C8 NAG J . -50.77 36.99 9.05
N2 NAG J . -52.78 36.10 10.00
O3 NAG J . -53.09 38.24 11.87
O4 NAG J . -55.41 38.11 13.53
O5 NAG J . -56.41 36.06 10.67
O6 NAG J . -58.11 38.17 11.49
O7 NAG J . -52.71 36.43 7.79
C1 NAG K . -73.36 34.46 -2.05
C2 NAG K . -74.28 33.63 -1.15
C3 NAG K . -74.40 34.16 0.27
C4 NAG K . -73.12 34.78 0.82
C5 NAG K . -72.46 35.65 -0.24
C6 NAG K . -71.14 36.26 0.23
C7 NAG K . -76.46 32.60 -1.59
C8 NAG K . -77.86 32.90 -2.00
N2 NAG K . -75.59 33.60 -1.77
O3 NAG K . -74.80 33.09 1.13
O4 NAG K . -73.45 35.59 1.95
O5 NAG K . -72.18 34.82 -1.35
O6 NAG K . -70.13 35.92 -0.73
O7 NAG K . -76.13 31.52 -1.12
C1 NAG K . -72.87 35.02 3.14
C2 NAG K . -72.74 36.10 4.19
C3 NAG K . -72.18 35.54 5.49
C4 NAG K . -72.92 34.27 5.90
C5 NAG K . -73.04 33.30 4.73
C6 NAG K . -73.87 32.09 5.11
C7 NAG K . -72.34 38.31 3.24
C8 NAG K . -71.38 39.45 3.24
N2 NAG K . -71.87 37.16 3.71
O3 NAG K . -72.29 36.52 6.52
O4 NAG K . -72.22 33.64 6.98
O5 NAG K . -73.67 33.95 3.64
O6 NAG K . -74.95 31.96 4.17
O7 NAG K . -73.49 38.43 2.83
C1 NAG L . -5.32 -7.53 -57.28
C2 NAG L . -5.50 -7.38 -58.77
C3 NAG L . -6.17 -6.04 -59.05
C4 NAG L . -7.49 -5.96 -58.31
C5 NAG L . -7.24 -6.17 -56.82
C6 NAG L . -8.53 -6.20 -56.00
C7 NAG L . -3.96 -8.15 -60.47
C8 NAG L . -2.58 -8.05 -61.04
N2 NAG L . -4.21 -7.39 -59.41
O3 NAG L . -6.41 -5.91 -60.46
O4 NAG L . -8.07 -4.68 -58.53
O5 NAG L . -6.58 -7.40 -56.63
O6 NAG L . -8.30 -6.95 -54.80
O7 NAG L . -4.81 -8.89 -60.95
C1 NAG L . -9.34 -4.84 -59.20
C2 NAG L . -10.25 -3.66 -58.84
C3 NAG L . -11.59 -3.84 -59.53
C4 NAG L . -11.37 -3.97 -61.02
C5 NAG L . -10.42 -5.13 -61.32
C6 NAG L . -10.13 -5.21 -62.81
C7 NAG L . -9.72 -2.74 -56.66
C8 NAG L . -10.20 -2.56 -55.26
N2 NAG L . -10.43 -3.59 -57.41
O3 NAG L . -12.41 -2.70 -59.25
O4 NAG L . -12.62 -4.20 -61.69
O5 NAG L . -9.19 -4.93 -60.62
O6 NAG L . -8.84 -4.63 -63.07
O7 NAG L . -8.73 -2.17 -57.08
C1 NAG M . -3.32 -57.04 -39.12
C2 NAG M . -2.24 -58.10 -39.28
C3 NAG M . -2.86 -59.38 -39.79
C4 NAG M . -3.97 -59.83 -38.85
C5 NAG M . -4.98 -58.70 -38.70
C6 NAG M . -6.08 -59.02 -37.70
C7 NAG M . -0.09 -57.09 -39.76
C8 NAG M . 0.40 -55.91 -40.55
N2 NAG M . -1.22 -57.64 -40.20
O3 NAG M . -1.83 -60.36 -39.89
O4 NAG M . -4.64 -60.99 -39.37
O5 NAG M . -4.34 -57.51 -38.25
O6 NAG M . -6.44 -57.83 -36.99
O7 NAG M . 0.49 -57.50 -38.77
C1 NAG M . -4.23 -62.18 -38.67
C2 NAG M . -5.42 -63.13 -38.55
C3 NAG M . -5.02 -64.41 -37.84
C4 NAG M . -3.83 -65.03 -38.57
C5 NAG M . -2.69 -64.02 -38.69
C6 NAG M . -1.54 -64.62 -39.50
C7 NAG M . -7.67 -62.25 -38.32
C8 NAG M . -8.81 -62.16 -37.34
N2 NAG M . -6.48 -62.49 -37.79
O3 NAG M . -6.10 -65.32 -37.85
O4 NAG M . -3.39 -66.18 -37.84
O5 NAG M . -3.14 -62.84 -39.33
O6 NAG M . -0.70 -65.40 -38.65
O7 NAG M . -7.83 -62.11 -39.53
C1 NAG N . -46.78 25.67 28.89
C2 NAG N . -46.08 26.95 29.35
C3 NAG N . -46.15 27.06 30.86
C4 NAG N . -47.61 27.02 31.29
C5 NAG N . -48.25 25.74 30.76
C6 NAG N . -49.74 25.68 31.09
C7 NAG N . -43.81 26.16 28.68
C8 NAG N . -42.99 26.33 27.43
N2 NAG N . -44.71 27.12 28.87
O3 NAG N . -45.54 28.28 31.26
O4 NAG N . -47.68 27.06 32.72
O5 NAG N . -48.13 25.68 29.35
O6 NAG N . -50.39 26.83 30.56
O7 NAG N . -43.63 25.23 29.44
C1 NAG N . -48.29 28.28 33.18
C2 NAG N . -48.24 28.33 34.70
C3 NAG N . -48.85 29.61 35.21
C4 NAG N . -48.17 30.80 34.57
C5 NAG N . -48.22 30.67 33.05
C6 NAG N . -47.43 31.80 32.41
C7 NAG N . -50.03 26.62 34.87
C8 NAG N . -49.99 25.11 34.84
N2 NAG N . -48.90 27.18 35.32
O3 NAG N . -48.70 29.69 36.64
O4 NAG N . -48.82 32.01 34.96
O5 NAG N . -47.66 29.43 32.63
O6 NAG N . -46.18 31.94 33.09
O7 NAG N . -51.03 27.23 34.54
C1 NAG O . -11.86 -45.01 -44.91
C2 NAG O . -12.95 -44.03 -45.27
C3 NAG O . -13.91 -43.84 -44.11
C4 NAG O . -14.44 -45.16 -43.60
C5 NAG O . -13.28 -46.12 -43.30
C6 NAG O . -13.73 -47.54 -43.00
C7 NAG O . -12.32 -42.30 -46.87
C8 NAG O . -11.85 -40.88 -47.03
N2 NAG O . -12.37 -42.75 -45.62
O3 NAG O . -15.01 -43.03 -44.54
O4 NAG O . -15.09 -44.87 -42.36
O5 NAG O . -12.41 -46.22 -44.42
O6 NAG O . -14.53 -48.03 -44.07
O7 NAG O . -12.65 -42.99 -47.83
C1 NAG O . -16.42 -45.39 -42.31
C2 NAG O . -16.85 -45.43 -40.85
C3 NAG O . -18.25 -46.02 -40.72
C4 NAG O . -19.18 -45.17 -41.57
C5 NAG O . -18.67 -45.14 -43.00
C6 NAG O . -19.59 -44.30 -43.90
C7 NAG O . -15.68 -47.43 -39.86
C8 NAG O . -15.04 -47.80 -38.56
N2 NAG O . -15.83 -46.10 -40.03
O3 NAG O . -18.66 -45.98 -39.35
O4 NAG O . -20.50 -45.72 -41.53
O5 NAG O . -17.35 -44.61 -43.06
O6 NAG O . -19.50 -44.79 -45.24
O7 NAG O . -16.01 -48.28 -40.67
C1 NAG P . -66.03 12.20 18.76
C2 NAG P . -66.39 12.98 20.01
C3 NAG P . -65.34 12.74 21.09
C4 NAG P . -65.20 11.25 21.34
C5 NAG P . -64.90 10.52 20.04
C6 NAG P . -64.84 9.01 20.20
C7 NAG P . -67.62 15.03 19.67
C8 NAG P . -67.59 16.43 20.20
N2 NAG P . -66.45 14.39 19.70
O3 NAG P . -65.75 13.40 22.29
O4 NAG P . -64.13 11.06 22.26
O5 NAG P . -65.89 10.81 19.05
O6 NAG P . -64.89 8.37 18.92
O7 NAG P . -68.63 14.53 19.25
C1 NAG P . -64.61 10.38 23.43
C2 NAG P . -63.49 9.56 24.07
C3 NAG P . -64.07 8.75 25.23
C4 NAG P . -64.72 9.72 26.20
C5 NAG P . -65.80 10.53 25.48
C6 NAG P . -66.45 11.54 26.41
C7 NAG P . -61.62 8.89 22.69
C8 NAG P . -61.22 8.16 21.44
N2 NAG P . -62.87 8.68 23.11
O3 NAG P . -63.02 8.03 25.88
O4 NAG P . -65.32 8.99 27.27
O5 NAG P . -65.21 11.23 24.39
O6 NAG P . -66.46 12.82 25.76
O7 NAG P . -60.86 9.64 23.28
C1 NAG Q . 38.80 -13.84 7.29
C2 NAG Q . 38.59 -13.72 5.79
C3 NAG Q . 39.80 -14.29 5.06
C4 NAG Q . 41.09 -13.62 5.54
C5 NAG Q . 41.19 -13.74 7.06
C6 NAG Q . 42.38 -12.98 7.64
C7 NAG Q . 36.55 -14.14 4.52
C8 NAG Q . 35.78 -15.25 3.89
N2 NAG Q . 37.43 -14.50 5.44
O3 NAG Q . 39.66 -14.09 3.65
O4 NAG Q . 42.21 -14.25 4.91
O5 NAG Q . 40.02 -13.23 7.67
O6 NAG Q . 42.02 -12.40 8.88
O7 NAG Q . 36.39 -12.96 4.21
C1 NAG Q . 42.95 -13.27 4.15
C2 NAG Q . 44.41 -13.69 4.04
C3 NAG Q . 45.19 -12.63 3.29
C4 NAG Q . 44.54 -12.35 1.95
C5 NAG Q . 43.08 -11.98 2.14
C6 NAG Q . 42.39 -11.79 0.79
C7 NAG Q . 45.24 -15.03 5.89
C8 NAG Q . 46.16 -15.01 7.07
N2 NAG Q . 44.98 -13.84 5.36
O3 NAG Q . 46.54 -13.09 3.08
O4 NAG Q . 45.24 -11.27 1.32
O5 NAG Q . 42.39 -13.00 2.87
O6 NAG Q . 42.63 -10.47 0.31
O7 NAG Q . 44.76 -16.06 5.45
C1 NAG R . 20.40 -53.75 -27.50
C2 NAG R . 20.99 -55.12 -27.75
C3 NAG R . 19.98 -56.21 -27.43
C4 NAG R . 19.51 -56.05 -25.99
C5 NAG R . 18.97 -54.64 -25.79
C6 NAG R . 18.62 -54.35 -24.35
C7 NAG R . 22.73 -55.25 -29.41
C8 NAG R . 23.11 -54.82 -30.79
N2 NAG R . 21.43 -55.24 -29.13
O3 NAG R . 20.61 -57.49 -27.62
O4 NAG R . 18.47 -57.01 -25.73
O5 NAG R . 19.95 -53.68 -26.15
O6 NAG R . 17.64 -53.32 -24.31
O7 NAG R . 23.56 -55.57 -28.58
C1 NAG R . 18.93 -57.92 -24.72
C2 NAG R . 17.76 -58.42 -23.87
C3 NAG R . 18.29 -59.32 -22.77
C4 NAG R . 19.07 -60.46 -23.41
C5 NAG R . 20.18 -59.89 -24.27
C6 NAG R . 20.98 -60.99 -24.97
C7 NAG R . 15.82 -56.99 -23.72
C8 NAG R . 15.12 -55.91 -22.94
N2 NAG R . 17.03 -57.31 -23.29
O3 NAG R . 17.21 -59.85 -22.01
O4 NAG R . 19.63 -61.29 -22.39
O5 NAG R . 19.63 -59.03 -25.27
O6 NAG R . 21.66 -60.41 -26.09
O7 NAG R . 15.31 -57.54 -24.67
C1 NAG S . 36.07 -55.56 -40.83
C2 NAG S . 36.85 -56.77 -40.34
C3 NAG S . 37.08 -57.75 -41.47
C4 NAG S . 35.76 -58.13 -42.10
C5 NAG S . 35.02 -56.87 -42.54
C6 NAG S . 33.64 -57.18 -43.11
C7 NAG S . 38.41 -56.34 -38.52
C8 NAG S . 39.87 -56.43 -38.19
N2 NAG S . 38.13 -56.34 -39.82
O3 NAG S . 37.73 -58.92 -40.96
O4 NAG S . 36.03 -58.95 -43.24
O5 NAG S . 34.84 -55.98 -41.43
O6 NAG S . 32.69 -57.22 -42.06
O7 NAG S . 37.54 -56.27 -37.67
C1 NAG S . 35.44 -60.25 -43.08
C2 NAG S . 35.46 -60.97 -44.42
C3 NAG S . 34.79 -62.32 -44.28
C4 NAG S . 35.51 -63.10 -43.19
C5 NAG S . 35.49 -62.31 -41.89
C6 NAG S . 36.23 -63.05 -40.79
C7 NAG S . 35.49 -59.59 -46.41
C8 NAG S . 34.73 -59.32 -47.66
N2 NAG S . 34.80 -60.17 -45.43
O3 NAG S . 34.88 -63.03 -45.52
O4 NAG S . 34.87 -64.37 -43.00
O5 NAG S . 36.09 -61.04 -42.08
O6 NAG S . 37.55 -62.50 -40.69
O7 NAG S . 36.67 -59.28 -46.28
C1 NAG T . 47.01 -42.41 -52.16
C2 NAG T . 48.36 -42.12 -51.53
C3 NAG T . 49.10 -41.08 -52.34
C4 NAG T . 49.24 -41.57 -53.77
C5 NAG T . 47.85 -41.88 -54.33
C6 NAG T . 47.88 -42.43 -55.74
C7 NAG T . 48.55 -42.31 -49.12
C8 NAG T . 48.60 -41.54 -47.84
N2 NAG T . 48.15 -41.62 -50.18
O3 NAG T . 50.38 -40.87 -51.75
O4 NAG T . 49.83 -40.53 -54.54
O5 NAG T . 47.19 -42.84 -53.51
O6 NAG T . 46.77 -43.33 -55.92
O7 NAG T . 48.87 -43.48 -49.19
C1 NAG T . 51.11 -40.96 -55.06
C2 NAG T . 51.43 -40.08 -56.27
C3 NAG T . 52.79 -40.44 -56.83
C4 NAG T . 53.83 -40.33 -55.73
C5 NAG T . 53.43 -41.21 -54.54
C6 NAG T . 54.42 -41.04 -53.39
C7 NAG T . 49.48 -39.33 -57.52
C8 NAG T . 48.83 -39.42 -58.86
N2 NAG T . 50.41 -40.26 -57.28
O3 NAG T . 53.12 -39.55 -57.89
O4 NAG T . 55.11 -40.76 -56.22
O5 NAG T . 52.13 -40.84 -54.08
O6 NAG T . 54.00 -39.94 -52.58
O7 NAG T . 49.19 -38.48 -56.70
C1 NAG U . -10.83 -32.49 26.45
C2 NAG U . -10.00 -33.51 27.22
C3 NAG U . -10.64 -34.89 27.22
C4 NAG U . -12.08 -34.79 27.70
C5 NAG U . -12.85 -33.74 26.92
C6 NAG U . -14.25 -33.55 27.49
C7 NAG U . -8.28 -33.90 25.44
C8 NAG U . -6.84 -33.67 25.13
N2 NAG U . -8.64 -33.58 26.69
O3 NAG U . -9.89 -35.75 28.09
O4 NAG U . -12.76 -36.05 27.68
O5 NAG U . -12.17 -32.48 26.95
O6 NAG U . -14.16 -33.12 28.86
O7 NAG U . -9.04 -34.35 24.60
C1 NAG U . -12.57 -36.80 26.46
C2 NAG U . -12.44 -38.27 26.86
C3 NAG U . -12.37 -39.16 25.62
C4 NAG U . -13.60 -38.90 24.75
C5 NAG U . -13.69 -37.42 24.41
C6 NAG U . -14.96 -37.15 23.63
C7 NAG U . -11.34 -38.78 28.97
C8 NAG U . -10.68 -40.08 29.36
N2 NAG U . -11.26 -38.46 27.67
O3 NAG U . -12.37 -40.53 26.03
O4 NAG U . -13.51 -39.66 23.55
O5 NAG U . -13.72 -36.65 25.60
O6 NAG U . -16.10 -37.46 24.45
O7 NAG U . -11.88 -38.06 29.78
C1 NAG V . 10.78 0.90 46.01
C2 NAG V . 11.02 2.31 45.50
C3 NAG V . 12.45 2.48 45.04
C4 NAG V . 13.42 2.07 46.14
C5 NAG V . 13.10 0.66 46.62
C6 NAG V . 13.96 0.25 47.81
C7 NAG V . 9.57 3.75 44.19
C8 NAG V . 8.61 3.85 43.04
N2 NAG V . 10.11 2.56 44.40
O3 NAG V . 12.69 3.85 44.71
O4 NAG V . 14.74 2.09 45.59
O5 NAG V . 11.74 0.57 47.01
O6 NAG V . 13.49 0.90 48.98
O7 NAG V . 9.84 4.70 44.88
C1 NAG V . 15.54 3.09 46.25
C2 NAG V . 17.02 2.75 46.15
C3 NAG V . 17.83 3.78 46.90
C4 NAG V . 17.50 5.15 46.34
C5 NAG V . 16.01 5.42 46.43
C6 NAG V . 15.65 6.75 45.79
C7 NAG V . 17.33 0.38 45.80
C8 NAG V . 17.45 -0.98 46.43
N2 NAG V . 17.27 1.41 46.65
O3 NAG V . 19.22 3.51 46.75
O4 NAG V . 18.18 6.16 47.11
O5 NAG V . 15.29 4.40 45.74
O6 NAG V . 14.24 6.78 45.57
O7 NAG V . 17.29 0.53 44.60
C1 NAG W . -5.50 -18.02 61.92
C2 NAG W . -5.89 -18.26 63.37
C3 NAG W . -7.32 -17.82 63.60
C4 NAG W . -7.52 -16.38 63.18
C5 NAG W . -7.06 -16.20 61.73
C6 NAG W . -7.11 -14.75 61.29
C7 NAG W . -4.66 -20.14 64.30
C8 NAG W . -4.57 -21.63 64.39
N2 NAG W . -5.75 -19.67 63.70
O3 NAG W . -7.63 -17.95 65.00
O4 NAG W . -8.92 -16.12 63.27
O5 NAG W . -5.72 -16.66 61.56
O6 NAG W . -6.32 -13.95 62.19
O7 NAG W . -3.79 -19.42 64.74
C1 NAG W . -9.19 -14.93 64.03
C2 NAG W . -10.56 -14.39 63.66
C3 NAG W . -10.80 -13.09 64.39
C4 NAG W . -10.63 -13.32 65.87
C5 NAG W . -9.25 -13.90 66.17
C6 NAG W . -9.09 -14.18 67.65
C7 NAG W . -11.44 -14.93 61.47
C8 NAG W . -12.38 -14.17 60.58
N2 NAG W . -10.65 -14.18 62.23
O3 NAG W . -12.12 -12.62 64.11
O4 NAG W . -10.79 -12.08 66.59
O5 NAG W . -9.07 -15.11 65.44
O6 NAG W . -10.17 -15.03 68.07
O7 NAG W . -11.39 -16.15 61.46
C1 NAG X . -3.34 -33.94 73.55
C2 NAG X . -2.30 -33.34 74.48
C3 NAG X . -2.98 -32.36 75.42
C4 NAG X . -3.67 -31.28 74.60
C5 NAG X . -4.65 -31.96 73.66
C6 NAG X . -5.42 -30.97 72.79
C7 NAG X . -0.42 -34.42 75.60
C8 NAG X . 0.02 -35.59 76.41
N2 NAG X . -1.69 -34.42 75.25
O3 NAG X . -2.00 -31.78 76.30
O4 NAG X . -4.40 -30.40 75.43
O5 NAG X . -3.98 -32.89 72.83
O6 NAG X . -5.86 -31.66 71.62
O7 NAG X . 0.35 -33.52 75.29
C1 NAG X . -3.78 -29.10 75.58
C2 NAG X . -4.20 -28.62 76.95
C3 NAG X . -3.50 -27.31 77.31
C4 NAG X . -2.00 -27.46 77.14
C5 NAG X . -1.66 -27.98 75.76
C6 NAG X . -0.16 -28.27 75.67
C7 NAG X . -6.48 -29.39 77.29
C8 NAG X . -7.85 -29.28 76.67
N2 NAG X . -5.64 -28.41 76.98
O3 NAG X . -3.80 -26.97 78.66
O4 NAG X . -1.37 -26.19 77.36
O5 NAG X . -2.35 -29.19 75.48
O6 NAG X . 0.08 -29.64 76.00
O7 NAG X . -6.17 -30.31 78.02
C1 NAG Y . -1.05 -53.84 -21.40
C2 NAG Y . -1.41 -55.27 -21.77
C3 NAG Y . -2.38 -55.82 -20.74
C4 NAG Y . -1.77 -55.73 -19.35
C5 NAG Y . -1.39 -54.29 -19.07
C6 NAG Y . -0.69 -54.12 -17.73
C7 NAG Y . -1.68 -56.15 -24.01
C8 NAG Y . -2.48 -56.10 -25.28
N2 NAG Y . -2.05 -55.30 -23.07
O3 NAG Y . -2.67 -57.19 -21.05
O4 NAG Y . -2.71 -56.20 -18.39
O5 NAG Y . -0.51 -53.81 -20.09
O6 NAG Y . -0.02 -52.86 -17.69
O7 NAG Y . -0.75 -56.93 -23.86
C1 NAG Y . -2.17 -57.38 -17.74
C2 NAG Y . -2.75 -57.48 -16.34
C3 NAG Y . -2.19 -58.70 -15.64
C4 NAG Y . -2.49 -59.93 -16.49
C5 NAG Y . -1.93 -59.75 -17.89
C6 NAG Y . -2.29 -60.93 -18.78
C7 NAG Y . -3.33 -55.32 -15.38
C8 NAG Y . -3.06 -54.41 -14.23
N2 NAG Y . -2.44 -56.29 -15.57
O3 NAG Y . -2.79 -58.84 -14.36
O4 NAG Y . -1.92 -61.09 -15.90
O5 NAG Y . -2.47 -58.57 -18.48
O6 NAG Y . -3.28 -60.53 -19.73
O7 NAG Y . -4.30 -55.17 -16.11
C1 NAG Z . 46.16 -36.19 -36.76
C2 NAG Z . 46.71 -35.93 -38.15
C3 NAG Z . 48.01 -36.70 -38.33
C4 NAG Z . 49.00 -36.30 -37.23
C5 NAG Z . 48.34 -36.53 -35.87
C6 NAG Z . 49.23 -36.09 -34.72
C7 NAG Z . 45.07 -35.44 -39.85
C8 NAG Z . 43.60 -35.72 -40.00
N2 NAG Z . 45.76 -36.34 -39.17
O3 NAG Z . 48.53 -36.42 -39.63
O4 NAG Z . 50.19 -37.07 -37.32
O5 NAG Z . 47.12 -35.81 -35.78
O6 NAG Z . 48.41 -35.47 -33.71
O7 NAG Z . 45.61 -34.46 -40.34
C1 NAG Z . 51.26 -36.26 -37.86
C2 NAG Z . 52.59 -36.66 -37.24
C3 NAG Z . 53.71 -35.81 -37.80
C4 NAG Z . 53.71 -35.90 -39.32
C5 NAG Z . 52.34 -35.54 -39.88
C6 NAG Z . 52.31 -35.70 -41.39
C7 NAG Z . 52.63 -37.52 -34.98
C8 NAG Z . 53.03 -37.18 -33.57
N2 NAG Z . 52.53 -36.49 -35.81
O3 NAG Z . 54.96 -36.28 -37.31
O4 NAG Z . 54.70 -35.02 -39.85
O5 NAG Z . 51.32 -36.35 -39.29
O6 NAG Z . 52.78 -34.50 -42.01
O7 NAG Z . 52.39 -38.67 -35.33
C1 NAG AA . -0.23 5.59 60.42
C2 NAG AA . -1.57 6.31 60.56
C3 NAG AA . -1.36 7.65 61.25
C4 NAG AA . -0.70 7.40 62.61
C5 NAG AA . 0.60 6.63 62.39
C6 NAG AA . 1.28 6.28 63.71
C7 NAG AA . -1.80 6.69 58.10
C8 NAG AA . -2.48 5.91 57.02
N2 NAG AA . -2.31 6.49 59.32
O3 NAG AA . -2.63 8.28 61.42
O4 NAG AA . -0.43 8.66 63.23
O5 NAG AA . 0.35 5.41 61.71
O6 NAG AA . 0.38 5.49 64.51
O7 NAG AA . -0.86 7.44 57.87
C1 NAG AA . -1.23 8.79 64.44
C2 NAG AA . -0.96 10.16 65.07
C3 NAG AA . -1.78 10.32 66.34
C4 NAG AA . -3.25 10.10 66.01
C5 NAG AA . -3.44 8.74 65.35
C6 NAG AA . -4.89 8.57 64.93
C7 NAG AA . 1.30 9.47 65.85
C8 NAG AA . 2.64 9.45 65.20
N2 NAG AA . 0.46 10.37 65.36
O3 NAG AA . -1.59 11.63 66.87
O4 NAG AA . -4.02 10.15 67.23
O5 NAG AA . -2.62 8.64 64.20
O6 NAG AA . -5.30 9.72 64.18
O7 NAG AA . 1.02 8.70 66.77
C1 NAG BA . 37.48 -45.18 -27.12
C2 NAG BA . 36.94 -46.01 -25.98
C3 NAG BA . 37.33 -45.39 -24.64
C4 NAG BA . 38.82 -45.14 -24.55
C5 NAG BA . 39.29 -44.34 -25.76
C6 NAG BA . 40.81 -44.24 -25.87
C7 NAG BA . 34.85 -47.21 -26.37
C8 NAG BA . 33.37 -47.16 -26.20
N2 NAG BA . 35.50 -46.09 -26.06
O3 NAG BA . 36.94 -46.29 -23.58
O4 NAG BA . 39.02 -44.33 -23.40
O5 NAG BA . 38.87 -44.94 -26.98
O6 NAG BA . 41.39 -45.54 -25.83
O7 NAG BA . 35.42 -48.22 -26.75
C1 NAG BA . 39.98 -44.89 -22.49
C2 NAG BA . 40.46 -43.77 -21.57
C3 NAG BA . 41.52 -44.29 -20.61
C4 NAG BA . 40.92 -45.45 -19.84
C5 NAG BA . 40.43 -46.52 -20.82
C6 NAG BA . 39.82 -47.70 -20.09
C7 NAG BA . 42.06 -42.42 -22.96
C8 NAG BA . 42.40 -40.98 -23.18
N2 NAG BA . 40.88 -42.61 -22.35
O3 NAG BA . 41.91 -43.26 -19.71
O4 NAG BA . 41.90 -46.01 -18.96
O5 NAG BA . 39.46 -45.97 -21.72
O6 NAG BA . 40.11 -48.90 -20.82
O7 NAG BA . 42.80 -43.31 -23.33
C1 NAG CA . 17.66 -11.73 66.37
C2 NAG CA . 17.37 -10.77 67.51
C3 NAG CA . 17.39 -9.33 67.02
C4 NAG CA . 18.71 -9.05 66.33
C5 NAG CA . 18.95 -10.07 65.23
C6 NAG CA . 20.31 -9.88 64.55
C7 NAG CA . 15.99 -11.64 69.29
C8 NAG CA . 14.74 -11.30 70.05
N2 NAG CA . 16.09 -11.07 68.09
O3 NAG CA . 17.24 -8.47 68.14
O4 NAG CA . 18.64 -7.73 65.76
O5 NAG CA . 18.89 -11.40 65.74
O6 NAG CA . 20.79 -11.14 64.06
O7 NAG CA . 16.83 -12.38 69.73
C1 NAG CA . 19.67 -6.90 66.33
C2 NAG CA . 20.03 -5.78 65.35
C3 NAG CA . 21.19 -4.99 65.93
C4 NAG CA . 20.78 -4.47 67.31
C5 NAG CA . 20.39 -5.63 68.20
C6 NAG CA . 19.93 -5.15 69.56
C7 NAG CA . 19.57 -6.17 63.01
C8 NAG CA . 19.99 -6.91 61.77
N2 NAG CA . 20.38 -6.31 64.06
O3 NAG CA . 21.50 -3.89 65.07
O4 NAG CA . 21.88 -3.76 67.89
O5 NAG CA . 19.33 -6.37 67.59
O6 NAG CA . 18.56 -5.53 69.75
O7 NAG CA . 18.56 -5.49 63.06
C1 NAG DA . -1.13 23.43 -34.58
C2 NAG DA . -1.44 21.99 -34.96
C3 NAG DA . -1.52 21.87 -36.47
C4 NAG DA . -2.52 22.87 -37.05
C5 NAG DA . -2.17 24.28 -36.60
C6 NAG DA . -3.19 25.32 -37.02
C7 NAG DA . -0.53 19.97 -33.96
C8 NAG DA . 0.67 19.07 -34.06
N2 NAG DA . -0.35 21.18 -34.49
O3 NAG DA . -1.92 20.53 -36.82
O4 NAG DA . -2.51 22.78 -38.49
O5 NAG DA . -2.08 24.31 -35.18
O6 NAG DA . -3.60 26.08 -35.88
O7 NAG DA . -1.57 19.62 -33.44
C1 NAG DA . -3.82 22.44 -38.97
C2 NAG DA . -4.02 22.99 -40.38
C3 NAG DA . -5.42 22.68 -40.86
C4 NAG DA . -5.67 21.18 -40.77
C5 NAG DA . -5.42 20.70 -39.35
C6 NAG DA . -5.59 19.19 -39.25
C7 NAG DA . -2.77 24.98 -40.98
C8 NAG DA . -2.70 26.47 -40.89
N2 NAG DA . -3.81 24.42 -40.39
O3 NAG DA . -5.56 23.09 -42.23
O4 NAG DA . -7.03 20.93 -41.13
O5 NAG DA . -4.10 21.03 -38.93
O6 NAG DA . -6.99 18.87 -39.10
O7 NAG DA . -1.93 24.32 -41.58
C1 NAG EA . 36.07 -15.45 -50.23
C2 NAG EA . 37.03 -15.35 -51.40
C3 NAG EA . 38.46 -15.51 -50.93
C4 NAG EA . 38.76 -14.46 -49.87
C5 NAG EA . 37.74 -14.59 -48.75
C6 NAG EA . 37.89 -13.52 -47.68
C7 NAG EA . 36.21 -16.00 -53.56
C8 NAG EA . 35.32 -17.01 -54.23
N2 NAG EA . 36.72 -16.36 -52.39
O3 NAG EA . 39.34 -15.36 -52.04
O4 NAG EA . 40.09 -14.66 -49.36
O5 NAG EA . 36.42 -14.47 -49.26
O6 NAG EA . 36.60 -13.24 -47.13
O7 NAG EA . 36.44 -14.91 -54.05
C1 NAG EA . 40.91 -13.52 -49.66
C2 NAG EA . 41.93 -13.27 -48.56
C3 NAG EA . 42.73 -12.02 -48.88
C4 NAG EA . 43.37 -12.18 -50.24
C5 NAG EA . 42.29 -12.47 -51.28
C6 NAG EA . 42.90 -12.70 -52.66
C7 NAG EA . 41.38 -14.07 -46.34
C8 NAG EA . 40.82 -13.72 -44.99
N2 NAG EA . 41.29 -13.12 -47.26
O3 NAG EA . 43.75 -11.83 -47.90
O4 NAG EA . 44.05 -10.97 -50.59
O5 NAG EA . 41.56 -13.63 -50.92
O6 NAG EA . 41.95 -13.41 -53.46
O7 NAG EA . 41.88 -15.15 -46.57
C1 NAG FA . 29.33 -20.70 -68.99
C2 NAG FA . 30.22 -19.95 -69.96
C3 NAG FA . 30.80 -20.91 -70.99
C4 NAG FA . 31.50 -22.05 -70.30
C5 NAG FA . 30.56 -22.73 -69.31
C6 NAG FA . 31.26 -23.82 -68.51
C7 NAG FA . 29.56 -17.66 -70.39
C8 NAG FA . 29.31 -16.73 -71.56
N2 NAG FA . 29.43 -18.95 -70.65
O3 NAG FA . 31.73 -20.18 -71.80
O4 NAG FA . 31.87 -23.01 -71.29
O5 NAG FA . 30.02 -21.79 -68.39
O6 NAG FA . 32.10 -23.23 -67.52
O7 NAG FA . 29.86 -17.23 -69.29
C1 NAG FA . 33.29 -23.20 -71.34
C2 NAG FA . 33.64 -24.09 -72.53
C3 NAG FA . 35.13 -24.34 -72.57
C4 NAG FA . 35.84 -23.00 -72.62
C5 NAG FA . 35.43 -22.14 -71.43
C6 NAG FA . 36.07 -20.77 -71.50
C7 NAG FA . 31.83 -25.52 -73.25
C8 NAG FA . 31.29 -26.93 -73.28
N2 NAG FA . 32.89 -25.32 -72.46
O3 NAG FA . 35.46 -25.11 -73.72
O4 NAG FA . 37.25 -23.19 -72.61
O5 NAG FA . 34.01 -21.97 -71.42
O6 NAG FA . 35.05 -19.77 -71.46
O7 NAG FA . 31.33 -24.63 -73.90
C1 NAG GA . 11.22 -26.31 -76.88
C2 NAG GA . 10.56 -25.16 -77.63
C3 NAG GA . 9.19 -25.57 -78.13
C4 NAG GA . 9.32 -26.83 -78.98
C5 NAG GA . 10.01 -27.91 -78.18
C6 NAG GA . 10.27 -29.19 -78.98
C7 NAG GA . 11.24 -23.00 -76.75
C8 NAG GA . 11.50 -22.37 -75.42
N2 NAG GA . 10.39 -24.03 -76.74
O3 NAG GA . 8.65 -24.49 -78.91
O4 NAG GA . 7.99 -27.26 -79.32
O5 NAG GA . 11.27 -27.46 -77.70
O6 NAG GA . 11.48 -29.78 -78.53
O7 NAG GA . 11.77 -22.61 -77.77
C1 NAG GA . 7.79 -27.24 -80.74
C2 NAG GA . 6.66 -28.22 -81.03
C3 NAG GA . 6.32 -28.19 -82.52
C4 NAG GA . 6.00 -26.78 -82.94
C5 NAG GA . 7.15 -25.85 -82.58
C6 NAG GA . 6.83 -24.40 -82.92
C7 NAG GA . 6.54 -30.16 -79.57
C8 NAG GA . 6.45 -31.65 -79.67
N2 NAG GA . 7.05 -29.55 -80.64
O3 NAG GA . 5.18 -29.03 -82.75
O4 NAG GA . 5.76 -26.73 -84.35
O5 NAG GA . 7.46 -25.93 -81.19
O6 NAG GA . 6.30 -23.76 -81.75
O7 NAG GA . 6.17 -29.54 -78.58
C1 NAG HA . 38.22 19.58 5.64
C2 NAG HA . 38.92 20.64 4.80
C3 NAG HA . 40.44 20.42 4.75
C4 NAG HA . 40.98 20.31 6.16
C5 NAG HA . 40.22 19.26 6.97
C6 NAG HA . 40.68 19.24 8.43
C7 NAG HA . 38.35 19.69 2.55
C8 NAG HA . 37.54 19.97 1.32
N2 NAG HA . 38.38 20.69 3.44
O3 NAG HA . 41.03 21.54 4.08
O4 NAG HA . 42.40 20.05 6.19
O5 NAG HA . 38.82 19.50 6.94
O6 NAG HA . 40.48 20.55 9.00
O7 NAG HA . 38.92 18.62 2.68
C1 NAG HA . 42.82 19.02 5.26
C2 NAG HA . 44.14 19.48 4.66
C3 NAG HA . 44.71 18.42 3.75
C4 NAG HA . 44.87 17.13 4.54
C5 NAG HA . 43.54 16.73 5.15
C6 NAG HA . 43.71 15.49 6.01
C7 NAG HA . 44.47 21.87 4.31
C8 NAG HA . 45.45 22.51 3.37
N2 NAG HA . 43.95 20.72 3.91
O3 NAG HA . 45.98 18.83 3.25
O4 NAG HA . 45.34 16.08 3.69
O5 NAG HA . 43.04 17.79 5.96
O6 NAG HA . 44.55 15.80 7.11
O7 NAG HA . 44.17 22.39 5.38
C1 NAG IA . 3.04 46.11 9.79
C2 NAG IA . 1.57 45.76 9.98
C3 NAG IA . 0.79 45.96 8.70
C4 NAG IA . 1.00 47.37 8.17
C5 NAG IA . 2.48 47.67 8.04
C6 NAG IA . 2.74 49.11 7.63
C7 NAG IA . 0.62 43.93 11.27
C8 NAG IA . 0.74 42.49 11.67
N2 NAG IA . 1.50 44.36 10.38
O3 NAG IA . -0.60 45.77 8.96
O4 NAG IA . 0.40 47.43 6.87
O5 NAG IA . 3.16 47.43 9.26
O6 NAG IA . 2.41 49.98 8.71
O7 NAG IA . -0.24 44.66 11.72
C1 NAG IA . -0.68 48.39 6.87
C2 NAG IA . -0.93 48.91 5.46
C3 NAG IA . -2.03 49.96 5.49
C4 NAG IA . -3.26 49.35 6.12
C5 NAG IA . -2.93 48.82 7.52
C6 NAG IA . -4.14 48.12 8.11
C7 NAG IA . 1.00 48.64 4.06
C8 NAG IA . 2.37 49.14 3.70
N2 NAG IA . 0.28 49.42 4.87
O3 NAG IA . -2.31 50.39 4.16
O4 NAG IA . -4.28 50.37 6.25
O5 NAG IA . -1.88 47.86 7.42
O6 NAG IA . -3.70 47.33 9.21
O7 NAG IA . 0.56 47.59 3.63
C1 NAG JA . 29.24 53.64 21.37
C2 NAG JA . 29.85 54.78 22.16
C3 NAG JA . 30.05 54.38 23.61
C4 NAG JA . 28.75 53.89 24.21
C5 NAG JA . 28.16 52.78 23.33
C6 NAG JA . 26.79 52.33 23.81
C7 NAG JA . 31.22 56.19 20.72
C8 NAG JA . 32.55 56.34 20.05
N2 NAG JA . 31.12 55.19 21.58
O3 NAG JA . 30.52 55.51 24.35
O4 NAG JA . 29.06 53.36 25.50
O5 NAG JA . 28.03 53.20 21.97
O6 NAG JA . 25.93 53.47 23.87
O7 NAG JA . 30.30 56.94 20.48
C1 NAG JA . 28.22 53.93 26.52
C2 NAG JA . 28.23 52.98 27.73
C3 NAG JA . 27.30 53.53 28.79
C4 NAG JA . 27.72 54.96 29.13
C5 NAG JA . 27.73 55.81 27.88
C6 NAG JA . 28.20 57.22 28.19
C7 NAG JA . 28.64 50.63 27.35
C8 NAG JA . 28.15 49.42 28.09
N2 NAG JA . 27.80 51.66 27.34
O3 NAG JA . 27.37 52.72 29.96
O4 NAG JA . 26.82 55.51 30.09
O5 NAG JA . 28.60 55.23 26.90
O6 NAG JA . 29.51 57.15 28.78
O7 NAG JA . 29.72 50.65 26.80
C1 NAG KA . 44.96 64.80 17.70
C2 NAG KA . 44.14 66.08 17.67
C3 NAG KA . 43.78 66.49 19.08
C4 NAG KA . 43.00 65.35 19.72
C5 NAG KA . 43.87 64.09 19.68
C6 NAG KA . 43.18 62.89 20.30
C7 NAG KA . 44.37 68.00 16.20
C8 NAG KA . 45.33 68.85 15.42
N2 NAG KA . 44.92 67.12 17.03
O3 NAG KA . 43.00 67.69 19.03
O4 NAG KA . 42.68 65.63 21.09
O5 NAG KA . 44.19 63.78 18.34
O6 NAG KA . 43.64 61.71 19.63
O7 NAG KA . 43.16 68.12 16.08
C1 NAG KA . 41.33 66.11 21.23
C2 NAG KA . 41.41 67.42 21.99
C3 NAG KA . 40.04 68.06 22.15
C4 NAG KA . 39.42 68.21 20.77
C5 NAG KA . 39.38 66.87 20.05
C6 NAG KA . 38.85 67.08 18.63
C7 NAG KA . 43.22 67.69 23.57
C8 NAG KA . 43.44 68.09 25.00
N2 NAG KA . 42.02 67.20 23.29
O3 NAG KA . 40.19 69.36 22.73
O4 NAG KA . 38.08 68.71 20.92
O5 NAG KA . 40.69 66.31 19.96
O6 NAG KA . 39.35 68.33 18.13
O7 NAG KA . 44.09 67.81 22.72
C1 NAG LA . 45.50 -19.30 -30.36
C2 NAG LA . 46.86 -19.78 -30.83
C3 NAG LA . 47.93 -19.29 -29.86
C4 NAG LA . 47.85 -17.77 -29.72
C5 NAG LA . 46.45 -17.37 -29.29
C6 NAG LA . 46.26 -15.86 -29.22
C7 NAG LA . 47.28 -21.92 -31.88
C8 NAG LA . 47.05 -23.40 -31.80
N2 NAG LA . 46.88 -21.22 -30.83
O3 NAG LA . 49.22 -19.66 -30.35
O4 NAG LA . 48.81 -17.37 -28.75
O5 NAG LA . 45.50 -17.89 -30.20
O6 NAG LA . 44.91 -15.53 -29.58
O7 NAG LA . 47.78 -21.39 -32.86
C1 NAG LA . 49.77 -16.47 -29.34
C2 NAG LA . 50.29 -15.52 -28.26
C3 NAG LA . 51.27 -14.55 -28.89
C4 NAG LA . 52.39 -15.35 -29.55
C5 NAG LA . 51.80 -16.31 -30.58
C6 NAG LA . 52.89 -17.16 -31.21
C7 NAG LA . 48.71 -15.18 -26.45
C8 NAG LA . 47.84 -14.18 -25.77
N2 NAG LA . 49.20 -14.82 -27.63
O3 NAG LA . 51.82 -13.69 -27.88
O4 NAG LA . 53.30 -14.47 -30.20
O5 NAG LA . 50.85 -17.17 -29.95
O6 NAG LA . 52.77 -18.50 -30.73
O7 NAG LA . 48.96 -16.26 -25.96
C1 NAG MA . 8.63 -13.05 -67.51
C2 NAG MA . 7.73 -13.98 -68.32
C3 NAG MA . 7.85 -13.65 -69.79
C4 NAG MA . 7.50 -12.18 -70.02
C5 NAG MA . 8.41 -11.33 -69.14
C6 NAG MA . 8.06 -9.84 -69.22
C7 NAG MA . 7.45 -16.12 -67.20
C8 NAG MA . 8.29 -17.00 -66.35
N2 NAG MA . 8.10 -15.36 -68.10
O3 NAG MA . 6.97 -14.51 -70.51
O4 NAG MA . 7.70 -11.83 -71.39
O5 NAG MA . 8.28 -11.70 -67.77
O6 NAG MA . 7.75 -9.35 -67.92
O7 NAG MA . 6.23 -16.07 -67.09
C1 NAG MA . 6.44 -11.70 -72.06
C2 NAG MA . 6.51 -10.60 -73.10
C3 NAG MA . 5.18 -10.46 -73.82
C4 NAG MA . 4.79 -11.80 -74.42
C5 NAG MA . 4.77 -12.87 -73.33
C6 NAG MA . 4.43 -14.23 -73.92
C7 NAG MA . 7.91 -8.63 -72.77
C8 NAG MA . 7.89 -7.20 -72.34
N2 NAG MA . 6.83 -9.34 -72.45
O3 NAG MA . 5.31 -9.49 -74.87
O4 NAG MA . 3.48 -11.69 -75.00
O5 NAG MA . 6.03 -12.93 -72.67
O6 NAG MA . 3.04 -14.48 -73.76
O7 NAG MA . 8.86 -9.13 -73.37
C1 NAG NA . 5.55 54.33 26.41
C2 NAG NA . 5.46 53.89 27.86
C3 NAG NA . 4.27 54.57 28.53
C4 NAG NA . 4.44 56.07 28.40
C5 NAG NA . 4.57 56.43 26.92
C6 NAG NA . 4.81 57.92 26.72
C7 NAG NA . 4.82 51.54 27.29
C8 NAG NA . 5.62 50.29 27.08
N2 NAG NA . 5.42 52.44 28.07
O3 NAG NA . 4.24 54.17 29.90
O4 NAG NA . 3.30 56.72 28.97
O5 NAG NA . 5.67 55.74 26.34
O6 NAG NA . 5.99 58.32 27.45
O7 NAG NA . 3.72 51.69 26.80
C1 NAG NA . 3.68 57.47 30.15
C2 NAG NA . 2.45 58.14 30.75
C3 NAG NA . 2.84 58.93 31.99
C4 NAG NA . 3.54 58.01 32.97
C5 NAG NA . 4.73 57.33 32.30
C6 NAG NA . 5.38 56.34 33.25
C7 NAG NA . 2.36 59.84 28.93
C8 NAG NA . 1.71 59.88 27.58
N2 NAG NA . 1.77 59.02 29.80
O3 NAG NA . 1.67 59.49 32.59
O4 NAG NA . 4.00 58.75 34.10
O5 NAG NA . 4.31 56.65 31.13
O6 NAG NA . 4.38 55.45 33.76
O7 NAG NA . 3.33 60.53 29.19
C1 NAG OA . 21.71 -7.79 -60.44
C2 NAG OA . 22.87 -6.97 -59.87
C3 NAG OA . 22.38 -5.60 -59.42
C4 NAG OA . 21.60 -4.89 -60.52
C5 NAG OA . 20.50 -5.80 -61.05
C6 NAG OA . 19.82 -5.24 -62.30
C7 NAG OA . 24.66 -8.22 -58.79
C8 NAG OA . 25.13 -8.83 -57.51
N2 NAG OA . 23.45 -7.67 -58.75
O3 NAG OA . 23.51 -4.81 -59.04
O4 NAG OA . 20.97 -3.78 -59.88
O5 NAG OA . 21.01 -7.06 -61.44
O6 NAG OA . 20.81 -4.90 -63.29
O7 NAG OA . 25.33 -8.24 -59.81
C1 NAG OA . 21.25 -2.54 -60.54
C2 NAG OA . 20.23 -1.52 -60.04
C3 NAG OA . 20.44 -0.18 -60.74
C4 NAG OA . 21.87 0.26 -60.49
C5 NAG OA . 22.84 -0.82 -60.97
C6 NAG OA . 24.28 -0.43 -60.73
C7 NAG OA . 18.12 -2.17 -61.24
C8 NAG OA . 16.66 -2.40 -60.96
N2 NAG OA . 18.87 -2.02 -60.13
O3 NAG OA . 19.53 0.78 -60.21
O4 NAG OA . 22.13 1.49 -61.18
O5 NAG OA . 22.57 -2.06 -60.31
O6 NAG OA . 25.13 -1.22 -61.57
O7 NAG OA . 18.55 -2.12 -62.37
C1 NAG PA . 15.34 67.57 6.85
C2 NAG PA . 14.79 68.48 7.93
C3 NAG PA . 13.38 68.06 8.32
C4 NAG PA . 12.50 68.00 7.09
C5 NAG PA . 13.14 67.11 6.03
C6 NAG PA . 12.34 67.09 4.73
C7 NAG PA . 16.45 69.44 9.44
C8 NAG PA . 16.67 69.63 10.90
N2 NAG PA . 15.65 68.43 9.09
O3 NAG PA . 12.86 69.02 9.23
O4 NAG PA . 11.23 67.45 7.48
O5 NAG PA . 14.47 67.53 5.74
O6 NAG PA . 13.23 66.83 3.63
O7 NAG PA . 16.97 70.15 8.60
C1 NAG PA . 10.17 68.40 7.20
C2 NAG PA . 8.87 67.66 7.00
C3 NAG PA . 7.79 68.67 6.60
C4 NAG PA . 7.71 69.73 7.69
C5 NAG PA . 9.07 70.39 7.85
C6 NAG PA . 9.04 71.43 8.96
C7 NAG PA . 8.96 65.36 6.28
C8 NAG PA . 8.96 64.41 5.12
N2 NAG PA . 9.00 66.64 5.98
O3 NAG PA . 6.54 68.00 6.48
O4 NAG PA . 6.73 70.71 7.34
O5 NAG PA . 10.05 69.40 8.20
O6 NAG PA . 9.92 71.03 10.02
O7 NAG PA . 8.92 64.96 7.44
C1 NAG QA . -26.69 12.91 50.78
C2 NAG QA . -28.09 12.58 50.25
C3 NAG QA . -29.07 13.66 50.65
C4 NAG QA . -29.04 13.79 52.17
C5 NAG QA . -27.62 14.08 52.63
C6 NAG QA . -27.55 14.22 54.15
C7 NAG QA . -28.31 11.25 48.22
C8 NAG QA . -29.62 11.11 47.51
N2 NAG QA . -28.07 12.42 48.81
O3 NAG QA . -30.39 13.31 50.23
O4 NAG QA . -29.92 14.83 52.60
O5 NAG QA . -26.73 13.05 52.20
O6 NAG QA . -27.18 12.95 54.71
O7 NAG QA . -27.50 10.34 48.23
C1 NAG RA . -30.07 -15.84 38.05
C2 NAG RA . -30.95 -16.95 37.54
C3 NAG RA . -30.61 -18.22 38.31
C4 NAG RA . -29.13 -18.51 38.09
C5 NAG RA . -28.32 -17.31 38.58
C6 NAG RA . -26.83 -17.54 38.41
C7 NAG RA . -33.07 -16.28 36.59
C8 NAG RA . -32.68 -16.96 35.31
N2 NAG RA . -32.36 -16.61 37.66
O3 NAG RA . -31.41 -19.31 37.84
O4 NAG RA . -28.75 -19.68 38.82
O5 NAG RA . -28.69 -16.15 37.85
O6 NAG RA . -26.14 -16.73 39.36
O7 NAG RA . -33.99 -15.48 36.65
C1 NAG SA . -29.28 -2.82 -28.40
C2 NAG SA . -30.61 -3.30 -28.97
C3 NAG SA . -30.81 -2.74 -30.36
C4 NAG SA . -30.67 -1.22 -30.33
C5 NAG SA . -29.34 -0.81 -29.72
C6 NAG SA . -29.25 0.69 -29.58
C7 NAG SA . -31.72 -5.47 -28.84
C8 NAG SA . -31.65 -6.88 -29.30
N2 NAG SA . -30.62 -4.75 -29.01
O3 NAG SA . -32.11 -3.07 -30.87
O4 NAG SA . -30.77 -0.70 -31.67
O5 NAG SA . -29.19 -1.40 -28.42
O6 NAG SA . -29.72 1.07 -28.28
O7 NAG SA . -32.73 -5.01 -28.34
C1 NAG TA . -33.38 -34.94 -19.99
C2 NAG TA . -34.86 -34.70 -19.71
C3 NAG TA . -35.28 -35.43 -18.44
C4 NAG TA . -34.91 -36.90 -18.54
C5 NAG TA . -33.43 -37.06 -18.86
C6 NAG TA . -33.06 -38.52 -19.07
C7 NAG TA . -35.87 -32.60 -20.33
C8 NAG TA . -35.76 -31.11 -20.23
N2 NAG TA . -35.08 -33.29 -19.53
O3 NAG TA . -36.70 -35.30 -18.27
O4 NAG TA . -35.20 -37.55 -17.30
O5 NAG TA . -33.09 -36.33 -20.04
O6 NAG TA . -32.40 -38.65 -20.33
O7 NAG TA . -36.65 -33.14 -21.10
C1 NAG UA . -49.16 -4.82 0.26
C2 NAG UA . -49.25 -6.00 -0.70
C3 NAG UA . -50.48 -6.83 -0.41
C4 NAG UA . -50.54 -7.23 1.06
C5 NAG UA . -50.41 -6.01 1.96
C6 NAG UA . -50.18 -6.41 3.42
C7 NAG UA . -48.77 -6.14 -3.08
C8 NAG UA . -49.51 -6.05 -4.38
N2 NAG UA . -49.34 -5.50 -2.06
O3 NAG UA . -50.47 -8.02 -1.21
O4 NAG UA . -51.75 -7.98 1.25
O5 NAG UA . -49.26 -5.26 1.61
O6 NAG UA . -48.87 -6.99 3.53
O7 NAG UA . -47.72 -6.75 -2.95
CA ELA VA . -23.21 12.51 36.51
C ELA VA . -23.23 13.78 35.65
O ELA VA . -22.60 13.81 34.64
C3 ELA VA . -22.24 11.48 35.97
C4 ELA VA . -21.68 10.56 37.05
C5 ELA VA . -21.26 9.22 36.45
C6 ELA VA . -21.08 8.11 37.46
C7 ELA VA . -20.01 7.14 37.00
C8 ELA VA . -20.49 5.72 36.98
C9 ELA VA . -20.75 5.24 35.57
C10 ELA VA . -20.10 4.21 35.03
C11 ELA VA . -19.06 3.43 35.80
C12 ELA VA . -19.64 2.28 36.63
C13 ELA VA . -19.09 2.30 38.04
C14 ELA VA . -20.12 1.84 39.04
C15 ELA VA . -20.31 2.85 40.16
C16 ELA VA . -19.22 2.76 41.19
C17 ELA VA . -19.78 2.77 42.61
C18 ELA VA . -20.56 4.02 42.94
OXT ELA VA . -23.98 14.89 36.04
CA ELA WA . 3.90 22.70 38.68
C ELA WA . 2.59 21.91 38.79
O ELA WA . 2.18 21.31 37.86
C3 ELA WA . 4.44 22.66 37.26
C4 ELA WA . 5.19 23.93 36.86
C5 ELA WA . 6.10 23.65 35.67
C6 ELA WA . 7.26 24.61 35.57
C7 ELA WA . 7.64 24.82 34.11
C8 ELA WA . 9.09 24.49 33.85
C9 ELA WA . 9.23 23.06 33.35
C10 ELA WA . 9.77 22.79 32.18
C11 ELA WA . 10.30 23.87 31.26
C12 ELA WA . 11.77 24.14 31.49
C13 ELA WA . 12.11 25.60 31.22
C14 ELA WA . 12.66 26.27 32.46
C15 ELA WA . 12.14 27.68 32.61
C16 ELA WA . 12.51 28.23 33.97
C17 ELA WA . 11.94 29.63 34.19
C18 ELA WA . 12.29 30.13 35.58
OXT ELA WA . 1.87 21.93 40.00
C16 VCG XA . -44.89 27.56 2.49
C15 VCG XA . -44.02 26.27 2.34
C14 VCG XA . -42.73 26.36 3.18
C13 VCG XA . -42.32 27.81 3.45
C12 VCG XA . -41.72 28.01 4.86
C11 VCG XA . -40.75 29.20 4.88
C10 VCG XA . -39.90 29.18 6.17
C09 VCG XA . -40.47 29.38 7.35
C08 VCG XA . -39.62 29.36 8.63
C07 VCG XA . -38.40 28.46 8.41
C06 VCG XA . -37.25 28.80 9.39
C05 VCG XA . -37.72 29.69 10.56
C04 VCG XA . -36.77 29.66 11.74
C03 VCG XA . -37.41 30.05 13.07
C02 VCG XA . -36.55 29.65 14.27
C01 VCG XA . -37.36 29.04 15.41
C17 VCG XA . -45.84 27.76 1.29
C18 VCG XA . -45.56 29.09 0.53
O20 VCG XA . -46.30 29.41 -0.64
C21 VCG XA . -47.71 29.34 -0.47
C22 VCG XA . -48.32 28.54 -1.63
O23 VCG XA . -48.36 27.15 -1.27
C24 VCG XA . -47.30 26.38 -1.85
C25 VCG XA . -47.50 24.86 -1.47
C26 VCG XA . -48.71 24.70 -0.72
C27 VCG XA . -48.44 24.10 0.72
C28 VCG XA . -49.40 23.41 0.98
C29 VCG XA . -50.32 23.29 -0.37
O30 VCG XA . -49.57 23.69 -1.34
O31 VCG XA . -50.71 21.98 -0.59
C32 VCG XA . -51.22 21.74 -1.88
C33 VCG XA . -52.52 22.54 -2.07
O34 VCG XA . -52.32 23.44 -3.14
O35 VCG XA . -47.18 23.25 0.72
C36 VCG XA . -47.12 22.37 1.80
C37 VCG XA . -45.79 22.60 2.52
O38 VCG XA . -45.15 21.36 2.63
O39 VCG XA . -47.60 24.10 -2.67
C40 VCG XA . -47.63 24.87 -3.84
C41 VCG XA . -48.71 24.31 -4.78
O42 VCG XA . -49.93 24.97 -4.51
O19 VCG XA . -44.73 29.84 0.94
C16 VCG YA . -7.39 -17.84 49.33
C15 VCG YA . -6.20 -17.25 48.52
C14 VCG YA . -6.67 -16.52 47.23
C13 VCG YA . -8.03 -15.84 47.39
C12 VCG YA . -7.90 -14.37 47.83
C11 VCG YA . -9.26 -13.64 47.78
C10 VCG YA . -9.03 -12.14 48.06
C09 VCG YA . -9.97 -11.27 47.72
C08 VCG YA . -9.76 -9.76 47.99
C07 VCG YA . -9.30 -9.08 46.71
C06 VCG YA . -10.21 -7.90 46.31
C05 VCG YA . -10.63 -7.05 47.53
C04 VCG YA . -10.67 -5.57 47.18
C03 VCG YA . -10.49 -4.65 48.39
C02 VCG YA . -10.28 -3.19 47.98
C01 VCG YA . -9.23 -2.50 48.84
C17 VCG YA . -7.72 -19.28 48.89
C18 VCG YA . -9.01 -19.82 49.57
O20 VCG YA . -9.08 -21.18 49.99
C21 VCG YA . -8.32 -21.46 51.15
C22 VCG YA . -7.48 -22.73 50.91
O23 VCG YA . -6.17 -22.34 50.47
C24 VCG YA . -5.97 -22.50 49.06
C25 VCG YA . -4.46 -22.18 48.71
C26 VCG YA . -3.72 -21.97 49.91
C27 VCG YA . -3.09 -20.52 49.99
C28 VCG YA . -2.02 -20.65 50.55
C29 VCG YA . -1.74 -22.24 50.73
O30 VCG YA . -2.54 -22.84 49.94
O31 VCG YA . -0.41 -22.57 50.40
C32 VCG YA . -0.20 -23.94 50.21
C33 VCG YA . -0.40 -24.68 51.53
O34 VCG YA . -1.47 -25.57 51.37
O35 VCG YA . -2.89 -19.96 48.59
C36 VCG YA . -1.84 -19.03 48.52
C37 VCG YA . -2.39 -17.74 47.94
O38 VCG YA . -1.54 -17.36 46.87
O39 VCG YA . -3.91 -23.30 48.00
C40 VCG YA . -4.77 -24.42 47.95
C41 VCG YA . -3.95 -25.68 48.26
O42 VCG YA . -4.04 -25.97 49.63
O19 VCG YA . -9.94 -19.11 49.72
C1 NAG ZA . 7.35 35.04 47.28
C2 NAG ZA . 7.63 33.88 48.25
C3 NAG ZA . 6.83 34.08 49.52
C4 NAG ZA . 7.23 35.43 50.12
C5 NAG ZA . 6.96 36.52 49.09
C6 NAG ZA . 7.39 37.88 49.66
C7 NAG ZA . 8.34 31.81 47.24
C8 NAG ZA . 8.93 30.90 48.27
N2 NAG ZA . 7.34 32.60 47.64
O3 NAG ZA . 7.11 33.03 50.45
O4 NAG ZA . 6.48 35.68 51.30
O5 NAG ZA . 7.71 36.28 47.91
O6 NAG ZA . 8.71 37.75 50.18
O7 NAG ZA . 8.76 31.83 46.09
C1 NAG AB . 32.56 21.51 32.87
C2 NAG AB . 33.83 20.69 32.92
C3 NAG AB . 34.97 21.56 32.40
C4 NAG AB . 34.62 21.98 30.99
C5 NAG AB . 33.30 22.75 31.02
C6 NAG AB . 32.90 23.25 29.64
C7 NAG AB . 33.94 18.93 34.58
C8 NAG AB . 34.15 17.96 33.46
N2 NAG AB . 34.10 20.22 34.26
O3 NAG AB . 36.20 20.82 32.41
O4 NAG AB . 35.65 22.81 30.46
O5 NAG AB . 32.27 21.91 31.53
O6 NAG AB . 32.08 24.41 29.80
O7 NAG AB . 33.65 18.57 35.71
C1 NAG BB . 8.87 -38.23 11.45
C2 NAG BB . 9.70 -39.32 12.13
C3 NAG BB . 9.00 -40.66 11.98
C4 NAG BB . 7.57 -40.57 12.50
C5 NAG BB . 6.83 -39.44 11.80
C6 NAG BB . 5.44 -39.26 12.39
C7 NAG BB . 12.10 -39.66 12.25
C8 NAG BB . 13.30 -40.05 11.45
N2 NAG BB . 11.01 -39.36 11.55
O3 NAG BB . 9.69 -41.67 12.72
O4 NAG BB . 6.89 -41.81 12.27
O5 NAG BB . 7.54 -38.20 11.95
O6 NAG BB . 5.52 -38.34 13.49
O7 NAG BB . 12.11 -39.66 13.47
C1 NAG CB . 41.11 -32.29 4.48
C2 NAG CB . 41.74 -32.77 5.78
C3 NAG CB . 42.73 -31.72 6.29
C4 NAG CB . 43.75 -31.38 5.21
C5 NAG CB . 43.04 -30.99 3.91
C6 NAG CB . 43.99 -30.78 2.76
C7 NAG CB . 40.19 -34.25 6.96
C8 NAG CB . 39.15 -34.35 8.04
N2 NAG CB . 40.74 -33.05 6.78
O3 NAG CB . 43.39 -32.22 7.45
O4 NAG CB . 44.57 -30.31 5.64
O5 NAG CB . 42.13 -32.03 3.51
O6 NAG CB . 43.33 -30.94 1.51
O7 NAG CB . 40.50 -35.21 6.25
C1 NAG DB . 23.36 -20.91 38.16
C2 NAG DB . 24.37 -21.66 37.31
C3 NAG DB . 25.63 -21.93 38.11
C4 NAG DB . 26.19 -20.68 38.75
C5 NAG DB . 25.11 -19.96 39.55
C6 NAG DB . 25.54 -18.57 39.99
C7 NAG DB . 23.98 -23.36 35.65
C8 NAG DB . 24.00 -24.86 35.49
N2 NAG DB . 23.81 -22.92 36.88
O3 NAG DB . 26.63 -22.51 37.26
O4 NAG DB . 27.33 -21.05 39.56
O5 NAG DB . 23.94 -19.76 38.76
O6 NAG DB . 26.79 -18.22 39.36
O7 NAG DB . 24.10 -22.61 34.70
CA ELA EB . -14.81 35.72 20.76
C ELA EB . -14.10 35.61 22.12
O ELA EB . -13.39 34.69 22.34
C3 ELA EB . -16.24 36.22 20.93
C4 ELA EB . -17.28 35.12 20.69
C5 ELA EB . -17.39 34.74 19.23
C6 ELA EB . -18.79 34.94 18.68
C7 ELA EB . -19.27 33.71 17.93
C8 ELA EB . -19.77 34.06 16.55
C9 ELA EB . -18.64 33.99 15.54
C10 ELA EB . -18.74 33.27 14.45
C11 ELA EB . -20.00 32.50 14.10
C12 ELA EB . -20.84 33.24 13.08
C13 ELA EB . -22.32 33.06 13.34
C14 ELA EB . -23.01 34.38 13.57
C15 ELA EB . -24.00 34.30 14.71
C16 ELA EB . -24.56 35.66 15.06
C17 ELA EB . -25.41 35.64 16.31
C18 ELA EB . -25.79 37.05 16.75
OXT ELA EB . -14.30 36.59 23.09
C16 VCG FB . 27.06 41.39 17.85
C15 VCG FB . 26.02 40.59 17.01
C14 VCG FB . 25.50 39.34 17.77
C13 VCG FB . 25.46 39.56 19.29
C12 VCG FB . 24.04 39.79 19.83
C11 VCG FB . 23.82 39.08 21.16
C10 VCG FB . 22.44 39.45 21.74
C09 VCG FB . 21.84 38.62 22.58
C08 VCG FB . 20.46 38.96 23.18
C07 VCG FB . 19.56 37.72 23.12
C06 VCG FB . 18.38 37.79 24.13
C05 VCG FB . 18.77 38.49 25.45
C04 VCG FB . 17.56 39.11 26.14
C03 VCG FB . 16.26 38.74 25.45
C02 VCG FB . 15.02 39.13 26.24
C01 VCG FB . 14.08 40.06 25.48
C17 VCG FB . 28.49 41.21 17.32
C18 VCG FB . 29.53 41.03 18.45
O20 VCG FB . 30.92 41.23 18.19
C21 VCG FB . 31.30 42.58 18.07
C22 VCG FB . 32.21 42.72 16.84
O23 VCG FB . 31.39 42.93 15.68
C24 VCG FB . 31.22 41.77 14.87
C25 VCG FB . 30.28 42.10 13.64
C26 VCG FB . 30.04 43.51 13.59
C27 VCG FB . 28.51 43.87 13.64
C28 VCG FB . 28.36 44.84 12.93
C29 VCG FB . 29.77 45.12 12.15
O30 VCG FB . 30.46 44.04 12.27
O31 VCG FB . 29.55 45.37 10.80
C32 VCG FB . 30.72 45.28 10.01
C33 VCG FB . 31.66 46.44 10.39
O34 VCG FB . 32.88 45.88 10.81
O35 VCG FB . 27.68 42.72 13.11
C36 VCG FB . 26.41 43.12 12.67
C37 VCG FB . 25.35 42.35 13.45
O38 VCG FB . 24.50 41.75 12.52
O39 VCG FB . 30.92 41.67 12.45
C40 VCG FB . 32.22 41.17 12.66
C41 VCG FB . 33.15 41.77 11.58
O42 VCG FB . 33.73 42.94 12.08
O19 VCG FB . 29.17 40.73 19.54
C1 NAG GB . -25.86 45.40 27.41
C2 NAG GB . -24.83 46.39 26.86
C3 NAG GB . -24.23 47.20 28.00
C4 NAG GB . -25.37 47.90 28.72
C5 NAG GB . -26.37 46.88 29.21
C6 NAG GB . -27.54 47.57 29.91
C7 NAG GB . -23.76 45.80 24.76
C8 NAG GB . -22.91 46.89 24.20
N2 NAG GB . -23.80 45.72 26.09
O3 NAG GB . -23.31 48.16 27.48
O4 NAG GB . -24.85 48.64 29.83
O5 NAG GB . -26.87 46.13 28.11
O6 NAG GB . -27.87 48.76 29.18
O7 NAG GB . -24.40 45.05 24.05
C1 NAG HB . -26.26 43.48 -4.47
C2 NAG HB . -26.03 44.12 -5.83
C3 NAG HB . -27.36 44.11 -6.57
C4 NAG HB . -27.83 42.67 -6.67
C5 NAG HB . -27.98 42.10 -5.27
C6 NAG HB . -28.47 40.67 -5.31
C7 NAG HB . -24.21 45.70 -6.03
C8 NAG HB . -23.60 44.78 -7.03
N2 NAG HB . -25.48 45.45 -5.70
O3 NAG HB . -27.19 44.68 -7.88
O4 NAG HB . -29.08 42.63 -7.36
O5 NAG HB . -26.72 42.15 -4.60
O6 NAG HB . -29.15 40.39 -4.07
O7 NAG HB . -23.59 46.62 -5.52
C1 NAG IB . 33.22 14.60 -18.97
C2 NAG IB . 33.98 15.64 -19.79
C3 NAG IB . 35.45 15.27 -19.87
C4 NAG IB . 36.01 15.06 -18.47
C5 NAG IB . 35.18 14.04 -17.70
C6 NAG IB . 35.67 13.93 -16.27
C7 NAG IB . 33.40 16.81 -21.84
C8 NAG IB . 33.17 16.61 -23.32
N2 NAG IB . 33.40 15.71 -21.11
O3 NAG IB . 36.20 16.29 -20.52
O4 NAG IB . 37.36 14.60 -18.56
O5 NAG IB . 33.80 14.43 -17.68
O6 NAG IB . 34.89 14.80 -15.45
O7 NAG IB . 33.57 17.92 -21.36
C1 NAG JB . 14.00 22.10 -45.23
C2 NAG JB . 14.48 23.52 -45.47
C3 NAG JB . 13.28 24.46 -45.60
C4 NAG JB . 12.37 23.95 -46.70
C5 NAG JB . 11.97 22.51 -46.42
C6 NAG JB . 11.11 21.97 -47.55
C7 NAG JB . 16.60 24.29 -44.64
C8 NAG JB . 17.23 25.18 -43.60
N2 NAG JB . 15.34 23.95 -44.39
O3 NAG JB . 13.73 25.78 -45.90
O4 NAG JB . 11.20 24.78 -46.77
O5 NAG JB . 13.12 21.69 -46.28
O6 NAG JB . 11.71 20.77 -48.06
O7 NAG JB . 17.18 23.91 -45.63
C1 NAG KB . 16.67 44.62 -12.90
C2 NAG KB . 16.81 44.26 -14.37
C3 NAG KB . 16.77 45.51 -15.22
C4 NAG KB . 15.54 46.35 -14.91
C5 NAG KB . 15.44 46.64 -13.41
C6 NAG KB . 14.08 47.23 -13.02
C7 NAG KB . 18.05 42.28 -14.98
C8 NAG KB . 19.16 41.44 -14.43
N2 NAG KB . 18.04 43.56 -14.61
O3 NAG KB . 16.75 45.14 -16.60
O4 NAG KB . 15.64 47.56 -15.69
O5 NAG KB . 15.52 45.43 -12.67
O6 NAG KB . 13.19 47.14 -14.14
O7 NAG KB . 17.19 41.82 -15.71
#